data_7QOO
#
_entry.id   7QOO
#
loop_
_entity.id
_entity.type
_entity.pdbx_description
1 polymer 'Centromere protein C'
2 polymer 'Centromere protein H'
3 polymer 'Centromere protein I'
4 polymer 'Centromere protein K'
5 polymer 'Centromere protein L'
6 polymer 'Centromere protein M'
7 polymer 'Centromere protein N'
8 polymer 'Centromere protein O'
9 polymer 'Centromere protein P'
10 polymer 'Centromere protein U'
11 polymer 'Centromere protein Q'
12 polymer 'Centromere protein R'
13 polymer 'Centromere protein T'
14 polymer 'Centromere protein W'
15 polymer 'Unknown protein'
#
loop_
_entity_poly.entity_id
_entity_poly.type
_entity_poly.pdbx_seq_one_letter_code
_entity_poly.pdbx_strand_id
1 'polypeptide(L)'
;MAASGLDHLKNGYRRRFCRPSRARDINTEQGQNVLEILQDCFEEKSLANDFSTNSTKSVPNSTRKIKDTCIQSPSKECQK
SHPKSVPVSSKKKEASLQFVVEPSEATNRSVQAHEVHQKILATDVSSKNTPDSKKISSRNINDHHSEADEEFYLSVGSPS
VLLDAKTSVSQNVIPSSAQKRETYTFENSVNMLPSSTEVSVKTKKRLNFDDKVMLKKIEIDNKVSDEEDKTSEGQERKPS
GSSQNRIRDSEYEIQRQAKKSFSTLFLETVKRKSESSPIVRHAATAPPHSCPPDDTKLIEDEFIIDESDQSFASRSWITI
PRKAGSLKQRTISPAESTALLQGRKSREKHHNILPKTLANDKHSHKPHPVETSQPSDKTVLDTSYALIGETVNNYRSTKY
EMYSKNAEKPSRSKRTIKQKQRRKFMAKPAEEQLDVGQSKDENIHTSHITQDEFQRNSDRNMEEHEEMGNDCVSKKQMPP
VGSKKSSTRKDKEESKKKRFSSESKNKLVPEEVTSTVTKSRRISRRPSDWWVVKSEESPVYSNS
;
C
2 'polypeptide(L)'
;MEEQPQMQDADEPADSGGEGRAGGPPQVAGAQAACSEDRMTLLLRLRAQTKQQLLEYKSMVDASEEKTPEQIMQEKQIEA
KIEDLENEIEEVKVAFEIKKLALDRMRLSTALKKNLEKISRQSSVLMDNMKHLLELNKLIMKSQQESWDLEEKLLDIRKK
RLQLKQASESKLLEIQTEKNKQKIDLDSMENSERIKIIRQNLQMEIKITTVIQHVFQNLILGSKVNWAEDPALKEIVLQL
EKNVDMM
;
H
3 'polypeptide(L)'
;MSPQKRVKNVQAQNRTSQGSSSFQTTLSAWKVKQDPSNSKNISKHGQNNPVGDYEHADDQAEEDALQMAVGYFEKGPIKA
SQNKDKTLEKHLKTVENVAWKNGLASEEIDILLNIALSGKFGNAVNTRILKCMIPATVISEDSVVKAVSWLCVGKCSGST
KVLFYRWLVAMFDFIDRKEQINLLYGFFFASLQDDALCPYVCHLLYLLTKKENVKPFRVRKLLDLQAKMGMQPHLQALLS
LYKFFAPALISVSLPVRKKIYFKNSENLWKTALLAVKQRNRGPSPEPLKLMLGPANVRPLKRKWNSLSVIPVLNSSSYTK
ECGKKEMSLSDCLNRSGSFPLEQLQSFPQLLQNIHCLELPSQMGSVLNNSLLLHYINCVRDEPVLLRFYYWLSQTLQEEC
IWYKVNNYEHGKEFTNFLDTIIRAECFLQEGFYSCEAFLYKSLPLWDGLCCRSQFLQLVSWIPFSSFSEVKPLLFDHLAQ
LFFTSTIYFKCSVLQSLKELLQNWLLWLSMDIHMKPVTNSPLETTLGGSMNSVSKLIHYVGWLSTTAMRLESNNTFLLHF
ILDFYEKVCDIYINYNLPLVVLFPPGIFYSALLSLDTSILNQLCFIMHRYRKNLTAAKKNELVQKTKSEFNFSSKTYQEF
NHYLTSMVGCLWTSKPFGKGIYIDPEILEKTGVAEYKNSLNVVHHPSFLSYAVSFLLQESPEERTVNVSSIRGKKWSWYL
DYLFSQGLQGLKLFIRSSVHHSSIPRAEGINCNNQY
;
I
4 'polypeptide(L)'
;MNQEDLDPDSTTDVGDVTNTEEELIRECEEMWKDMEECQNKLSLIGTETLTDSNAQLSLLIMQVKCLTAELSQWQKKTPE
TIPLTEDVLITLGKEEFQKLRQDLEMVLSTKESKNEKLKEDLEREQRWLDEQQQIMESLNVLHSELKNKVETFSESRIFN
ELKTKMLNIKEYKEKLLSTLGEFLEDHFPLPDRSVKKKKKNIQESSVNLITLHEMLEILINRLFDVPHDPYVKISDSFWP
PYVELLLRNGIALRHPEDPTRIRLEAFHQ
;
K
5 'polypeptide(L)'
;MDSYSAPESTPSASSRPEDYFIGATPLQKRLESVRKQSSFILTPPRRKIPQCSQLQEDVDPQKVAFLLHKQWTLYSLTPL
YKFSYSNLKEYSRLLNAFIVAEKQKGLAVEVGEDFNIKVIFSTLLGMKGTQRDPEAFLVQIVSKSQLPSENREGKVLWTG
WFCCVFGDSLLETVSEDFTCLPLFLANGAESNTAIIGTWFQKTFDCYFSPLAINAFNLSWMAAMWTACKMDHYVATTEFL
WSVPCSPQSLDISFAIHPEDAKALWDSVHKTPGEVTQEEVDLFMDCLYSHFHRHFKIHLSATRLVRVSTSVASAHTDGKI
KILCHKYLIGVLAYLTELAIFQIE
;
L
6 'polypeptide(L)'
;MSVLRPLDKLPGLNTATILLVGTEDALLQQLADSMLKEDCASELKVHLAKSLPLPSSVNRPRIDLIVFVVNLHSKYSLQN
TEESLRHVDASFFLGKVCFLATGAGRESHCSIHRHTVVKLAHTYQSPLLYCDLEVEGFRATMAQRLVRVLQICAGHVPGV
SALNLLSLLRSSEGPSLEDL
;
M
7 'polypeptide(L)'
;MDETVAEFIKRTILKIPMNELTTILKAWDFLSENQLQTVNFRQRKESVVQHLIHLCEEKRASISDAALLDIIYMQFHQHQ
KVWEVFQMSKGPGEDVDLFDMKQFKNSFKKILQRALKNVTVSFRETEENAVWIRIAWGTQYTKPNQYKPTYVVYYSQTPY
AFTSSSMLRRNTPLLGQALTIASKHHQIVKMDLRSRYLDSLKAIVFKQYNQTFETHNSTTPLQERSLGLDINMDSRIIHE
NIVEKERVQRITQETFGDYPQPQLEFAQYKLETKFKSGLNGSILAEREEPLRCLIKFSSPHLLEALKSLAPAGIADAPLS
PLLTCIPNKRMNYFKIRDK
;
N
8 'polypeptide(L)'
;MEQANPLRPDGESKGGVLAHLERLETQVSRSRKQSEELQSVQAQEGALGTKIHKLRRLRDELRAVVRHRRASVKACIANV
EPNQTVEINEQEALEEKLENVKAILQAYHFTGLSGKLTSRGVCVCISTAFEGNLLDSYFVDLVIQKPLRIHHHSVPVFIP
LEEIAAKYLQTNIQHFLFSLCEYLNAYSGRKYQADRLQSDFAALLTGPLQRNPLCNLLSFTYKLDPGGQSFPFCARLLYK
DLTATLPTDVTVTCQGVEVLSTSWEEQRASHETLFCTKPLHQVFASFTRKGEKLDMSLVS
;
O
9 'polypeptide(L)'
;MDAELAEVRALQAEIAALRRACEDPPAPWEEKSRVQKSFQAIHQFNLEGWKSSKDLKNQLGHLESELSFLSTLTGINIRN
HSKQTEDLTSTEMTEKSIRKVLQRHRLSGNCHMVTFQLEFQILEIQNKERLSSAVTDLNIIMEPTECSELSEFVSRAEER
KDLFMFFRSLHFFVEWFEYRKRTFKHLKEKYPDAVYLSEGPSSCSMGIRSASRPGFELVIVWRIQIDEDGKVFPKLDLLT
KVPQRALELDKNRAIETAPLSFRTLVGLLGIEAALESLIKSLCAEENN
;
P
10 'polypeptide(L)'
;MAPRGRRRPRPHRSEGARRSKNTLERTHSMKDKAGQKCKPIDVFDFPDNSDVSSIGRLGENEKDEETYETFDPPLHSTAI
YADEEEFSKHCGLSLSSTPPGKEAKRSSDTSGNEASEIESVKISAKKPGRKLRPISDDSESIEESDTRRKVKSAEKISTQ
RHEVIRTTASSELSEKPAESVTSKKTGPLSAQPSVEKENLAIESQSKTQKKGKISHDKRKKSRSKAIGSDTSDIVHIWCP
EGMKTSDIKELNIVLPEFEKTHLEHQQRIESKVCKAAIATFYVNVKEQFIKMLKESQMLTNLKRKNAKMISDIEKKRQRM
IEVQDELLRLEPQLKQLQTKYDELKERKSSLRNAAYFLSNLKQLYQDYSDVQAQEPNVKETYDSSSLPALLFKARTLLGA
ESHLRNINHQLEKLLDQG
;
U
11 'polypeptide(L)'
;MSGKANASKKNAQQLKRNPKRKKDNEEVVLSENKVRNTVKKNKNHLKDLSSEGQTKHTNLKHGKTAASKRKTWQPLSKST
RDHLQTMMESVIMTILSNSIKEKEEIQYHLNFLKKRLLQQCETLKVPPKKMEDLTNVSSLLNMERARDKANEEGLALLQE
EIDKMVETTELMTGNIQSLKNKIQILASEVEEEEERVKQMHQINSSGVLSLPELSQKTLKAPTLQKEILALIPNQNALLK
DLDILHNSSQMKSMSTFIEEAYKKLDAS
;
Q
12 'polypeptide(L)'
;MPVKRSLKLDGLLEENSFDPSKITRKKSVITYSPTTGTCQMSLFASPTSSEEQKHRNGLSNEKRKKLNHPSLTESKESTT
KDNDEFMMLLSKVEKLSEEIMEIMQNLSSIQALEGSRELENLIGISCASHFLKREMQKTKELMTKVNKQKLFEKSTGLPH
KASRHLDSYEFLKAILN
;
R
13 'polypeptide(L)'
;MADHNPDSDSTPRTLLRRVLDTADPRTPRRPRSARAGARRALLETASPRKLSGQTRTIARGRSHGARSVGRSAHIQASGH
LEEQTPRTLLKNILLTAPESSILMPESVVKPVPAPQAVQPSRQESSCGSLELQLPELEPPTTLAPGLLAPGRRKQRLRLS
VFQQGVDQGLSLSQEPQGNADASSLTRSLNLTFATPLQPQSVQRPGLARRPPARRAVDVGAFLRDLRDTSLAPPNIVLED
TQPFSQPMVGSPNVYHSLPCTPHTGAEDAEQAAGRKTQSSGPGLQKNSPGKPAQFLAGEAEEVNAFALGFLSTSSGVSGE
DEVEPLHDGVEEAEKKMEEEGVSVSEMEATGAQGPSRVEEAEGHTEVTEAEGSQGTAEADGPGASSGDEDASGRAASPES
ASSTPESLQARRHHQFLEPAPAPGAAVLSSEPAEPLLVRHPPRPRTTGPRPRQDPHKAGLSHYVKLFSFYAKMPMERKAL
EMVEKCLDKYFQHLCDDLEVFAAHAGRKTVKPEDLELLMRRQGLVTDQVSLHVLVERHLPLEYRQLLIPCAYSGNSVFPA
Q
;
T
14 'polypeptide(L)'
;MALSTIVSQRKQIKRKAPRGFLKRVFKRKKPQLRLEKSGDLLVHLNCLLFVHRLAEESRTNACASKCRVINKEHVLAAAK
VILKKSRG
;
W
15 'polypeptide(L)' (UNK)(UNK)(UNK)(UNK)(UNK)(UNK)(UNK)(UNK)(UNK)(UNK)(UNK)(UNK)(UNK)(UNK)(UNK) X
#
# COMPACT_ATOMS: atom_id res chain seq x y z
N PHE A 303 -13.91 -22.59 26.71
CA PHE A 303 -13.09 -21.42 26.41
C PHE A 303 -12.71 -20.64 27.66
N ILE A 304 -11.71 -21.14 28.38
CA ILE A 304 -11.10 -20.41 29.49
C ILE A 304 -9.70 -19.98 29.06
N ILE A 305 -9.21 -18.90 29.66
CA ILE A 305 -7.92 -18.33 29.31
C ILE A 305 -7.02 -18.45 30.53
N ASP A 306 -6.00 -19.28 30.42
CA ASP A 306 -5.01 -19.48 31.47
C ASP A 306 -3.76 -18.64 31.21
N ASP B 38 -55.48 2.08 -23.72
CA ASP B 38 -56.00 1.20 -24.76
C ASP B 38 -56.16 -0.20 -24.15
N ARG B 39 -57.41 -0.54 -23.83
CA ARG B 39 -57.67 -1.71 -23.00
C ARG B 39 -57.70 -3.00 -23.81
N MET B 40 -57.88 -2.92 -25.14
CA MET B 40 -57.99 -4.14 -25.94
C MET B 40 -56.65 -4.82 -26.14
N THR B 41 -55.54 -4.07 -26.07
CA THR B 41 -54.21 -4.67 -26.04
C THR B 41 -53.94 -5.35 -24.72
N LEU B 42 -54.51 -4.82 -23.63
CA LEU B 42 -54.42 -5.45 -22.31
C LEU B 42 -55.21 -6.76 -22.26
N LEU B 43 -56.41 -6.78 -22.89
CA LEU B 43 -57.21 -8.00 -22.97
C LEU B 43 -56.56 -9.06 -23.83
N LEU B 44 -55.96 -8.67 -24.96
CA LEU B 44 -55.27 -9.64 -25.83
C LEU B 44 -53.95 -10.13 -25.22
N ARG B 45 -53.23 -9.26 -24.49
CA ARG B 45 -51.96 -9.67 -23.88
C ARG B 45 -52.19 -10.56 -22.67
N LEU B 46 -53.19 -10.25 -21.83
CA LEU B 46 -53.55 -11.14 -20.73
C LEU B 46 -54.24 -12.42 -21.19
N ARG B 47 -54.92 -12.39 -22.35
CA ARG B 47 -55.50 -13.62 -22.91
C ARG B 47 -54.41 -14.55 -23.46
N ALA B 48 -53.39 -13.98 -24.11
CA ALA B 48 -52.26 -14.78 -24.58
C ALA B 48 -51.39 -15.28 -23.43
N GLN B 49 -51.26 -14.48 -22.36
CA GLN B 49 -50.53 -14.90 -21.17
C GLN B 49 -51.26 -16.01 -20.42
N THR B 50 -52.59 -15.91 -20.34
CA THR B 50 -53.40 -16.93 -19.68
C THR B 50 -53.47 -18.22 -20.51
N LYS B 51 -53.44 -18.09 -21.84
CA LYS B 51 -53.35 -19.25 -22.72
C LYS B 51 -52.00 -19.96 -22.63
N GLN B 52 -50.90 -19.18 -22.49
CA GLN B 52 -49.57 -19.77 -22.33
C GLN B 52 -49.39 -20.45 -20.97
N GLN B 53 -49.94 -19.83 -19.90
CA GLN B 53 -49.92 -20.44 -18.57
C GLN B 53 -50.81 -21.67 -18.47
N LEU B 54 -51.97 -21.66 -19.14
CA LEU B 54 -52.86 -22.82 -19.16
C LEU B 54 -52.28 -23.96 -19.99
N LEU B 55 -51.55 -23.64 -21.06
CA LEU B 55 -50.91 -24.66 -21.88
C LEU B 55 -49.71 -25.29 -21.16
N GLU B 56 -48.93 -24.49 -20.42
CA GLU B 56 -47.81 -25.09 -19.68
C GLU B 56 -48.28 -25.82 -18.42
N TYR B 57 -49.42 -25.41 -17.84
CA TYR B 57 -50.01 -26.17 -16.74
C TYR B 57 -50.59 -27.50 -17.20
N LYS B 58 -51.20 -27.51 -18.40
CA LYS B 58 -51.75 -28.74 -18.94
C LYS B 58 -50.65 -29.69 -19.43
N SER B 59 -49.52 -29.14 -19.91
CA SER B 59 -48.38 -29.99 -20.21
C SER B 59 -47.68 -30.50 -18.96
N MET B 60 -47.74 -29.75 -17.85
CA MET B 60 -47.18 -30.26 -16.60
C MET B 60 -48.06 -31.35 -15.98
N VAL B 61 -49.39 -31.23 -16.12
CA VAL B 61 -50.32 -32.28 -15.67
C VAL B 61 -50.18 -33.54 -16.55
N ASP B 62 -50.00 -33.34 -17.87
CA ASP B 62 -49.76 -34.48 -18.75
C ASP B 62 -48.36 -35.07 -18.61
N ALA B 63 -47.39 -34.32 -18.08
CA ALA B 63 -46.12 -34.92 -17.71
C ALA B 63 -46.22 -35.68 -16.40
N SER B 64 -47.02 -35.20 -15.46
CA SER B 64 -47.16 -35.87 -14.17
C SER B 64 -48.06 -37.10 -14.23
N GLU B 65 -48.95 -37.20 -15.23
CA GLU B 65 -49.91 -38.30 -15.26
C GLU B 65 -49.64 -39.34 -16.33
N GLU B 66 -48.84 -39.04 -17.34
CA GLU B 66 -48.52 -39.99 -18.39
C GLU B 66 -47.05 -40.38 -18.28
N LYS B 67 -46.80 -41.68 -18.37
CA LYS B 67 -45.45 -42.22 -18.15
C LYS B 67 -45.01 -43.03 -19.37
N THR B 68 -43.71 -43.29 -19.42
CA THR B 68 -43.06 -44.12 -20.42
C THR B 68 -42.50 -45.37 -19.75
N PRO B 69 -42.34 -46.47 -20.50
CA PRO B 69 -41.59 -47.62 -19.96
C PRO B 69 -40.11 -47.31 -19.81
N GLU B 70 -39.62 -47.44 -18.58
CA GLU B 70 -38.26 -47.06 -18.21
C GLU B 70 -37.36 -48.29 -18.28
N GLN B 71 -36.36 -48.24 -19.15
CA GLN B 71 -35.38 -49.32 -19.31
C GLN B 71 -33.98 -48.76 -19.10
N ILE B 72 -32.99 -49.64 -19.15
CA ILE B 72 -31.59 -49.26 -19.05
C ILE B 72 -31.09 -48.96 -20.45
N MET B 73 -30.85 -47.68 -20.74
CA MET B 73 -30.50 -47.23 -22.08
C MET B 73 -29.25 -46.37 -22.03
N GLN B 74 -28.61 -46.22 -23.18
CA GLN B 74 -27.44 -45.37 -23.29
C GLN B 74 -27.87 -43.91 -23.42
N GLU B 75 -26.88 -43.01 -23.33
CA GLU B 75 -27.19 -41.59 -23.27
C GLU B 75 -27.47 -41.00 -24.66
N LYS B 76 -26.77 -41.48 -25.69
CA LYS B 76 -26.84 -40.89 -27.01
C LYS B 76 -28.16 -41.19 -27.72
N GLN B 77 -28.79 -42.32 -27.39
CA GLN B 77 -30.13 -42.61 -27.90
C GLN B 77 -31.18 -41.73 -27.21
N ILE B 78 -30.92 -41.34 -25.96
CA ILE B 78 -31.82 -40.43 -25.24
C ILE B 78 -31.72 -39.02 -25.81
N GLU B 79 -30.49 -38.53 -26.09
CA GLU B 79 -30.38 -37.22 -26.76
C GLU B 79 -30.76 -37.26 -28.24
N ALA B 80 -30.73 -38.44 -28.89
CA ALA B 80 -31.29 -38.56 -30.22
C ALA B 80 -32.81 -38.46 -30.21
N LYS B 81 -33.45 -39.03 -29.18
CA LYS B 81 -34.89 -38.82 -28.97
C LYS B 81 -35.21 -37.37 -28.59
N ILE B 82 -34.30 -36.69 -27.89
CA ILE B 82 -34.46 -35.27 -27.54
C ILE B 82 -34.40 -34.39 -28.80
N GLU B 83 -33.45 -34.67 -29.71
CA GLU B 83 -33.35 -33.85 -30.91
C GLU B 83 -34.43 -34.18 -31.95
N ASP B 84 -34.90 -35.44 -31.99
CA ASP B 84 -36.01 -35.77 -32.89
C ASP B 84 -37.35 -35.24 -32.37
N LEU B 85 -37.54 -35.26 -31.05
CA LEU B 85 -38.75 -34.68 -30.46
C LEU B 85 -38.75 -33.16 -30.51
N GLU B 86 -37.58 -32.51 -30.44
CA GLU B 86 -37.59 -31.05 -30.58
C GLU B 86 -37.72 -30.63 -32.03
N ASN B 87 -37.31 -31.48 -33.00
CA ASN B 87 -37.60 -31.20 -34.41
C ASN B 87 -39.08 -31.38 -34.73
N GLU B 88 -39.73 -32.41 -34.16
CA GLU B 88 -41.16 -32.62 -34.35
C GLU B 88 -42.00 -31.56 -33.64
N ILE B 89 -41.56 -31.11 -32.46
CA ILE B 89 -42.33 -30.10 -31.74
C ILE B 89 -42.06 -28.72 -32.36
N GLU B 90 -40.91 -28.54 -33.03
CA GLU B 90 -40.66 -27.31 -33.78
C GLU B 90 -41.47 -27.27 -35.06
N GLU B 91 -41.69 -28.44 -35.70
CA GLU B 91 -42.53 -28.53 -36.88
C GLU B 91 -44.00 -28.27 -36.57
N VAL B 92 -44.51 -28.81 -35.45
CA VAL B 92 -45.91 -28.52 -35.14
C VAL B 92 -46.11 -27.12 -34.52
N LYS B 93 -45.07 -26.53 -33.91
CA LYS B 93 -45.21 -25.14 -33.46
C LYS B 93 -45.11 -24.15 -34.61
N VAL B 94 -44.30 -24.43 -35.64
CA VAL B 94 -44.34 -23.55 -36.81
C VAL B 94 -45.60 -23.81 -37.65
N ALA B 95 -46.21 -25.00 -37.56
CA ALA B 95 -47.49 -25.24 -38.22
C ALA B 95 -48.62 -24.46 -37.56
N PHE B 96 -48.69 -24.48 -36.22
CA PHE B 96 -49.68 -23.71 -35.47
C PHE B 96 -49.44 -22.20 -35.58
N GLU B 97 -48.18 -21.78 -35.65
CA GLU B 97 -47.84 -20.36 -35.77
C GLU B 97 -48.18 -19.80 -37.15
N ILE B 98 -47.91 -20.57 -38.22
CA ILE B 98 -48.20 -20.09 -39.57
C ILE B 98 -49.70 -20.15 -39.88
N LYS B 99 -50.42 -21.14 -39.30
CA LYS B 99 -51.88 -21.16 -39.48
C LYS B 99 -52.60 -20.08 -38.66
N LYS B 100 -52.11 -19.78 -37.46
CA LYS B 100 -52.69 -18.70 -36.66
C LYS B 100 -52.34 -17.33 -37.24
N LEU B 101 -51.13 -17.18 -37.80
CA LEU B 101 -50.75 -15.94 -38.46
C LEU B 101 -51.48 -15.75 -39.78
N ALA B 102 -51.81 -16.84 -40.48
CA ALA B 102 -52.59 -16.75 -41.72
C ALA B 102 -54.04 -16.37 -41.44
N LEU B 103 -54.61 -16.89 -40.35
CA LEU B 103 -55.95 -16.48 -39.93
C LEU B 103 -55.99 -15.02 -39.46
N ASP B 104 -54.91 -14.57 -38.79
CA ASP B 104 -54.79 -13.18 -38.36
C ASP B 104 -54.61 -12.22 -39.54
N ARG B 105 -53.83 -12.61 -40.56
CA ARG B 105 -53.65 -11.73 -41.72
C ARG B 105 -54.87 -11.72 -42.63
N MET B 106 -55.64 -12.81 -42.67
CA MET B 106 -56.92 -12.78 -43.40
C MET B 106 -57.97 -11.93 -42.69
N ARG B 107 -58.02 -11.97 -41.35
CA ARG B 107 -58.94 -11.10 -40.61
C ARG B 107 -58.53 -9.63 -40.68
N LEU B 108 -57.21 -9.34 -40.66
CA LEU B 108 -56.74 -7.97 -40.86
C LEU B 108 -56.94 -7.48 -42.29
N SER B 109 -56.89 -8.37 -43.29
CA SER B 109 -57.14 -7.97 -44.67
C SER B 109 -58.62 -7.67 -44.91
N THR B 110 -59.52 -8.48 -44.32
CA THR B 110 -60.94 -8.16 -44.42
C THR B 110 -61.34 -6.97 -43.56
N ALA B 111 -60.62 -6.72 -42.46
CA ALA B 111 -60.89 -5.55 -41.62
C ALA B 111 -60.43 -4.26 -42.30
N LEU B 112 -59.28 -4.30 -42.99
CA LEU B 112 -58.87 -3.14 -43.77
C LEU B 112 -59.67 -2.96 -45.05
N LYS B 113 -60.24 -4.05 -45.60
CA LYS B 113 -61.13 -3.92 -46.76
C LYS B 113 -62.47 -3.28 -46.38
N LYS B 114 -63.04 -3.69 -45.24
CA LYS B 114 -64.25 -3.03 -44.75
C LYS B 114 -63.96 -1.66 -44.14
N ASN B 115 -62.72 -1.38 -43.75
CA ASN B 115 -62.33 -0.04 -43.34
C ASN B 115 -62.26 0.91 -44.54
N LEU B 116 -61.55 0.53 -45.60
CA LEU B 116 -61.34 1.40 -46.75
C LEU B 116 -62.43 1.25 -47.82
N GLU B 117 -63.47 0.48 -47.57
CA GLU B 117 -64.65 0.51 -48.42
C GLU B 117 -65.45 1.81 -48.27
N LYS B 118 -65.64 2.28 -47.03
CA LYS B 118 -66.40 3.50 -46.77
C LYS B 118 -65.46 4.56 -46.24
N ILE B 119 -65.62 5.79 -46.73
CA ILE B 119 -64.78 6.92 -46.33
C ILE B 119 -65.19 7.34 -44.93
N SER B 120 -64.26 7.28 -43.98
CA SER B 120 -64.49 7.62 -42.59
C SER B 120 -63.64 8.84 -42.21
N ARG B 121 -63.67 9.19 -40.93
CA ARG B 121 -62.95 10.34 -40.41
C ARG B 121 -61.48 10.04 -40.08
N GLN B 122 -61.09 8.77 -40.09
CA GLN B 122 -59.70 8.40 -39.84
C GLN B 122 -58.87 8.36 -41.11
N SER B 123 -59.51 8.57 -42.27
CA SER B 123 -58.87 8.58 -43.58
C SER B 123 -57.94 9.76 -43.77
N SER B 124 -58.16 10.87 -43.07
CA SER B 124 -57.36 12.08 -43.23
C SER B 124 -55.96 11.94 -42.62
N VAL B 125 -55.78 11.00 -41.68
CA VAL B 125 -54.45 10.63 -41.23
C VAL B 125 -53.99 9.30 -41.80
N LEU B 126 -54.91 8.42 -42.21
CA LEU B 126 -54.52 7.12 -42.76
C LEU B 126 -53.94 7.25 -44.16
N MET B 127 -54.45 8.21 -44.95
CA MET B 127 -53.91 8.49 -46.29
C MET B 127 -52.53 9.12 -46.22
N ASP B 128 -52.28 9.98 -45.23
CA ASP B 128 -50.96 10.55 -44.98
C ASP B 128 -49.96 9.49 -44.49
N ASN B 129 -50.44 8.54 -43.67
CA ASN B 129 -49.59 7.43 -43.23
C ASN B 129 -49.22 6.49 -44.37
N MET B 130 -50.16 6.25 -45.30
CA MET B 130 -49.84 5.40 -46.46
C MET B 130 -48.94 6.13 -47.45
N LYS B 131 -49.04 7.46 -47.54
CA LYS B 131 -48.13 8.23 -48.40
C LYS B 131 -46.70 8.27 -47.84
N HIS B 132 -46.56 8.40 -46.51
CA HIS B 132 -45.24 8.31 -45.88
C HIS B 132 -44.64 6.91 -45.96
N LEU B 133 -45.47 5.86 -45.87
CA LEU B 133 -44.96 4.50 -46.02
C LEU B 133 -44.56 4.18 -47.47
N LEU B 134 -45.27 4.74 -48.46
CA LEU B 134 -44.86 4.48 -49.85
C LEU B 134 -43.62 5.28 -50.24
N GLU B 135 -43.43 6.48 -49.67
CA GLU B 135 -42.20 7.23 -49.94
C GLU B 135 -40.97 6.60 -49.26
N LEU B 136 -41.14 6.10 -48.02
CA LEU B 136 -40.06 5.37 -47.35
C LEU B 136 -39.75 4.04 -48.02
N ASN B 137 -40.78 3.37 -48.58
CA ASN B 137 -40.53 2.13 -49.31
C ASN B 137 -39.87 2.37 -50.65
N LYS B 138 -40.15 3.52 -51.30
CA LYS B 138 -39.46 3.88 -52.54
C LYS B 138 -37.99 4.20 -52.30
N LEU B 139 -37.69 4.84 -51.16
CA LEU B 139 -36.29 5.06 -50.75
C LEU B 139 -35.57 3.74 -50.41
N ILE B 140 -36.28 2.77 -49.83
CA ILE B 140 -35.69 1.47 -49.53
C ILE B 140 -35.46 0.65 -50.82
N MET B 141 -36.34 0.82 -51.83
CA MET B 141 -36.14 0.19 -53.15
C MET B 141 -34.92 0.73 -53.89
N LYS B 142 -34.74 2.06 -53.87
CA LYS B 142 -33.58 2.66 -54.54
C LYS B 142 -32.27 2.36 -53.81
N SER B 143 -32.33 2.31 -52.46
CA SER B 143 -31.15 1.93 -51.66
C SER B 143 -30.78 0.46 -51.85
N GLN B 144 -31.77 -0.43 -51.98
CA GLN B 144 -31.51 -1.85 -52.21
C GLN B 144 -30.95 -2.12 -53.59
N GLN B 145 -31.42 -1.37 -54.61
CA GLN B 145 -30.90 -1.54 -55.98
C GLN B 145 -29.47 -1.02 -56.11
N GLU B 146 -29.18 0.16 -55.53
CA GLU B 146 -27.82 0.70 -55.57
C GLU B 146 -26.84 -0.10 -54.71
N SER B 147 -27.31 -0.64 -53.57
CA SER B 147 -26.46 -1.47 -52.73
C SER B 147 -26.17 -2.82 -53.36
N TRP B 148 -27.14 -3.38 -54.11
CA TRP B 148 -26.91 -4.65 -54.82
C TRP B 148 -25.95 -4.50 -55.99
N ASP B 149 -26.07 -3.40 -56.74
CA ASP B 149 -25.18 -3.16 -57.88
C ASP B 149 -23.74 -2.85 -57.45
N LEU B 150 -23.58 -1.99 -56.44
CA LEU B 150 -22.24 -1.68 -55.95
C LEU B 150 -21.65 -2.82 -55.11
N GLU B 151 -22.50 -3.68 -54.54
CA GLU B 151 -22.00 -4.84 -53.80
C GLU B 151 -21.50 -5.93 -54.73
N GLU B 152 -22.18 -6.15 -55.88
CA GLU B 152 -21.67 -7.15 -56.82
C GLU B 152 -20.44 -6.63 -57.58
N LYS B 153 -20.33 -5.29 -57.78
CA LYS B 153 -19.09 -4.72 -58.30
C LYS B 153 -17.92 -4.84 -57.32
N LEU B 154 -18.19 -4.64 -56.01
CA LEU B 154 -17.17 -4.78 -54.97
C LEU B 154 -16.74 -6.24 -54.79
N LEU B 155 -17.67 -7.18 -54.97
CA LEU B 155 -17.32 -8.59 -54.86
C LEU B 155 -16.55 -9.08 -56.09
N ASP B 156 -16.81 -8.49 -57.27
CA ASP B 156 -16.00 -8.80 -58.45
C ASP B 156 -14.57 -8.25 -58.33
N ILE B 157 -14.44 -7.05 -57.73
CA ILE B 157 -13.12 -6.48 -57.42
C ILE B 157 -12.38 -7.32 -56.36
N ARG B 158 -13.13 -7.91 -55.41
CA ARG B 158 -12.55 -8.77 -54.38
C ARG B 158 -12.08 -10.11 -54.94
N LYS B 159 -12.82 -10.67 -55.91
CA LYS B 159 -12.40 -11.91 -56.57
C LYS B 159 -11.18 -11.69 -57.48
N LYS B 160 -11.12 -10.54 -58.16
CA LYS B 160 -9.95 -10.22 -58.97
C LYS B 160 -8.71 -9.94 -58.11
N ARG B 161 -8.93 -9.37 -56.91
CA ARG B 161 -7.85 -9.15 -55.94
C ARG B 161 -7.32 -10.47 -55.38
N LEU B 162 -8.21 -11.46 -55.14
CA LEU B 162 -7.78 -12.79 -54.71
C LEU B 162 -7.01 -13.54 -55.80
N GLN B 163 -7.42 -13.38 -57.07
CA GLN B 163 -6.72 -14.06 -58.17
C GLN B 163 -5.35 -13.44 -58.45
N LEU B 164 -5.24 -12.10 -58.39
CA LEU B 164 -3.94 -11.46 -58.56
C LEU B 164 -3.02 -11.67 -57.36
N LYS B 165 -3.58 -11.83 -56.16
CA LYS B 165 -2.79 -12.13 -54.97
C LYS B 165 -2.25 -13.56 -55.00
N GLN B 166 -3.06 -14.52 -55.47
CA GLN B 166 -2.59 -15.91 -55.58
C GLN B 166 -1.59 -16.07 -56.71
N ALA B 167 -1.75 -15.30 -57.80
CA ALA B 167 -0.77 -15.31 -58.89
C ALA B 167 0.57 -14.68 -58.47
N SER B 168 0.52 -13.60 -57.67
CA SER B 168 1.75 -12.99 -57.17
C SER B 168 2.43 -13.84 -56.10
N GLU B 169 1.64 -14.62 -55.34
CA GLU B 169 2.21 -15.53 -54.34
C GLU B 169 2.91 -16.71 -54.99
N SER B 170 2.30 -17.30 -56.04
CA SER B 170 2.95 -18.38 -56.78
C SER B 170 4.14 -17.88 -57.60
N LYS B 171 4.09 -16.62 -58.05
CA LYS B 171 5.21 -16.03 -58.79
C LYS B 171 6.39 -15.72 -57.88
N LEU B 172 6.13 -15.29 -56.63
CA LEU B 172 7.22 -15.06 -55.69
C LEU B 172 7.78 -16.39 -55.15
N LEU B 173 6.96 -17.45 -55.15
CA LEU B 173 7.45 -18.79 -54.84
C LEU B 173 8.38 -19.32 -55.94
N GLU B 174 8.03 -19.08 -57.22
CA GLU B 174 8.91 -19.45 -58.32
C GLU B 174 10.18 -18.62 -58.37
N ILE B 175 10.09 -17.33 -57.98
CA ILE B 175 11.26 -16.46 -57.94
C ILE B 175 12.19 -16.82 -56.78
N GLN B 176 11.65 -17.28 -55.65
CA GLN B 176 12.54 -17.67 -54.55
C GLN B 176 13.16 -19.06 -54.77
N THR B 177 12.47 -19.96 -55.49
CA THR B 177 13.14 -21.20 -55.90
C THR B 177 14.20 -20.97 -56.97
N GLU B 178 13.97 -20.00 -57.86
CA GLU B 178 15.01 -19.61 -58.82
C GLU B 178 16.17 -18.88 -58.14
N LYS B 179 15.89 -18.18 -57.03
CA LYS B 179 16.93 -17.52 -56.24
C LYS B 179 17.80 -18.54 -55.50
N ASN B 180 17.18 -19.62 -54.99
CA ASN B 180 17.96 -20.72 -54.40
C ASN B 180 18.73 -21.51 -55.46
N LYS B 181 18.19 -21.60 -56.69
CA LYS B 181 18.93 -22.23 -57.79
C LYS B 181 20.14 -21.40 -58.22
N GLN B 182 19.99 -20.07 -58.24
CA GLN B 182 21.12 -19.19 -58.53
C GLN B 182 22.11 -19.12 -57.37
N LYS B 183 21.65 -19.36 -56.14
CA LYS B 183 22.56 -19.48 -55.00
C LYS B 183 23.41 -20.75 -55.07
N ILE B 184 22.80 -21.87 -55.49
CA ILE B 184 23.52 -23.13 -55.71
C ILE B 184 24.50 -22.99 -56.89
N ASP B 185 24.10 -22.28 -57.95
CA ASP B 185 24.99 -22.05 -59.08
C ASP B 185 26.11 -21.06 -58.78
N LEU B 186 25.86 -20.07 -57.91
CA LEU B 186 26.91 -19.15 -57.49
C LEU B 186 27.88 -19.81 -56.52
N ASP B 187 27.41 -20.75 -55.70
CA ASP B 187 28.32 -21.53 -54.87
C ASP B 187 29.09 -22.56 -55.70
N SER B 188 28.52 -23.01 -56.82
CA SER B 188 29.20 -23.98 -57.66
C SER B 188 30.20 -23.35 -58.63
N MET B 189 30.03 -22.07 -58.99
CA MET B 189 30.92 -21.42 -59.94
C MET B 189 31.95 -20.52 -59.27
N GLU B 190 32.42 -20.88 -58.07
CA GLU B 190 33.45 -20.11 -57.35
C GLU B 190 34.51 -21.04 -56.79
N ASN B 191 35.03 -21.96 -57.60
CA ASN B 191 36.06 -22.89 -57.17
C ASN B 191 37.41 -22.49 -57.78
N SER B 192 38.38 -22.20 -56.92
CA SER B 192 39.73 -21.87 -57.35
C SER B 192 40.71 -22.25 -56.24
N GLU B 193 41.93 -22.60 -56.63
CA GLU B 193 42.98 -23.01 -55.71
C GLU B 193 44.09 -21.97 -55.57
N ARG B 194 44.52 -21.38 -56.69
CA ARG B 194 45.65 -20.47 -56.74
C ARG B 194 45.27 -19.01 -56.48
N ILE B 195 44.03 -18.74 -56.04
CA ILE B 195 43.56 -17.37 -55.93
C ILE B 195 43.89 -16.76 -54.56
N LYS B 196 44.22 -17.59 -53.55
CA LYS B 196 44.28 -17.11 -52.17
C LYS B 196 45.56 -16.34 -51.87
N ILE B 197 46.64 -16.62 -52.62
CA ILE B 197 47.88 -15.86 -52.52
C ILE B 197 47.68 -14.47 -53.14
N ILE B 198 46.89 -14.40 -54.21
CA ILE B 198 46.52 -13.14 -54.85
C ILE B 198 45.59 -12.33 -53.96
N ARG B 199 44.71 -12.99 -53.19
CA ARG B 199 43.82 -12.24 -52.30
C ARG B 199 44.53 -11.79 -51.03
N GLN B 200 45.54 -12.53 -50.54
CA GLN B 200 46.35 -12.04 -49.44
C GLN B 200 47.26 -10.89 -49.88
N ASN B 201 47.75 -10.94 -51.13
CA ASN B 201 48.51 -9.82 -51.70
C ASN B 201 47.63 -8.60 -51.94
N LEU B 202 46.36 -8.81 -52.29
CA LEU B 202 45.43 -7.70 -52.45
C LEU B 202 45.06 -7.08 -51.10
N GLN B 203 44.85 -7.92 -50.07
CA GLN B 203 44.50 -7.39 -48.75
C GLN B 203 45.70 -6.79 -48.00
N MET B 204 46.93 -7.07 -48.44
CA MET B 204 48.04 -6.28 -47.91
C MET B 204 48.34 -5.03 -48.75
N GLU B 205 48.13 -5.07 -50.08
CA GLU B 205 48.44 -3.89 -50.89
C GLU B 205 47.37 -2.80 -50.80
N ILE B 206 46.13 -3.15 -50.44
CA ILE B 206 45.10 -2.15 -50.13
C ILE B 206 45.45 -1.40 -48.85
N LYS B 207 46.03 -2.11 -47.85
CA LYS B 207 46.47 -1.47 -46.61
C LYS B 207 47.71 -0.61 -46.82
N ILE B 208 48.64 -1.06 -47.69
CA ILE B 208 49.83 -0.28 -48.06
C ILE B 208 49.45 0.98 -48.83
N THR B 209 48.47 0.87 -49.75
CA THR B 209 47.98 2.01 -50.52
C THR B 209 47.23 3.01 -49.65
N THR B 210 46.48 2.52 -48.65
CA THR B 210 45.73 3.36 -47.72
C THR B 210 46.66 4.13 -46.78
N VAL B 211 47.71 3.45 -46.27
CA VAL B 211 48.69 4.07 -45.37
C VAL B 211 49.56 5.10 -46.10
N ILE B 212 49.98 4.80 -47.33
CA ILE B 212 50.85 5.73 -48.08
C ILE B 212 50.03 6.92 -48.63
N GLN B 213 48.77 6.68 -49.03
CA GLN B 213 47.92 7.79 -49.47
C GLN B 213 47.40 8.64 -48.30
N HIS B 214 47.45 8.13 -47.06
CA HIS B 214 47.12 9.01 -45.95
C HIS B 214 48.33 9.60 -45.24
N VAL B 215 49.54 9.10 -45.53
CA VAL B 215 50.75 9.79 -45.08
C VAL B 215 51.11 10.93 -46.04
N PHE B 216 50.95 10.70 -47.36
CA PHE B 216 51.45 11.63 -48.38
C PHE B 216 50.61 12.91 -48.48
N GLN B 217 49.33 12.85 -48.10
CA GLN B 217 48.50 14.06 -48.05
C GLN B 217 48.88 14.96 -46.87
N ASN B 218 49.25 14.35 -45.74
CA ASN B 218 49.79 15.11 -44.62
C ASN B 218 51.21 15.59 -44.91
N LEU B 219 51.94 14.90 -45.78
CA LEU B 219 53.23 15.40 -46.24
C LEU B 219 53.08 16.61 -47.17
N ILE B 220 51.99 16.64 -47.95
CA ILE B 220 51.67 17.83 -48.74
C ILE B 220 51.24 18.98 -47.83
N LEU B 221 50.45 18.69 -46.79
CA LEU B 221 49.94 19.72 -45.88
C LEU B 221 51.02 20.28 -44.97
N GLY B 222 51.93 19.44 -44.48
CA GLY B 222 53.00 19.90 -43.62
C GLY B 222 54.14 20.62 -44.33
N SER B 223 54.24 20.51 -45.65
CA SER B 223 55.33 21.12 -46.40
C SER B 223 55.15 22.62 -46.61
N LYS B 224 53.89 23.10 -46.56
CA LYS B 224 53.45 24.47 -46.87
C LYS B 224 53.90 24.93 -48.27
N VAL B 225 53.44 24.19 -49.27
CA VAL B 225 53.73 24.45 -50.68
C VAL B 225 52.40 24.74 -51.36
N ASN B 226 52.33 25.87 -52.08
CA ASN B 226 51.16 26.25 -52.85
C ASN B 226 51.04 25.32 -54.06
N TRP B 227 50.15 24.33 -53.95
CA TRP B 227 49.97 23.30 -54.95
C TRP B 227 48.94 23.66 -56.00
N ALA B 228 48.32 24.84 -55.91
CA ALA B 228 47.29 25.22 -56.88
C ALA B 228 47.87 25.72 -58.20
N GLU B 229 49.16 26.08 -58.23
CA GLU B 229 49.75 26.59 -59.46
C GLU B 229 50.11 25.47 -60.42
N ASP B 230 50.26 24.25 -59.93
CA ASP B 230 50.58 23.09 -60.77
C ASP B 230 49.30 22.29 -60.97
N PRO B 231 48.81 22.14 -62.21
CA PRO B 231 47.55 21.39 -62.40
C PRO B 231 47.71 19.88 -62.33
N ALA B 232 48.91 19.35 -62.62
CA ALA B 232 49.15 17.92 -62.47
C ALA B 232 49.25 17.52 -61.00
N LEU B 233 49.85 18.38 -60.18
CA LEU B 233 49.88 18.16 -58.74
C LEU B 233 48.50 18.38 -58.12
N LYS B 234 47.69 19.26 -58.72
CA LYS B 234 46.28 19.40 -58.36
C LYS B 234 45.48 18.15 -58.70
N GLU B 235 45.82 17.48 -59.81
CA GLU B 235 45.22 16.21 -60.18
C GLU B 235 45.63 15.07 -59.23
N ILE B 236 46.88 15.12 -58.72
CA ILE B 236 47.35 14.17 -57.72
C ILE B 236 46.63 14.37 -56.37
N VAL B 237 46.43 15.64 -55.97
CA VAL B 237 45.74 15.97 -54.71
C VAL B 237 44.25 15.61 -54.79
N LEU B 238 43.61 15.84 -55.94
CA LEU B 238 42.23 15.39 -56.13
C LEU B 238 42.13 13.88 -56.37
N GLN B 239 43.23 13.20 -56.70
CA GLN B 239 43.27 11.75 -56.82
C GLN B 239 43.46 11.05 -55.47
N LEU B 240 44.11 11.71 -54.50
CA LEU B 240 44.44 11.12 -53.21
C LEU B 240 43.24 10.83 -52.30
N GLU B 241 42.07 11.43 -52.56
CA GLU B 241 40.89 11.14 -51.76
C GLU B 241 40.27 9.78 -52.09
N LYS B 242 40.41 9.34 -53.35
CA LYS B 242 39.72 8.15 -53.84
C LYS B 242 40.34 6.87 -53.31
N ASN B 243 39.48 5.98 -52.82
CA ASN B 243 39.91 4.75 -52.17
C ASN B 243 40.02 3.63 -53.21
N VAL B 244 40.13 2.38 -52.73
CA VAL B 244 40.27 1.25 -53.63
C VAL B 244 38.95 0.81 -54.24
N ASP B 245 37.81 1.27 -53.71
CA ASP B 245 36.52 0.97 -54.32
C ASP B 245 36.26 1.86 -55.54
N MET B 246 36.72 3.11 -55.50
CA MET B 246 36.55 4.01 -56.63
C MET B 246 37.54 3.71 -57.75
N MET B 247 38.80 3.47 -57.40
CA MET B 247 39.82 3.15 -58.39
C MET B 247 39.72 1.69 -58.81
N ASP C 59 23.76 51.50 -61.70
CA ASP C 59 24.44 50.26 -61.35
C ASP C 59 25.71 50.06 -62.18
N GLN C 60 25.82 50.74 -63.32
CA GLN C 60 27.03 50.65 -64.13
C GLN C 60 28.18 51.44 -63.51
N ALA C 61 27.86 52.57 -62.86
CA ALA C 61 28.87 53.34 -62.15
C ALA C 61 29.30 52.66 -60.86
N GLU C 62 28.42 51.86 -60.26
CA GLU C 62 28.82 51.00 -59.15
C GLU C 62 29.62 49.80 -59.62
N GLU C 63 29.38 49.35 -60.86
CA GLU C 63 30.16 48.25 -61.42
C GLU C 63 31.54 48.73 -61.87
N ASP C 64 31.63 49.93 -62.45
CA ASP C 64 32.91 50.45 -62.93
C ASP C 64 33.79 50.95 -61.78
N ALA C 65 33.19 51.26 -60.63
CA ALA C 65 33.98 51.51 -59.43
C ALA C 65 34.49 50.22 -58.82
N LEU C 66 33.81 49.10 -59.08
CA LEU C 66 34.30 47.80 -58.61
C LEU C 66 35.41 47.27 -59.50
N GLN C 67 35.41 47.63 -60.79
CA GLN C 67 36.43 47.15 -61.72
C GLN C 67 37.78 47.84 -61.48
N MET C 68 37.76 49.05 -60.91
CA MET C 68 39.01 49.69 -60.53
C MET C 68 39.41 49.32 -59.09
N ALA C 69 38.50 48.66 -58.35
CA ALA C 69 38.83 48.24 -56.99
C ALA C 69 39.40 46.83 -56.97
N VAL C 70 38.88 45.94 -57.81
CA VAL C 70 39.43 44.60 -57.95
C VAL C 70 40.77 44.65 -58.69
N GLY C 71 40.89 45.56 -59.65
CA GLY C 71 42.15 45.74 -60.37
C GLY C 71 43.24 46.42 -59.56
N TYR C 72 42.85 47.14 -58.50
CA TYR C 72 43.84 47.66 -57.57
C TYR C 72 44.29 46.60 -56.56
N PHE C 73 43.38 45.67 -56.21
CA PHE C 73 43.70 44.67 -55.19
C PHE C 73 44.57 43.54 -55.74
N GLU C 74 44.49 43.27 -57.04
CA GLU C 74 45.26 42.16 -57.61
C GLU C 74 46.72 42.50 -57.82
N LYS C 75 47.08 43.78 -57.82
CA LYS C 75 48.48 44.20 -57.89
C LYS C 75 49.15 44.25 -56.53
N GLY C 76 48.40 44.05 -55.44
CA GLY C 76 48.95 44.10 -54.11
C GLY C 76 49.18 45.52 -53.64
N PRO C 77 49.95 45.70 -52.57
CA PRO C 77 50.32 47.05 -52.16
C PRO C 77 51.37 47.65 -53.09
N ILE C 78 51.13 48.89 -53.50
CA ILE C 78 52.02 49.59 -54.41
C ILE C 78 52.97 50.45 -53.58
N LYS C 79 54.27 50.23 -53.74
CA LYS C 79 55.28 50.95 -52.98
C LYS C 79 55.46 52.37 -53.52
N ALA C 80 56.22 53.17 -52.73
CA ALA C 80 56.48 54.61 -52.91
C ALA C 80 55.19 55.43 -53.03
N SER C 81 54.21 55.10 -52.19
CA SER C 81 52.93 55.81 -52.17
C SER C 81 52.37 55.71 -50.76
N GLN C 82 52.30 56.85 -50.06
CA GLN C 82 51.84 56.90 -48.69
C GLN C 82 50.37 57.35 -48.59
N ASN C 83 49.58 57.02 -49.61
CA ASN C 83 48.15 57.31 -49.61
C ASN C 83 47.31 56.07 -49.30
N LYS C 84 47.82 55.15 -48.48
CA LYS C 84 47.11 53.90 -48.22
C LYS C 84 46.03 54.07 -47.15
N ASP C 85 46.02 55.20 -46.44
CA ASP C 85 44.97 55.44 -45.46
C ASP C 85 43.69 55.98 -46.09
N LYS C 86 43.75 56.42 -47.35
CA LYS C 86 42.60 57.05 -48.00
C LYS C 86 42.13 56.29 -49.23
N THR C 87 43.05 55.79 -50.05
CA THR C 87 42.69 55.18 -51.34
C THR C 87 42.12 53.78 -51.19
N LEU C 88 42.83 52.87 -50.52
CA LEU C 88 42.34 51.50 -50.41
C LEU C 88 41.30 51.37 -49.30
N GLU C 89 41.19 52.37 -48.41
CA GLU C 89 40.06 52.43 -47.49
C GLU C 89 38.78 52.79 -48.24
N LYS C 90 38.89 53.64 -49.26
CA LYS C 90 37.76 53.92 -50.14
C LYS C 90 37.45 52.74 -51.04
N HIS C 91 38.48 51.97 -51.41
CA HIS C 91 38.26 50.75 -52.19
C HIS C 91 37.71 49.61 -51.33
N LEU C 92 37.93 49.68 -50.01
CA LEU C 92 37.26 48.76 -49.10
C LEU C 92 35.79 49.15 -48.91
N LYS C 93 35.46 50.44 -49.11
CA LYS C 93 34.07 50.87 -49.01
C LYS C 93 33.26 50.56 -50.26
N THR C 94 33.92 50.19 -51.36
CA THR C 94 33.20 49.77 -52.56
C THR C 94 32.85 48.30 -52.53
N VAL C 95 33.30 47.56 -51.51
CA VAL C 95 32.98 46.14 -51.36
C VAL C 95 31.54 45.95 -50.90
N GLU C 96 31.06 46.78 -49.97
CA GLU C 96 29.73 46.63 -49.37
C GLU C 96 28.61 47.04 -50.33
N ASN C 97 28.66 48.27 -50.87
CA ASN C 97 27.48 48.89 -51.48
C ASN C 97 27.16 48.34 -52.86
N VAL C 98 28.10 47.60 -53.46
CA VAL C 98 27.75 46.79 -54.63
C VAL C 98 27.11 45.48 -54.18
N ALA C 99 27.67 44.85 -53.15
CA ALA C 99 27.23 43.52 -52.73
C ALA C 99 25.96 43.54 -51.91
N TRP C 100 25.66 44.62 -51.19
CA TRP C 100 24.41 44.73 -50.46
C TRP C 100 23.24 45.19 -51.33
N LYS C 101 23.51 45.58 -52.58
CA LYS C 101 22.45 46.05 -53.47
C LYS C 101 22.29 45.16 -54.69
N ASN C 102 23.39 44.84 -55.36
CA ASN C 102 23.35 44.11 -56.62
C ASN C 102 23.94 42.71 -56.54
N GLY C 103 25.20 42.59 -56.13
CA GLY C 103 25.88 41.31 -56.09
C GLY C 103 27.12 41.32 -56.99
N LEU C 104 27.79 40.17 -57.00
CA LEU C 104 29.04 40.01 -57.73
C LEU C 104 28.94 38.79 -58.65
N ALA C 105 29.79 38.78 -59.67
CA ALA C 105 29.89 37.65 -60.59
C ALA C 105 30.81 36.59 -60.00
N SER C 106 30.90 35.45 -60.71
CA SER C 106 31.66 34.31 -60.19
C SER C 106 33.16 34.49 -60.35
N GLU C 107 33.59 35.34 -61.29
CA GLU C 107 35.02 35.62 -61.43
C GLU C 107 35.47 36.72 -60.46
N GLU C 108 34.51 37.47 -59.90
CA GLU C 108 34.85 38.50 -58.93
C GLU C 108 34.95 37.95 -57.53
N ILE C 109 34.34 36.78 -57.28
CA ILE C 109 34.52 36.09 -56.01
C ILE C 109 35.91 35.45 -55.96
N ASP C 110 36.39 34.96 -57.12
CA ASP C 110 37.61 34.17 -57.20
C ASP C 110 38.87 35.03 -57.03
N ILE C 111 38.78 36.31 -57.41
CA ILE C 111 39.93 37.19 -57.20
C ILE C 111 39.99 37.64 -55.74
N LEU C 112 38.85 38.01 -55.16
CA LEU C 112 38.84 38.62 -53.83
C LEU C 112 39.00 37.59 -52.71
N LEU C 113 38.78 36.31 -53.00
CA LEU C 113 38.96 35.29 -51.96
C LEU C 113 40.42 34.87 -51.84
N ASN C 114 41.17 34.96 -52.95
CA ASN C 114 42.57 34.57 -52.95
C ASN C 114 43.44 35.63 -52.29
N ILE C 115 43.01 36.90 -52.34
CA ILE C 115 43.77 37.98 -51.73
C ILE C 115 43.54 38.00 -50.22
N ALA C 116 42.30 37.73 -49.79
CA ALA C 116 41.94 37.85 -48.38
C ALA C 116 42.42 36.67 -47.54
N LEU C 117 42.78 35.56 -48.18
CA LEU C 117 43.34 34.41 -47.48
C LEU C 117 44.86 34.32 -47.61
N SER C 118 45.49 35.29 -48.28
CA SER C 118 46.94 35.31 -48.41
C SER C 118 47.62 36.30 -47.49
N GLY C 119 46.86 37.26 -46.94
CA GLY C 119 47.42 38.22 -46.01
C GLY C 119 48.27 39.30 -46.67
N LYS C 120 47.70 40.03 -47.60
CA LYS C 120 48.42 41.09 -48.31
C LYS C 120 48.25 42.44 -47.63
N PHE C 121 47.03 42.79 -47.24
CA PHE C 121 46.73 44.10 -46.68
C PHE C 121 46.55 44.08 -45.16
N GLY C 122 46.80 42.95 -44.51
CA GLY C 122 46.71 42.87 -43.07
C GLY C 122 45.51 42.05 -42.62
N ASN C 123 45.23 42.17 -41.32
CA ASN C 123 44.14 41.40 -40.71
C ASN C 123 42.82 42.16 -40.75
N ALA C 124 42.87 43.49 -40.58
CA ALA C 124 41.64 44.26 -40.46
C ALA C 124 40.99 44.51 -41.82
N VAL C 125 41.77 44.43 -42.90
CA VAL C 125 41.22 44.64 -44.23
C VAL C 125 40.57 43.36 -44.74
N ASN C 126 41.19 42.20 -44.48
CA ASN C 126 40.77 40.95 -45.09
C ASN C 126 39.55 40.36 -44.38
N THR C 127 39.30 40.75 -43.13
CA THR C 127 38.11 40.26 -42.44
C THR C 127 36.87 41.04 -42.87
N ARG C 128 37.03 42.29 -43.29
CA ARG C 128 35.88 43.09 -43.71
C ARG C 128 35.40 42.73 -45.11
N ILE C 129 36.23 42.04 -45.90
CA ILE C 129 35.80 41.56 -47.21
C ILE C 129 34.87 40.36 -47.06
N LEU C 130 35.23 39.44 -46.15
CA LEU C 130 34.56 38.16 -46.00
C LEU C 130 33.20 38.26 -45.31
N LYS C 131 32.90 39.38 -44.65
CA LYS C 131 31.64 39.52 -43.92
C LYS C 131 30.48 39.89 -44.84
N CYS C 132 30.74 40.67 -45.89
CA CYS C 132 29.68 41.39 -46.58
C CYS C 132 29.52 40.97 -48.05
N MET C 133 30.16 39.88 -48.46
CA MET C 133 30.01 39.44 -49.85
C MET C 133 28.71 38.67 -50.04
N ILE C 134 27.96 39.04 -51.08
CA ILE C 134 26.74 38.36 -51.48
C ILE C 134 26.87 38.01 -52.96
N PRO C 135 26.97 36.73 -53.33
CA PRO C 135 26.99 36.37 -54.76
C PRO C 135 25.59 36.34 -55.36
N ALA C 136 25.55 36.53 -56.67
CA ALA C 136 24.30 36.51 -57.42
C ALA C 136 24.19 35.34 -58.40
N THR C 137 25.30 34.72 -58.78
CA THR C 137 25.32 33.58 -59.69
C THR C 137 25.85 32.35 -58.95
N VAL C 138 26.08 31.28 -59.71
CA VAL C 138 26.63 30.06 -59.11
C VAL C 138 28.12 30.25 -58.85
N ILE C 139 28.63 29.46 -57.89
CA ILE C 139 30.02 29.52 -57.45
C ILE C 139 30.69 28.25 -57.91
N SER C 140 31.78 28.38 -58.66
CA SER C 140 32.51 27.23 -59.18
C SER C 140 33.29 26.52 -58.07
N GLU C 141 33.52 25.23 -58.26
CA GLU C 141 34.25 24.42 -57.29
C GLU C 141 35.76 24.61 -57.39
N ASP C 142 36.25 25.21 -58.48
CA ASP C 142 37.68 25.49 -58.62
C ASP C 142 38.12 26.65 -57.73
N SER C 143 37.19 27.53 -57.37
CA SER C 143 37.47 28.56 -56.38
C SER C 143 37.60 27.98 -54.98
N VAL C 144 36.92 26.86 -54.72
CA VAL C 144 37.00 26.20 -53.42
C VAL C 144 38.31 25.43 -53.30
N VAL C 145 38.82 24.93 -54.44
CA VAL C 145 40.07 24.14 -54.49
C VAL C 145 41.28 25.04 -54.24
N LYS C 146 41.29 26.24 -54.83
CA LYS C 146 42.44 27.14 -54.67
C LYS C 146 42.46 27.82 -53.30
N ALA C 147 41.28 28.00 -52.68
CA ALA C 147 41.21 28.74 -51.42
C ALA C 147 41.69 27.91 -50.24
N VAL C 148 41.66 26.58 -50.37
CA VAL C 148 42.31 25.72 -49.40
C VAL C 148 43.83 25.82 -49.56
N SER C 149 44.31 25.98 -50.79
CA SER C 149 45.74 26.01 -51.06
C SER C 149 46.37 27.33 -50.66
N TRP C 150 45.58 28.41 -50.59
CA TRP C 150 46.10 29.63 -49.97
C TRP C 150 46.13 29.54 -48.45
N LEU C 151 45.26 28.70 -47.87
CA LEU C 151 45.33 28.43 -46.44
C LEU C 151 46.41 27.43 -46.09
N CYS C 152 46.89 26.67 -47.08
CA CYS C 152 48.04 25.77 -46.89
C CYS C 152 49.37 26.50 -46.94
N VAL C 153 49.40 27.77 -47.34
CA VAL C 153 50.64 28.55 -47.33
C VAL C 153 51.02 28.90 -45.90
N GLY C 154 50.07 29.38 -45.10
CA GLY C 154 50.31 29.68 -43.72
C GLY C 154 50.47 31.15 -43.38
N LYS C 155 50.10 32.05 -44.29
CA LYS C 155 50.16 33.48 -44.05
C LYS C 155 48.80 34.06 -43.67
N CYS C 156 47.97 33.28 -43.00
CA CYS C 156 46.63 33.68 -42.62
C CYS C 156 46.49 33.67 -41.11
N SER C 157 45.61 34.54 -40.60
CA SER C 157 45.42 34.70 -39.18
C SER C 157 44.34 33.74 -38.68
N GLY C 158 43.94 33.90 -37.42
CA GLY C 158 42.95 33.02 -36.82
C GLY C 158 41.52 33.44 -37.06
N SER C 159 41.25 34.74 -36.96
CA SER C 159 39.87 35.23 -37.13
C SER C 159 39.48 35.33 -38.61
N THR C 160 40.46 35.32 -39.51
CA THR C 160 40.17 35.32 -40.94
C THR C 160 39.71 33.92 -41.37
N LYS C 161 40.20 32.88 -40.70
CA LYS C 161 39.76 31.52 -40.97
C LYS C 161 38.38 31.22 -40.41
N VAL C 162 37.90 32.03 -39.46
CA VAL C 162 36.54 31.89 -38.94
C VAL C 162 35.54 32.38 -39.99
N LEU C 163 35.81 33.54 -40.57
CA LEU C 163 34.88 34.15 -41.53
C LEU C 163 34.94 33.48 -42.89
N PHE C 164 36.02 32.77 -43.20
CA PHE C 164 36.03 31.92 -44.39
C PHE C 164 35.17 30.68 -44.19
N TYR C 165 35.17 30.13 -42.98
CA TYR C 165 34.39 28.92 -42.70
C TYR C 165 32.91 29.24 -42.52
N ARG C 166 32.58 30.46 -42.10
CA ARG C 166 31.18 30.86 -42.01
C ARG C 166 30.61 31.24 -43.36
N TRP C 167 31.48 31.54 -44.34
CA TRP C 167 31.02 31.82 -45.69
C TRP C 167 30.62 30.53 -46.41
N LEU C 168 31.29 29.43 -46.09
CA LEU C 168 30.96 28.15 -46.74
C LEU C 168 29.72 27.51 -46.11
N VAL C 169 29.35 27.91 -44.90
CA VAL C 169 28.12 27.43 -44.30
C VAL C 169 26.90 28.07 -44.95
N ALA C 170 26.91 29.41 -45.08
CA ALA C 170 25.73 30.13 -45.55
C ALA C 170 25.55 30.03 -47.06
N MET C 171 26.66 29.89 -47.80
CA MET C 171 26.61 29.75 -49.25
C MET C 171 26.77 28.29 -49.69
N PHE C 172 26.29 27.35 -48.89
CA PHE C 172 26.39 25.94 -49.26
C PHE C 172 25.35 25.55 -50.30
N ASP C 173 24.15 26.12 -50.22
CA ASP C 173 23.06 25.76 -51.10
C ASP C 173 23.12 26.43 -52.47
N PHE C 174 24.02 27.41 -52.65
CA PHE C 174 24.18 28.10 -53.93
C PHE C 174 25.24 27.46 -54.81
N ILE C 175 25.80 26.32 -54.40
CA ILE C 175 26.81 25.59 -55.17
C ILE C 175 26.24 24.23 -55.56
N ASP C 176 26.17 23.98 -56.86
CA ASP C 176 25.67 22.70 -57.37
C ASP C 176 26.79 21.79 -57.89
N ARG C 177 28.05 22.19 -57.74
CA ARG C 177 29.20 21.36 -58.10
C ARG C 177 29.88 20.91 -56.81
N LYS C 178 29.55 19.70 -56.35
CA LYS C 178 30.08 19.16 -55.11
C LYS C 178 31.00 17.96 -55.36
N GLU C 179 31.72 17.98 -56.47
CA GLU C 179 32.66 16.91 -56.79
C GLU C 179 34.02 17.15 -56.16
N GLN C 180 34.64 18.30 -56.47
CA GLN C 180 35.98 18.59 -55.97
C GLN C 180 35.98 19.11 -54.54
N ILE C 181 34.81 19.52 -54.03
CA ILE C 181 34.70 19.90 -52.63
C ILE C 181 34.72 18.66 -51.74
N ASN C 182 34.10 17.57 -52.22
CA ASN C 182 34.17 16.30 -51.50
C ASN C 182 35.53 15.61 -51.64
N LEU C 183 36.32 15.98 -52.65
CA LEU C 183 37.67 15.43 -52.79
C LEU C 183 38.69 16.13 -51.91
N LEU C 184 38.33 17.25 -51.28
CA LEU C 184 39.18 17.91 -50.29
C LEU C 184 38.82 17.53 -48.87
N TYR C 185 38.28 16.34 -48.65
CA TYR C 185 37.76 15.96 -47.33
C TYR C 185 38.90 15.55 -46.39
N GLY C 186 40.05 15.16 -46.94
CA GLY C 186 41.19 14.84 -46.10
C GLY C 186 41.86 16.08 -45.52
N PHE C 187 41.83 17.20 -46.27
CA PHE C 187 42.26 18.47 -45.70
C PHE C 187 41.19 19.05 -44.79
N PHE C 188 39.92 18.70 -45.01
CA PHE C 188 38.85 19.20 -44.15
C PHE C 188 38.79 18.48 -42.81
N PHE C 189 39.25 17.23 -42.74
CA PHE C 189 39.37 16.55 -41.46
C PHE C 189 40.61 17.00 -40.68
N ALA C 190 41.67 17.39 -41.37
CA ALA C 190 42.94 17.70 -40.74
C ALA C 190 43.02 19.12 -40.18
N SER C 191 41.94 19.90 -40.22
CA SER C 191 41.87 21.18 -39.53
C SER C 191 41.30 21.08 -38.13
N LEU C 192 41.16 19.86 -37.60
CA LEU C 192 40.71 19.63 -36.22
C LEU C 192 41.83 19.72 -35.20
N GLN C 193 43.08 19.94 -35.64
CA GLN C 193 44.16 20.17 -34.70
C GLN C 193 44.08 21.56 -34.08
N ASP C 194 43.46 22.51 -34.76
CA ASP C 194 43.19 23.83 -34.19
C ASP C 194 41.91 23.74 -33.35
N ASP C 195 42.02 24.13 -32.08
CA ASP C 195 40.88 24.02 -31.16
C ASP C 195 39.90 25.18 -31.30
N ALA C 196 40.35 26.34 -31.80
CA ALA C 196 39.45 27.48 -31.93
C ALA C 196 38.53 27.40 -33.13
N LEU C 197 38.89 26.59 -34.14
CA LEU C 197 38.08 26.42 -35.33
C LEU C 197 37.17 25.20 -35.25
N CYS C 198 37.09 24.54 -34.09
CA CYS C 198 36.52 23.20 -34.00
C CYS C 198 34.98 23.10 -34.16
N PRO C 199 34.13 24.06 -33.71
CA PRO C 199 32.74 24.01 -34.24
C PRO C 199 32.60 24.46 -35.69
N TYR C 200 33.58 25.19 -36.22
CA TYR C 200 33.46 25.69 -37.59
C TYR C 200 33.90 24.63 -38.60
N VAL C 201 34.78 23.72 -38.19
CA VAL C 201 35.21 22.64 -39.07
C VAL C 201 34.15 21.55 -39.14
N CYS C 202 33.54 21.21 -37.99
CA CYS C 202 32.65 20.05 -37.90
C CYS C 202 31.27 20.29 -38.52
N HIS C 203 30.90 21.55 -38.76
CA HIS C 203 29.69 21.80 -39.56
C HIS C 203 29.98 21.62 -41.04
N LEU C 204 31.21 21.90 -41.47
CA LEU C 204 31.61 21.59 -42.85
C LEU C 204 31.84 20.10 -43.04
N LEU C 205 32.21 19.38 -41.97
CA LEU C 205 32.34 17.93 -42.05
C LEU C 205 31.00 17.22 -42.06
N TYR C 206 29.95 17.85 -41.56
CA TYR C 206 28.61 17.27 -41.57
C TYR C 206 27.99 17.27 -42.96
N LEU C 207 28.19 18.34 -43.72
CA LEU C 207 27.51 18.51 -45.00
C LEU C 207 28.23 17.85 -46.16
N LEU C 208 29.42 17.28 -45.94
CA LEU C 208 30.24 16.74 -47.01
C LEU C 208 30.60 15.28 -46.79
N THR C 209 29.82 14.55 -46.00
CA THR C 209 30.15 13.18 -45.65
C THR C 209 29.35 12.21 -46.52
N LYS C 210 30.04 11.24 -47.13
CA LYS C 210 29.45 10.17 -47.90
C LYS C 210 29.73 8.84 -47.20
N LYS C 211 29.42 7.74 -47.89
CA LYS C 211 29.66 6.41 -47.34
C LYS C 211 31.15 6.07 -47.34
N GLU C 212 31.87 6.49 -48.39
CA GLU C 212 33.31 6.24 -48.46
C GLU C 212 34.13 7.17 -47.59
N ASN C 213 33.54 8.28 -47.12
CA ASN C 213 34.26 9.21 -46.25
C ASN C 213 34.28 8.76 -44.80
N VAL C 214 33.43 7.82 -44.41
CA VAL C 214 33.44 7.29 -43.05
C VAL C 214 34.56 6.27 -42.96
N LYS C 215 35.62 6.61 -42.24
CA LYS C 215 36.84 5.83 -42.15
C LYS C 215 37.14 5.46 -40.70
N PRO C 216 37.73 4.27 -40.44
CA PRO C 216 37.84 3.82 -39.04
C PRO C 216 38.93 4.52 -38.22
N PHE C 217 39.89 5.19 -38.86
CA PHE C 217 40.83 6.00 -38.09
C PHE C 217 40.22 7.34 -37.72
N ARG C 218 39.21 7.78 -38.48
CA ARG C 218 38.48 8.99 -38.14
C ARG C 218 37.44 8.72 -37.07
N VAL C 219 37.06 7.47 -36.88
CA VAL C 219 36.40 7.04 -35.66
C VAL C 219 37.34 7.16 -34.47
N ARG C 220 38.61 6.79 -34.68
CA ARG C 220 39.59 6.62 -33.60
C ARG C 220 40.07 7.97 -33.06
N LYS C 221 40.16 8.98 -33.92
CA LYS C 221 40.61 10.30 -33.47
C LYS C 221 39.51 11.04 -32.72
N LEU C 222 38.25 10.87 -33.15
CA LEU C 222 37.15 11.59 -32.52
C LEU C 222 36.73 10.94 -31.21
N LEU C 223 37.05 9.66 -31.02
CA LEU C 223 36.90 9.06 -29.69
C LEU C 223 38.02 9.52 -28.75
N ASP C 224 39.19 9.87 -29.31
CA ASP C 224 40.25 10.43 -28.48
C ASP C 224 39.96 11.88 -28.14
N LEU C 225 39.27 12.61 -29.01
CA LEU C 225 38.89 13.99 -28.70
C LEU C 225 37.70 14.03 -27.75
N GLN C 226 36.90 12.95 -27.70
CA GLN C 226 35.86 12.83 -26.70
C GLN C 226 36.43 12.58 -25.32
N ALA C 227 37.55 11.85 -25.25
CA ALA C 227 38.18 11.53 -23.97
C ALA C 227 39.00 12.68 -23.40
N LYS C 228 39.50 13.59 -24.24
CA LYS C 228 40.33 14.69 -23.77
C LYS C 228 39.50 15.90 -23.33
N MET C 229 38.71 16.47 -24.24
CA MET C 229 38.00 17.70 -23.99
C MET C 229 36.49 17.50 -23.84
N GLY C 230 36.04 16.27 -23.66
CA GLY C 230 34.71 16.01 -23.16
C GLY C 230 33.60 16.08 -24.20
N MET C 231 32.39 16.27 -23.68
CA MET C 231 31.18 16.27 -24.49
C MET C 231 30.92 17.66 -25.05
N GLN C 232 30.93 17.78 -26.36
CA GLN C 232 30.62 19.00 -27.09
C GLN C 232 29.55 18.70 -28.13
N PRO C 233 28.62 19.62 -28.38
CA PRO C 233 27.50 19.28 -29.29
C PRO C 233 27.86 19.29 -30.76
N HIS C 234 29.03 19.82 -31.15
CA HIS C 234 29.43 19.71 -32.55
C HIS C 234 30.15 18.38 -32.80
N LEU C 235 30.68 17.75 -31.75
CA LEU C 235 31.34 16.46 -31.91
C LEU C 235 30.36 15.30 -31.75
N GLN C 236 29.32 15.47 -30.95
CA GLN C 236 28.32 14.42 -30.80
C GLN C 236 27.39 14.38 -32.00
N ALA C 237 27.19 15.51 -32.68
CA ALA C 237 26.35 15.50 -33.88
C ALA C 237 27.10 14.97 -35.09
N LEU C 238 28.43 15.07 -35.08
CA LEU C 238 29.22 14.51 -36.16
C LEU C 238 29.29 12.99 -36.05
N LEU C 239 29.31 12.47 -34.82
CA LEU C 239 29.27 11.03 -34.62
C LEU C 239 27.85 10.48 -34.77
N SER C 240 26.84 11.34 -34.68
CA SER C 240 25.45 10.91 -34.90
C SER C 240 25.19 10.66 -36.38
N LEU C 241 25.87 11.41 -37.26
CA LEU C 241 25.78 11.11 -38.69
C LEU C 241 26.60 9.88 -39.04
N TYR C 242 27.67 9.62 -38.29
CA TYR C 242 28.49 8.44 -38.52
C TYR C 242 27.80 7.16 -38.08
N LYS C 243 26.91 7.25 -37.08
CA LYS C 243 26.03 6.14 -36.77
C LYS C 243 24.84 6.08 -37.72
N PHE C 244 24.54 7.19 -38.40
CA PHE C 244 23.50 7.20 -39.43
C PHE C 244 24.02 6.63 -40.74
N PHE C 245 25.34 6.63 -40.95
CA PHE C 245 25.92 6.10 -42.18
C PHE C 245 26.55 4.72 -42.02
N ALA C 246 27.43 4.53 -41.04
CA ALA C 246 28.11 3.25 -40.86
C ALA C 246 28.15 2.92 -39.37
N PRO C 247 27.16 2.15 -38.87
CA PRO C 247 27.15 1.80 -37.44
C PRO C 247 28.16 0.73 -37.04
N ALA C 248 28.70 -0.03 -38.00
CA ALA C 248 29.58 -1.14 -37.67
C ALA C 248 31.00 -0.71 -37.32
N LEU C 249 31.39 0.52 -37.65
CA LEU C 249 32.75 0.97 -37.40
C LEU C 249 32.94 1.60 -36.03
N ILE C 250 31.86 1.90 -35.30
CA ILE C 250 31.93 2.54 -34.00
C ILE C 250 31.45 1.55 -32.95
N SER C 251 32.28 1.30 -31.94
CA SER C 251 31.92 0.43 -30.83
C SER C 251 31.33 1.18 -29.65
N VAL C 252 31.21 2.50 -29.73
CA VAL C 252 30.68 3.33 -28.65
C VAL C 252 29.30 3.80 -29.04
N SER C 253 28.29 3.35 -28.31
CA SER C 253 26.91 3.69 -28.59
C SER C 253 26.58 5.09 -28.06
N LEU C 254 25.64 5.76 -28.73
CA LEU C 254 25.28 7.14 -28.48
C LEU C 254 23.82 7.25 -28.01
N PRO C 255 23.48 8.29 -27.24
CA PRO C 255 22.06 8.55 -26.96
C PRO C 255 21.33 9.09 -28.18
N VAL C 256 20.01 8.96 -28.14
CA VAL C 256 19.14 9.30 -29.28
C VAL C 256 18.19 10.42 -28.92
N ARG C 257 18.64 11.33 -28.06
CA ARG C 257 17.77 12.34 -27.49
C ARG C 257 17.50 13.48 -28.47
N LYS C 258 16.41 14.20 -28.21
CA LYS C 258 15.94 15.26 -29.10
C LYS C 258 16.80 16.50 -28.94
N LYS C 259 17.69 16.72 -29.91
CA LYS C 259 18.59 17.86 -29.94
C LYS C 259 18.52 18.45 -31.35
N ILE C 260 18.73 19.77 -31.44
CA ILE C 260 18.67 20.44 -32.74
C ILE C 260 19.95 20.22 -33.55
N TYR C 261 21.05 19.83 -32.88
CA TYR C 261 22.38 19.37 -33.32
C TYR C 261 23.28 20.43 -33.95
N PHE C 262 22.73 21.56 -34.40
CA PHE C 262 23.40 22.53 -35.27
C PHE C 262 22.56 23.81 -35.35
N LYS C 263 22.96 24.70 -36.26
CA LYS C 263 22.09 25.78 -36.71
C LYS C 263 21.02 25.21 -37.65
N ASN C 264 19.76 25.36 -37.26
CA ASN C 264 18.64 24.86 -38.05
C ASN C 264 17.40 25.71 -37.75
N SER C 265 16.23 25.19 -38.14
CA SER C 265 14.87 25.72 -37.90
C SER C 265 14.64 27.10 -38.50
N GLU C 266 15.30 27.39 -39.64
CA GLU C 266 15.13 28.55 -40.52
C GLU C 266 15.36 29.88 -39.81
N ASN C 267 16.63 30.13 -39.44
CA ASN C 267 17.00 31.34 -38.72
C ASN C 267 18.03 32.16 -39.50
N LEU C 268 17.76 32.38 -40.79
CA LEU C 268 18.71 33.06 -41.66
C LEU C 268 18.76 34.57 -41.42
N TRP C 269 17.70 35.15 -40.85
CA TRP C 269 17.78 36.55 -40.47
C TRP C 269 18.54 36.72 -39.16
N LYS C 270 18.48 35.70 -38.30
CA LYS C 270 19.26 35.72 -37.06
C LYS C 270 20.73 35.43 -37.32
N THR C 271 21.04 34.75 -38.43
CA THR C 271 22.42 34.53 -38.81
C THR C 271 23.05 35.81 -39.35
N ALA C 272 22.26 36.61 -40.09
CA ALA C 272 22.79 37.83 -40.70
C ALA C 272 22.92 38.97 -39.69
N LEU C 273 22.13 38.95 -38.61
CA LEU C 273 22.30 39.94 -37.56
C LEU C 273 23.51 39.63 -36.69
N LEU C 274 23.86 38.35 -36.58
CA LEU C 274 25.06 37.96 -35.83
C LEU C 274 26.28 37.81 -36.74
N ALA C 275 26.18 38.19 -38.00
CA ALA C 275 27.31 38.17 -38.91
C ALA C 275 28.12 39.46 -38.89
N VAL C 276 27.62 40.50 -38.21
CA VAL C 276 28.34 41.78 -38.19
C VAL C 276 29.49 41.72 -37.19
N LYS C 277 29.17 41.53 -35.90
CA LYS C 277 30.21 41.35 -34.88
C LYS C 277 29.63 40.44 -33.78
N GLN C 278 29.82 39.14 -33.97
CA GLN C 278 29.48 38.04 -33.07
C GLN C 278 30.17 36.79 -33.58
N ARG C 279 30.77 36.02 -32.64
CA ARG C 279 31.49 34.74 -32.77
C ARG C 279 32.49 34.64 -33.91
N ASN C 280 33.17 35.76 -34.21
CA ASN C 280 34.16 35.85 -35.27
C ASN C 280 35.52 36.27 -34.74
N ARG C 281 35.80 35.94 -33.48
CA ARG C 281 37.06 36.33 -32.86
C ARG C 281 37.74 35.17 -32.13
N GLY C 282 37.24 33.94 -32.27
CA GLY C 282 37.74 32.85 -31.46
C GLY C 282 36.63 32.02 -30.84
N ASN C 334 21.98 -9.54 -58.41
CA ASN C 334 23.25 -10.22 -58.16
C ASN C 334 23.59 -10.28 -56.68
N ARG C 335 23.07 -9.37 -55.87
CA ARG C 335 23.34 -9.36 -54.45
C ARG C 335 22.44 -10.36 -53.74
N SER C 336 23.06 -11.30 -53.03
CA SER C 336 22.34 -12.32 -52.27
C SER C 336 22.19 -11.94 -50.80
N GLY C 337 22.48 -10.71 -50.44
CA GLY C 337 22.38 -10.27 -49.06
C GLY C 337 20.99 -9.77 -48.69
N SER C 338 20.93 -8.65 -47.97
CA SER C 338 19.66 -8.09 -47.53
C SER C 338 19.70 -6.57 -47.64
N PHE C 339 18.52 -5.98 -47.80
CA PHE C 339 18.18 -4.57 -47.92
C PHE C 339 17.59 -4.06 -46.62
N PRO C 340 17.99 -2.87 -46.14
CA PRO C 340 17.46 -2.37 -44.85
C PRO C 340 16.04 -1.86 -44.96
N LEU C 341 15.27 -2.11 -43.89
CA LEU C 341 13.83 -1.83 -43.89
C LEU C 341 13.55 -0.33 -43.73
N GLU C 342 14.47 0.43 -43.13
CA GLU C 342 14.25 1.85 -42.91
C GLU C 342 14.47 2.69 -44.17
N GLN C 343 15.02 2.13 -45.24
CA GLN C 343 15.19 2.85 -46.49
C GLN C 343 14.01 2.72 -47.45
N LEU C 344 12.91 2.12 -46.99
CA LEU C 344 11.67 2.08 -47.77
C LEU C 344 10.84 3.30 -47.42
N GLN C 345 10.86 4.31 -48.30
CA GLN C 345 10.15 5.55 -48.02
C GLN C 345 8.75 5.58 -48.62
N SER C 346 8.56 4.95 -49.77
CA SER C 346 7.30 5.08 -50.50
C SER C 346 7.03 3.79 -51.26
N PHE C 347 6.13 3.87 -52.25
CA PHE C 347 5.70 2.67 -52.98
C PHE C 347 6.72 2.07 -53.95
N PRO C 348 7.42 2.81 -54.86
CA PRO C 348 8.29 2.09 -55.82
C PRO C 348 9.63 1.62 -55.27
N GLN C 349 9.95 1.89 -54.01
CA GLN C 349 11.20 1.36 -53.44
C GLN C 349 11.05 -0.12 -53.07
N LEU C 350 9.83 -0.57 -52.79
CA LEU C 350 9.61 -1.99 -52.53
C LEU C 350 9.34 -2.76 -53.82
N LEU C 351 8.96 -2.04 -54.90
CA LEU C 351 8.69 -2.70 -56.17
C LEU C 351 9.98 -3.10 -56.88
N GLN C 352 11.09 -2.42 -56.60
CA GLN C 352 12.37 -2.75 -57.19
C GLN C 352 13.11 -3.83 -56.40
N ASN C 353 12.82 -3.96 -55.10
CA ASN C 353 13.52 -4.89 -54.22
C ASN C 353 12.47 -5.62 -53.38
N ILE C 354 11.99 -6.75 -53.90
CA ILE C 354 11.11 -7.63 -53.14
C ILE C 354 11.79 -8.99 -52.87
N HIS C 355 12.77 -9.39 -53.69
CA HIS C 355 13.44 -10.66 -53.53
C HIS C 355 14.53 -10.63 -52.46
N CYS C 356 14.91 -9.45 -51.96
CA CYS C 356 15.85 -9.31 -50.85
C CYS C 356 15.24 -8.34 -49.84
N LEU C 357 14.59 -8.89 -48.82
CA LEU C 357 13.97 -8.10 -47.76
C LEU C 357 14.25 -8.80 -46.45
N GLU C 358 14.84 -8.07 -45.49
CA GLU C 358 15.30 -8.67 -44.25
C GLU C 358 14.15 -8.77 -43.25
N LEU C 359 14.44 -9.32 -42.07
CA LEU C 359 13.48 -9.47 -41.00
C LEU C 359 13.66 -8.38 -39.96
N PRO C 360 12.59 -7.77 -39.47
CA PRO C 360 12.73 -6.67 -38.50
C PRO C 360 13.02 -7.18 -37.09
N SER C 361 13.25 -6.21 -36.19
CA SER C 361 13.58 -6.51 -34.80
C SER C 361 12.35 -6.80 -33.94
N GLN C 362 11.15 -6.57 -34.46
CA GLN C 362 9.92 -6.85 -33.73
C GLN C 362 8.82 -7.13 -34.74
N MET C 363 7.76 -7.82 -34.28
CA MET C 363 6.62 -8.10 -35.14
C MET C 363 5.48 -7.12 -34.94
N GLY C 364 5.67 -6.12 -34.06
CA GLY C 364 4.65 -5.10 -33.89
C GLY C 364 4.69 -4.03 -34.96
N SER C 365 5.78 -3.95 -35.70
CA SER C 365 5.91 -2.97 -36.78
C SER C 365 5.34 -3.46 -38.09
N VAL C 366 4.87 -4.72 -38.14
CA VAL C 366 4.20 -5.24 -39.33
C VAL C 366 2.82 -4.61 -39.49
N LEU C 367 2.13 -4.38 -38.37
CA LEU C 367 0.83 -3.72 -38.40
C LEU C 367 0.94 -2.21 -38.60
N ASN C 368 2.11 -1.63 -38.35
CA ASN C 368 2.29 -0.19 -38.50
C ASN C 368 2.43 0.20 -39.97
N ASN C 369 3.17 -0.60 -40.75
CA ASN C 369 3.47 -0.27 -42.13
C ASN C 369 2.55 -1.08 -43.04
N SER C 370 1.96 -0.40 -44.03
CA SER C 370 1.18 -1.09 -45.05
C SER C 370 2.08 -1.72 -46.12
N LEU C 371 3.35 -1.30 -46.20
CA LEU C 371 4.28 -1.92 -47.13
C LEU C 371 4.73 -3.28 -46.64
N LEU C 372 4.73 -3.49 -45.32
CA LEU C 372 5.00 -4.81 -44.76
C LEU C 372 3.78 -5.73 -44.85
N LEU C 373 2.59 -5.17 -45.06
CA LEU C 373 1.40 -6.00 -45.23
C LEU C 373 1.35 -6.63 -46.62
N HIS C 374 2.06 -6.03 -47.60
CA HIS C 374 2.23 -6.66 -48.90
C HIS C 374 3.20 -7.83 -48.86
N TYR C 375 4.10 -7.87 -47.87
CA TYR C 375 5.05 -8.97 -47.74
C TYR C 375 4.39 -10.23 -47.19
N ILE C 376 3.36 -10.07 -46.36
CA ILE C 376 2.65 -11.21 -45.77
C ILE C 376 1.74 -11.89 -46.78
N ASN C 377 1.31 -11.17 -47.83
CA ASN C 377 0.38 -11.68 -48.84
C ASN C 377 1.00 -12.73 -49.76
N CYS C 378 2.32 -12.77 -49.90
CA CYS C 378 2.96 -13.62 -50.88
C CYS C 378 4.06 -14.51 -50.30
N VAL C 379 4.22 -14.54 -48.98
CA VAL C 379 5.23 -15.36 -48.32
C VAL C 379 4.52 -16.38 -47.44
N ARG C 380 4.79 -17.66 -47.66
CA ARG C 380 4.17 -18.74 -46.92
C ARG C 380 5.27 -19.47 -46.16
N ASP C 381 6.10 -18.71 -45.44
CA ASP C 381 7.12 -19.29 -44.59
C ASP C 381 6.54 -19.58 -43.20
N GLU C 382 7.03 -20.66 -42.60
CA GLU C 382 6.57 -21.11 -41.29
C GLU C 382 7.08 -20.30 -40.07
N PRO C 383 8.38 -19.94 -39.86
CA PRO C 383 8.68 -19.21 -38.62
C PRO C 383 8.37 -17.72 -38.67
N VAL C 384 7.95 -17.19 -39.82
CA VAL C 384 7.54 -15.78 -39.86
C VAL C 384 6.06 -15.66 -39.46
N LEU C 385 5.34 -16.78 -39.45
CA LEU C 385 3.94 -16.76 -39.01
C LEU C 385 3.81 -17.22 -37.56
N LEU C 386 4.76 -18.01 -37.07
CA LEU C 386 4.69 -18.48 -35.68
C LEU C 386 5.16 -17.39 -34.71
N ARG C 387 6.11 -16.55 -35.13
CA ARG C 387 6.54 -15.45 -34.28
C ARG C 387 5.52 -14.32 -34.27
N PHE C 388 4.71 -14.22 -35.33
CA PHE C 388 3.60 -13.27 -35.32
C PHE C 388 2.44 -13.81 -34.48
N TYR C 389 2.36 -15.14 -34.34
CA TYR C 389 1.41 -15.74 -33.41
C TYR C 389 1.83 -15.53 -31.96
N TYR C 390 3.14 -15.50 -31.71
CA TYR C 390 3.63 -15.44 -30.33
C TYR C 390 3.58 -14.03 -29.77
N TRP C 391 3.51 -13.02 -30.65
CA TRP C 391 3.44 -11.64 -30.18
C TRP C 391 1.99 -11.21 -29.92
N LEU C 392 1.11 -11.39 -30.91
CA LEU C 392 -0.22 -10.79 -30.86
C LEU C 392 -1.19 -11.57 -29.96
N SER C 393 -0.87 -12.83 -29.65
CA SER C 393 -1.64 -13.53 -28.62
C SER C 393 -1.31 -13.01 -27.23
N GLN C 394 -0.08 -12.53 -27.02
CA GLN C 394 0.26 -11.89 -25.76
C GLN C 394 -0.21 -10.44 -25.72
N THR C 395 -0.48 -9.85 -26.88
CA THR C 395 -1.00 -8.48 -26.92
C THR C 395 -2.47 -8.43 -26.52
N LEU C 396 -3.27 -9.36 -27.05
CA LEU C 396 -4.69 -9.41 -26.73
C LEU C 396 -4.98 -9.97 -25.33
N GLN C 397 -4.04 -10.67 -24.73
CA GLN C 397 -4.27 -11.26 -23.41
C GLN C 397 -3.96 -10.30 -22.27
N GLU C 398 -2.82 -9.63 -22.32
CA GLU C 398 -2.43 -8.73 -21.23
C GLU C 398 -3.17 -7.39 -21.32
N GLU C 399 -3.31 -6.85 -22.52
CA GLU C 399 -3.89 -5.52 -22.73
C GLU C 399 -5.36 -5.58 -23.13
N CYS C 400 -6.13 -6.50 -22.55
CA CYS C 400 -7.56 -6.61 -22.84
C CYS C 400 -8.36 -5.66 -21.96
N ILE C 401 -9.69 -5.84 -21.97
CA ILE C 401 -10.58 -4.95 -21.23
C ILE C 401 -10.71 -5.37 -19.78
N TRP C 402 -11.11 -6.62 -19.51
CA TRP C 402 -11.45 -7.03 -18.16
C TRP C 402 -10.24 -7.42 -17.31
N TYR C 403 -9.04 -7.43 -17.86
CA TYR C 403 -7.83 -7.65 -17.08
C TYR C 403 -7.26 -6.36 -16.49
N LYS C 404 -7.89 -5.22 -16.75
CA LYS C 404 -7.41 -3.92 -16.31
C LYS C 404 -8.26 -3.39 -15.16
N VAL C 405 -8.03 -2.14 -14.79
CA VAL C 405 -8.67 -1.51 -13.64
C VAL C 405 -9.75 -0.53 -14.11
N ASN C 406 -10.34 -0.85 -15.27
CA ASN C 406 -11.45 -0.15 -15.95
C ASN C 406 -11.08 1.30 -16.27
N ASN C 407 -10.09 1.44 -17.15
CA ASN C 407 -9.66 2.73 -17.67
C ASN C 407 -10.33 2.97 -19.02
N TYR C 408 -10.94 4.15 -19.18
CA TYR C 408 -11.59 4.47 -20.44
C TYR C 408 -10.59 4.90 -21.49
N GLU C 409 -9.41 5.38 -21.09
CA GLU C 409 -8.40 5.81 -22.05
C GLU C 409 -7.67 4.63 -22.65
N HIS C 410 -7.44 3.56 -21.87
CA HIS C 410 -6.82 2.36 -22.42
C HIS C 410 -7.80 1.54 -23.24
N GLY C 411 -9.10 1.68 -22.96
CA GLY C 411 -10.10 1.04 -23.80
C GLY C 411 -10.29 1.73 -25.12
N LYS C 412 -9.98 3.04 -25.20
CA LYS C 412 -10.00 3.75 -26.46
C LYS C 412 -8.80 3.35 -27.32
N GLU C 413 -7.66 3.09 -26.69
CA GLU C 413 -6.49 2.61 -27.42
C GLU C 413 -6.64 1.13 -27.79
N PHE C 414 -7.43 0.38 -27.03
CA PHE C 414 -7.76 -0.99 -27.40
C PHE C 414 -8.78 -1.00 -28.54
N THR C 415 -9.63 0.01 -28.62
CA THR C 415 -10.55 0.16 -29.75
C THR C 415 -9.78 0.59 -31.00
N ASN C 416 -8.74 1.41 -30.82
CA ASN C 416 -7.91 1.84 -31.95
C ASN C 416 -6.98 0.72 -32.40
N PHE C 417 -6.63 -0.21 -31.50
CA PHE C 417 -5.81 -1.35 -31.90
C PHE C 417 -6.63 -2.38 -32.65
N LEU C 418 -7.92 -2.51 -32.33
CA LEU C 418 -8.78 -3.45 -33.05
C LEU C 418 -9.20 -2.91 -34.42
N ASP C 419 -9.07 -1.59 -34.64
CA ASP C 419 -9.31 -1.03 -35.97
C ASP C 419 -8.14 -1.35 -36.91
N THR C 420 -6.95 -1.59 -36.35
CA THR C 420 -5.81 -2.01 -37.16
C THR C 420 -5.96 -3.48 -37.57
N ILE C 421 -6.60 -4.29 -36.72
CA ILE C 421 -6.74 -5.73 -36.97
C ILE C 421 -7.78 -6.00 -38.04
N ILE C 422 -8.90 -5.27 -38.01
CA ILE C 422 -9.99 -5.50 -38.97
C ILE C 422 -9.68 -4.93 -40.36
N ARG C 423 -8.68 -4.06 -40.47
CA ARG C 423 -8.22 -3.65 -41.79
C ARG C 423 -7.10 -4.55 -42.29
N ALA C 424 -6.41 -5.22 -41.37
CA ALA C 424 -5.35 -6.15 -41.78
C ALA C 424 -5.91 -7.51 -42.17
N GLU C 425 -7.02 -7.93 -41.56
CA GLU C 425 -7.65 -9.19 -41.94
C GLU C 425 -8.38 -9.09 -43.27
N CYS C 426 -8.84 -7.88 -43.61
CA CYS C 426 -9.53 -7.70 -44.88
C CYS C 426 -8.54 -7.51 -46.03
N PHE C 427 -7.36 -6.94 -45.75
CA PHE C 427 -6.33 -6.77 -46.76
C PHE C 427 -5.62 -8.09 -47.07
N LEU C 428 -5.54 -8.99 -46.08
CA LEU C 428 -4.93 -10.30 -46.27
C LEU C 428 -5.89 -11.33 -46.85
N GLN C 429 -7.20 -11.16 -46.57
CA GLN C 429 -8.36 -12.04 -46.84
C GLN C 429 -8.31 -13.39 -46.11
N GLU C 430 -7.47 -13.54 -45.09
CA GLU C 430 -7.55 -14.64 -44.14
C GLU C 430 -7.36 -14.08 -42.74
N GLY C 431 -8.07 -14.67 -41.78
CA GLY C 431 -7.91 -14.26 -40.40
C GLY C 431 -6.65 -14.83 -39.78
N PHE C 432 -6.15 -14.14 -38.76
CA PHE C 432 -4.94 -14.55 -38.09
C PHE C 432 -5.22 -15.67 -37.11
N TYR C 433 -4.18 -16.46 -36.81
CA TYR C 433 -4.33 -17.60 -35.93
C TYR C 433 -4.32 -17.16 -34.46
N SER C 434 -3.80 -15.97 -34.18
CA SER C 434 -3.96 -15.37 -32.85
C SER C 434 -5.39 -14.92 -32.59
N CYS C 435 -6.09 -14.48 -33.63
CA CYS C 435 -7.37 -13.80 -33.43
C CYS C 435 -8.51 -14.79 -33.19
N GLU C 436 -8.44 -15.97 -33.82
CA GLU C 436 -9.44 -16.99 -33.54
C GLU C 436 -9.13 -17.76 -32.27
N ALA C 437 -7.88 -17.69 -31.81
CA ALA C 437 -7.53 -18.32 -30.53
C ALA C 437 -7.96 -17.44 -29.36
N PHE C 438 -8.04 -16.12 -29.57
CA PHE C 438 -8.52 -15.23 -28.53
C PHE C 438 -10.04 -15.32 -28.38
N LEU C 439 -10.75 -15.61 -29.48
CA LEU C 439 -12.20 -15.71 -29.41
C LEU C 439 -12.65 -17.06 -28.86
N TYR C 440 -11.74 -18.03 -28.79
CA TYR C 440 -12.02 -19.28 -28.09
C TYR C 440 -12.07 -19.08 -26.58
N LYS C 441 -11.32 -18.10 -26.06
CA LYS C 441 -11.24 -17.84 -24.64
C LYS C 441 -12.04 -16.63 -24.18
N SER C 442 -12.61 -15.85 -25.10
CA SER C 442 -13.34 -14.64 -24.73
C SER C 442 -14.85 -14.74 -24.89
N LEU C 443 -15.33 -15.65 -25.74
CA LEU C 443 -16.77 -15.86 -25.88
C LEU C 443 -17.50 -16.47 -24.66
N PRO C 444 -16.90 -17.31 -23.80
CA PRO C 444 -17.52 -17.48 -22.46
C PRO C 444 -17.42 -16.25 -21.57
N LEU C 445 -16.45 -15.36 -21.79
CA LEU C 445 -16.21 -14.24 -20.90
C LEU C 445 -16.81 -12.93 -21.38
N TRP C 446 -17.60 -12.95 -22.45
CA TRP C 446 -18.19 -11.73 -22.99
C TRP C 446 -19.70 -11.71 -22.72
N ASP C 447 -20.21 -10.51 -22.45
CA ASP C 447 -21.59 -10.35 -22.02
C ASP C 447 -22.53 -9.79 -23.09
N GLY C 448 -22.05 -8.94 -23.99
CA GLY C 448 -22.88 -8.40 -25.06
C GLY C 448 -22.71 -6.92 -25.33
N LEU C 449 -21.90 -6.20 -24.56
CA LEU C 449 -21.65 -4.77 -24.73
C LEU C 449 -20.14 -4.53 -24.66
N CYS C 450 -19.75 -3.26 -24.43
CA CYS C 450 -18.37 -2.77 -24.27
C CYS C 450 -17.53 -3.04 -25.52
N CYS C 451 -17.74 -2.21 -26.55
CA CYS C 451 -17.25 -2.31 -27.94
C CYS C 451 -17.72 -3.62 -28.59
N ARG C 452 -19.06 -3.64 -28.74
CA ARG C 452 -19.76 -4.73 -29.39
C ARG C 452 -19.44 -4.80 -30.88
N SER C 453 -19.28 -3.64 -31.52
CA SER C 453 -19.10 -3.60 -32.98
C SER C 453 -17.69 -4.01 -33.39
N GLN C 454 -16.71 -3.83 -32.49
CA GLN C 454 -15.37 -4.32 -32.79
C GLN C 454 -15.20 -5.79 -32.44
N PHE C 455 -16.10 -6.34 -31.61
CA PHE C 455 -16.02 -7.76 -31.27
C PHE C 455 -16.82 -8.62 -32.25
N LEU C 456 -17.89 -8.07 -32.82
CA LEU C 456 -18.67 -8.82 -33.79
C LEU C 456 -18.10 -8.72 -35.20
N GLN C 457 -17.15 -7.82 -35.43
CA GLN C 457 -16.39 -7.87 -36.67
C GLN C 457 -15.13 -8.71 -36.52
N LEU C 458 -14.76 -9.05 -35.29
CA LEU C 458 -13.63 -9.94 -35.08
C LEU C 458 -14.02 -11.40 -35.33
N VAL C 459 -15.31 -11.71 -35.16
CA VAL C 459 -15.82 -13.05 -35.47
C VAL C 459 -16.20 -13.16 -36.94
N SER C 460 -16.22 -12.04 -37.68
CA SER C 460 -16.68 -12.06 -39.07
C SER C 460 -15.62 -12.54 -40.04
N TRP C 461 -14.33 -12.39 -39.72
CA TRP C 461 -13.28 -12.81 -40.63
C TRP C 461 -12.47 -13.98 -40.09
N ILE C 462 -13.14 -14.97 -39.52
CA ILE C 462 -12.51 -16.23 -39.11
C ILE C 462 -12.50 -17.16 -40.32
N PRO C 463 -11.34 -17.82 -40.65
CA PRO C 463 -11.31 -18.77 -41.78
C PRO C 463 -12.09 -20.05 -41.55
N PHE C 464 -12.14 -20.89 -42.60
CA PHE C 464 -13.00 -22.07 -42.61
C PHE C 464 -12.39 -23.21 -41.80
N SER C 465 -13.24 -23.88 -41.02
CA SER C 465 -12.87 -25.08 -40.28
C SER C 465 -14.02 -26.07 -40.40
N SER C 466 -13.94 -27.15 -39.63
CA SER C 466 -15.02 -28.13 -39.59
C SER C 466 -16.20 -27.59 -38.78
N PHE C 467 -17.38 -28.17 -39.02
CA PHE C 467 -18.58 -27.70 -38.33
C PHE C 467 -18.64 -28.18 -36.89
N SER C 468 -18.05 -29.35 -36.60
CA SER C 468 -18.13 -29.90 -35.25
C SER C 468 -17.13 -29.25 -34.29
N GLU C 469 -16.17 -28.47 -34.80
CA GLU C 469 -15.22 -27.79 -33.94
C GLU C 469 -15.71 -26.41 -33.55
N VAL C 470 -16.48 -25.75 -34.43
CA VAL C 470 -16.97 -24.40 -34.18
C VAL C 470 -18.09 -24.38 -33.15
N LYS C 471 -19.06 -25.29 -33.26
CA LYS C 471 -20.27 -25.32 -32.42
C LYS C 471 -20.14 -25.53 -30.90
N PRO C 472 -19.07 -26.17 -30.27
CA PRO C 472 -18.98 -26.03 -28.81
C PRO C 472 -18.28 -24.75 -28.36
N LEU C 473 -17.48 -24.17 -29.25
CA LEU C 473 -16.65 -23.03 -28.87
C LEU C 473 -17.23 -21.70 -29.29
N LEU C 474 -18.00 -21.67 -30.38
CA LEU C 474 -18.62 -20.43 -30.84
C LEU C 474 -20.14 -20.48 -30.78
N PHE C 475 -20.77 -21.49 -31.38
CA PHE C 475 -22.22 -21.42 -31.64
C PHE C 475 -23.04 -21.77 -30.40
N ASP C 476 -22.46 -22.42 -29.41
CA ASP C 476 -23.14 -22.54 -28.12
C ASP C 476 -23.08 -21.23 -27.35
N HIS C 477 -21.94 -20.55 -27.37
CA HIS C 477 -21.79 -19.32 -26.61
C HIS C 477 -22.34 -18.12 -27.36
N LEU C 478 -22.57 -18.24 -28.67
CA LEU C 478 -23.29 -17.20 -29.39
C LEU C 478 -24.78 -17.28 -29.11
N ALA C 479 -25.33 -18.49 -29.05
CA ALA C 479 -26.77 -18.67 -28.88
C ALA C 479 -27.23 -18.44 -27.44
N GLN C 480 -26.31 -18.45 -26.48
CA GLN C 480 -26.63 -18.00 -25.13
C GLN C 480 -26.82 -16.50 -25.04
N LEU C 481 -26.22 -15.73 -25.96
CA LEU C 481 -26.36 -14.28 -25.98
C LEU C 481 -27.30 -13.79 -27.07
N PHE C 482 -27.62 -14.63 -28.06
CA PHE C 482 -28.42 -14.21 -29.21
C PHE C 482 -29.90 -14.08 -28.85
N PHE C 483 -30.43 -15.05 -28.10
CA PHE C 483 -31.85 -15.06 -27.76
C PHE C 483 -32.19 -14.24 -26.52
N THR C 484 -31.22 -13.59 -25.90
CA THR C 484 -31.41 -12.96 -24.61
C THR C 484 -31.06 -11.48 -24.60
N SER C 485 -30.23 -11.01 -25.53
CA SER C 485 -29.89 -9.60 -25.61
C SER C 485 -30.94 -8.84 -26.44
N THR C 486 -30.63 -7.59 -26.75
CA THR C 486 -31.58 -6.73 -27.45
C THR C 486 -31.59 -7.05 -28.94
N ILE C 487 -32.55 -6.44 -29.66
CA ILE C 487 -32.72 -6.73 -31.07
C ILE C 487 -31.71 -5.99 -31.95
N TYR C 488 -30.99 -5.01 -31.41
CA TYR C 488 -29.87 -4.44 -32.15
C TYR C 488 -28.67 -5.37 -32.11
N PHE C 489 -28.57 -6.20 -31.07
CA PHE C 489 -27.60 -7.29 -31.08
C PHE C 489 -28.05 -8.41 -32.01
N LYS C 490 -29.36 -8.63 -32.13
CA LYS C 490 -29.89 -9.72 -32.95
C LYS C 490 -29.75 -9.41 -34.44
N CYS C 491 -29.75 -8.12 -34.78
CA CYS C 491 -29.48 -7.73 -36.16
C CYS C 491 -27.98 -7.71 -36.45
N SER C 492 -27.16 -7.50 -35.42
CA SER C 492 -25.71 -7.39 -35.65
C SER C 492 -25.04 -8.76 -35.69
N VAL C 493 -25.71 -9.80 -35.19
CA VAL C 493 -25.22 -11.16 -35.38
C VAL C 493 -25.39 -11.58 -36.83
N LEU C 494 -26.56 -11.30 -37.42
CA LEU C 494 -26.83 -11.69 -38.81
C LEU C 494 -26.11 -10.79 -39.81
N GLN C 495 -25.69 -9.59 -39.41
CA GLN C 495 -24.78 -8.82 -40.25
C GLN C 495 -23.36 -9.36 -40.17
N SER C 496 -23.01 -9.98 -39.03
CA SER C 496 -21.70 -10.60 -38.91
C SER C 496 -21.64 -11.96 -39.60
N LEU C 497 -22.76 -12.69 -39.59
CA LEU C 497 -22.77 -14.01 -40.20
C LEU C 497 -22.96 -13.95 -41.71
N LYS C 498 -23.49 -12.83 -42.23
CA LYS C 498 -23.54 -12.68 -43.68
C LYS C 498 -22.20 -12.26 -44.25
N GLU C 499 -21.32 -11.67 -43.43
CA GLU C 499 -19.94 -11.44 -43.83
C GLU C 499 -19.07 -12.65 -43.55
N LEU C 500 -19.52 -13.52 -42.63
CA LEU C 500 -18.88 -14.82 -42.45
C LEU C 500 -19.25 -15.76 -43.58
N LEU C 501 -20.41 -15.56 -44.21
CA LEU C 501 -20.80 -16.37 -45.35
C LEU C 501 -20.19 -15.82 -46.64
N GLN C 502 -19.70 -14.57 -46.61
CA GLN C 502 -18.91 -14.05 -47.71
C GLN C 502 -17.54 -14.72 -47.78
N ASN C 503 -16.77 -14.67 -46.69
CA ASN C 503 -15.36 -15.02 -46.77
C ASN C 503 -15.14 -16.54 -46.68
N TRP C 504 -16.13 -17.29 -46.22
CA TRP C 504 -15.99 -18.74 -46.25
C TRP C 504 -16.30 -19.29 -47.63
N LEU C 505 -17.29 -18.73 -48.32
CA LEU C 505 -17.63 -19.18 -49.67
C LEU C 505 -16.67 -18.60 -50.70
N LEU C 506 -15.93 -17.54 -50.36
CA LEU C 506 -14.93 -17.00 -51.26
C LEU C 506 -13.70 -17.90 -51.30
N TRP C 507 -13.35 -18.52 -50.17
CA TRP C 507 -12.21 -19.43 -50.13
C TRP C 507 -12.55 -20.78 -50.77
N LEU C 508 -13.81 -21.22 -50.63
CA LEU C 508 -14.20 -22.52 -51.19
C LEU C 508 -14.47 -22.45 -52.68
N SER C 509 -14.67 -21.24 -53.23
CA SER C 509 -14.90 -21.11 -54.66
C SER C 509 -13.61 -21.26 -55.45
N MET C 510 -12.47 -20.95 -54.85
CA MET C 510 -11.19 -21.02 -55.54
C MET C 510 -10.25 -22.08 -54.98
N ASP C 511 -10.69 -22.86 -53.99
CA ASP C 511 -9.90 -23.98 -53.50
C ASP C 511 -9.90 -25.15 -54.49
N ILE C 512 -10.94 -25.24 -55.32
CA ILE C 512 -11.01 -26.25 -56.38
C ILE C 512 -9.99 -25.92 -57.48
N HIS C 513 -9.77 -24.62 -57.73
CA HIS C 513 -8.95 -24.19 -58.86
C HIS C 513 -7.45 -24.33 -58.59
N MET C 514 -7.02 -24.05 -57.36
CA MET C 514 -5.59 -23.97 -57.05
C MET C 514 -5.01 -25.30 -56.58
N LYS C 515 -5.76 -26.40 -56.66
CA LYS C 515 -5.27 -27.71 -56.24
C LYS C 515 -5.31 -28.72 -57.38
N PRO C 516 -4.25 -28.82 -58.18
CA PRO C 516 -4.11 -29.97 -59.08
C PRO C 516 -3.25 -31.10 -58.53
N VAL C 517 -2.87 -31.04 -57.25
CA VAL C 517 -1.82 -31.89 -56.71
C VAL C 517 -2.34 -33.30 -56.41
N THR C 518 -3.49 -33.39 -55.76
CA THR C 518 -4.03 -34.69 -55.36
C THR C 518 -4.66 -35.41 -56.55
N ASN C 519 -4.20 -36.63 -56.81
CA ASN C 519 -4.72 -37.43 -57.91
C ASN C 519 -6.03 -38.13 -57.56
N SER C 520 -6.40 -38.16 -56.29
CA SER C 520 -7.71 -38.62 -55.85
C SER C 520 -8.79 -37.63 -56.28
N PRO C 521 -10.02 -38.09 -56.51
CA PRO C 521 -11.12 -37.16 -56.79
C PRO C 521 -11.52 -36.38 -55.54
N LEU C 522 -11.90 -35.12 -55.77
CA LEU C 522 -12.18 -34.17 -54.69
C LEU C 522 -13.65 -34.17 -54.27
N GLU C 523 -14.43 -35.17 -54.69
CA GLU C 523 -15.85 -35.19 -54.36
C GLU C 523 -16.10 -35.64 -52.93
N THR C 524 -15.12 -36.28 -52.29
CA THR C 524 -15.23 -36.54 -50.86
C THR C 524 -14.84 -35.31 -50.05
N THR C 525 -13.91 -34.49 -50.57
CA THR C 525 -13.52 -33.28 -49.87
C THR C 525 -14.54 -32.17 -50.08
N LEU C 526 -15.09 -32.06 -51.30
CA LEU C 526 -16.20 -31.14 -51.53
C LEU C 526 -17.49 -31.66 -50.91
N GLY C 527 -17.66 -32.99 -50.82
CA GLY C 527 -18.80 -33.54 -50.10
C GLY C 527 -18.63 -33.43 -48.60
N GLY C 528 -17.39 -33.42 -48.13
CA GLY C 528 -17.14 -33.11 -46.73
C GLY C 528 -17.24 -31.62 -46.44
N SER C 529 -17.11 -30.80 -47.48
CA SER C 529 -17.38 -29.37 -47.34
C SER C 529 -18.82 -29.04 -47.68
N MET C 530 -19.59 -30.02 -48.16
CA MET C 530 -21.00 -29.78 -48.47
C MET C 530 -21.84 -29.75 -47.21
N ASN C 531 -21.64 -30.72 -46.31
CA ASN C 531 -22.41 -30.76 -45.08
C ASN C 531 -21.87 -29.83 -44.00
N SER C 532 -20.69 -29.24 -44.21
CA SER C 532 -20.18 -28.25 -43.26
C SER C 532 -20.87 -26.91 -43.45
N VAL C 533 -21.26 -26.59 -44.69
CA VAL C 533 -21.89 -25.30 -44.94
C VAL C 533 -23.42 -25.42 -45.05
N SER C 534 -23.95 -26.63 -45.27
CA SER C 534 -25.40 -26.79 -45.29
C SER C 534 -25.94 -26.91 -43.88
N LYS C 535 -25.11 -27.36 -42.94
CA LYS C 535 -25.49 -27.31 -41.54
C LYS C 535 -25.15 -25.95 -40.93
N LEU C 536 -24.39 -25.12 -41.64
CA LEU C 536 -24.19 -23.74 -41.22
C LEU C 536 -25.45 -22.91 -41.44
N ILE C 537 -26.04 -23.00 -42.64
CA ILE C 537 -27.18 -22.17 -43.00
C ILE C 537 -28.45 -22.67 -42.32
N HIS C 538 -28.54 -23.99 -42.09
CA HIS C 538 -29.69 -24.54 -41.38
C HIS C 538 -29.60 -24.33 -39.86
N TYR C 539 -28.43 -23.95 -39.33
CA TYR C 539 -28.35 -23.54 -37.94
C TYR C 539 -28.77 -22.08 -37.77
N VAL C 540 -28.32 -21.21 -38.68
CA VAL C 540 -28.69 -19.80 -38.65
C VAL C 540 -30.14 -19.64 -39.12
N GLY C 541 -30.60 -20.55 -39.99
CA GLY C 541 -32.02 -20.65 -40.30
C GLY C 541 -32.85 -21.18 -39.14
N TRP C 542 -32.24 -21.96 -38.25
CA TRP C 542 -32.90 -22.30 -36.99
C TRP C 542 -32.81 -21.14 -36.00
N LEU C 543 -31.77 -20.30 -36.12
CA LEU C 543 -31.70 -19.08 -35.32
C LEU C 543 -32.69 -18.03 -35.81
N SER C 544 -33.06 -18.07 -37.09
CA SER C 544 -33.93 -17.04 -37.65
C SER C 544 -35.40 -17.32 -37.37
N THR C 545 -35.80 -18.60 -37.42
CA THR C 545 -37.21 -18.92 -37.23
C THR C 545 -37.58 -19.06 -35.76
N THR C 546 -36.59 -19.05 -34.86
CA THR C 546 -36.88 -19.08 -33.43
C THR C 546 -36.94 -17.66 -32.87
N ALA C 547 -36.05 -16.77 -33.36
CA ALA C 547 -36.05 -15.38 -32.91
C ALA C 547 -37.19 -14.56 -33.50
N MET C 548 -37.85 -15.06 -34.55
CA MET C 548 -39.10 -14.47 -35.02
C MET C 548 -40.22 -14.64 -34.01
N ARG C 549 -40.24 -15.78 -33.31
CA ARG C 549 -41.23 -16.06 -32.28
C ARG C 549 -40.98 -15.24 -31.01
N LEU C 550 -39.73 -14.84 -30.78
CA LEU C 550 -39.35 -14.04 -29.60
C LEU C 550 -39.89 -12.61 -29.68
N GLU C 551 -39.75 -11.97 -30.84
CA GLU C 551 -40.15 -10.57 -30.98
C GLU C 551 -41.56 -10.44 -31.55
N SER C 552 -42.15 -11.56 -32.00
CA SER C 552 -43.50 -11.73 -32.57
C SER C 552 -43.73 -10.82 -33.78
N ASN C 553 -43.02 -11.13 -34.88
CA ASN C 553 -43.14 -10.57 -36.22
C ASN C 553 -42.89 -9.06 -36.30
N ASN C 554 -41.66 -8.65 -36.01
CA ASN C 554 -41.17 -7.31 -36.28
C ASN C 554 -40.46 -7.34 -37.64
N THR C 555 -40.72 -6.32 -38.45
CA THR C 555 -40.13 -6.25 -39.79
C THR C 555 -38.65 -5.87 -39.78
N PHE C 556 -38.16 -5.27 -38.69
CA PHE C 556 -36.78 -4.79 -38.62
C PHE C 556 -35.78 -5.94 -38.52
N LEU C 557 -36.19 -7.05 -37.90
CA LEU C 557 -35.40 -8.27 -37.99
C LEU C 557 -35.60 -8.96 -39.34
N LEU C 558 -36.76 -8.76 -39.96
CA LEU C 558 -37.11 -9.49 -41.18
C LEU C 558 -36.41 -8.92 -42.42
N HIS C 559 -35.90 -7.69 -42.34
CA HIS C 559 -35.07 -7.17 -43.42
C HIS C 559 -33.70 -7.84 -43.45
N PHE C 560 -33.18 -8.23 -42.28
CA PHE C 560 -31.81 -8.74 -42.23
C PHE C 560 -31.76 -10.26 -42.23
N ILE C 561 -32.92 -10.93 -42.14
CA ILE C 561 -32.96 -12.36 -42.44
C ILE C 561 -32.88 -12.58 -43.95
N LEU C 562 -33.63 -11.79 -44.71
CA LEU C 562 -33.62 -11.91 -46.17
C LEU C 562 -32.37 -11.32 -46.81
N ASP C 563 -31.60 -10.50 -46.08
CA ASP C 563 -30.29 -10.11 -46.57
C ASP C 563 -29.26 -11.22 -46.34
N PHE C 564 -29.52 -12.12 -45.40
CA PHE C 564 -28.64 -13.27 -45.21
C PHE C 564 -28.88 -14.33 -46.29
N TYR C 565 -30.11 -14.44 -46.80
CA TYR C 565 -30.38 -15.37 -47.89
C TYR C 565 -30.13 -14.76 -49.26
N GLU C 566 -29.75 -13.47 -49.31
CA GLU C 566 -29.20 -12.91 -50.54
C GLU C 566 -27.83 -13.50 -50.83
N LYS C 567 -27.04 -13.79 -49.79
CA LYS C 567 -25.76 -14.47 -49.92
C LYS C 567 -25.91 -15.94 -50.29
N VAL C 568 -27.02 -16.57 -49.91
CA VAL C 568 -27.24 -17.99 -50.18
C VAL C 568 -27.60 -18.22 -51.64
N CYS C 569 -28.43 -17.35 -52.22
CA CYS C 569 -29.01 -17.56 -53.54
C CYS C 569 -28.08 -17.20 -54.70
N ASP C 570 -26.85 -16.76 -54.44
CA ASP C 570 -25.88 -16.46 -55.48
C ASP C 570 -24.66 -17.39 -55.40
N ILE C 571 -24.88 -18.69 -55.18
CA ILE C 571 -23.77 -19.59 -54.90
C ILE C 571 -23.36 -20.36 -56.16
N TYR C 572 -24.25 -20.47 -57.14
CA TYR C 572 -23.89 -21.17 -58.37
C TYR C 572 -23.52 -20.21 -59.49
N ILE C 573 -24.14 -19.03 -59.50
CA ILE C 573 -23.85 -18.05 -60.55
C ILE C 573 -22.52 -17.36 -60.30
N ASN C 574 -22.27 -16.96 -59.06
CA ASN C 574 -21.11 -16.13 -58.75
C ASN C 574 -19.96 -16.95 -58.18
N TYR C 575 -20.24 -18.01 -57.42
CA TYR C 575 -19.20 -18.80 -56.77
C TYR C 575 -18.97 -20.17 -57.41
N ASN C 576 -19.88 -20.62 -58.29
CA ASN C 576 -19.84 -21.89 -59.05
C ASN C 576 -19.75 -23.12 -58.13
N LEU C 577 -20.57 -23.14 -57.08
CA LEU C 577 -20.59 -24.25 -56.14
C LEU C 577 -21.86 -25.07 -56.36
N PRO C 578 -21.76 -26.38 -56.66
CA PRO C 578 -22.97 -27.17 -56.99
C PRO C 578 -23.71 -27.68 -55.76
N LEU C 579 -24.29 -26.75 -54.99
CA LEU C 579 -25.16 -27.11 -53.88
C LEU C 579 -26.25 -26.06 -53.76
N VAL C 580 -27.50 -26.52 -53.69
CA VAL C 580 -28.66 -25.65 -53.55
C VAL C 580 -29.34 -26.02 -52.24
N VAL C 581 -29.30 -25.12 -51.27
CA VAL C 581 -29.95 -25.33 -49.98
C VAL C 581 -31.14 -24.39 -49.88
N LEU C 582 -32.13 -24.81 -49.10
CA LEU C 582 -33.36 -24.05 -48.93
C LEU C 582 -33.64 -23.86 -47.44
N PHE C 583 -34.49 -22.89 -47.15
CA PHE C 583 -34.83 -22.46 -45.81
C PHE C 583 -36.18 -23.05 -45.39
N PRO C 584 -36.40 -23.28 -44.08
CA PRO C 584 -37.71 -23.77 -43.63
C PRO C 584 -38.77 -22.70 -43.74
N PRO C 585 -40.04 -23.08 -43.96
CA PRO C 585 -41.06 -22.08 -44.35
C PRO C 585 -41.66 -21.26 -43.21
N GLY C 586 -41.06 -21.21 -42.02
CA GLY C 586 -41.46 -20.21 -41.05
C GLY C 586 -41.01 -18.82 -41.43
N ILE C 587 -39.90 -18.72 -42.17
CA ILE C 587 -39.43 -17.46 -42.72
C ILE C 587 -40.31 -17.04 -43.90
N PHE C 588 -40.84 -18.03 -44.65
CA PHE C 588 -41.49 -17.80 -45.94
C PHE C 588 -42.86 -17.16 -45.79
N TYR C 589 -43.71 -17.72 -44.93
CA TYR C 589 -45.05 -17.17 -44.76
C TYR C 589 -45.07 -15.99 -43.79
N SER C 590 -43.97 -15.74 -43.08
CA SER C 590 -43.84 -14.48 -42.33
C SER C 590 -43.40 -13.35 -43.23
N ALA C 591 -42.75 -13.65 -44.36
CA ALA C 591 -42.39 -12.65 -45.35
C ALA C 591 -43.45 -12.46 -46.41
N LEU C 592 -44.23 -13.50 -46.71
CA LEU C 592 -45.30 -13.38 -47.70
C LEU C 592 -46.49 -12.63 -47.11
N LEU C 593 -46.79 -12.87 -45.84
CA LEU C 593 -47.89 -12.18 -45.16
C LEU C 593 -47.40 -10.99 -44.33
N SER C 594 -46.26 -10.44 -44.67
CA SER C 594 -45.76 -9.25 -43.99
C SER C 594 -46.50 -8.01 -44.49
N LEU C 595 -46.40 -6.93 -43.71
CA LEU C 595 -47.07 -5.67 -44.03
C LEU C 595 -46.16 -4.70 -44.76
N ASP C 596 -45.17 -5.20 -45.50
CA ASP C 596 -44.16 -4.36 -46.12
C ASP C 596 -43.98 -4.77 -47.57
N THR C 597 -43.84 -3.76 -48.45
CA THR C 597 -43.64 -3.99 -49.87
C THR C 597 -42.22 -4.41 -50.21
N SER C 598 -41.24 -3.93 -49.44
CA SER C 598 -39.85 -4.22 -49.76
C SER C 598 -39.43 -5.60 -49.28
N ILE C 599 -40.13 -6.16 -48.29
CA ILE C 599 -39.90 -7.55 -47.92
C ILE C 599 -40.52 -8.48 -48.97
N LEU C 600 -41.66 -8.08 -49.54
CA LEU C 600 -42.28 -8.83 -50.64
C LEU C 600 -41.49 -8.70 -51.95
N ASN C 601 -40.73 -7.62 -52.12
CA ASN C 601 -39.89 -7.52 -53.31
C ASN C 601 -38.65 -8.38 -53.15
N GLN C 602 -38.08 -8.45 -51.95
CA GLN C 602 -36.92 -9.29 -51.73
C GLN C 602 -37.30 -10.76 -51.59
N LEU C 603 -38.55 -11.07 -51.27
CA LEU C 603 -39.00 -12.46 -51.33
C LEU C 603 -39.18 -12.91 -52.77
N CYS C 604 -39.62 -11.99 -53.65
CA CYS C 604 -39.70 -12.30 -55.07
C CYS C 604 -38.35 -12.19 -55.76
N PHE C 605 -37.36 -11.56 -55.11
CA PHE C 605 -36.01 -11.53 -55.66
C PHE C 605 -35.29 -12.86 -55.42
N ILE C 606 -35.42 -13.42 -54.21
CA ILE C 606 -34.69 -14.64 -53.84
C ILE C 606 -35.32 -15.87 -54.51
N MET C 607 -36.66 -15.90 -54.62
CA MET C 607 -37.34 -17.00 -55.27
C MET C 607 -37.19 -16.96 -56.79
N HIS C 608 -36.88 -15.80 -57.36
CA HIS C 608 -36.44 -15.75 -58.75
C HIS C 608 -35.02 -16.27 -58.90
N ARG C 609 -34.17 -16.01 -57.89
CA ARG C 609 -32.81 -16.55 -57.91
C ARG C 609 -32.79 -18.04 -57.58
N TYR C 610 -33.78 -18.53 -56.84
CA TYR C 610 -33.85 -19.97 -56.55
C TYR C 610 -34.30 -20.77 -57.77
N ARG C 611 -35.03 -20.15 -58.70
CA ARG C 611 -35.41 -20.85 -59.92
C ARG C 611 -34.22 -20.97 -60.88
N LYS C 612 -33.40 -19.92 -60.96
CA LYS C 612 -32.27 -19.94 -61.87
C LYS C 612 -31.09 -20.73 -61.30
N ASN C 613 -31.07 -20.96 -59.99
CA ASN C 613 -30.05 -21.83 -59.41
C ASN C 613 -30.42 -23.30 -59.55
N LEU C 614 -31.71 -23.64 -59.46
CA LEU C 614 -32.12 -25.03 -59.46
C LEU C 614 -32.24 -25.60 -60.87
N THR C 615 -32.71 -24.80 -61.84
CA THR C 615 -32.83 -25.28 -63.21
C THR C 615 -31.48 -25.34 -63.91
N ALA C 616 -30.52 -24.54 -63.46
CA ALA C 616 -29.15 -24.71 -63.93
C ALA C 616 -28.48 -25.89 -63.23
N ALA C 617 -28.95 -26.24 -62.03
CA ALA C 617 -28.51 -27.49 -61.40
C ALA C 617 -29.22 -28.69 -62.00
N LYS C 618 -30.38 -28.47 -62.63
CA LYS C 618 -31.00 -29.51 -63.44
C LYS C 618 -30.20 -29.76 -64.72
N LYS C 619 -29.57 -28.70 -65.26
CA LYS C 619 -28.63 -28.86 -66.35
C LYS C 619 -27.32 -29.49 -65.88
N ASN C 620 -26.96 -29.28 -64.61
CA ASN C 620 -25.82 -29.97 -64.02
C ASN C 620 -26.14 -31.43 -63.73
N GLU C 621 -27.42 -31.72 -63.46
CA GLU C 621 -27.84 -33.10 -63.23
C GLU C 621 -27.95 -33.85 -64.55
N LEU C 622 -28.25 -33.14 -65.64
CA LEU C 622 -28.43 -33.78 -66.95
C LEU C 622 -27.10 -34.17 -67.58
N VAL C 623 -26.04 -33.39 -67.36
CA VAL C 623 -24.72 -33.74 -67.87
C VAL C 623 -24.10 -34.85 -67.04
N GLN C 624 -24.19 -34.75 -65.72
CA GLN C 624 -23.56 -35.68 -64.80
C GLN C 624 -24.42 -36.92 -64.49
N LYS C 625 -25.47 -37.18 -65.26
CA LYS C 625 -26.25 -38.40 -65.08
C LYS C 625 -25.52 -39.62 -65.63
N THR C 626 -24.69 -39.44 -66.67
CA THR C 626 -23.99 -40.55 -67.28
C THR C 626 -22.82 -41.03 -66.43
N LYS C 627 -22.29 -40.18 -65.56
CA LYS C 627 -21.22 -40.57 -64.65
C LYS C 627 -21.70 -40.81 -63.23
N SER C 628 -22.92 -40.33 -62.90
CA SER C 628 -23.60 -40.44 -61.58
C SER C 628 -22.77 -39.86 -60.44
N GLU C 629 -22.12 -38.72 -60.70
CA GLU C 629 -21.25 -38.08 -59.73
C GLU C 629 -21.92 -36.92 -59.01
N PHE C 630 -22.39 -35.93 -59.76
CA PHE C 630 -23.04 -34.73 -59.21
C PHE C 630 -24.54 -34.91 -59.33
N ASN C 631 -25.14 -35.53 -58.32
CA ASN C 631 -26.57 -35.78 -58.28
C ASN C 631 -27.19 -35.08 -57.07
N PHE C 632 -28.44 -34.65 -57.23
CA PHE C 632 -29.20 -34.04 -56.16
C PHE C 632 -30.36 -34.95 -55.76
N SER C 633 -30.77 -34.85 -54.50
CA SER C 633 -31.86 -35.67 -54.01
C SER C 633 -33.20 -35.14 -54.49
N SER C 634 -34.21 -36.01 -54.44
CA SER C 634 -35.55 -35.66 -54.92
C SER C 634 -36.41 -35.00 -53.84
N LYS C 635 -35.88 -34.79 -52.64
CA LYS C 635 -36.66 -34.15 -51.59
C LYS C 635 -36.62 -32.63 -51.72
N THR C 636 -35.68 -32.08 -52.50
CA THR C 636 -35.62 -30.63 -52.67
C THR C 636 -36.39 -30.19 -53.91
N TYR C 637 -36.83 -31.13 -54.74
CA TYR C 637 -37.65 -30.76 -55.89
C TYR C 637 -39.13 -30.73 -55.53
N GLN C 638 -39.55 -31.63 -54.63
CA GLN C 638 -40.94 -31.65 -54.20
C GLN C 638 -41.20 -30.58 -53.13
N GLU C 639 -40.16 -30.17 -52.42
CA GLU C 639 -40.30 -29.07 -51.47
C GLU C 639 -40.39 -27.73 -52.18
N PHE C 640 -39.64 -27.58 -53.29
CA PHE C 640 -39.65 -26.33 -54.06
C PHE C 640 -40.95 -26.18 -54.86
N ASN C 641 -41.62 -27.30 -55.17
CA ASN C 641 -42.93 -27.24 -55.78
C ASN C 641 -43.98 -26.78 -54.77
N HIS C 642 -43.76 -27.05 -53.48
CA HIS C 642 -44.66 -26.57 -52.43
C HIS C 642 -44.49 -25.07 -52.20
N TYR C 643 -43.29 -24.52 -52.45
CA TYR C 643 -43.09 -23.09 -52.28
C TYR C 643 -43.70 -22.30 -53.43
N LEU C 644 -43.58 -22.81 -54.66
CA LEU C 644 -43.99 -22.02 -55.83
C LEU C 644 -45.51 -22.04 -56.02
N THR C 645 -46.16 -23.14 -55.64
CA THR C 645 -47.60 -23.24 -55.83
C THR C 645 -48.36 -22.45 -54.78
N SER C 646 -47.82 -22.38 -53.55
CA SER C 646 -48.50 -21.69 -52.46
C SER C 646 -48.36 -20.18 -52.57
N MET C 647 -47.32 -19.69 -53.25
CA MET C 647 -47.14 -18.24 -53.35
C MET C 647 -47.89 -17.67 -54.54
N VAL C 648 -48.18 -18.47 -55.57
CA VAL C 648 -49.01 -17.99 -56.66
C VAL C 648 -50.49 -18.16 -56.34
N GLY C 649 -50.83 -18.95 -55.33
CA GLY C 649 -52.21 -19.01 -54.88
C GLY C 649 -52.60 -17.83 -54.02
N CYS C 650 -51.61 -17.18 -53.41
CA CYS C 650 -51.84 -15.97 -52.64
C CYS C 650 -51.70 -14.70 -53.47
N LEU C 651 -51.24 -14.81 -54.72
CA LEU C 651 -51.06 -13.64 -55.56
C LEU C 651 -51.86 -13.71 -56.86
N TRP C 652 -51.78 -14.84 -57.57
CA TRP C 652 -52.27 -14.93 -58.95
C TRP C 652 -53.44 -15.89 -59.12
N THR C 653 -53.39 -17.08 -58.49
CA THR C 653 -54.41 -18.09 -58.68
C THR C 653 -55.65 -17.82 -57.83
N SER C 654 -55.49 -16.98 -56.78
CA SER C 654 -56.49 -16.64 -55.76
C SER C 654 -57.07 -17.87 -55.07
N LYS C 655 -56.20 -18.81 -54.72
CA LYS C 655 -56.52 -19.93 -53.83
C LYS C 655 -55.47 -19.95 -52.74
N PRO C 656 -55.69 -19.21 -51.63
CA PRO C 656 -54.63 -19.10 -50.61
C PRO C 656 -54.48 -20.33 -49.72
N PHE C 657 -55.46 -21.22 -49.69
CA PHE C 657 -55.41 -22.38 -48.80
C PHE C 657 -54.71 -23.52 -49.52
N GLY C 658 -53.57 -23.95 -48.98
CA GLY C 658 -52.83 -25.07 -49.53
C GLY C 658 -52.61 -26.16 -48.51
N LYS C 659 -51.37 -26.64 -48.39
CA LYS C 659 -51.02 -27.64 -47.39
C LYS C 659 -50.35 -27.04 -46.16
N GLY C 660 -49.53 -26.01 -46.33
CA GLY C 660 -48.93 -25.30 -45.21
C GLY C 660 -49.95 -24.41 -44.53
N ILE C 661 -50.82 -23.79 -45.33
CA ILE C 661 -51.94 -23.01 -44.82
C ILE C 661 -53.20 -23.83 -44.99
N TYR C 662 -53.80 -24.26 -43.87
CA TYR C 662 -55.01 -25.06 -43.93
C TYR C 662 -55.94 -24.59 -42.81
N ALA C 674 -66.87 -13.15 -46.43
CA ALA C 674 -67.41 -13.73 -47.64
C ALA C 674 -66.44 -13.67 -48.82
N GLU C 675 -65.26 -13.08 -48.63
CA GLU C 675 -64.25 -12.95 -49.65
C GLU C 675 -62.94 -13.62 -49.23
N TYR C 676 -63.04 -14.85 -48.73
CA TYR C 676 -61.86 -15.57 -48.24
C TYR C 676 -60.99 -16.09 -49.38
N LYS C 677 -61.57 -16.29 -50.57
CA LYS C 677 -60.78 -16.64 -51.74
C LYS C 677 -60.13 -15.43 -52.38
N ASN C 678 -60.59 -14.22 -52.03
CA ASN C 678 -60.02 -12.97 -52.54
C ASN C 678 -59.47 -12.09 -51.43
N SER C 679 -59.19 -12.67 -50.26
CA SER C 679 -58.62 -11.89 -49.16
C SER C 679 -57.13 -11.65 -49.38
N LEU C 680 -56.45 -12.54 -50.10
CA LEU C 680 -55.03 -12.44 -50.37
C LEU C 680 -54.82 -12.44 -51.87
N ASN C 681 -54.51 -11.28 -52.44
CA ASN C 681 -54.21 -11.14 -53.86
C ASN C 681 -53.05 -10.16 -53.99
N VAL C 682 -52.82 -9.69 -55.22
CA VAL C 682 -51.87 -8.60 -55.41
C VAL C 682 -52.48 -7.29 -54.94
N VAL C 683 -53.73 -7.00 -55.32
CA VAL C 683 -54.37 -5.74 -54.97
C VAL C 683 -55.07 -5.83 -53.61
N HIS C 684 -55.27 -7.03 -53.06
CA HIS C 684 -55.95 -7.19 -51.78
C HIS C 684 -54.99 -7.45 -50.63
N HIS C 685 -53.68 -7.28 -50.84
CA HIS C 685 -52.72 -7.39 -49.75
C HIS C 685 -52.59 -6.02 -49.07
N PRO C 686 -52.41 -5.99 -47.72
CA PRO C 686 -52.38 -4.69 -47.04
C PRO C 686 -51.12 -3.85 -47.25
N SER C 687 -50.01 -4.43 -47.73
CA SER C 687 -48.85 -3.60 -48.04
C SER C 687 -49.02 -2.90 -49.37
N PHE C 688 -49.64 -3.59 -50.34
CA PHE C 688 -49.97 -3.04 -51.65
C PHE C 688 -51.31 -2.30 -51.65
N LEU C 689 -51.99 -2.22 -50.50
CA LEU C 689 -53.22 -1.46 -50.39
C LEU C 689 -52.94 0.04 -50.33
N SER C 690 -51.72 0.43 -49.94
CA SER C 690 -51.29 1.81 -50.05
C SER C 690 -51.14 2.24 -51.51
N TYR C 691 -50.74 1.31 -52.38
CA TYR C 691 -50.72 1.60 -53.81
C TYR C 691 -52.10 1.44 -54.43
N ALA C 692 -53.01 0.70 -53.77
CA ALA C 692 -54.34 0.50 -54.33
C ALA C 692 -55.24 1.70 -54.07
N VAL C 693 -55.05 2.39 -52.94
CA VAL C 693 -55.78 3.62 -52.68
C VAL C 693 -55.23 4.75 -53.55
N SER C 694 -53.90 4.79 -53.74
CA SER C 694 -53.27 5.84 -54.52
C SER C 694 -53.46 5.67 -56.03
N PHE C 695 -53.85 4.48 -56.48
CA PHE C 695 -54.17 4.29 -57.90
C PHE C 695 -55.54 4.87 -58.24
N LEU C 696 -56.51 4.76 -57.33
CA LEU C 696 -57.84 5.30 -57.59
C LEU C 696 -57.88 6.82 -57.41
N LEU C 697 -56.93 7.39 -56.66
CA LEU C 697 -56.89 8.83 -56.51
C LEU C 697 -56.22 9.51 -57.71
N GLN C 698 -55.24 8.84 -58.33
CA GLN C 698 -54.57 9.43 -59.49
C GLN C 698 -55.34 9.21 -60.78
N GLU C 699 -56.31 8.30 -60.78
CA GLU C 699 -57.15 8.11 -61.96
C GLU C 699 -58.22 9.19 -62.05
N SER C 700 -58.90 9.46 -60.94
CA SER C 700 -59.88 10.53 -60.83
C SER C 700 -59.94 11.02 -59.38
N PRO C 701 -59.42 12.23 -59.07
CA PRO C 701 -59.51 12.74 -57.70
C PRO C 701 -60.80 13.50 -57.39
N GLU C 702 -61.95 12.97 -57.80
CA GLU C 702 -63.27 13.51 -57.47
C GLU C 702 -64.17 12.34 -57.10
N GLU C 703 -63.65 11.45 -56.26
CA GLU C 703 -64.27 10.14 -56.03
C GLU C 703 -65.46 10.24 -55.08
N ARG C 704 -66.37 9.27 -55.21
CA ARG C 704 -67.53 9.16 -54.34
C ARG C 704 -67.65 7.80 -53.68
N THR C 705 -67.37 6.72 -54.41
CA THR C 705 -67.33 5.37 -53.84
C THR C 705 -65.92 4.83 -54.04
N VAL C 706 -65.58 3.78 -53.32
CA VAL C 706 -64.29 3.11 -53.46
C VAL C 706 -64.52 1.70 -53.97
N ASN C 707 -63.97 1.41 -55.15
CA ASN C 707 -64.14 0.11 -55.81
C ASN C 707 -62.76 -0.43 -56.16
N VAL C 708 -62.20 -1.23 -55.26
CA VAL C 708 -60.86 -1.77 -55.48
C VAL C 708 -60.93 -3.18 -56.05
N SER C 709 -62.11 -3.80 -56.03
CA SER C 709 -62.26 -5.17 -56.50
C SER C 709 -62.56 -5.26 -58.00
N SER C 710 -62.82 -4.14 -58.66
CA SER C 710 -63.14 -4.17 -60.08
C SER C 710 -61.94 -3.85 -60.95
N ILE C 711 -60.73 -3.88 -60.40
CA ILE C 711 -59.52 -3.54 -61.15
C ILE C 711 -59.11 -4.79 -61.93
N ARG C 712 -59.63 -4.93 -63.15
CA ARG C 712 -59.33 -6.06 -64.02
C ARG C 712 -59.10 -5.56 -65.43
N GLY C 713 -58.26 -6.28 -66.17
CA GLY C 713 -58.16 -6.10 -67.60
C GLY C 713 -57.25 -4.94 -67.99
N LYS C 714 -57.85 -3.85 -68.48
CA LYS C 714 -57.08 -2.77 -69.08
C LYS C 714 -56.45 -1.87 -68.02
N LYS C 715 -57.19 -1.56 -66.96
CA LYS C 715 -56.63 -0.75 -65.89
C LYS C 715 -55.87 -1.59 -64.86
N TRP C 716 -55.95 -2.92 -64.96
CA TRP C 716 -55.02 -3.78 -64.22
C TRP C 716 -53.61 -3.68 -64.78
N SER C 717 -53.48 -3.50 -66.09
CA SER C 717 -52.16 -3.26 -66.68
C SER C 717 -51.67 -1.84 -66.39
N TRP C 718 -52.60 -0.90 -66.19
CA TRP C 718 -52.21 0.42 -65.71
C TRP C 718 -51.87 0.40 -64.23
N TYR C 719 -52.41 -0.56 -63.48
CA TYR C 719 -52.05 -0.71 -62.08
C TYR C 719 -50.66 -1.34 -61.94
N LEU C 720 -50.29 -2.22 -62.89
CA LEU C 720 -48.96 -2.81 -62.87
C LEU C 720 -47.91 -1.84 -63.43
N ASP C 721 -48.35 -0.84 -64.19
CA ASP C 721 -47.43 0.17 -64.69
C ASP C 721 -47.03 1.15 -63.59
N TYR C 722 -47.93 1.37 -62.61
CA TYR C 722 -47.60 2.23 -61.48
C TYR C 722 -46.72 1.51 -60.47
N LEU C 723 -46.88 0.19 -60.32
CA LEU C 723 -46.05 -0.55 -59.37
C LEU C 723 -44.65 -0.82 -59.92
N PHE C 724 -44.51 -0.92 -61.25
CA PHE C 724 -43.20 -1.14 -61.83
C PHE C 724 -42.36 0.14 -61.90
N SER C 725 -42.99 1.31 -61.81
CA SER C 725 -42.25 2.57 -61.88
C SER C 725 -41.71 3.02 -60.53
N GLN C 726 -42.22 2.47 -59.43
CA GLN C 726 -41.77 2.87 -58.10
C GLN C 726 -40.44 2.22 -57.71
N GLY C 727 -40.03 1.16 -58.38
CA GLY C 727 -38.77 0.50 -58.07
C GLY C 727 -38.90 -0.96 -57.73
N LEU C 728 -39.98 -1.59 -58.19
CA LEU C 728 -40.19 -3.02 -57.99
C LEU C 728 -39.61 -3.79 -59.18
N GLN C 729 -38.27 -3.85 -59.21
CA GLN C 729 -37.58 -4.50 -60.30
C GLN C 729 -37.49 -6.01 -60.10
N GLY C 730 -37.57 -6.47 -58.85
CA GLY C 730 -37.53 -7.90 -58.59
C GLY C 730 -38.86 -8.57 -58.88
N LEU C 731 -39.96 -7.82 -58.76
CA LEU C 731 -41.26 -8.37 -59.13
C LEU C 731 -41.49 -8.30 -60.63
N LYS C 732 -40.77 -7.42 -61.33
CA LYS C 732 -40.87 -7.33 -62.78
C LYS C 732 -40.17 -8.50 -63.46
N LEU C 733 -39.03 -8.92 -62.91
CA LEU C 733 -38.29 -10.04 -63.47
C LEU C 733 -38.92 -11.38 -63.11
N PHE C 734 -39.72 -11.42 -62.04
CA PHE C 734 -40.34 -12.67 -61.62
C PHE C 734 -41.58 -12.97 -62.43
N ILE C 735 -42.30 -11.93 -62.87
CA ILE C 735 -43.56 -12.15 -63.59
C ILE C 735 -43.30 -12.47 -65.06
N ARG C 736 -42.12 -12.15 -65.59
CA ARG C 736 -41.78 -12.44 -66.97
C ARG C 736 -41.10 -13.79 -67.15
N SER C 737 -40.78 -14.49 -66.05
CA SER C 737 -40.09 -15.77 -66.11
C SER C 737 -40.92 -16.92 -65.53
N SER C 738 -41.41 -16.78 -64.30
CA SER C 738 -42.12 -17.87 -63.64
C SER C 738 -43.58 -17.96 -64.07
N VAL D 17 -67.43 -2.08 -28.66
CA VAL D 17 -66.14 -2.26 -28.00
C VAL D 17 -66.36 -2.79 -26.57
N THR D 18 -67.46 -2.37 -25.93
CA THR D 18 -67.79 -2.82 -24.58
C THR D 18 -68.28 -4.27 -24.59
N ASN D 19 -69.03 -4.67 -25.62
CA ASN D 19 -69.52 -6.04 -25.69
C ASN D 19 -68.43 -7.01 -26.12
N THR D 20 -67.45 -6.54 -26.89
CA THR D 20 -66.29 -7.39 -27.17
C THR D 20 -65.27 -7.34 -26.04
N GLU D 21 -65.39 -6.37 -25.12
CA GLU D 21 -64.61 -6.42 -23.90
C GLU D 21 -65.14 -7.48 -22.96
N GLU D 22 -66.47 -7.53 -22.76
CA GLU D 22 -67.07 -8.44 -21.79
C GLU D 22 -67.13 -9.87 -22.31
N GLU D 23 -67.01 -10.05 -23.63
CA GLU D 23 -66.78 -11.38 -24.18
C GLU D 23 -65.38 -11.87 -23.85
N LEU D 24 -64.39 -10.97 -23.90
CA LEU D 24 -63.02 -11.34 -23.54
C LEU D 24 -62.81 -11.38 -22.04
N ILE D 25 -63.71 -10.76 -21.25
CA ILE D 25 -63.73 -11.01 -19.81
C ILE D 25 -64.23 -12.42 -19.53
N ARG D 26 -65.31 -12.82 -20.21
CA ARG D 26 -65.95 -14.11 -19.95
C ARG D 26 -65.15 -15.28 -20.51
N GLU D 27 -64.43 -15.08 -21.63
CA GLU D 27 -63.57 -16.15 -22.15
C GLU D 27 -62.30 -16.29 -21.32
N CYS D 28 -61.83 -15.20 -20.70
CA CYS D 28 -60.73 -15.31 -19.76
C CYS D 28 -61.18 -15.71 -18.36
N GLU D 29 -62.50 -15.70 -18.11
CA GLU D 29 -63.01 -16.22 -16.84
C GLU D 29 -63.14 -17.74 -16.89
N GLU D 30 -63.51 -18.28 -18.05
CA GLU D 30 -63.74 -19.73 -18.15
C GLU D 30 -62.43 -20.50 -18.30
N MET D 31 -61.37 -19.86 -18.79
CA MET D 31 -60.06 -20.50 -18.76
C MET D 31 -59.33 -20.24 -17.45
N TRP D 32 -59.81 -19.29 -16.64
CA TRP D 32 -59.33 -19.18 -15.27
C TRP D 32 -59.91 -20.29 -14.40
N LYS D 33 -61.10 -20.77 -14.75
CA LYS D 33 -61.64 -21.96 -14.10
C LYS D 33 -60.97 -23.24 -14.60
N ASP D 34 -60.38 -23.19 -15.80
CA ASP D 34 -59.67 -24.35 -16.33
C ASP D 34 -58.32 -24.54 -15.65
N MET D 35 -57.64 -23.45 -15.31
CA MET D 35 -56.31 -23.57 -14.72
C MET D 35 -56.36 -23.90 -13.23
N GLU D 36 -57.43 -23.49 -12.53
CA GLU D 36 -57.55 -23.84 -11.12
C GLU D 36 -58.07 -25.26 -10.94
N GLU D 37 -58.70 -25.83 -11.98
CA GLU D 37 -58.95 -27.27 -11.99
C GLU D 37 -57.64 -28.03 -12.24
N CYS D 38 -56.76 -27.46 -13.07
CA CYS D 38 -55.44 -28.04 -13.27
C CYS D 38 -54.52 -27.78 -12.09
N GLN D 39 -54.79 -26.73 -11.30
CA GLN D 39 -54.00 -26.48 -10.10
C GLN D 39 -54.35 -27.46 -8.98
N ASN D 40 -55.61 -27.88 -8.91
CA ASN D 40 -56.03 -28.81 -7.87
C ASN D 40 -55.60 -30.24 -8.20
N LYS D 41 -55.39 -30.55 -9.48
CA LYS D 41 -54.86 -31.85 -9.86
C LYS D 41 -53.34 -31.90 -9.71
N LEU D 42 -52.68 -30.74 -9.66
CA LEU D 42 -51.22 -30.67 -9.56
C LEU D 42 -50.74 -30.65 -8.12
N SER D 43 -51.59 -30.27 -7.17
CA SER D 43 -51.23 -30.25 -5.75
C SER D 43 -51.22 -31.64 -5.11
N LEU D 44 -51.75 -32.66 -5.78
CA LEU D 44 -51.68 -34.03 -5.27
C LEU D 44 -50.28 -34.60 -5.41
N ILE D 45 -49.53 -34.14 -6.42
CA ILE D 45 -48.16 -34.59 -6.63
C ILE D 45 -47.24 -33.93 -5.60
N GLY D 46 -46.60 -34.78 -4.78
CA GLY D 46 -45.81 -34.31 -3.66
C GLY D 46 -44.40 -33.86 -3.99
N THR D 47 -43.46 -34.19 -3.10
CA THR D 47 -42.08 -33.72 -3.19
C THR D 47 -41.22 -34.81 -3.83
N GLU D 48 -40.31 -34.40 -4.70
CA GLU D 48 -39.34 -35.30 -5.33
C GLU D 48 -38.01 -34.56 -5.42
N THR D 49 -37.06 -34.96 -4.58
CA THR D 49 -35.76 -34.31 -4.55
C THR D 49 -34.80 -34.92 -5.56
N LEU D 50 -33.55 -34.49 -5.55
CA LEU D 50 -32.55 -34.98 -6.50
C LEU D 50 -31.22 -35.11 -5.79
N THR D 51 -30.62 -36.30 -5.86
CA THR D 51 -29.31 -36.53 -5.28
C THR D 51 -28.22 -36.23 -6.31
N ASP D 52 -26.97 -36.50 -5.92
CA ASP D 52 -25.83 -36.23 -6.78
C ASP D 52 -25.40 -37.45 -7.58
N SER D 53 -25.66 -38.67 -7.08
CA SER D 53 -25.16 -39.88 -7.71
C SER D 53 -25.94 -40.28 -8.96
N ASN D 54 -27.22 -39.94 -9.03
CA ASN D 54 -28.06 -40.31 -10.18
C ASN D 54 -28.78 -39.09 -10.74
N ALA D 55 -28.05 -37.99 -10.93
CA ALA D 55 -28.67 -36.76 -11.39
C ALA D 55 -28.71 -36.67 -12.91
N GLN D 56 -27.80 -37.37 -13.61
CA GLN D 56 -27.86 -37.40 -15.06
C GLN D 56 -28.95 -38.33 -15.57
N LEU D 57 -29.35 -39.31 -14.76
CA LEU D 57 -30.39 -40.26 -15.19
C LEU D 57 -31.78 -39.77 -14.81
N SER D 58 -31.91 -39.05 -13.69
CA SER D 58 -33.23 -38.62 -13.23
C SER D 58 -33.70 -37.32 -13.85
N LEU D 59 -32.94 -36.74 -14.77
CA LEU D 59 -33.36 -35.52 -15.46
C LEU D 59 -33.57 -35.73 -16.96
N LEU D 60 -32.96 -36.77 -17.52
CA LEU D 60 -33.06 -36.97 -18.97
C LEU D 60 -34.11 -38.02 -19.33
N ILE D 61 -34.42 -38.93 -18.42
CA ILE D 61 -35.48 -39.90 -18.65
C ILE D 61 -36.85 -39.24 -18.50
N MET D 62 -36.96 -38.28 -17.56
CA MET D 62 -38.21 -37.54 -17.41
C MET D 62 -38.41 -36.49 -18.49
N GLN D 63 -37.36 -36.11 -19.23
CA GLN D 63 -37.50 -35.22 -20.38
C GLN D 63 -38.14 -35.94 -21.56
N VAL D 64 -37.98 -37.27 -21.65
CA VAL D 64 -38.70 -38.09 -22.60
C VAL D 64 -40.18 -38.13 -22.25
N LYS D 65 -40.50 -38.18 -20.96
CA LYS D 65 -41.87 -38.02 -20.48
C LYS D 65 -42.37 -36.58 -20.61
N CYS D 66 -41.46 -35.61 -20.62
CA CYS D 66 -41.89 -34.21 -20.73
C CYS D 66 -42.17 -33.82 -22.17
N LEU D 67 -41.35 -34.30 -23.12
CA LEU D 67 -41.54 -33.92 -24.53
C LEU D 67 -42.68 -34.68 -25.17
N THR D 68 -43.06 -35.82 -24.59
CA THR D 68 -44.24 -36.55 -25.05
C THR D 68 -45.52 -35.87 -24.58
N ALA D 69 -45.45 -35.12 -23.47
CA ALA D 69 -46.62 -34.54 -22.81
C ALA D 69 -47.26 -33.39 -23.58
N GLU D 70 -46.50 -32.64 -24.39
CA GLU D 70 -47.12 -31.66 -25.27
C GLU D 70 -47.14 -32.09 -26.73
N LEU D 71 -46.66 -33.30 -27.04
CA LEU D 71 -46.75 -33.82 -28.40
C LEU D 71 -48.19 -34.17 -28.75
N SER D 72 -48.95 -34.62 -27.75
CA SER D 72 -50.39 -34.80 -27.94
C SER D 72 -51.14 -33.47 -27.86
N GLN D 73 -50.57 -32.47 -27.17
CA GLN D 73 -51.33 -31.25 -26.89
C GLN D 73 -51.18 -30.19 -27.98
N TRP D 74 -50.02 -30.10 -28.63
CA TRP D 74 -49.88 -29.21 -29.78
C TRP D 74 -50.57 -29.73 -31.04
N GLN D 75 -50.85 -31.04 -31.10
CA GLN D 75 -51.59 -31.61 -32.22
C GLN D 75 -53.10 -31.64 -31.96
N LYS D 76 -53.52 -31.55 -30.70
CA LYS D 76 -54.95 -31.47 -30.39
C LYS D 76 -55.51 -30.08 -30.70
N LYS D 77 -54.68 -29.04 -30.53
CA LYS D 77 -55.14 -27.67 -30.69
C LYS D 77 -55.27 -27.30 -32.16
N THR D 78 -56.47 -26.90 -32.55
CA THR D 78 -56.87 -26.40 -33.85
C THR D 78 -56.38 -24.97 -34.03
N PRO D 79 -56.32 -24.44 -35.28
CA PRO D 79 -56.27 -22.99 -35.47
C PRO D 79 -57.52 -22.31 -34.90
N GLU D 80 -57.31 -21.51 -33.86
CA GLU D 80 -58.41 -21.11 -32.98
C GLU D 80 -59.20 -19.95 -33.57
N THR D 81 -60.51 -20.17 -33.74
CA THR D 81 -61.42 -19.12 -34.18
C THR D 81 -61.69 -18.16 -33.02
N ILE D 82 -60.94 -17.07 -33.01
CA ILE D 82 -61.07 -16.04 -31.98
C ILE D 82 -62.15 -15.06 -32.43
N PRO D 83 -63.27 -14.92 -31.67
CA PRO D 83 -64.36 -14.05 -32.16
C PRO D 83 -64.10 -12.55 -31.97
N LEU D 84 -63.77 -11.89 -33.07
CA LEU D 84 -63.59 -10.44 -33.13
C LEU D 84 -64.26 -9.92 -34.40
N THR D 85 -65.04 -8.84 -34.25
CA THR D 85 -65.86 -8.38 -35.36
C THR D 85 -65.40 -7.05 -35.94
N GLU D 86 -65.35 -6.01 -35.13
CA GLU D 86 -65.14 -4.65 -35.63
C GLU D 86 -64.56 -3.83 -34.48
N ASP D 87 -63.82 -2.76 -34.83
CA ASP D 87 -63.30 -1.66 -33.99
C ASP D 87 -62.24 -2.08 -32.98
N VAL D 88 -61.70 -3.30 -33.09
CA VAL D 88 -60.51 -3.69 -32.35
C VAL D 88 -59.34 -3.83 -33.31
N LEU D 89 -59.58 -4.47 -34.46
CA LEU D 89 -58.53 -4.71 -35.45
C LEU D 89 -58.17 -3.44 -36.22
N ILE D 90 -59.08 -2.48 -36.29
CA ILE D 90 -58.78 -1.19 -36.90
C ILE D 90 -57.87 -0.37 -35.99
N THR D 91 -58.14 -0.39 -34.68
CA THR D 91 -57.33 0.36 -33.73
C THR D 91 -55.99 -0.33 -33.46
N LEU D 92 -55.95 -1.66 -33.56
CA LEU D 92 -54.68 -2.37 -33.48
C LEU D 92 -53.89 -2.23 -34.78
N GLY D 93 -54.58 -2.03 -35.90
CA GLY D 93 -53.90 -1.84 -37.17
C GLY D 93 -53.25 -0.47 -37.29
N LYS D 94 -53.84 0.55 -36.66
CA LYS D 94 -53.20 1.86 -36.64
C LYS D 94 -52.05 1.89 -35.66
N GLU D 95 -52.08 1.06 -34.62
CA GLU D 95 -50.92 0.89 -33.75
C GLU D 95 -49.85 0.06 -34.44
N GLU D 96 -50.26 -0.84 -35.34
CA GLU D 96 -49.30 -1.59 -36.13
C GLU D 96 -48.67 -0.69 -37.20
N PHE D 97 -49.44 0.22 -37.78
CA PHE D 97 -48.92 1.18 -38.74
C PHE D 97 -48.04 2.25 -38.08
N GLN D 98 -48.26 2.52 -36.79
CA GLN D 98 -47.42 3.47 -36.08
C GLN D 98 -46.07 2.85 -35.74
N LYS D 99 -46.03 1.53 -35.52
CA LYS D 99 -44.75 0.86 -35.26
C LYS D 99 -44.07 0.45 -36.57
N LEU D 100 -44.83 0.33 -37.66
CA LEU D 100 -44.22 0.07 -38.96
C LEU D 100 -43.55 1.33 -39.50
N ARG D 101 -44.08 2.50 -39.14
CA ARG D 101 -43.50 3.77 -39.56
C ARG D 101 -42.20 4.05 -38.81
N GLN D 102 -42.12 3.64 -37.53
CA GLN D 102 -40.87 3.80 -36.78
C GLN D 102 -39.84 2.76 -37.18
N ASP D 103 -40.28 1.59 -37.66
CA ASP D 103 -39.33 0.57 -38.09
C ASP D 103 -38.73 0.88 -39.46
N LEU D 104 -39.47 1.58 -40.32
CA LEU D 104 -38.92 1.94 -41.62
C LEU D 104 -38.13 3.25 -41.56
N GLU D 105 -38.21 3.97 -40.44
CA GLU D 105 -37.25 5.05 -40.20
C GLU D 105 -35.94 4.51 -39.66
N MET D 106 -35.99 3.45 -38.86
CA MET D 106 -34.76 2.89 -38.28
C MET D 106 -34.03 2.00 -39.27
N VAL D 107 -34.75 1.35 -40.18
CA VAL D 107 -34.06 0.50 -41.16
C VAL D 107 -33.56 1.35 -42.32
N LEU D 108 -34.08 2.57 -42.47
CA LEU D 108 -33.48 3.50 -43.44
C LEU D 108 -32.19 4.08 -42.89
N SER D 109 -32.08 4.24 -41.57
CA SER D 109 -30.89 4.84 -40.98
C SER D 109 -29.74 3.86 -40.92
N THR D 110 -30.03 2.55 -40.92
CA THR D 110 -28.96 1.57 -40.85
C THR D 110 -28.60 0.99 -42.21
N LYS D 111 -29.41 1.26 -43.24
CA LYS D 111 -29.04 0.83 -44.60
C LYS D 111 -28.41 1.96 -45.41
N GLU D 112 -28.79 3.22 -45.15
CA GLU D 112 -28.09 4.33 -45.80
C GLU D 112 -26.71 4.54 -45.18
N SER D 113 -26.55 4.19 -43.90
CA SER D 113 -25.21 4.16 -43.31
C SER D 113 -24.43 2.94 -43.80
N LYS D 114 -25.13 1.87 -44.19
CA LYS D 114 -24.48 0.78 -44.90
C LYS D 114 -24.10 1.19 -46.32
N ASN D 115 -24.88 2.08 -46.94
CA ASN D 115 -24.48 2.65 -48.23
C ASN D 115 -23.31 3.63 -48.08
N GLU D 116 -23.28 4.39 -46.99
CA GLU D 116 -22.16 5.32 -46.79
C GLU D 116 -20.91 4.60 -46.32
N LYS D 117 -21.05 3.40 -45.75
CA LYS D 117 -19.88 2.56 -45.48
C LYS D 117 -19.37 1.92 -46.76
N LEU D 118 -20.26 1.53 -47.67
CA LEU D 118 -19.85 0.79 -48.86
C LEU D 118 -19.28 1.71 -49.94
N LYS D 119 -19.68 2.99 -49.94
CA LYS D 119 -19.02 3.96 -50.82
C LYS D 119 -17.62 4.28 -50.32
N GLU D 120 -17.41 4.22 -49.00
CA GLU D 120 -16.05 4.24 -48.46
C GLU D 120 -15.32 2.93 -48.77
N ASP D 121 -16.06 1.82 -48.84
CA ASP D 121 -15.46 0.55 -49.23
C ASP D 121 -15.30 0.44 -50.74
N LEU D 122 -15.97 1.30 -51.51
CA LEU D 122 -15.74 1.34 -52.95
C LEU D 122 -14.41 2.00 -53.29
N GLU D 123 -13.93 2.87 -52.39
CA GLU D 123 -12.63 3.52 -52.61
C GLU D 123 -11.47 2.61 -52.23
N ARG D 124 -11.62 1.84 -51.15
CA ARG D 124 -10.47 1.18 -50.52
C ARG D 124 -10.07 -0.10 -51.24
N GLU D 125 -11.04 -0.93 -51.62
CA GLU D 125 -10.72 -2.14 -52.38
C GLU D 125 -10.40 -1.85 -53.84
N GLN D 126 -10.82 -0.70 -54.36
CA GLN D 126 -10.33 -0.28 -55.67
C GLN D 126 -8.88 0.20 -55.57
N ARG D 127 -8.52 0.79 -54.43
CA ARG D 127 -7.12 1.12 -54.16
C ARG D 127 -6.33 -0.15 -53.88
N TRP D 128 -6.95 -1.15 -53.25
CA TRP D 128 -6.25 -2.40 -52.96
C TRP D 128 -6.12 -3.27 -54.21
N LEU D 129 -7.03 -3.12 -55.18
CA LEU D 129 -6.85 -3.77 -56.47
C LEU D 129 -5.81 -3.05 -57.30
N ASP D 130 -5.68 -1.73 -57.10
CA ASP D 130 -4.67 -0.96 -57.81
C ASP D 130 -3.27 -1.21 -57.22
N GLU D 131 -3.19 -1.55 -55.94
CA GLU D 131 -1.90 -1.90 -55.35
C GLU D 131 -1.48 -3.32 -55.73
N GLN D 132 -2.45 -4.25 -55.81
CA GLN D 132 -2.14 -5.65 -56.10
C GLN D 132 -1.79 -5.84 -57.57
N GLN D 133 -2.37 -5.03 -58.45
CA GLN D 133 -1.93 -5.01 -59.85
C GLN D 133 -0.56 -4.36 -59.99
N GLN D 134 -0.23 -3.40 -59.10
CA GLN D 134 1.09 -2.78 -59.10
C GLN D 134 2.14 -3.74 -58.54
N ILE D 135 1.74 -4.66 -57.65
CA ILE D 135 2.59 -5.79 -57.29
C ILE D 135 2.73 -6.74 -58.47
N MET D 136 1.64 -6.97 -59.21
CA MET D 136 1.60 -7.95 -60.29
C MET D 136 2.37 -7.49 -61.52
N GLU D 137 2.37 -6.18 -61.79
CA GLU D 137 3.16 -5.67 -62.92
C GLU D 137 4.63 -5.53 -62.55
N SER D 138 4.95 -5.44 -61.26
CA SER D 138 6.35 -5.33 -60.86
C SER D 138 6.98 -6.71 -60.64
N LEU D 139 6.16 -7.71 -60.30
CA LEU D 139 6.69 -9.07 -60.20
C LEU D 139 6.82 -9.74 -61.57
N ASN D 140 6.13 -9.21 -62.58
CA ASN D 140 6.33 -9.69 -63.95
C ASN D 140 7.67 -9.24 -64.51
N VAL D 141 8.05 -7.99 -64.25
CA VAL D 141 9.30 -7.47 -64.83
C VAL D 141 10.51 -7.91 -64.01
N LEU D 142 10.31 -8.36 -62.76
CA LEU D 142 11.42 -8.95 -62.02
C LEU D 142 11.55 -10.44 -62.31
N HIS D 143 10.49 -11.08 -62.82
CA HIS D 143 10.62 -12.45 -63.28
C HIS D 143 11.29 -12.49 -64.66
N SER D 144 11.10 -11.45 -65.47
CA SER D 144 11.71 -11.42 -66.79
C SER D 144 13.19 -11.09 -66.72
N GLU D 145 13.59 -10.27 -65.74
CA GLU D 145 15.01 -9.96 -65.56
C GLU D 145 15.75 -11.08 -64.84
N LEU D 146 15.05 -11.93 -64.10
CA LEU D 146 15.70 -13.06 -63.44
C LEU D 146 15.85 -14.24 -64.40
N LYS D 147 14.91 -14.38 -65.34
CA LYS D 147 15.01 -15.41 -66.37
C LYS D 147 16.07 -15.06 -67.41
N ASN D 148 16.26 -13.77 -67.68
CA ASN D 148 17.31 -13.34 -68.59
C ASN D 148 18.69 -13.30 -67.95
N LYS D 149 18.77 -13.38 -66.61
CA LYS D 149 20.05 -13.39 -65.93
C LYS D 149 20.24 -14.66 -65.12
N VAL D 150 19.91 -15.82 -65.72
CA VAL D 150 20.22 -17.10 -65.11
C VAL D 150 21.73 -17.35 -65.20
N GLU D 151 22.31 -17.12 -66.37
CA GLU D 151 23.75 -17.22 -66.55
C GLU D 151 24.41 -15.99 -65.94
N THR D 152 25.29 -16.22 -64.97
CA THR D 152 26.03 -15.16 -64.28
C THR D 152 27.36 -14.91 -65.01
N PHE D 153 28.28 -14.22 -64.35
CA PHE D 153 29.62 -14.04 -64.88
C PHE D 153 30.39 -15.35 -64.84
N SER D 154 31.30 -15.51 -65.80
CA SER D 154 31.99 -16.77 -66.02
C SER D 154 33.06 -17.00 -64.96
N GLU D 155 33.51 -18.26 -64.87
CA GLU D 155 34.53 -18.65 -63.90
C GLU D 155 35.90 -18.15 -64.32
N SER D 156 36.18 -18.12 -65.63
CA SER D 156 37.43 -17.59 -66.15
C SER D 156 37.46 -16.07 -66.19
N ARG D 157 36.30 -15.41 -66.07
CA ARG D 157 36.27 -13.95 -66.03
C ARG D 157 36.76 -13.41 -64.69
N ILE D 158 36.46 -14.13 -63.60
CA ILE D 158 36.80 -13.69 -62.24
C ILE D 158 38.31 -13.81 -62.00
N PHE D 159 38.97 -14.78 -62.64
CA PHE D 159 40.41 -14.94 -62.47
C PHE D 159 41.20 -13.88 -63.22
N ASN D 160 40.72 -13.47 -64.40
CA ASN D 160 41.47 -12.50 -65.19
C ASN D 160 41.16 -11.05 -64.80
N GLU D 161 39.99 -10.79 -64.22
CA GLU D 161 39.68 -9.43 -63.80
C GLU D 161 40.37 -9.08 -62.49
N LEU D 162 40.46 -10.06 -61.57
CA LEU D 162 41.14 -9.83 -60.31
C LEU D 162 42.65 -9.86 -60.45
N LYS D 163 43.17 -10.48 -61.52
CA LYS D 163 44.60 -10.38 -61.82
C LYS D 163 44.91 -9.03 -62.47
N THR D 164 43.91 -8.41 -63.11
CA THR D 164 44.12 -7.13 -63.78
C THR D 164 44.19 -5.99 -62.77
N LYS D 165 43.29 -5.99 -61.77
CA LYS D 165 43.24 -4.89 -60.82
C LYS D 165 44.33 -4.95 -59.75
N MET D 166 44.96 -6.12 -59.54
CA MET D 166 46.14 -6.14 -58.69
C MET D 166 47.36 -5.64 -59.43
N LEU D 167 47.37 -5.76 -60.76
CA LEU D 167 48.41 -5.13 -61.57
C LEU D 167 48.09 -3.67 -61.86
N ASN D 168 46.84 -3.26 -61.69
CA ASN D 168 46.50 -1.84 -61.85
C ASN D 168 46.96 -1.02 -60.65
N ILE D 169 46.79 -1.55 -59.43
CA ILE D 169 47.12 -0.78 -58.24
C ILE D 169 48.64 -0.76 -57.98
N LYS D 170 49.38 -1.68 -58.60
CA LYS D 170 50.84 -1.55 -58.62
C LYS D 170 51.28 -0.45 -59.58
N GLU D 171 50.49 -0.20 -60.63
CA GLU D 171 50.78 0.94 -61.51
C GLU D 171 50.34 2.25 -60.87
N TYR D 172 49.37 2.20 -59.96
CA TYR D 172 49.10 3.37 -59.13
C TYR D 172 50.11 3.51 -58.01
N LYS D 173 50.79 2.41 -57.64
CA LYS D 173 51.82 2.49 -56.61
C LYS D 173 53.10 3.09 -57.17
N GLU D 174 53.51 2.68 -58.37
CA GLU D 174 54.74 3.18 -58.97
C GLU D 174 54.58 4.58 -59.52
N LYS D 175 53.35 5.00 -59.80
CA LYS D 175 53.10 6.42 -60.09
C LYS D 175 53.21 7.25 -58.82
N LEU D 176 52.75 6.72 -57.69
CA LEU D 176 52.76 7.46 -56.43
C LEU D 176 54.15 7.47 -55.80
N LEU D 177 54.93 6.41 -55.98
CA LEU D 177 56.30 6.41 -55.47
C LEU D 177 57.22 7.27 -56.33
N SER D 178 56.86 7.45 -57.61
CA SER D 178 57.54 8.46 -58.42
C SER D 178 57.07 9.86 -58.05
N THR D 179 55.82 9.98 -57.57
CA THR D 179 55.33 11.25 -57.06
C THR D 179 55.95 11.54 -55.69
N LEU D 180 56.18 10.50 -54.89
CA LEU D 180 56.87 10.66 -53.61
C LEU D 180 58.36 10.95 -53.81
N GLY D 181 58.94 10.46 -54.90
CA GLY D 181 60.36 10.70 -55.15
C GLY D 181 60.63 12.06 -55.74
N GLU D 182 59.63 12.67 -56.40
CA GLU D 182 59.87 13.96 -57.04
C GLU D 182 59.39 15.13 -56.19
N PHE D 183 58.41 14.91 -55.30
CA PHE D 183 57.96 15.99 -54.43
C PHE D 183 58.93 16.23 -53.29
N LEU D 184 59.53 15.16 -52.77
CA LEU D 184 60.47 15.32 -51.67
C LEU D 184 61.85 15.74 -52.13
N GLU D 185 62.20 15.52 -53.39
CA GLU D 185 63.51 15.93 -53.88
C GLU D 185 63.55 17.43 -54.17
N ASP D 186 62.51 17.98 -54.79
CA ASP D 186 62.50 19.38 -55.19
C ASP D 186 62.17 20.32 -54.05
N HIS D 187 61.67 19.82 -52.91
CA HIS D 187 61.22 20.69 -51.83
C HIS D 187 61.93 20.46 -50.50
N PHE D 188 62.36 19.23 -50.21
CA PHE D 188 63.04 18.89 -48.96
C PHE D 188 64.45 18.39 -49.26
N PRO D 189 65.45 19.30 -49.32
CA PRO D 189 66.81 18.88 -49.69
C PRO D 189 67.58 18.17 -48.58
N LEU D 190 68.85 17.86 -48.85
CA LEU D 190 69.71 17.24 -47.85
C LEU D 190 70.10 18.27 -46.81
N PRO D 191 69.86 18.03 -45.52
CA PRO D 191 70.19 19.03 -44.49
C PRO D 191 71.67 19.09 -44.19
N ASP D 192 72.17 20.32 -44.02
CA ASP D 192 73.57 20.57 -43.73
C ASP D 192 73.77 20.65 -42.22
N ARG D 193 74.80 19.97 -41.73
CA ARG D 193 75.13 20.02 -40.31
C ARG D 193 76.08 21.17 -39.97
N SER D 194 76.55 21.91 -40.96
CA SER D 194 77.40 23.08 -40.74
C SER D 194 76.56 24.35 -40.78
N VAL D 195 75.56 24.40 -39.89
CA VAL D 195 74.68 25.56 -39.77
C VAL D 195 74.86 26.15 -38.38
N LYS D 196 74.39 27.41 -38.25
CA LYS D 196 74.49 28.29 -37.05
C LYS D 196 75.93 28.47 -36.58
N LYS D 197 76.85 28.62 -37.54
CA LYS D 197 78.27 28.74 -37.23
C LYS D 197 78.73 30.18 -37.05
N LYS D 198 77.83 31.15 -37.20
CA LYS D 198 78.15 32.55 -36.98
C LYS D 198 78.12 32.83 -35.48
N LYS D 199 79.26 33.34 -34.96
CA LYS D 199 79.53 33.94 -33.64
C LYS D 199 79.62 32.91 -32.49
N LYS D 200 79.20 31.66 -32.72
CA LYS D 200 79.24 30.62 -31.71
C LYS D 200 79.95 29.40 -32.28
N ASN D 201 80.05 28.35 -31.47
CA ASN D 201 80.59 27.05 -31.91
C ASN D 201 79.72 26.00 -31.21
N ILE D 202 78.66 25.58 -31.88
CA ILE D 202 77.75 24.57 -31.36
C ILE D 202 78.29 23.19 -31.72
N GLN D 203 78.18 22.25 -30.79
CA GLN D 203 78.79 20.93 -30.95
C GLN D 203 77.78 19.95 -31.56
N GLU D 204 78.19 19.31 -32.66
CA GLU D 204 77.44 18.22 -33.25
C GLU D 204 78.33 17.00 -33.40
N SER D 205 77.70 15.86 -33.67
CA SER D 205 78.44 14.62 -33.87
C SER D 205 78.87 14.49 -35.33
N SER D 206 79.61 13.41 -35.61
CA SER D 206 80.14 13.16 -36.94
C SER D 206 79.23 12.27 -37.78
N VAL D 207 78.05 11.91 -37.27
CA VAL D 207 77.11 11.10 -38.03
C VAL D 207 76.36 11.99 -39.01
N ASN D 208 76.46 11.67 -40.29
CA ASN D 208 75.89 12.50 -41.35
C ASN D 208 74.39 12.31 -41.44
N LEU D 209 73.66 13.40 -41.61
CA LEU D 209 72.22 13.34 -41.82
C LEU D 209 71.90 12.87 -43.23
N ILE D 210 70.74 12.23 -43.38
CA ILE D 210 70.30 11.68 -44.65
C ILE D 210 69.07 12.43 -45.13
N THR D 211 68.58 12.05 -46.30
CA THR D 211 67.41 12.66 -46.91
C THR D 211 66.16 12.16 -46.19
N LEU D 212 65.14 13.03 -46.10
CA LEU D 212 63.87 12.67 -45.47
C LEU D 212 63.08 11.66 -46.31
N HIS D 213 63.31 11.64 -47.64
CA HIS D 213 62.81 10.57 -48.49
C HIS D 213 63.48 9.24 -48.17
N GLU D 214 64.76 9.27 -47.77
CA GLU D 214 65.41 8.05 -47.29
C GLU D 214 64.99 7.72 -45.86
N MET D 215 64.52 8.71 -45.09
CA MET D 215 64.02 8.44 -43.76
C MET D 215 62.64 7.77 -43.80
N LEU D 216 61.81 8.17 -44.76
CA LEU D 216 60.48 7.58 -44.88
C LEU D 216 60.51 6.25 -45.62
N GLU D 217 61.62 5.95 -46.30
CA GLU D 217 61.78 4.65 -46.95
C GLU D 217 62.06 3.56 -45.91
N ILE D 218 62.73 3.92 -44.82
CA ILE D 218 62.97 2.99 -43.72
C ILE D 218 61.69 2.75 -42.93
N LEU D 219 60.85 3.79 -42.79
CA LEU D 219 59.65 3.70 -41.97
C LEU D 219 58.53 2.91 -42.66
N ILE D 220 58.58 2.82 -43.99
CA ILE D 220 57.62 1.95 -44.68
C ILE D 220 58.20 0.55 -44.85
N ASN D 221 59.50 0.38 -44.62
CA ASN D 221 60.07 -0.97 -44.63
C ASN D 221 60.09 -1.59 -43.25
N ARG D 222 59.99 -0.76 -42.21
CA ARG D 222 59.92 -1.30 -40.85
C ARG D 222 58.51 -1.80 -40.53
N LEU D 223 57.48 -1.06 -40.96
CA LEU D 223 56.11 -1.41 -40.62
C LEU D 223 55.56 -2.55 -41.48
N PHE D 224 55.80 -2.51 -42.78
CA PHE D 224 55.16 -3.41 -43.72
C PHE D 224 55.84 -4.78 -43.83
N ASP D 225 57.11 -4.88 -43.46
CA ASP D 225 57.78 -6.18 -43.49
C ASP D 225 57.57 -6.96 -42.21
N VAL D 226 57.88 -6.36 -41.07
CA VAL D 226 57.61 -6.97 -39.77
C VAL D 226 56.50 -6.14 -39.10
N PRO D 227 55.26 -6.63 -39.07
CA PRO D 227 54.18 -5.85 -38.44
C PRO D 227 54.19 -5.86 -36.92
N HIS D 228 54.95 -6.74 -36.29
CA HIS D 228 54.94 -6.89 -34.84
C HIS D 228 55.94 -5.97 -34.14
N ASP D 229 56.77 -5.24 -34.88
CA ASP D 229 57.75 -4.33 -34.28
C ASP D 229 57.97 -3.16 -35.24
N PRO D 230 57.20 -2.07 -35.09
CA PRO D 230 57.45 -0.87 -35.90
C PRO D 230 58.34 0.18 -35.24
N TYR D 231 58.93 -0.12 -34.08
CA TYR D 231 59.62 0.88 -33.28
C TYR D 231 61.02 1.16 -33.84
N VAL D 232 61.29 2.44 -34.08
CA VAL D 232 62.56 2.90 -34.62
C VAL D 232 63.21 3.82 -33.59
N LYS D 233 64.43 3.47 -33.18
CA LYS D 233 65.18 4.26 -32.22
C LYS D 233 65.69 5.56 -32.86
N ILE D 234 65.45 6.68 -32.18
CA ILE D 234 65.93 7.98 -32.63
C ILE D 234 67.44 8.04 -32.37
N SER D 235 68.21 8.19 -33.43
CA SER D 235 69.66 8.22 -33.37
C SER D 235 70.16 9.56 -33.91
N ASP D 236 71.48 9.66 -34.12
CA ASP D 236 72.10 10.86 -34.65
C ASP D 236 71.94 11.01 -36.17
N SER D 237 71.42 9.99 -36.86
CA SER D 237 71.13 10.10 -38.29
C SER D 237 69.84 10.88 -38.57
N PHE D 238 69.00 11.08 -37.55
CA PHE D 238 67.76 11.83 -37.70
C PHE D 238 67.92 13.26 -37.20
N TRP D 239 66.99 14.11 -37.62
CA TRP D 239 66.93 15.51 -37.24
C TRP D 239 65.61 15.78 -36.53
N PRO D 240 65.59 16.49 -35.40
CA PRO D 240 64.34 16.61 -34.59
C PRO D 240 63.25 17.50 -35.18
N PRO D 241 63.51 18.51 -36.07
CA PRO D 241 62.35 19.00 -36.86
C PRO D 241 61.86 18.04 -37.95
N TYR D 242 62.66 17.06 -38.39
CA TYR D 242 62.10 16.03 -39.28
C TYR D 242 61.25 15.04 -38.50
N VAL D 243 61.52 14.88 -37.20
CA VAL D 243 60.64 14.09 -36.35
C VAL D 243 59.36 14.87 -36.05
N GLU D 244 59.47 16.19 -35.84
CA GLU D 244 58.34 17.04 -35.48
C GLU D 244 57.37 17.24 -36.65
N LEU D 245 57.88 17.16 -37.88
CA LEU D 245 57.02 17.20 -39.07
C LEU D 245 56.20 15.92 -39.21
N LEU D 246 56.71 14.80 -38.72
CA LEU D 246 55.95 13.55 -38.72
C LEU D 246 55.05 13.43 -37.49
N LEU D 247 55.25 14.28 -36.48
CA LEU D 247 54.44 14.23 -35.27
C LEU D 247 53.34 15.28 -35.21
N ARG D 248 53.48 16.40 -35.95
CA ARG D 248 52.48 17.46 -35.87
C ARG D 248 51.23 17.12 -36.69
N ASN D 249 51.42 16.55 -37.88
CA ASN D 249 50.30 16.16 -38.73
C ASN D 249 49.73 14.79 -38.38
N GLY D 250 50.33 14.08 -37.43
CA GLY D 250 49.83 12.79 -37.02
C GLY D 250 50.32 11.62 -37.84
N ILE D 251 51.46 11.78 -38.53
CA ILE D 251 52.01 10.69 -39.34
C ILE D 251 52.66 9.64 -38.44
N ALA D 252 53.61 10.07 -37.61
CA ALA D 252 54.26 9.18 -36.66
C ALA D 252 53.71 9.40 -35.27
N LEU D 253 53.92 8.40 -34.41
CA LEU D 253 53.55 8.47 -33.00
C LEU D 253 54.65 7.84 -32.16
N ARG D 254 54.90 8.43 -30.99
CA ARG D 254 55.90 7.93 -30.07
C ARG D 254 55.28 6.94 -29.08
N HIS D 255 56.14 6.16 -28.45
CA HIS D 255 55.70 5.18 -27.46
C HIS D 255 55.40 5.89 -26.15
N PRO D 256 54.29 5.59 -25.47
CA PRO D 256 53.93 6.37 -24.28
C PRO D 256 54.71 6.00 -23.02
N GLU D 257 55.26 4.79 -22.94
CA GLU D 257 56.08 4.44 -21.78
C GLU D 257 57.50 4.96 -21.91
N ASP D 258 57.97 5.19 -23.15
CA ASP D 258 59.30 5.71 -23.39
C ASP D 258 59.27 6.54 -24.67
N PRO D 259 59.37 7.91 -24.58
CA PRO D 259 59.27 8.76 -25.77
C PRO D 259 60.60 8.99 -26.53
N THR D 260 61.33 7.89 -26.78
CA THR D 260 62.51 7.93 -27.62
C THR D 260 62.40 7.02 -28.84
N ARG D 261 61.33 6.25 -28.97
CA ARG D 261 61.13 5.32 -30.07
C ARG D 261 59.91 5.74 -30.87
N ILE D 262 60.09 5.97 -32.17
CA ILE D 262 59.01 6.38 -33.04
C ILE D 262 58.57 5.19 -33.88
N ARG D 263 57.35 5.27 -34.39
CA ARG D 263 56.78 4.24 -35.25
C ARG D 263 55.86 4.90 -36.25
N LEU D 264 55.61 4.19 -37.36
CA LEU D 264 54.67 4.67 -38.37
C LEU D 264 53.28 4.16 -38.04
N GLU D 265 52.38 5.08 -37.70
CA GLU D 265 51.01 4.71 -37.34
C GLU D 265 50.20 4.40 -38.59
N ALA D 266 49.69 3.17 -38.66
CA ALA D 266 48.88 2.75 -39.79
C ALA D 266 47.44 3.25 -39.61
N PHE D 267 46.80 3.59 -40.73
CA PHE D 267 45.45 4.11 -40.72
C PHE D 267 44.53 3.12 -41.43
N HIS D 268 44.11 2.09 -40.70
CA HIS D 268 43.09 1.18 -41.21
C HIS D 268 42.12 0.71 -40.14
N GLN D 269 42.20 1.20 -38.92
CA GLN D 269 41.36 0.72 -37.83
C GLN D 269 40.95 1.86 -36.89
N LEU E 27 2.58 -27.98 -37.01
CA LEU E 27 1.39 -27.11 -37.12
C LEU E 27 0.12 -27.86 -36.72
N GLN E 28 0.05 -29.15 -37.03
CA GLN E 28 -1.13 -29.94 -36.65
C GLN E 28 -1.12 -30.29 -35.17
N LYS E 29 0.07 -30.34 -34.56
CA LYS E 29 0.13 -30.50 -33.11
C LYS E 29 -0.01 -29.16 -32.40
N ARG E 30 0.17 -28.05 -33.13
CA ARG E 30 -0.19 -26.74 -32.60
C ARG E 30 -1.71 -26.58 -32.55
N LEU E 31 -2.42 -27.23 -33.49
CA LEU E 31 -3.88 -27.20 -33.50
C LEU E 31 -4.47 -28.03 -32.37
N GLU E 32 -3.84 -29.15 -32.02
CA GLU E 32 -4.40 -30.04 -31.00
C GLU E 32 -4.14 -29.52 -29.59
N SER E 33 -3.18 -28.59 -29.43
CA SER E 33 -2.93 -28.03 -28.11
C SER E 33 -3.87 -26.86 -27.80
N VAL E 34 -4.53 -26.32 -28.82
CA VAL E 34 -5.49 -25.23 -28.61
C VAL E 34 -6.80 -25.76 -28.04
N ARG E 35 -7.22 -26.95 -28.50
CA ARG E 35 -8.53 -27.51 -28.15
C ARG E 35 -8.58 -28.04 -26.72
N LYS E 36 -7.42 -28.34 -26.12
CA LYS E 36 -7.38 -28.61 -24.69
C LYS E 36 -7.48 -27.33 -23.88
N GLN E 37 -6.94 -26.22 -24.40
CA GLN E 37 -7.06 -24.93 -23.76
C GLN E 37 -8.40 -24.28 -24.02
N SER E 38 -9.01 -24.56 -25.18
CA SER E 38 -10.32 -24.01 -25.51
C SER E 38 -11.43 -24.71 -24.74
N SER E 39 -11.23 -25.98 -24.42
CA SER E 39 -12.14 -26.68 -23.52
C SER E 39 -11.83 -26.28 -22.07
N PHE E 40 -12.75 -26.64 -21.18
CA PHE E 40 -12.64 -26.22 -19.79
C PHE E 40 -11.66 -27.06 -18.99
N ILE E 41 -11.30 -28.25 -19.49
CA ILE E 41 -10.45 -29.16 -18.75
C ILE E 41 -8.97 -28.89 -19.09
N LEU E 42 -8.19 -28.58 -18.05
CA LEU E 42 -6.76 -28.39 -18.24
C LEU E 42 -5.91 -28.95 -17.10
N THR E 43 -6.52 -29.51 -16.04
CA THR E 43 -5.77 -30.03 -14.91
C THR E 43 -6.32 -31.41 -14.56
N PRO E 44 -5.47 -32.44 -14.46
CA PRO E 44 -5.96 -33.77 -14.10
C PRO E 44 -6.32 -33.86 -12.62
N PRO E 45 -7.39 -34.59 -12.28
CA PRO E 45 -7.80 -34.64 -10.86
C PRO E 45 -6.93 -35.55 -10.00
N ARG E 46 -6.29 -36.55 -10.58
CA ARG E 46 -5.43 -37.47 -9.86
C ARG E 46 -3.99 -37.23 -10.30
N ARG E 47 -3.16 -36.75 -9.38
CA ARG E 47 -1.79 -36.39 -9.68
C ARG E 47 -0.82 -37.33 -8.98
N LYS E 48 0.44 -37.25 -9.40
CA LYS E 48 1.50 -38.09 -8.86
C LYS E 48 2.24 -37.35 -7.76
N ILE E 49 2.55 -38.08 -6.69
CA ILE E 49 3.45 -37.60 -5.63
C ILE E 49 4.86 -37.44 -6.20
N PRO E 50 5.53 -36.30 -6.03
CA PRO E 50 6.84 -36.09 -6.65
C PRO E 50 7.95 -36.89 -5.96
N GLN E 51 8.84 -37.44 -6.78
CA GLN E 51 9.89 -38.34 -6.31
C GLN E 51 11.03 -37.56 -5.68
N CYS E 52 11.92 -38.30 -5.02
CA CYS E 52 13.12 -37.72 -4.40
C CYS E 52 14.18 -37.52 -5.47
N SER E 53 14.39 -36.27 -5.88
CA SER E 53 15.36 -35.94 -6.92
C SER E 53 16.75 -35.94 -6.31
N GLN E 54 17.49 -37.02 -6.54
CA GLN E 54 18.86 -37.11 -6.04
C GLN E 54 19.81 -36.32 -6.92
N LEU E 55 20.74 -35.59 -6.30
CA LEU E 55 21.70 -34.80 -7.06
C LEU E 55 22.78 -35.71 -7.62
N GLN E 56 22.96 -35.68 -8.94
CA GLN E 56 23.92 -36.54 -9.63
C GLN E 56 25.31 -35.92 -9.56
N GLU E 57 26.30 -36.65 -10.09
CA GLU E 57 27.66 -36.17 -10.15
C GLU E 57 27.87 -35.11 -11.21
N ASP E 58 27.03 -35.08 -12.24
CA ASP E 58 27.08 -34.03 -13.26
C ASP E 58 26.48 -32.73 -12.76
N VAL E 59 25.58 -32.80 -11.78
CA VAL E 59 25.03 -31.60 -11.17
C VAL E 59 26.05 -30.99 -10.22
N ASP E 60 26.34 -29.70 -10.41
CA ASP E 60 27.32 -28.93 -9.64
C ASP E 60 26.75 -28.66 -8.24
N PRO E 61 27.45 -29.08 -7.17
CA PRO E 61 26.95 -28.75 -5.82
C PRO E 61 27.18 -27.31 -5.43
N GLN E 62 28.22 -26.65 -5.97
CA GLN E 62 28.54 -25.29 -5.60
C GLN E 62 27.71 -24.25 -6.37
N LYS E 63 26.98 -24.67 -7.40
CA LYS E 63 26.11 -23.77 -8.15
C LYS E 63 24.68 -23.77 -7.60
N VAL E 64 24.19 -24.93 -7.14
CA VAL E 64 22.82 -25.02 -6.63
C VAL E 64 22.67 -24.44 -5.23
N ALA E 65 23.77 -24.23 -4.50
CA ALA E 65 23.71 -23.53 -3.22
C ALA E 65 23.52 -22.03 -3.41
N PHE E 66 23.96 -21.50 -4.56
CA PHE E 66 23.76 -20.09 -4.86
C PHE E 66 22.31 -19.82 -5.29
N LEU E 67 21.66 -20.81 -5.91
CA LEU E 67 20.28 -20.67 -6.34
C LEU E 67 19.28 -20.74 -5.18
N LEU E 68 19.66 -21.34 -4.06
CA LEU E 68 18.78 -21.41 -2.91
C LEU E 68 18.85 -20.11 -2.11
N HIS E 69 17.81 -19.91 -1.27
CA HIS E 69 17.63 -18.80 -0.31
C HIS E 69 17.62 -17.43 -1.00
N LYS E 70 17.00 -17.36 -2.17
CA LYS E 70 16.94 -16.13 -2.95
C LYS E 70 15.49 -15.78 -3.24
N GLN E 71 15.23 -14.48 -3.40
CA GLN E 71 13.91 -13.98 -3.76
C GLN E 71 13.81 -13.94 -5.28
N TRP E 72 12.71 -14.48 -5.83
CA TRP E 72 12.56 -14.63 -7.26
C TRP E 72 11.25 -14.05 -7.74
N THR E 73 11.24 -13.49 -8.95
CA THR E 73 10.04 -12.99 -9.61
C THR E 73 9.86 -13.72 -10.93
N LEU E 74 8.70 -14.37 -11.09
CA LEU E 74 8.47 -15.23 -12.24
C LEU E 74 7.88 -14.46 -13.42
N TYR E 75 8.28 -14.88 -14.61
CA TYR E 75 7.73 -14.37 -15.87
C TYR E 75 7.63 -15.53 -16.85
N SER E 76 6.71 -15.41 -17.80
CA SER E 76 6.57 -16.37 -18.88
C SER E 76 7.03 -15.73 -20.19
N LEU E 77 7.57 -16.55 -21.09
CA LEU E 77 8.21 -16.05 -22.29
C LEU E 77 7.92 -16.98 -23.45
N THR E 78 7.71 -16.39 -24.64
CA THR E 78 7.60 -17.13 -25.89
C THR E 78 8.97 -17.71 -26.26
N PRO E 79 9.00 -18.83 -27.01
CA PRO E 79 10.30 -19.43 -27.38
C PRO E 79 11.11 -18.61 -28.38
N LEU E 80 12.43 -18.70 -28.23
CA LEU E 80 13.37 -17.77 -28.84
C LEU E 80 13.60 -18.10 -30.31
N TYR E 81 14.38 -17.24 -30.98
CA TYR E 81 14.74 -17.42 -32.37
C TYR E 81 16.24 -17.20 -32.54
N LYS E 82 16.85 -17.99 -33.45
CA LYS E 82 18.29 -18.09 -33.81
C LYS E 82 19.25 -18.15 -32.60
N PHE E 83 18.83 -18.88 -31.58
CA PHE E 83 19.64 -19.05 -30.38
C PHE E 83 20.63 -20.18 -30.56
N SER E 84 21.91 -19.86 -30.44
CA SER E 84 22.99 -20.84 -30.55
C SER E 84 23.79 -20.88 -29.25
N TYR E 85 24.46 -22.00 -29.02
CA TYR E 85 25.27 -22.18 -27.82
C TYR E 85 26.70 -21.69 -28.00
N SER E 86 27.09 -21.29 -29.20
CA SER E 86 28.44 -20.83 -29.48
C SER E 86 28.51 -19.34 -29.76
N ASN E 87 27.37 -18.64 -29.80
CA ASN E 87 27.34 -17.21 -30.05
C ASN E 87 27.08 -16.42 -28.77
N LEU E 88 27.45 -16.98 -27.62
CA LEU E 88 27.29 -16.29 -26.34
C LEU E 88 28.36 -15.26 -26.10
N LYS E 89 29.50 -15.34 -26.80
CA LYS E 89 30.57 -14.36 -26.61
C LYS E 89 30.24 -13.05 -27.30
N GLU E 90 29.54 -13.11 -28.44
CA GLU E 90 29.07 -11.90 -29.11
C GLU E 90 27.89 -11.29 -28.36
N TYR E 91 27.03 -12.12 -27.78
CA TYR E 91 25.86 -11.63 -27.07
C TYR E 91 26.22 -11.05 -25.70
N SER E 92 27.36 -11.44 -25.14
CA SER E 92 27.83 -10.84 -23.90
C SER E 92 28.40 -9.44 -24.12
N ARG E 93 28.96 -9.17 -25.30
CA ARG E 93 29.51 -7.85 -25.61
C ARG E 93 28.43 -6.88 -26.08
N LEU E 94 27.33 -7.38 -26.65
CA LEU E 94 26.24 -6.51 -27.03
C LEU E 94 25.39 -6.12 -25.84
N LEU E 95 25.29 -7.00 -24.84
CA LEU E 95 24.51 -6.70 -23.65
C LEU E 95 25.27 -5.75 -22.72
N ASN E 96 26.61 -5.86 -22.69
CA ASN E 96 27.42 -4.95 -21.90
C ASN E 96 27.56 -3.57 -22.54
N ALA E 97 27.29 -3.44 -23.83
CA ALA E 97 27.34 -2.13 -24.48
C ALA E 97 25.99 -1.43 -24.45
N PHE E 98 24.92 -2.15 -24.08
CA PHE E 98 23.58 -1.56 -24.13
C PHE E 98 23.08 -1.14 -22.74
N ILE E 99 23.36 -1.90 -21.69
CA ILE E 99 22.78 -1.57 -20.39
C ILE E 99 23.57 -0.46 -19.70
N VAL E 100 24.80 -0.21 -20.15
CA VAL E 100 25.52 1.00 -19.75
C VAL E 100 24.90 2.20 -20.47
N ALA E 101 24.49 2.02 -21.72
CA ALA E 101 23.92 3.10 -22.52
C ALA E 101 22.51 3.45 -22.09
N GLU E 102 21.76 2.50 -21.53
CA GLU E 102 20.41 2.82 -21.02
C GLU E 102 20.48 3.59 -19.70
N LYS E 103 21.58 3.45 -18.96
CA LYS E 103 21.78 4.27 -17.77
C LYS E 103 22.29 5.66 -18.12
N GLN E 104 22.88 5.84 -19.31
CA GLN E 104 23.35 7.15 -19.74
C GLN E 104 22.26 7.98 -20.41
N LYS E 105 21.21 7.34 -20.94
CA LYS E 105 20.12 8.08 -21.55
C LYS E 105 19.16 8.66 -20.51
N GLY E 106 19.12 8.08 -19.32
CA GLY E 106 18.24 8.55 -18.26
C GLY E 106 18.83 9.57 -17.33
N ASP E 114 31.73 6.05 -14.08
CA ASP E 114 31.92 4.82 -14.81
C ASP E 114 31.14 3.68 -14.16
N PHE E 115 30.77 2.70 -14.97
CA PHE E 115 30.04 1.51 -14.52
C PHE E 115 30.92 0.29 -14.77
N ASN E 116 31.42 -0.31 -13.70
CA ASN E 116 32.31 -1.47 -13.79
C ASN E 116 31.53 -2.78 -13.64
N ILE E 117 30.56 -2.96 -14.54
CA ILE E 117 29.71 -4.14 -14.55
C ILE E 117 30.00 -4.96 -15.80
N LYS E 118 29.69 -6.26 -15.70
CA LYS E 118 29.95 -7.22 -16.77
C LYS E 118 29.00 -8.39 -16.59
N VAL E 119 28.35 -8.81 -17.67
CA VAL E 119 27.43 -9.93 -17.60
C VAL E 119 28.18 -11.24 -17.86
N ILE E 120 27.67 -12.32 -17.27
CA ILE E 120 28.25 -13.65 -17.41
C ILE E 120 27.15 -14.59 -17.88
N PHE E 121 27.35 -15.20 -19.05
CA PHE E 121 26.42 -16.22 -19.56
C PHE E 121 26.98 -17.58 -19.17
N SER E 122 26.50 -18.12 -18.05
CA SER E 122 26.96 -19.40 -17.52
C SER E 122 25.94 -20.48 -17.84
N THR E 123 26.42 -21.62 -18.31
CA THR E 123 25.56 -22.74 -18.67
C THR E 123 25.63 -23.81 -17.59
N LEU E 124 24.47 -24.35 -17.23
CA LEU E 124 24.35 -25.39 -16.21
C LEU E 124 24.01 -26.73 -16.88
N LEU E 125 24.43 -27.81 -16.24
CA LEU E 125 24.34 -29.15 -16.81
C LEU E 125 23.65 -30.12 -15.85
N GLY E 126 22.90 -31.06 -16.41
CA GLY E 126 22.39 -32.18 -15.65
C GLY E 126 21.12 -31.94 -14.86
N MET E 127 20.46 -30.80 -15.08
CA MET E 127 19.22 -30.50 -14.37
C MET E 127 18.01 -31.18 -15.02
N LYS E 128 18.09 -31.51 -16.30
CA LYS E 128 16.99 -32.03 -17.09
C LYS E 128 16.69 -33.49 -16.74
N GLY E 129 15.40 -33.83 -16.78
CA GLY E 129 14.96 -35.20 -16.60
C GLY E 129 14.47 -35.80 -17.90
N THR E 130 14.06 -34.93 -18.83
CA THR E 130 13.66 -35.34 -20.17
C THR E 130 14.74 -34.91 -21.15
N GLN E 131 15.17 -35.85 -22.01
CA GLN E 131 16.29 -35.62 -22.91
C GLN E 131 15.95 -34.71 -24.08
N ARG E 132 14.67 -34.48 -24.36
CA ARG E 132 14.25 -33.59 -25.45
C ARG E 132 14.18 -32.13 -25.03
N ASP E 133 14.43 -31.81 -23.76
CA ASP E 133 14.45 -30.44 -23.30
C ASP E 133 15.75 -29.74 -23.71
N PRO E 134 15.71 -28.45 -24.02
CA PRO E 134 16.95 -27.72 -24.29
C PRO E 134 17.69 -27.38 -23.00
N GLU E 135 18.93 -26.93 -23.17
CA GLU E 135 19.83 -26.67 -22.04
C GLU E 135 19.49 -25.35 -21.39
N ALA E 136 19.33 -25.37 -20.06
CA ALA E 136 19.12 -24.15 -19.30
C ALA E 136 20.46 -23.46 -19.03
N PHE E 137 20.40 -22.16 -18.74
CA PHE E 137 21.60 -21.36 -18.52
C PHE E 137 21.29 -20.24 -17.54
N LEU E 138 22.35 -19.51 -17.16
CA LEU E 138 22.30 -18.47 -16.15
C LEU E 138 22.78 -17.15 -16.72
N VAL E 139 22.11 -16.07 -16.33
CA VAL E 139 22.51 -14.70 -16.68
C VAL E 139 22.69 -13.94 -15.38
N GLN E 140 23.93 -13.49 -15.12
CA GLN E 140 24.22 -12.66 -13.96
C GLN E 140 24.67 -11.28 -14.40
N ILE E 141 24.72 -10.36 -13.43
CA ILE E 141 25.49 -9.12 -13.54
C ILE E 141 26.44 -9.12 -12.34
N VAL E 142 27.73 -9.27 -12.61
CA VAL E 142 28.76 -9.30 -11.59
C VAL E 142 29.63 -8.05 -11.76
N SER E 143 29.72 -7.25 -10.70
CA SER E 143 30.54 -6.05 -10.72
C SER E 143 32.02 -6.43 -10.64
N LYS E 144 32.85 -5.60 -11.26
CA LYS E 144 34.28 -5.86 -11.34
C LYS E 144 34.97 -5.50 -10.03
N SER E 145 36.24 -5.88 -9.93
CA SER E 145 37.04 -5.65 -8.73
C SER E 145 37.78 -4.33 -8.86
N GLN E 146 37.33 -3.32 -8.12
CA GLN E 146 37.99 -2.03 -8.08
C GLN E 146 39.00 -1.91 -6.96
N LEU E 147 39.21 -2.98 -6.20
CA LEU E 147 40.14 -2.96 -5.07
C LEU E 147 41.57 -3.08 -5.56
N GLU E 153 35.64 -12.18 -5.44
CA GLU E 153 34.49 -12.22 -6.32
C GLU E 153 33.62 -10.98 -6.12
N GLY E 154 33.07 -10.48 -7.22
CA GLY E 154 32.26 -9.28 -7.16
C GLY E 154 30.86 -9.55 -6.65
N LYS E 155 30.17 -8.45 -6.32
CA LYS E 155 28.82 -8.53 -5.79
C LYS E 155 27.82 -8.68 -6.94
N VAL E 156 26.96 -9.69 -6.85
CA VAL E 156 25.99 -9.96 -7.89
C VAL E 156 24.78 -9.05 -7.67
N LEU E 157 24.48 -8.21 -8.66
CA LEU E 157 23.37 -7.27 -8.56
C LEU E 157 22.07 -7.81 -9.15
N TRP E 158 22.15 -8.52 -10.28
CA TRP E 158 20.96 -9.03 -10.94
C TRP E 158 21.24 -10.45 -11.39
N THR E 159 20.23 -11.32 -11.29
CA THR E 159 20.35 -12.71 -11.70
C THR E 159 19.14 -13.10 -12.54
N GLY E 160 19.38 -13.49 -13.78
CA GLY E 160 18.35 -14.00 -14.66
C GLY E 160 18.58 -15.47 -14.94
N TRP E 161 17.48 -16.21 -15.11
CA TRP E 161 17.54 -17.67 -15.25
C TRP E 161 16.45 -18.14 -16.20
N PHE E 162 16.87 -18.71 -17.33
CA PHE E 162 15.98 -19.26 -18.34
C PHE E 162 16.01 -20.78 -18.20
N CYS E 163 14.84 -21.41 -18.21
CA CYS E 163 14.76 -22.84 -17.96
C CYS E 163 13.53 -23.44 -18.62
N CYS E 164 13.53 -24.77 -18.72
CA CYS E 164 12.38 -25.54 -19.18
C CYS E 164 12.47 -26.91 -18.53
N VAL E 165 11.72 -27.11 -17.44
CA VAL E 165 11.75 -28.35 -16.69
C VAL E 165 10.41 -29.06 -16.89
N PHE E 166 10.47 -30.23 -17.56
CA PHE E 166 9.33 -31.10 -17.94
C PHE E 166 8.28 -30.35 -18.78
N GLY E 167 8.75 -29.45 -19.65
CA GLY E 167 7.87 -28.71 -20.54
C GLY E 167 7.73 -29.36 -21.90
N ASP E 168 7.31 -30.63 -21.91
CA ASP E 168 7.28 -31.40 -23.15
C ASP E 168 6.07 -31.11 -24.03
N SER E 169 5.05 -30.41 -23.51
CA SER E 169 3.83 -30.20 -24.29
C SER E 169 4.00 -29.07 -25.31
N LEU E 170 4.97 -28.18 -25.10
CA LEU E 170 5.20 -27.07 -26.01
C LEU E 170 6.34 -27.37 -26.99
N LEU E 171 7.01 -28.51 -26.83
CA LEU E 171 8.16 -28.84 -27.68
C LEU E 171 7.75 -29.32 -29.07
N GLU E 172 6.64 -30.03 -29.20
CA GLU E 172 6.19 -30.45 -30.53
C GLU E 172 5.31 -29.42 -31.22
N THR E 173 4.95 -28.33 -30.52
CA THR E 173 4.21 -27.24 -31.13
C THR E 173 5.12 -26.18 -31.75
N VAL E 174 6.43 -26.27 -31.50
CA VAL E 174 7.41 -25.37 -32.10
C VAL E 174 8.20 -26.16 -33.12
N SER E 175 8.98 -25.43 -33.92
CA SER E 175 9.87 -26.07 -34.89
C SER E 175 11.20 -26.44 -34.23
N GLU E 176 12.09 -26.99 -35.04
CA GLU E 176 13.43 -27.33 -34.55
C GLU E 176 14.36 -26.13 -34.54
N ASP E 177 14.00 -25.05 -35.24
CA ASP E 177 14.79 -23.82 -35.18
C ASP E 177 14.56 -23.08 -33.87
N PHE E 178 13.37 -23.20 -33.31
CA PHE E 178 13.01 -22.56 -32.05
C PHE E 178 13.65 -23.26 -30.86
N THR E 179 14.04 -22.48 -29.86
CA THR E 179 14.51 -22.99 -28.58
C THR E 179 13.48 -22.61 -27.52
N CYS E 180 12.93 -23.62 -26.84
CA CYS E 180 11.77 -23.45 -25.99
C CYS E 180 12.19 -23.35 -24.53
N LEU E 181 12.29 -22.12 -24.02
CA LEU E 181 12.54 -21.85 -22.61
C LEU E 181 11.44 -20.93 -22.11
N PRO E 182 10.30 -21.48 -21.63
CA PRO E 182 9.16 -20.63 -21.26
C PRO E 182 9.32 -19.88 -19.94
N LEU E 183 9.91 -20.54 -18.93
CA LEU E 183 9.91 -19.99 -17.58
C LEU E 183 11.14 -19.11 -17.38
N PHE E 184 10.95 -17.96 -16.71
CA PHE E 184 12.02 -17.03 -16.39
C PHE E 184 11.88 -16.58 -14.95
N LEU E 185 13.01 -16.54 -14.24
CA LEU E 185 13.07 -16.12 -12.84
C LEU E 185 14.08 -14.99 -12.72
N ALA E 186 13.69 -13.91 -12.04
CA ALA E 186 14.54 -12.72 -11.92
C ALA E 186 14.78 -12.38 -10.45
N ASN E 187 15.99 -11.92 -10.17
CA ASN E 187 16.38 -11.51 -8.81
C ASN E 187 16.98 -10.12 -8.92
N GLY E 188 16.28 -9.13 -8.37
CA GLY E 188 16.79 -7.78 -8.33
C GLY E 188 15.67 -6.77 -8.53
N ALA E 189 16.07 -5.58 -8.95
CA ALA E 189 15.12 -4.49 -9.14
C ALA E 189 14.33 -4.67 -10.43
N GLU E 190 13.15 -4.05 -10.48
CA GLU E 190 12.31 -4.13 -11.67
C GLU E 190 12.75 -3.18 -12.77
N SER E 191 13.52 -2.15 -12.42
CA SER E 191 14.04 -1.23 -13.44
C SER E 191 15.20 -1.87 -14.20
N ASN E 192 15.95 -2.77 -13.55
CA ASN E 192 16.99 -3.51 -14.25
C ASN E 192 16.40 -4.65 -15.07
N THR E 193 15.20 -5.10 -14.71
CA THR E 193 14.53 -6.15 -15.48
C THR E 193 13.98 -5.59 -16.79
N ALA E 194 13.51 -4.34 -16.77
CA ALA E 194 12.87 -3.77 -17.96
C ALA E 194 13.89 -3.31 -19.00
N ILE E 195 15.10 -2.95 -18.57
CA ILE E 195 16.10 -2.50 -19.54
C ILE E 195 16.83 -3.68 -20.17
N ILE E 196 16.80 -4.85 -19.53
CA ILE E 196 17.35 -6.05 -20.15
C ILE E 196 16.24 -6.80 -20.88
N GLY E 197 15.00 -6.66 -20.39
CA GLY E 197 13.85 -7.21 -21.09
C GLY E 197 13.46 -6.43 -22.35
N THR E 198 13.95 -5.20 -22.49
CA THR E 198 13.87 -4.48 -23.75
C THR E 198 14.76 -5.13 -24.81
N TRP E 199 15.91 -5.68 -24.39
CA TRP E 199 16.90 -6.25 -25.31
C TRP E 199 16.43 -7.60 -25.87
N PHE E 200 15.65 -8.36 -25.12
CA PHE E 200 15.12 -9.62 -25.66
C PHE E 200 13.96 -9.39 -26.60
N GLN E 201 13.31 -8.23 -26.51
CA GLN E 201 12.26 -7.87 -27.48
C GLN E 201 12.84 -7.47 -28.83
N LYS E 202 14.00 -6.82 -28.83
CA LYS E 202 14.58 -6.29 -30.06
C LYS E 202 15.62 -7.20 -30.70
N THR E 203 15.94 -8.34 -30.09
CA THR E 203 16.89 -9.27 -30.67
C THR E 203 16.27 -10.63 -30.96
N PHE E 204 15.61 -11.25 -29.98
CA PHE E 204 15.16 -12.63 -30.09
C PHE E 204 13.68 -12.75 -30.46
N ASP E 205 13.02 -11.62 -30.76
CA ASP E 205 11.61 -11.50 -31.21
C ASP E 205 10.62 -12.08 -30.20
N CYS E 206 10.78 -11.71 -28.93
CA CYS E 206 9.95 -12.26 -27.87
C CYS E 206 9.34 -11.17 -26.99
N TYR E 207 8.58 -11.57 -25.97
CA TYR E 207 7.87 -10.61 -25.12
C TYR E 207 7.66 -11.23 -23.75
N PHE E 208 8.02 -10.49 -22.71
CA PHE E 208 7.84 -10.94 -21.33
C PHE E 208 6.44 -10.59 -20.83
N SER E 209 5.83 -11.53 -20.12
CA SER E 209 4.52 -11.32 -19.52
C SER E 209 4.57 -11.64 -18.03
N PRO E 210 3.83 -10.91 -17.19
CA PRO E 210 3.83 -11.23 -15.76
C PRO E 210 3.03 -12.50 -15.45
N LEU E 211 3.58 -13.30 -14.53
CA LEU E 211 2.98 -14.57 -14.15
C LEU E 211 2.15 -14.35 -12.89
N ALA E 212 1.01 -15.05 -12.81
CA ALA E 212 0.11 -14.97 -11.67
C ALA E 212 -0.47 -16.36 -11.40
N ILE E 213 -0.48 -16.74 -10.12
CA ILE E 213 -1.00 -18.03 -9.68
C ILE E 213 -2.30 -17.77 -8.93
N ASN E 214 -3.37 -18.48 -9.31
CA ASN E 214 -4.68 -18.34 -8.71
C ASN E 214 -4.70 -18.93 -7.30
N ALA E 215 -5.69 -18.48 -6.51
CA ALA E 215 -5.81 -18.92 -5.12
C ALA E 215 -6.38 -20.32 -5.01
N PHE E 216 -7.01 -20.83 -6.06
CA PHE E 216 -7.37 -22.24 -6.14
C PHE E 216 -6.12 -23.11 -6.30
N ASN E 217 -5.09 -22.58 -6.99
CA ASN E 217 -3.92 -23.39 -7.29
C ASN E 217 -2.89 -23.33 -6.17
N LEU E 218 -3.10 -22.46 -5.18
CA LEU E 218 -2.25 -22.49 -3.98
C LEU E 218 -2.60 -23.66 -3.08
N SER E 219 -3.84 -24.15 -3.14
CA SER E 219 -4.26 -25.23 -2.27
C SER E 219 -3.74 -26.59 -2.75
N TRP E 220 -3.47 -26.72 -4.04
CA TRP E 220 -2.91 -27.96 -4.56
C TRP E 220 -1.42 -28.06 -4.26
N MET E 221 -0.70 -26.95 -4.34
CA MET E 221 0.73 -26.95 -4.05
C MET E 221 0.99 -26.92 -2.55
N ALA E 222 0.00 -26.54 -1.73
CA ALA E 222 0.11 -26.74 -0.29
C ALA E 222 -0.11 -28.20 0.07
N ALA E 223 -1.00 -28.89 -0.67
CA ALA E 223 -1.23 -30.31 -0.42
C ALA E 223 -0.09 -31.17 -0.96
N MET E 224 0.63 -30.67 -1.97
CA MET E 224 1.82 -31.36 -2.45
C MET E 224 2.98 -31.21 -1.46
N TRP E 225 3.04 -30.08 -0.77
CA TRP E 225 4.10 -29.86 0.21
C TRP E 225 3.85 -30.62 1.50
N THR E 226 2.59 -30.95 1.80
CA THR E 226 2.29 -31.83 2.92
C THR E 226 2.31 -33.30 2.54
N ALA E 227 2.46 -33.61 1.25
CA ALA E 227 2.63 -34.98 0.79
C ALA E 227 4.09 -35.40 0.72
N CYS E 228 5.01 -34.57 1.18
CA CYS E 228 6.42 -34.86 1.09
C CYS E 228 6.86 -35.81 2.20
N LYS E 229 8.04 -36.39 2.01
CA LYS E 229 8.65 -37.30 2.99
C LYS E 229 9.84 -36.59 3.62
N MET E 230 9.89 -36.59 4.96
CA MET E 230 10.92 -35.86 5.67
C MET E 230 11.35 -36.63 6.90
N ASP E 231 12.66 -36.56 7.18
CA ASP E 231 13.22 -37.08 8.43
C ASP E 231 14.30 -36.15 8.97
N HIS E 232 14.06 -34.84 8.90
CA HIS E 232 15.08 -33.85 9.22
C HIS E 232 14.48 -32.59 9.83
N TYR E 233 15.28 -31.50 9.84
CA TYR E 233 14.83 -30.24 10.39
C TYR E 233 13.82 -29.56 9.45
N VAL E 234 12.69 -29.15 10.01
CA VAL E 234 11.57 -28.64 9.23
C VAL E 234 11.15 -27.27 9.77
N ALA E 235 10.54 -26.47 8.90
CA ALA E 235 9.96 -25.18 9.28
C ALA E 235 8.49 -25.35 9.62
N THR E 236 7.76 -24.24 9.75
CA THR E 236 6.34 -24.28 10.10
C THR E 236 5.50 -23.99 8.87
N THR E 237 4.37 -24.69 8.73
CA THR E 237 3.44 -24.47 7.64
C THR E 237 2.64 -23.18 7.90
N GLU E 238 2.85 -22.17 7.07
CA GLU E 238 2.25 -20.85 7.28
C GLU E 238 1.25 -20.57 6.17
N PHE E 239 0.02 -20.22 6.55
CA PHE E 239 -1.03 -19.81 5.64
C PHE E 239 -1.42 -18.37 5.92
N LEU E 240 -1.95 -17.69 4.90
CA LEU E 240 -2.45 -16.32 5.08
C LEU E 240 -3.62 -16.09 4.14
N TRP E 241 -4.75 -15.64 4.70
CA TRP E 241 -5.95 -15.31 3.94
C TRP E 241 -6.22 -13.82 4.02
N SER E 242 -6.92 -13.30 3.00
CA SER E 242 -7.31 -11.90 2.94
C SER E 242 -8.81 -11.80 2.71
N VAL E 243 -9.47 -10.94 3.46
CA VAL E 243 -10.92 -10.78 3.36
C VAL E 243 -11.23 -9.79 2.23
N PRO E 244 -11.96 -10.19 1.18
CA PRO E 244 -12.24 -9.26 0.08
C PRO E 244 -13.36 -8.28 0.38
N CYS E 245 -14.20 -8.59 1.37
CA CYS E 245 -15.39 -7.78 1.67
C CYS E 245 -15.03 -6.81 2.80
N SER E 246 -14.12 -5.88 2.49
CA SER E 246 -13.68 -4.82 3.39
C SER E 246 -13.13 -3.66 2.56
N PRO E 247 -13.28 -2.42 3.00
CA PRO E 247 -12.58 -1.31 2.33
C PRO E 247 -11.09 -1.30 2.60
N GLN E 248 -10.66 -1.85 3.73
CA GLN E 248 -9.27 -1.95 4.13
C GLN E 248 -8.78 -3.38 3.95
N SER E 249 -7.53 -3.64 4.33
CA SER E 249 -6.96 -4.97 4.26
C SER E 249 -7.12 -5.66 5.62
N LEU E 250 -7.35 -6.97 5.57
CA LEU E 250 -7.53 -7.77 6.78
C LEU E 250 -6.80 -9.09 6.56
N ASP E 251 -5.74 -9.31 7.33
CA ASP E 251 -4.88 -10.48 7.16
C ASP E 251 -4.93 -11.34 8.42
N ILE E 252 -4.86 -12.66 8.20
CA ILE E 252 -4.84 -13.65 9.28
C ILE E 252 -3.61 -14.51 9.08
N SER E 253 -2.69 -14.48 10.03
CA SER E 253 -1.55 -15.39 10.03
C SER E 253 -1.97 -16.70 10.69
N PHE E 254 -1.62 -17.81 10.07
CA PHE E 254 -2.13 -19.12 10.47
C PHE E 254 -1.00 -20.14 10.37
N ALA E 255 -0.63 -20.73 11.50
CA ALA E 255 0.53 -21.61 11.59
C ALA E 255 0.11 -23.02 12.00
N ILE E 256 0.61 -24.01 11.27
CA ILE E 256 0.36 -25.43 11.51
C ILE E 256 1.71 -26.11 11.70
N HIS E 257 1.85 -26.86 12.80
CA HIS E 257 3.03 -27.69 13.02
C HIS E 257 3.04 -28.84 12.02
N PRO E 258 4.21 -29.15 11.40
CA PRO E 258 4.22 -30.12 10.30
C PRO E 258 4.13 -31.57 10.75
N GLU E 259 4.48 -31.88 12.00
CA GLU E 259 4.20 -33.21 12.52
C GLU E 259 2.71 -33.36 12.84
N ASP E 260 2.05 -32.26 13.16
CA ASP E 260 0.60 -32.27 13.28
C ASP E 260 -0.08 -32.24 11.91
N ALA E 261 0.61 -31.73 10.90
CA ALA E 261 0.06 -31.71 9.54
C ALA E 261 0.19 -33.09 8.89
N LYS E 262 1.21 -33.86 9.26
CA LYS E 262 1.40 -35.18 8.68
C LYS E 262 0.42 -36.19 9.27
N ALA E 263 0.07 -36.04 10.55
CA ALA E 263 -0.93 -36.92 11.17
C ALA E 263 -2.34 -36.54 10.75
N LEU E 264 -2.53 -35.29 10.29
CA LEU E 264 -3.80 -34.89 9.71
C LEU E 264 -3.93 -35.36 8.27
N TRP E 265 -2.81 -35.56 7.58
CA TRP E 265 -2.84 -35.86 6.15
C TRP E 265 -3.20 -37.32 5.88
N ASP E 266 -2.59 -38.26 6.62
CA ASP E 266 -2.76 -39.68 6.33
C ASP E 266 -4.10 -40.24 6.80
N SER E 267 -4.83 -39.52 7.66
CA SER E 267 -6.22 -39.88 7.93
C SER E 267 -7.12 -39.52 6.75
N VAL E 268 -6.75 -38.50 5.98
CA VAL E 268 -7.47 -38.15 4.75
C VAL E 268 -6.94 -38.96 3.56
N HIS E 269 -5.62 -39.07 3.44
CA HIS E 269 -4.99 -39.80 2.35
C HIS E 269 -5.11 -41.30 2.58
N LYS E 270 -6.02 -41.93 1.85
CA LYS E 270 -6.27 -43.36 2.01
C LYS E 270 -5.92 -44.20 0.78
N THR E 271 -5.77 -43.60 -0.39
CA THR E 271 -5.32 -44.30 -1.59
C THR E 271 -3.89 -43.89 -1.88
N PRO E 272 -2.89 -44.75 -1.62
CA PRO E 272 -1.49 -44.33 -1.79
C PRO E 272 -1.05 -44.29 -3.25
N GLY E 273 -0.10 -43.40 -3.52
CA GLY E 273 0.44 -43.23 -4.85
C GLY E 273 -0.22 -42.14 -5.67
N GLU E 274 -1.44 -41.75 -5.35
CA GLU E 274 -2.17 -40.74 -6.10
C GLU E 274 -2.77 -39.70 -5.15
N VAL E 275 -2.73 -38.44 -5.58
CA VAL E 275 -3.36 -37.34 -4.87
C VAL E 275 -4.59 -36.94 -5.68
N THR E 276 -5.76 -37.22 -5.14
CA THR E 276 -7.00 -37.11 -5.89
C THR E 276 -7.65 -35.74 -5.71
N GLN E 277 -8.81 -35.57 -6.36
CA GLN E 277 -9.59 -34.35 -6.24
C GLN E 277 -10.28 -34.26 -4.89
N GLU E 278 -10.81 -35.38 -4.39
CA GLU E 278 -11.54 -35.38 -3.13
C GLU E 278 -10.62 -35.39 -1.92
N GLU E 279 -9.33 -35.68 -2.10
CA GLU E 279 -8.41 -35.70 -0.96
C GLU E 279 -8.01 -34.30 -0.55
N VAL E 280 -7.85 -33.40 -1.52
CA VAL E 280 -7.42 -32.03 -1.23
C VAL E 280 -8.58 -31.20 -0.73
N ASP E 281 -9.78 -31.42 -1.28
CA ASP E 281 -10.95 -30.61 -0.92
C ASP E 281 -11.52 -31.01 0.43
N LEU E 282 -11.24 -32.23 0.89
CA LEU E 282 -11.61 -32.59 2.25
C LEU E 282 -10.51 -32.21 3.24
N PHE E 283 -9.28 -32.02 2.76
CA PHE E 283 -8.21 -31.55 3.63
C PHE E 283 -8.34 -30.06 3.90
N MET E 284 -8.85 -29.30 2.91
CA MET E 284 -9.09 -27.88 3.13
C MET E 284 -10.36 -27.64 3.92
N ASP E 285 -11.30 -28.60 3.89
CA ASP E 285 -12.56 -28.43 4.60
C ASP E 285 -12.40 -28.68 6.09
N CYS E 286 -11.51 -29.62 6.46
CA CYS E 286 -11.29 -29.89 7.87
C CYS E 286 -10.38 -28.86 8.50
N LEU E 287 -9.57 -28.16 7.70
CA LEU E 287 -8.85 -27.00 8.21
C LEU E 287 -9.78 -25.81 8.39
N TYR E 288 -10.81 -25.70 7.55
CA TYR E 288 -11.79 -24.64 7.71
C TYR E 288 -12.76 -24.94 8.85
N SER E 289 -13.05 -26.23 9.10
CA SER E 289 -13.94 -26.58 10.20
C SER E 289 -13.20 -26.55 11.54
N HIS E 290 -11.87 -26.63 11.52
CA HIS E 290 -11.09 -26.40 12.73
C HIS E 290 -11.09 -24.93 13.11
N PHE E 291 -11.14 -24.03 12.11
CA PHE E 291 -11.23 -22.61 12.38
C PHE E 291 -12.65 -22.20 12.73
N HIS E 292 -13.64 -23.00 12.32
CA HIS E 292 -15.04 -22.61 12.46
C HIS E 292 -15.55 -22.81 13.88
N ARG E 293 -15.06 -23.82 14.59
CA ARG E 293 -15.57 -24.08 15.93
C ARG E 293 -14.94 -23.18 17.00
N HIS E 294 -13.94 -22.39 16.66
CA HIS E 294 -13.34 -21.45 17.61
C HIS E 294 -13.80 -20.01 17.42
N PHE E 295 -13.83 -19.50 16.18
CA PHE E 295 -13.92 -18.07 15.95
C PHE E 295 -15.19 -17.67 15.19
N LYS E 296 -15.87 -18.69 14.62
CA LYS E 296 -17.12 -18.59 13.83
C LYS E 296 -16.98 -17.68 12.62
N ILE E 297 -15.81 -17.73 11.98
CA ILE E 297 -15.50 -16.95 10.79
C ILE E 297 -15.20 -17.93 9.66
N HIS E 298 -16.01 -17.89 8.59
CA HIS E 298 -15.79 -18.73 7.42
C HIS E 298 -14.64 -18.14 6.62
N LEU E 299 -13.52 -18.85 6.55
CA LEU E 299 -12.40 -18.45 5.72
C LEU E 299 -12.47 -19.01 4.30
N SER E 300 -13.54 -19.74 3.97
CA SER E 300 -13.71 -20.22 2.60
C SER E 300 -14.23 -19.13 1.67
N ALA E 301 -14.77 -18.04 2.21
CA ALA E 301 -15.10 -16.87 1.40
C ALA E 301 -13.88 -15.98 1.14
N THR E 302 -12.80 -16.18 1.87
CA THR E 302 -11.61 -15.36 1.76
C THR E 302 -10.71 -15.85 0.62
N ARG E 303 -9.52 -15.26 0.54
CA ARG E 303 -8.59 -15.50 -0.57
C ARG E 303 -7.21 -15.83 -0.03
N LEU E 304 -6.76 -17.06 -0.30
CA LEU E 304 -5.44 -17.51 0.14
C LEU E 304 -4.36 -16.88 -0.73
N VAL E 305 -3.38 -16.25 -0.11
CA VAL E 305 -2.38 -15.48 -0.84
C VAL E 305 -0.94 -15.89 -0.52
N ARG E 306 -0.66 -16.54 0.62
CA ARG E 306 0.71 -16.90 0.94
C ARG E 306 0.73 -18.26 1.63
N VAL E 307 1.45 -19.20 1.02
CA VAL E 307 1.69 -20.53 1.58
C VAL E 307 3.18 -20.69 1.77
N SER E 308 3.61 -20.87 3.01
CA SER E 308 5.02 -21.05 3.35
C SER E 308 5.17 -22.27 4.24
N THR E 309 5.80 -23.31 3.72
CA THR E 309 6.00 -24.57 4.42
C THR E 309 7.50 -24.79 4.62
N SER E 310 7.85 -26.02 5.02
CA SER E 310 9.26 -26.41 5.13
C SER E 310 9.94 -26.56 3.77
N VAL E 311 9.19 -26.84 2.70
CA VAL E 311 9.79 -27.00 1.39
C VAL E 311 10.10 -25.64 0.77
N ALA E 312 9.06 -24.82 0.56
CA ALA E 312 9.24 -23.51 -0.06
C ALA E 312 8.13 -22.57 0.40
N SER E 313 8.26 -21.30 0.01
CA SER E 313 7.28 -20.27 0.28
C SER E 313 6.75 -19.74 -1.04
N ALA E 314 5.46 -19.40 -1.09
CA ALA E 314 4.81 -19.01 -2.33
C ALA E 314 3.99 -17.74 -2.14
N HIS E 315 3.74 -17.04 -3.25
CA HIS E 315 2.89 -15.87 -3.28
C HIS E 315 2.25 -15.78 -4.67
N THR E 316 1.10 -15.11 -4.75
CA THR E 316 0.27 -15.17 -5.94
C THR E 316 0.79 -14.33 -7.11
N ASP E 317 1.62 -13.33 -6.86
CA ASP E 317 2.09 -12.48 -7.96
C ASP E 317 3.39 -12.97 -8.59
N GLY E 318 3.90 -14.12 -8.19
CA GLY E 318 5.12 -14.66 -8.73
C GLY E 318 6.33 -14.64 -7.80
N LYS E 319 6.12 -14.46 -6.51
CA LYS E 319 7.21 -14.42 -5.54
C LYS E 319 7.36 -15.80 -4.91
N ILE E 320 8.57 -16.35 -4.96
CA ILE E 320 8.85 -17.69 -4.46
C ILE E 320 10.17 -17.65 -3.70
N LYS E 321 10.27 -18.51 -2.68
CA LYS E 321 11.51 -18.69 -1.92
C LYS E 321 11.71 -20.18 -1.73
N ILE E 322 12.58 -20.79 -2.55
CA ILE E 322 12.85 -22.22 -2.49
C ILE E 322 13.87 -22.48 -1.39
N LEU E 323 13.49 -23.28 -0.40
CA LEU E 323 14.33 -23.54 0.76
C LEU E 323 14.82 -24.98 0.84
N CYS E 324 14.72 -25.75 -0.25
CA CYS E 324 15.12 -27.14 -0.24
C CYS E 324 15.81 -27.49 -1.56
N HIS E 325 16.81 -28.37 -1.48
CA HIS E 325 17.56 -28.80 -2.65
C HIS E 325 17.20 -30.22 -3.09
N LYS E 326 16.62 -31.03 -2.20
CA LYS E 326 16.24 -32.39 -2.57
C LYS E 326 14.98 -32.41 -3.43
N TYR E 327 14.09 -31.44 -3.25
CA TYR E 327 12.84 -31.37 -3.99
C TYR E 327 12.84 -30.12 -4.86
N LEU E 328 13.96 -29.87 -5.54
CA LEU E 328 14.12 -28.65 -6.33
C LEU E 328 13.35 -28.72 -7.64
N ILE E 329 13.53 -29.80 -8.41
CA ILE E 329 12.97 -29.83 -9.76
C ILE E 329 11.51 -30.27 -9.75
N GLY E 330 11.01 -30.75 -8.61
CA GLY E 330 9.59 -31.07 -8.52
C GLY E 330 8.71 -29.83 -8.43
N VAL E 331 9.22 -28.77 -7.80
CA VAL E 331 8.49 -27.51 -7.74
C VAL E 331 8.63 -26.76 -9.07
N LEU E 332 9.81 -26.83 -9.69
CA LEU E 332 10.10 -26.09 -10.91
C LEU E 332 9.45 -26.71 -12.14
N ALA E 333 9.11 -28.01 -12.09
CA ALA E 333 8.31 -28.59 -13.16
C ALA E 333 6.85 -28.19 -13.03
N TYR E 334 6.41 -27.89 -11.81
CA TYR E 334 5.04 -27.43 -11.59
C TYR E 334 4.88 -25.97 -11.98
N LEU E 335 5.98 -25.21 -11.98
CA LEU E 335 5.93 -23.82 -12.43
C LEU E 335 5.95 -23.74 -13.95
N THR E 336 6.58 -24.71 -14.61
CA THR E 336 6.50 -24.80 -16.07
C THR E 336 5.19 -25.45 -16.52
N GLU E 337 4.49 -26.12 -15.59
CA GLU E 337 3.15 -26.63 -15.87
C GLU E 337 2.13 -25.49 -15.94
N LEU E 338 2.41 -24.37 -15.27
CA LEU E 338 1.58 -23.19 -15.35
C LEU E 338 2.06 -22.20 -16.41
N ALA E 339 3.34 -22.25 -16.77
CA ALA E 339 3.92 -21.23 -17.66
C ALA E 339 3.55 -21.48 -19.11
N ILE E 340 3.29 -22.73 -19.47
CA ILE E 340 2.80 -23.04 -20.81
C ILE E 340 1.33 -22.63 -20.94
N PHE E 341 0.59 -22.71 -19.83
CA PHE E 341 -0.86 -22.40 -19.82
C PHE E 341 -1.16 -20.91 -19.97
N GLN E 342 -0.24 -20.04 -19.57
CA GLN E 342 -0.45 -18.61 -19.77
C GLN E 342 -0.10 -18.19 -21.19
N ILE E 343 0.76 -18.95 -21.88
CA ILE E 343 1.07 -18.66 -23.27
C ILE E 343 -0.07 -19.14 -24.16
N GLU E 344 -0.48 -20.38 -23.99
CA GLU E 344 -1.50 -21.01 -24.84
C GLU E 344 -2.91 -20.54 -24.48
N MET F 1 -41.59 -29.31 6.82
CA MET F 1 -41.78 -29.35 5.37
C MET F 1 -40.54 -28.76 4.69
N SER F 2 -40.54 -27.43 4.56
CA SER F 2 -39.42 -26.59 4.10
C SER F 2 -38.94 -26.94 2.70
N VAL F 3 -39.88 -27.28 1.82
CA VAL F 3 -39.57 -27.66 0.45
C VAL F 3 -39.92 -26.52 -0.48
N LEU F 4 -39.44 -26.60 -1.72
CA LEU F 4 -39.69 -25.59 -2.74
C LEU F 4 -40.22 -26.28 -3.99
N ARG F 5 -41.28 -25.71 -4.57
CA ARG F 5 -41.83 -26.14 -5.84
C ARG F 5 -42.20 -24.90 -6.66
N PRO F 6 -42.09 -24.95 -8.00
CA PRO F 6 -42.42 -23.76 -8.79
C PRO F 6 -43.90 -23.66 -9.14
N LEU F 7 -44.71 -24.63 -8.74
CA LEU F 7 -46.12 -24.67 -9.11
C LEU F 7 -46.96 -25.18 -7.95
N ASP F 8 -47.42 -24.25 -7.11
CA ASP F 8 -48.32 -24.60 -6.02
C ASP F 8 -49.52 -23.66 -6.04
N LYS F 9 -49.28 -22.37 -6.29
CA LYS F 9 -50.28 -21.33 -6.22
C LYS F 9 -50.35 -20.58 -7.55
N LEU F 10 -51.12 -19.46 -7.57
CA LEU F 10 -51.34 -18.59 -8.72
C LEU F 10 -50.20 -17.57 -8.85
N PRO F 11 -49.79 -17.25 -10.08
CA PRO F 11 -48.81 -16.17 -10.28
C PRO F 11 -49.40 -14.78 -10.01
N GLY F 12 -50.54 -14.51 -10.62
CA GLY F 12 -51.15 -13.20 -10.56
C GLY F 12 -51.58 -12.72 -11.93
N LEU F 13 -51.71 -11.39 -12.09
CA LEU F 13 -52.07 -10.77 -13.36
C LEU F 13 -50.96 -9.80 -13.74
N ASN F 14 -50.13 -10.23 -14.70
CA ASN F 14 -48.92 -9.58 -15.24
C ASN F 14 -47.93 -9.24 -14.12
N THR F 15 -47.60 -10.24 -13.29
CA THR F 15 -46.68 -10.05 -12.19
C THR F 15 -45.79 -11.27 -12.02
N ALA F 16 -44.47 -11.10 -12.17
CA ALA F 16 -43.52 -12.19 -12.02
C ALA F 16 -42.52 -11.82 -10.92
N THR F 17 -41.61 -12.75 -10.63
CA THR F 17 -40.65 -12.53 -9.55
C THR F 17 -39.35 -13.24 -9.89
N ILE F 18 -38.33 -13.01 -9.06
CA ILE F 18 -37.02 -13.63 -9.22
C ILE F 18 -36.42 -13.84 -7.83
N LEU F 19 -35.86 -15.02 -7.59
CA LEU F 19 -35.26 -15.36 -6.30
C LEU F 19 -33.74 -15.28 -6.42
N LEU F 20 -33.20 -14.14 -6.01
CA LEU F 20 -31.75 -13.93 -5.98
C LEU F 20 -31.12 -14.68 -4.81
N VAL F 21 -30.41 -15.76 -5.11
CA VAL F 21 -29.76 -16.59 -4.10
C VAL F 21 -28.27 -16.31 -4.12
N GLY F 22 -27.72 -15.88 -3.00
CA GLY F 22 -26.30 -15.61 -2.91
C GLY F 22 -25.89 -15.35 -1.47
N THR F 23 -24.58 -15.25 -1.28
CA THR F 23 -23.99 -15.00 0.03
C THR F 23 -23.63 -13.53 0.23
N GLU F 24 -23.24 -12.84 -0.84
CA GLU F 24 -22.90 -11.43 -0.74
C GLU F 24 -24.16 -10.58 -0.71
N ASP F 25 -24.19 -9.61 0.21
CA ASP F 25 -25.37 -8.76 0.36
C ASP F 25 -25.21 -7.42 -0.34
N ALA F 26 -23.97 -6.98 -0.58
CA ALA F 26 -23.76 -5.71 -1.28
C ALA F 26 -23.63 -5.93 -2.79
N LEU F 27 -23.27 -7.15 -3.20
CA LEU F 27 -23.09 -7.42 -4.63
C LEU F 27 -24.42 -7.72 -5.31
N LEU F 28 -25.33 -8.42 -4.62
CA LEU F 28 -26.63 -8.74 -5.20
C LEU F 28 -27.63 -7.61 -5.04
N GLN F 29 -27.33 -6.62 -4.20
CA GLN F 29 -28.20 -5.46 -4.07
C GLN F 29 -28.06 -4.52 -5.26
N GLN F 30 -26.83 -4.39 -5.80
CA GLN F 30 -26.62 -3.58 -6.99
C GLN F 30 -27.15 -4.26 -8.24
N LEU F 31 -27.23 -5.59 -8.25
CA LEU F 31 -27.90 -6.30 -9.32
C LEU F 31 -29.43 -6.14 -9.20
N ALA F 32 -29.92 -6.03 -7.96
CA ALA F 32 -31.36 -5.85 -7.75
C ALA F 32 -31.80 -4.43 -8.06
N ASP F 33 -30.91 -3.45 -7.87
CA ASP F 33 -31.27 -2.07 -8.17
C ASP F 33 -31.16 -1.76 -9.66
N SER F 34 -30.35 -2.53 -10.39
CA SER F 34 -30.15 -2.24 -11.81
C SER F 34 -31.23 -2.88 -12.68
N MET F 35 -31.99 -3.83 -12.14
CA MET F 35 -33.07 -4.43 -12.93
C MET F 35 -34.30 -3.51 -12.98
N LEU F 36 -34.42 -2.61 -12.00
CA LEU F 36 -35.52 -1.65 -12.01
C LEU F 36 -35.27 -0.45 -12.91
N LYS F 37 -34.03 -0.27 -13.39
CA LYS F 37 -33.74 0.80 -14.33
C LYS F 37 -34.28 0.49 -15.72
N GLU F 38 -34.07 -0.73 -16.21
CA GLU F 38 -34.58 -1.16 -17.51
C GLU F 38 -36.07 -1.45 -17.37
N ASP F 39 -36.88 -0.59 -17.96
CA ASP F 39 -38.33 -0.70 -17.86
C ASP F 39 -38.87 -1.82 -18.76
N CYS F 40 -40.06 -2.31 -18.40
CA CYS F 40 -40.72 -3.35 -19.16
C CYS F 40 -42.24 -3.22 -19.03
N ALA F 41 -42.97 -4.20 -19.55
CA ALA F 41 -44.43 -4.19 -19.43
C ALA F 41 -44.95 -5.08 -18.31
N SER F 42 -44.12 -5.47 -17.36
CA SER F 42 -44.50 -6.38 -16.28
C SER F 42 -44.00 -5.81 -14.96
N GLU F 43 -44.73 -6.09 -13.88
CA GLU F 43 -44.31 -5.67 -12.55
C GLU F 43 -43.27 -6.64 -12.01
N LEU F 44 -42.10 -6.10 -11.66
CA LEU F 44 -40.98 -6.88 -11.16
C LEU F 44 -40.98 -6.87 -9.64
N LYS F 45 -40.73 -8.05 -9.05
CA LYS F 45 -40.72 -8.22 -7.60
C LYS F 45 -39.47 -9.05 -7.24
N VAL F 46 -38.41 -8.35 -6.86
CA VAL F 46 -37.12 -9.01 -6.64
C VAL F 46 -37.08 -9.55 -5.21
N HIS F 47 -36.84 -10.86 -5.08
CA HIS F 47 -36.68 -11.51 -3.79
C HIS F 47 -35.20 -11.80 -3.56
N LEU F 48 -34.72 -11.49 -2.36
CA LEU F 48 -33.34 -11.74 -1.98
C LEU F 48 -33.28 -12.88 -0.96
N ALA F 49 -32.43 -13.86 -1.22
CA ALA F 49 -32.32 -15.03 -0.37
C ALA F 49 -30.88 -15.24 0.05
N LYS F 50 -30.69 -15.89 1.21
CA LYS F 50 -29.36 -16.19 1.71
C LYS F 50 -28.94 -17.60 1.30
N SER F 51 -29.71 -18.60 1.74
CA SER F 51 -29.39 -20.00 1.47
C SER F 51 -30.66 -20.83 1.57
N LEU F 52 -30.77 -21.83 0.69
CA LEU F 52 -31.88 -22.79 0.78
C LEU F 52 -31.55 -23.85 1.84
N PRO F 53 -32.56 -24.34 2.59
CA PRO F 53 -34.03 -24.12 2.58
C PRO F 53 -34.50 -22.81 3.23
N LEU F 54 -35.53 -22.23 2.62
CA LEU F 54 -36.05 -20.96 3.08
C LEU F 54 -36.95 -21.18 4.28
N PRO F 55 -37.16 -20.17 5.14
CA PRO F 55 -38.18 -20.29 6.19
C PRO F 55 -39.59 -20.29 5.61
N SER F 56 -40.51 -20.89 6.35
CA SER F 56 -41.88 -21.11 5.89
C SER F 56 -42.66 -19.81 5.95
N SER F 57 -42.71 -19.09 4.83
CA SER F 57 -43.48 -17.88 4.68
C SER F 57 -44.74 -18.18 3.86
N VAL F 58 -45.82 -17.48 4.21
CA VAL F 58 -47.12 -17.71 3.58
C VAL F 58 -47.50 -16.59 2.62
N ASN F 59 -46.79 -15.47 2.60
CA ASN F 59 -47.06 -14.37 1.69
C ASN F 59 -46.19 -14.41 0.43
N ARG F 60 -45.71 -15.60 0.04
CA ARG F 60 -44.86 -15.72 -1.12
C ARG F 60 -45.70 -15.98 -2.37
N PRO F 61 -45.40 -15.33 -3.50
CA PRO F 61 -46.09 -15.67 -4.76
C PRO F 61 -45.53 -16.91 -5.44
N ARG F 62 -46.01 -17.19 -6.64
CA ARG F 62 -45.45 -18.25 -7.48
C ARG F 62 -44.08 -17.82 -7.99
N ILE F 63 -43.10 -18.70 -7.88
CA ILE F 63 -41.73 -18.38 -8.27
C ILE F 63 -41.51 -18.80 -9.71
N ASP F 64 -41.10 -17.86 -10.56
CA ASP F 64 -40.82 -18.14 -11.97
C ASP F 64 -39.35 -18.43 -12.25
N LEU F 65 -38.42 -17.88 -11.47
CA LEU F 65 -37.01 -17.98 -11.81
C LEU F 65 -36.19 -17.93 -10.53
N ILE F 66 -35.30 -18.90 -10.36
CA ILE F 66 -34.31 -18.90 -9.28
C ILE F 66 -32.94 -18.89 -9.93
N VAL F 67 -32.18 -17.83 -9.69
CA VAL F 67 -30.79 -17.74 -10.12
C VAL F 67 -29.90 -18.00 -8.91
N PHE F 68 -28.76 -18.64 -9.16
CA PHE F 68 -27.79 -18.96 -8.13
C PHE F 68 -26.50 -18.20 -8.42
N VAL F 69 -26.33 -17.07 -7.75
CA VAL F 69 -25.16 -16.21 -7.94
C VAL F 69 -24.05 -16.79 -7.07
N VAL F 70 -23.14 -17.52 -7.70
CA VAL F 70 -21.97 -18.06 -7.01
C VAL F 70 -20.80 -17.13 -7.28
N ASN F 71 -19.79 -17.20 -6.42
CA ASN F 71 -18.59 -16.40 -6.55
C ASN F 71 -17.45 -17.33 -6.94
N LEU F 72 -16.63 -16.91 -7.90
CA LEU F 72 -15.45 -17.66 -8.26
C LEU F 72 -14.28 -17.37 -7.34
N HIS F 73 -14.36 -16.32 -6.53
CA HIS F 73 -13.35 -15.98 -5.55
C HIS F 73 -13.69 -16.50 -4.16
N SER F 74 -14.72 -17.33 -4.03
CA SER F 74 -15.19 -17.78 -2.73
C SER F 74 -15.66 -19.23 -2.82
N LYS F 75 -15.26 -20.05 -1.84
CA LYS F 75 -15.78 -21.40 -1.72
C LYS F 75 -17.06 -21.45 -0.88
N TYR F 76 -17.30 -20.39 -0.08
CA TYR F 76 -18.50 -20.29 0.74
C TYR F 76 -19.76 -20.06 -0.09
N SER F 77 -19.61 -19.45 -1.27
CA SER F 77 -20.74 -19.34 -2.19
C SER F 77 -21.01 -20.65 -2.91
N LEU F 78 -20.01 -21.54 -2.99
CA LEU F 78 -20.20 -22.81 -3.67
C LEU F 78 -20.75 -23.87 -2.73
N GLN F 79 -20.31 -23.86 -1.46
CA GLN F 79 -20.73 -24.88 -0.50
C GLN F 79 -22.16 -24.63 -0.01
N ASN F 80 -22.60 -23.38 -0.03
CA ASN F 80 -24.01 -23.10 0.27
C ASN F 80 -24.90 -23.44 -0.91
N THR F 81 -24.36 -23.37 -2.13
CA THR F 81 -25.14 -23.70 -3.33
C THR F 81 -25.29 -25.21 -3.46
N GLU F 82 -24.29 -25.96 -2.98
CA GLU F 82 -24.35 -27.43 -2.96
C GLU F 82 -25.38 -27.93 -1.94
N GLU F 83 -25.56 -27.19 -0.85
CA GLU F 83 -26.67 -27.47 0.07
C GLU F 83 -27.99 -26.91 -0.43
N SER F 84 -27.96 -25.98 -1.39
CA SER F 84 -29.18 -25.39 -1.90
C SER F 84 -29.89 -26.25 -2.94
N LEU F 85 -29.14 -27.00 -3.75
CA LEU F 85 -29.75 -27.81 -4.81
C LEU F 85 -30.06 -29.24 -4.36
N ARG F 86 -30.08 -29.50 -3.06
CA ARG F 86 -30.55 -30.76 -2.50
C ARG F 86 -32.04 -30.71 -2.19
N HIS F 87 -32.52 -29.56 -1.74
CA HIS F 87 -33.93 -29.37 -1.37
C HIS F 87 -34.79 -28.85 -2.53
N VAL F 88 -34.42 -29.13 -3.77
CA VAL F 88 -35.15 -28.61 -4.92
C VAL F 88 -35.88 -29.76 -5.61
N ASP F 89 -36.84 -29.38 -6.45
CA ASP F 89 -37.60 -30.32 -7.26
C ASP F 89 -36.92 -30.47 -8.64
N ALA F 90 -37.27 -31.54 -9.34
CA ALA F 90 -36.77 -31.75 -10.70
C ALA F 90 -37.50 -30.91 -11.74
N SER F 91 -38.65 -30.30 -11.38
CA SER F 91 -39.36 -29.42 -12.28
C SER F 91 -38.78 -28.00 -12.31
N PHE F 92 -37.84 -27.69 -11.40
CA PHE F 92 -37.07 -26.46 -11.53
C PHE F 92 -36.08 -26.54 -12.69
N PHE F 93 -35.62 -27.73 -13.03
CA PHE F 93 -34.52 -27.93 -13.97
C PHE F 93 -34.99 -28.09 -15.42
N LEU F 94 -36.20 -27.66 -15.74
CA LEU F 94 -36.72 -27.66 -17.10
C LEU F 94 -36.62 -26.29 -17.75
N GLY F 95 -35.56 -25.55 -17.46
CA GLY F 95 -35.37 -24.23 -18.01
C GLY F 95 -35.71 -23.08 -17.09
N LYS F 96 -35.73 -23.29 -15.78
CA LYS F 96 -36.06 -22.25 -14.82
C LYS F 96 -34.95 -21.98 -13.81
N VAL F 97 -33.78 -22.59 -13.96
CA VAL F 97 -32.64 -22.36 -13.07
C VAL F 97 -31.49 -21.86 -13.92
N CYS F 98 -31.02 -20.64 -13.64
CA CYS F 98 -29.86 -20.08 -14.29
C CYS F 98 -28.73 -19.93 -13.28
N PHE F 99 -27.50 -19.93 -13.78
CA PHE F 99 -26.31 -19.80 -12.94
C PHE F 99 -25.56 -18.52 -13.31
N LEU F 100 -24.92 -17.93 -12.29
CA LEU F 100 -24.08 -16.75 -12.47
C LEU F 100 -22.82 -16.93 -11.66
N ALA F 101 -21.68 -17.00 -12.34
CA ALA F 101 -20.37 -17.10 -11.70
C ALA F 101 -19.69 -15.73 -11.76
N THR F 102 -19.67 -15.03 -10.64
CA THR F 102 -19.09 -13.70 -10.55
C THR F 102 -17.59 -13.81 -10.24
N GLY F 103 -16.83 -12.85 -10.76
CA GLY F 103 -15.39 -12.89 -10.64
C GLY F 103 -14.66 -13.50 -11.81
N ALA F 104 -15.30 -13.56 -12.99
CA ALA F 104 -14.69 -14.17 -14.16
C ALA F 104 -13.73 -13.24 -14.89
N GLY F 105 -13.79 -11.94 -14.62
CA GLY F 105 -12.87 -11.02 -15.25
C GLY F 105 -11.47 -11.02 -14.67
N ARG F 106 -11.31 -11.51 -13.45
CA ARG F 106 -10.04 -11.52 -12.74
C ARG F 106 -9.52 -12.95 -12.70
N GLU F 107 -8.62 -13.29 -13.63
CA GLU F 107 -8.02 -14.61 -13.69
C GLU F 107 -6.65 -14.67 -13.01
N SER F 108 -6.42 -13.79 -12.04
CA SER F 108 -5.19 -13.81 -11.25
C SER F 108 -5.43 -14.11 -9.78
N HIS F 109 -6.63 -13.83 -9.27
CA HIS F 109 -6.96 -14.00 -7.86
C HIS F 109 -8.16 -14.93 -7.67
N CYS F 110 -8.39 -15.85 -8.61
CA CYS F 110 -9.57 -16.69 -8.58
C CYS F 110 -9.37 -17.86 -7.61
N SER F 111 -10.47 -18.32 -7.01
CA SER F 111 -10.38 -19.30 -5.93
C SER F 111 -11.14 -20.60 -6.15
N ILE F 112 -11.74 -20.83 -7.32
CA ILE F 112 -12.31 -22.12 -7.67
C ILE F 112 -12.10 -22.31 -9.18
N HIS F 113 -12.13 -23.56 -9.64
CA HIS F 113 -11.81 -23.85 -11.02
C HIS F 113 -12.99 -23.55 -11.93
N ARG F 114 -12.68 -23.20 -13.18
CA ARG F 114 -13.70 -22.97 -14.19
C ARG F 114 -14.38 -24.26 -14.63
N HIS F 115 -13.65 -25.39 -14.59
CA HIS F 115 -14.22 -26.69 -14.97
C HIS F 115 -15.17 -27.25 -13.90
N THR F 116 -15.08 -26.76 -12.66
CA THR F 116 -15.93 -27.25 -11.58
C THR F 116 -17.38 -26.79 -11.75
N VAL F 117 -17.60 -25.53 -12.13
CA VAL F 117 -18.96 -25.05 -12.34
C VAL F 117 -19.52 -25.48 -13.69
N VAL F 118 -18.66 -25.91 -14.63
CA VAL F 118 -19.14 -26.57 -15.84
C VAL F 118 -19.63 -27.97 -15.53
N LYS F 119 -18.87 -28.70 -14.70
CA LYS F 119 -19.25 -30.05 -14.27
C LYS F 119 -20.43 -30.02 -13.30
N LEU F 120 -20.60 -28.92 -12.56
CA LEU F 120 -21.79 -28.74 -11.73
C LEU F 120 -23.02 -28.48 -12.59
N ALA F 121 -22.84 -27.81 -13.74
CA ALA F 121 -23.95 -27.54 -14.63
C ALA F 121 -24.22 -28.67 -15.61
N HIS F 122 -23.24 -29.55 -15.85
CA HIS F 122 -23.43 -30.63 -16.81
C HIS F 122 -24.25 -31.77 -16.23
N THR F 123 -24.04 -32.09 -14.94
CA THR F 123 -24.80 -33.17 -14.32
C THR F 123 -26.15 -32.72 -13.79
N TYR F 124 -26.43 -31.42 -13.78
CA TYR F 124 -27.68 -30.89 -13.26
C TYR F 124 -28.54 -30.24 -14.34
N GLN F 125 -28.01 -30.13 -15.57
CA GLN F 125 -28.67 -29.64 -16.80
C GLN F 125 -29.16 -28.19 -16.65
N SER F 126 -28.22 -27.30 -16.37
CA SER F 126 -28.50 -25.89 -16.18
C SER F 126 -27.57 -25.06 -17.07
N PRO F 127 -28.04 -23.93 -17.59
CA PRO F 127 -27.15 -23.04 -18.35
C PRO F 127 -26.21 -22.28 -17.43
N LEU F 128 -25.03 -21.97 -17.96
CA LEU F 128 -23.98 -21.31 -17.19
C LEU F 128 -23.51 -20.07 -17.92
N LEU F 129 -23.58 -18.93 -17.26
CA LEU F 129 -23.15 -17.66 -17.81
C LEU F 129 -22.12 -17.01 -16.90
N TYR F 130 -21.19 -16.27 -17.51
CA TYR F 130 -20.12 -15.60 -16.78
C TYR F 130 -20.26 -14.09 -16.93
N CYS F 131 -20.18 -13.39 -15.81
CA CYS F 131 -20.25 -11.93 -15.80
C CYS F 131 -19.54 -11.41 -14.56
N ASP F 132 -19.09 -10.16 -14.65
CA ASP F 132 -18.44 -9.47 -13.55
C ASP F 132 -19.33 -8.31 -13.14
N LEU F 133 -19.83 -8.35 -11.89
CA LEU F 133 -20.77 -7.36 -11.40
C LEU F 133 -20.11 -6.19 -10.69
N GLU F 134 -18.78 -6.10 -10.73
CA GLU F 134 -18.08 -4.96 -10.14
C GLU F 134 -18.06 -3.74 -11.05
N VAL F 135 -18.30 -3.92 -12.34
CA VAL F 135 -18.33 -2.84 -13.32
C VAL F 135 -19.79 -2.46 -13.55
N GLU F 136 -20.09 -1.15 -13.49
CA GLU F 136 -21.46 -0.67 -13.69
C GLU F 136 -21.89 -0.78 -15.15
N GLY F 137 -20.95 -0.76 -16.09
CA GLY F 137 -21.30 -0.98 -17.48
C GLY F 137 -21.55 -2.45 -17.78
N PHE F 138 -20.88 -3.35 -17.07
CA PHE F 138 -21.12 -4.77 -17.25
C PHE F 138 -22.39 -5.22 -16.51
N ARG F 139 -22.78 -4.48 -15.47
CA ARG F 139 -23.94 -4.90 -14.66
C ARG F 139 -25.24 -4.57 -15.36
N ALA F 140 -25.26 -3.50 -16.17
CA ALA F 140 -26.45 -3.15 -16.94
C ALA F 140 -26.67 -4.10 -18.12
N THR F 141 -25.59 -4.74 -18.61
CA THR F 141 -25.73 -5.80 -19.59
C THR F 141 -26.27 -7.07 -18.91
N MET F 142 -25.89 -7.29 -17.65
CA MET F 142 -26.42 -8.39 -16.87
C MET F 142 -27.88 -8.14 -16.47
N ALA F 143 -28.23 -6.90 -16.12
CA ALA F 143 -29.59 -6.59 -15.69
C ALA F 143 -30.56 -6.54 -16.87
N GLN F 144 -30.04 -6.33 -18.08
CA GLN F 144 -30.83 -6.57 -19.28
C GLN F 144 -31.05 -8.07 -19.49
N ARG F 145 -30.07 -8.90 -19.09
CA ARG F 145 -30.11 -10.31 -19.39
C ARG F 145 -31.04 -11.07 -18.42
N LEU F 146 -31.26 -10.53 -17.21
CA LEU F 146 -32.21 -11.19 -16.30
C LEU F 146 -33.66 -10.93 -16.67
N VAL F 147 -33.94 -9.86 -17.42
CA VAL F 147 -35.33 -9.53 -17.77
C VAL F 147 -35.83 -10.45 -18.87
N ARG F 148 -34.99 -10.72 -19.88
CA ARG F 148 -35.43 -11.48 -21.04
C ARG F 148 -35.45 -12.98 -20.76
N VAL F 149 -34.80 -13.44 -19.68
CA VAL F 149 -35.06 -14.79 -19.18
C VAL F 149 -36.41 -14.81 -18.47
N LEU F 150 -36.73 -13.75 -17.73
CA LEU F 150 -37.96 -13.67 -16.93
C LEU F 150 -39.19 -13.45 -17.80
N GLN F 151 -39.02 -12.95 -19.02
CA GLN F 151 -40.13 -12.90 -19.98
C GLN F 151 -40.46 -14.29 -20.53
N ILE F 152 -39.50 -15.20 -20.54
CA ILE F 152 -39.76 -16.57 -21.01
C ILE F 152 -40.40 -17.40 -19.90
N CYS F 153 -39.87 -17.30 -18.68
CA CYS F 153 -40.30 -18.15 -17.57
C CYS F 153 -41.67 -17.75 -17.01
N ALA F 154 -42.11 -16.52 -17.25
CA ALA F 154 -43.45 -16.12 -16.88
C ALA F 154 -44.47 -16.37 -17.98
N GLY F 155 -44.02 -16.66 -19.20
CA GLY F 155 -44.94 -16.91 -20.29
C GLY F 155 -45.55 -15.67 -20.90
N HIS F 156 -44.77 -14.62 -21.10
CA HIS F 156 -45.27 -13.36 -21.64
C HIS F 156 -45.19 -13.28 -23.15
N VAL F 157 -44.56 -14.25 -23.80
CA VAL F 157 -44.50 -14.30 -25.27
C VAL F 157 -45.29 -15.51 -25.75
N PRO F 158 -45.89 -15.47 -26.94
CA PRO F 158 -46.56 -16.67 -27.46
C PRO F 158 -45.60 -17.63 -28.13
N GLY F 159 -45.82 -18.92 -27.88
CA GLY F 159 -45.09 -19.98 -28.55
C GLY F 159 -43.83 -20.45 -27.86
N VAL F 160 -43.17 -19.61 -27.07
CA VAL F 160 -41.95 -19.98 -26.36
C VAL F 160 -42.31 -20.32 -24.92
N SER F 161 -42.01 -21.54 -24.52
CA SER F 161 -42.30 -22.04 -23.17
C SER F 161 -41.02 -22.09 -22.36
N ALA F 162 -41.13 -22.63 -21.14
CA ALA F 162 -39.99 -22.69 -20.23
C ALA F 162 -39.01 -23.78 -20.64
N LEU F 163 -39.50 -24.87 -21.22
CA LEU F 163 -38.61 -25.91 -21.73
C LEU F 163 -38.13 -25.62 -23.14
N ASN F 164 -38.64 -24.58 -23.79
CA ASN F 164 -38.02 -24.08 -25.00
C ASN F 164 -36.77 -23.28 -24.67
N LEU F 165 -36.71 -22.71 -23.47
CA LEU F 165 -35.50 -22.01 -23.02
C LEU F 165 -34.37 -22.98 -22.69
N LEU F 166 -34.72 -24.20 -22.27
CA LEU F 166 -33.71 -25.21 -21.97
C LEU F 166 -33.08 -25.78 -23.25
N SER F 167 -33.86 -25.86 -24.33
CA SER F 167 -33.35 -26.38 -25.59
C SER F 167 -32.46 -25.37 -26.32
N LEU F 168 -32.67 -24.08 -26.09
CA LEU F 168 -31.83 -23.06 -26.74
C LEU F 168 -30.53 -22.86 -25.98
N LEU F 169 -30.52 -23.13 -24.68
CA LEU F 169 -29.34 -22.91 -23.84
C LEU F 169 -28.57 -24.20 -23.57
N ARG F 170 -28.52 -25.10 -24.54
CA ARG F 170 -27.79 -26.35 -24.40
C ARG F 170 -26.29 -26.14 -24.55
N SER F 171 -25.51 -27.07 -24.02
CA SER F 171 -24.06 -27.01 -24.13
C SER F 171 -23.52 -28.44 -24.21
N SER F 172 -22.85 -28.74 -25.33
CA SER F 172 -22.29 -30.06 -25.55
C SER F 172 -21.02 -29.91 -26.38
N GLU F 173 -19.99 -30.68 -26.03
CA GLU F 173 -18.74 -30.65 -26.76
C GLU F 173 -18.87 -31.44 -28.06
N GLY F 174 -17.96 -31.17 -28.99
CA GLY F 174 -17.98 -31.76 -30.30
C GLY F 174 -17.56 -33.22 -30.31
N PRO F 175 -18.35 -34.10 -30.95
CA PRO F 175 -18.05 -35.54 -30.87
C PRO F 175 -16.90 -36.00 -31.74
N SER F 176 -16.42 -35.16 -32.67
CA SER F 176 -15.28 -35.54 -33.49
C SER F 176 -13.97 -35.45 -32.72
N MET G 1 33.30 21.00 24.34
CA MET G 1 32.15 20.34 23.70
C MET G 1 32.54 18.98 23.15
N ASP G 2 31.81 17.95 23.58
CA ASP G 2 32.11 16.59 23.14
C ASP G 2 31.50 16.34 21.75
N GLU G 3 32.24 15.60 20.93
CA GLU G 3 31.84 15.33 19.55
C GLU G 3 30.71 14.31 19.46
N THR G 4 30.70 13.31 20.35
CA THR G 4 29.75 12.21 20.25
C THR G 4 28.34 12.61 20.72
N VAL G 5 28.24 13.65 21.57
CA VAL G 5 26.92 14.16 21.91
C VAL G 5 26.52 15.28 20.94
N ALA G 6 27.48 15.78 20.16
CA ALA G 6 27.16 16.75 19.12
C ALA G 6 26.73 16.04 17.83
N GLU G 7 27.02 14.75 17.72
CA GLU G 7 26.52 13.96 16.60
C GLU G 7 25.02 13.68 16.76
N PHE G 8 24.55 13.59 18.01
CA PHE G 8 23.13 13.36 18.29
C PHE G 8 22.31 14.64 18.07
N ILE G 9 22.95 15.81 18.17
CA ILE G 9 22.27 17.08 17.92
C ILE G 9 21.99 17.25 16.42
N LYS G 10 22.98 16.92 15.58
CA LYS G 10 22.79 17.02 14.14
C LYS G 10 22.04 15.82 13.56
N ARG G 11 21.84 14.75 14.34
CA ARG G 11 21.03 13.62 13.87
C ARG G 11 19.54 13.95 13.95
N THR G 12 19.11 14.61 15.02
CA THR G 12 17.69 14.89 15.21
C THR G 12 17.20 16.04 14.33
N ILE G 13 18.12 16.87 13.82
CA ILE G 13 17.77 17.82 12.77
C ILE G 13 17.50 17.08 11.47
N LEU G 14 18.26 16.02 11.21
CA LEU G 14 18.07 15.21 10.00
C LEU G 14 16.86 14.30 10.10
N LYS G 15 16.38 14.00 11.31
CA LYS G 15 15.26 13.09 11.49
C LYS G 15 13.90 13.80 11.56
N ILE G 16 13.87 15.12 11.53
CA ILE G 16 12.62 15.89 11.52
C ILE G 16 12.41 16.43 10.11
N PRO G 17 11.19 16.44 9.58
CA PRO G 17 10.94 17.16 8.34
C PRO G 17 10.76 18.66 8.59
N MET G 18 10.78 19.42 7.50
CA MET G 18 10.80 20.88 7.59
C MET G 18 9.42 21.49 7.85
N ASN G 19 8.34 20.72 7.72
CA ASN G 19 7.02 21.29 7.96
C ASN G 19 6.72 21.37 9.46
N GLU G 20 7.16 20.38 10.23
CA GLU G 20 7.01 20.40 11.68
C GLU G 20 8.30 20.76 12.40
N LEU G 21 9.24 21.42 11.73
CA LEU G 21 10.48 21.82 12.38
C LEU G 21 10.28 23.04 13.26
N THR G 22 9.26 23.85 12.98
CA THR G 22 8.94 24.99 13.83
C THR G 22 8.10 24.58 15.04
N THR G 23 7.51 23.39 14.99
CA THR G 23 6.71 22.90 16.12
C THR G 23 7.61 22.41 17.25
N ILE G 24 8.74 21.79 16.90
CA ILE G 24 9.63 21.19 17.88
C ILE G 24 10.46 22.26 18.59
N LEU G 25 10.98 23.24 17.82
CA LEU G 25 11.90 24.24 18.37
C LEU G 25 11.20 25.31 19.21
N LYS G 26 9.89 25.49 19.04
CA LYS G 26 9.17 26.40 19.92
C LYS G 26 8.76 25.72 21.22
N ALA G 27 8.58 24.41 21.21
CA ALA G 27 8.35 23.66 22.44
C ALA G 27 9.64 23.26 23.14
N TRP G 28 10.79 23.44 22.49
CA TRP G 28 12.07 23.13 23.11
C TRP G 28 12.52 24.26 24.04
N ASP G 29 12.04 25.49 23.77
CA ASP G 29 12.09 26.79 24.51
C ASP G 29 13.40 27.07 25.26
N PHE G 30 14.52 26.77 24.62
CA PHE G 30 15.85 27.07 25.14
C PHE G 30 16.52 28.20 24.38
N LEU G 31 16.32 28.25 23.06
CA LEU G 31 16.78 29.38 22.25
C LEU G 31 15.73 30.48 22.26
N SER G 32 16.21 31.72 22.18
CA SER G 32 15.31 32.86 22.08
C SER G 32 14.73 32.97 20.68
N GLU G 33 13.67 33.77 20.57
CA GLU G 33 12.88 33.80 19.33
C GLU G 33 13.52 34.68 18.27
N ASN G 34 14.50 35.51 18.63
CA ASN G 34 15.16 36.34 17.62
C ASN G 34 16.17 35.53 16.81
N GLN G 35 16.69 34.44 17.38
CA GLN G 35 17.62 33.60 16.66
C GLN G 35 16.91 32.56 15.81
N LEU G 36 15.62 32.30 16.07
CA LEU G 36 14.87 31.35 15.25
C LEU G 36 14.47 31.98 13.92
N GLN G 37 14.18 33.29 13.91
CA GLN G 37 13.90 34.01 12.68
C GLN G 37 15.16 34.44 11.96
N THR G 38 16.33 34.37 12.60
CA THR G 38 17.59 34.66 11.94
C THR G 38 18.00 33.52 11.01
N VAL G 39 17.85 32.29 11.48
CA VAL G 39 18.13 31.09 10.68
C VAL G 39 17.01 30.92 9.67
N ASN G 40 17.37 30.95 8.38
CA ASN G 40 16.39 30.81 7.32
C ASN G 40 15.99 29.34 7.17
N PHE G 41 14.71 29.07 7.39
CA PHE G 41 14.17 27.71 7.34
C PHE G 41 13.75 27.30 5.93
N ARG G 42 13.87 28.19 4.95
CA ARG G 42 13.46 27.92 3.58
C ARG G 42 14.62 27.51 2.69
N GLN G 43 15.82 27.34 3.26
CA GLN G 43 17.01 27.01 2.52
C GLN G 43 17.21 25.49 2.46
N ARG G 44 18.42 25.06 2.07
CA ARG G 44 18.78 23.66 2.00
C ARG G 44 18.92 23.08 3.42
N LYS G 45 18.56 21.80 3.57
CA LYS G 45 18.46 21.12 4.85
C LYS G 45 19.83 20.92 5.51
N GLU G 46 20.89 20.80 4.71
CA GLU G 46 22.24 20.71 5.28
C GLU G 46 22.74 22.06 5.80
N SER G 47 22.17 23.17 5.32
CA SER G 47 22.46 24.47 5.92
C SER G 47 21.74 24.65 7.26
N VAL G 48 20.63 23.94 7.47
CA VAL G 48 19.92 23.99 8.74
C VAL G 48 20.70 23.21 9.80
N VAL G 49 21.44 22.18 9.37
CA VAL G 49 22.35 21.44 10.23
C VAL G 49 23.56 22.31 10.61
N GLN G 50 24.03 23.15 9.68
CA GLN G 50 25.19 23.99 9.95
C GLN G 50 24.82 25.23 10.77
N HIS G 51 23.60 25.76 10.60
CA HIS G 51 23.24 26.98 11.31
C HIS G 51 22.81 26.70 12.75
N LEU G 52 22.22 25.53 13.01
CA LEU G 52 21.77 25.23 14.36
C LEU G 52 22.91 24.71 15.23
N ILE G 53 24.03 24.31 14.63
CA ILE G 53 25.14 23.81 15.44
C ILE G 53 25.99 24.97 15.97
N HIS G 54 25.86 26.17 15.39
CA HIS G 54 26.46 27.35 16.00
C HIS G 54 25.62 27.87 17.15
N LEU G 55 24.30 27.63 17.11
CA LEU G 55 23.43 28.06 18.19
C LEU G 55 23.56 27.16 19.40
N CYS G 56 23.86 25.88 19.19
CA CYS G 56 24.08 24.95 20.30
C CYS G 56 25.46 25.10 20.91
N GLU G 57 26.40 25.71 20.18
CA GLU G 57 27.75 25.90 20.72
C GLU G 57 27.82 27.12 21.64
N GLU G 58 27.20 28.23 21.23
CA GLU G 58 27.31 29.47 21.99
C GLU G 58 26.37 29.50 23.21
N LYS G 59 25.37 28.62 23.25
CA LYS G 59 24.48 28.56 24.40
C LYS G 59 24.85 27.45 25.37
N ARG G 60 25.83 26.61 25.02
CA ARG G 60 26.47 25.56 25.84
C ARG G 60 25.47 24.51 26.32
N ALA G 61 24.94 23.78 25.34
CA ALA G 61 24.04 22.67 25.62
C ALA G 61 24.79 21.50 26.23
N SER G 62 24.04 20.64 26.92
CA SER G 62 24.61 19.54 27.69
C SER G 62 23.96 18.23 27.24
N ILE G 63 24.20 17.16 28.00
CA ILE G 63 23.63 15.86 27.66
C ILE G 63 22.18 15.75 28.10
N SER G 64 21.75 16.62 29.02
CA SER G 64 20.35 16.66 29.40
C SER G 64 19.56 17.60 28.50
N ASP G 65 20.22 18.55 27.86
CA ASP G 65 19.52 19.46 26.95
C ASP G 65 19.28 18.79 25.59
N ALA G 66 20.22 17.95 25.16
CA ALA G 66 20.04 17.21 23.92
C ALA G 66 19.05 16.06 24.09
N ALA G 67 18.94 15.52 25.31
CA ALA G 67 17.94 14.48 25.57
C ALA G 67 16.58 15.09 25.87
N LEU G 68 16.54 16.40 26.15
CA LEU G 68 15.26 17.10 26.25
C LEU G 68 14.62 17.28 24.87
N LEU G 69 15.45 17.40 23.83
CA LEU G 69 14.95 17.50 22.46
C LEU G 69 14.46 16.15 21.95
N ASP G 70 14.96 15.05 22.52
CA ASP G 70 14.58 13.72 22.07
C ASP G 70 13.19 13.35 22.58
N ILE G 71 12.76 13.93 23.71
CA ILE G 71 11.44 13.64 24.27
C ILE G 71 10.35 14.34 23.46
N ILE G 72 10.63 15.58 23.01
CA ILE G 72 9.65 16.36 22.26
C ILE G 72 9.53 15.85 20.83
N TYR G 73 10.62 15.26 20.30
CA TYR G 73 10.56 14.60 18.99
C TYR G 73 9.78 13.30 19.06
N MET G 74 9.85 12.58 20.17
CA MET G 74 9.08 11.34 20.30
C MET G 74 7.70 11.56 20.90
N GLN G 75 7.36 12.79 21.30
CA GLN G 75 6.01 13.07 21.77
C GLN G 75 5.07 13.31 20.60
N PHE G 76 5.50 14.08 19.61
CA PHE G 76 4.70 14.32 18.41
C PHE G 76 4.82 13.20 17.38
N HIS G 77 5.82 12.32 17.52
CA HIS G 77 6.00 11.16 16.65
C HIS G 77 6.04 9.90 17.53
N GLN G 78 4.86 9.38 17.84
CA GLN G 78 4.72 8.19 18.67
C GLN G 78 4.51 6.92 17.85
N HIS G 79 4.79 6.96 16.55
CA HIS G 79 4.42 5.85 15.69
C HIS G 79 5.58 4.88 15.45
N GLN G 80 6.82 5.33 15.71
CA GLN G 80 7.99 4.52 15.36
C GLN G 80 8.30 3.43 16.38
N LYS G 81 7.84 3.56 17.62
CA LYS G 81 8.16 2.61 18.66
C LYS G 81 6.89 1.99 19.24
N VAL G 82 7.00 0.73 19.64
CA VAL G 82 5.91 -0.01 20.27
C VAL G 82 5.90 0.31 21.76
N TRP G 83 4.81 -0.04 22.43
CA TRP G 83 4.63 0.26 23.85
C TRP G 83 4.07 -0.96 24.56
N GLU G 84 4.89 -1.64 25.35
CA GLU G 84 4.42 -2.67 26.26
C GLU G 84 3.93 -2.04 27.56
N VAL G 85 3.07 -2.75 28.26
CA VAL G 85 2.45 -2.23 29.47
C VAL G 85 2.97 -2.98 30.69
N PHE G 86 3.14 -2.25 31.79
CA PHE G 86 3.51 -2.81 33.08
C PHE G 86 2.38 -2.59 34.07
N GLN G 87 2.15 -3.59 34.93
CA GLN G 87 1.09 -3.54 35.92
C GLN G 87 1.70 -3.65 37.31
N MET G 88 1.59 -2.59 38.10
CA MET G 88 2.05 -2.61 39.48
C MET G 88 0.88 -2.92 40.41
N SER G 89 1.18 -3.62 41.50
CA SER G 89 0.16 -4.10 42.43
C SER G 89 0.30 -3.40 43.78
N LYS G 90 -0.84 -3.06 44.36
CA LYS G 90 -0.87 -2.44 45.69
C LYS G 90 -0.83 -3.55 46.74
N GLY G 91 0.04 -3.38 47.73
CA GLY G 91 0.23 -4.39 48.76
C GLY G 91 -0.90 -4.39 49.78
N PRO G 92 -0.96 -5.46 50.57
CA PRO G 92 -1.94 -5.50 51.65
C PRO G 92 -1.55 -4.60 52.81
N GLY G 93 -2.56 -4.18 53.58
CA GLY G 93 -2.34 -3.29 54.69
C GLY G 93 -2.09 -1.85 54.31
N GLU G 94 -2.46 -1.45 53.10
CA GLU G 94 -2.26 -0.08 52.63
C GLU G 94 -3.60 0.53 52.25
N ASP G 95 -3.82 1.77 52.65
CA ASP G 95 -5.02 2.51 52.28
C ASP G 95 -4.75 3.73 51.42
N VAL G 96 -3.69 4.49 51.71
CA VAL G 96 -3.33 5.67 50.93
C VAL G 96 -1.82 5.61 50.70
N ASP G 97 -1.37 6.23 49.60
CA ASP G 97 0.04 6.27 49.24
C ASP G 97 0.57 7.70 49.31
N LEU G 98 1.86 7.80 49.63
CA LEU G 98 2.55 9.09 49.71
C LEU G 98 3.42 9.26 48.48
N PHE G 99 3.05 10.20 47.61
CA PHE G 99 3.81 10.45 46.40
C PHE G 99 4.22 11.92 46.38
N ASP G 100 5.45 12.17 45.95
CA ASP G 100 5.96 13.52 45.78
C ASP G 100 6.93 13.51 44.61
N MET G 101 6.94 14.59 43.83
CA MET G 101 7.73 14.64 42.61
C MET G 101 9.21 14.89 42.93
N LYS G 102 9.50 15.62 44.00
CA LYS G 102 10.88 15.78 44.45
C LYS G 102 11.39 14.49 45.11
N GLN G 103 10.48 13.71 45.71
CA GLN G 103 10.84 12.41 46.25
C GLN G 103 10.93 11.34 45.17
N PHE G 104 10.38 11.61 43.98
CA PHE G 104 10.46 10.65 42.89
C PHE G 104 11.71 10.85 42.04
N LYS G 105 12.17 12.09 41.91
CA LYS G 105 13.27 12.38 40.97
C LYS G 105 14.63 12.05 41.58
N ASN G 106 14.73 11.96 42.91
CA ASN G 106 16.01 11.62 43.51
C ASN G 106 16.13 10.11 43.78
N SER G 107 15.00 9.45 44.08
CA SER G 107 15.03 8.02 44.36
C SER G 107 15.17 7.20 43.08
N PHE G 108 14.76 7.76 41.94
CA PHE G 108 14.95 7.07 40.68
C PHE G 108 16.34 7.37 40.11
N LYS G 109 16.93 8.49 40.51
CA LYS G 109 18.29 8.82 40.09
C LYS G 109 19.33 8.00 40.86
N LYS G 110 19.10 7.77 42.15
CA LYS G 110 20.07 7.05 42.97
C LYS G 110 19.97 5.54 42.77
N ILE G 111 18.87 5.06 42.17
CA ILE G 111 18.72 3.62 41.97
C ILE G 111 19.36 3.20 40.64
N LEU G 112 19.71 4.16 39.78
CA LEU G 112 20.34 3.82 38.51
C LEU G 112 21.82 4.19 38.46
N GLN G 113 22.25 5.15 39.28
CA GLN G 113 23.68 5.46 39.40
C GLN G 113 24.41 4.47 40.31
N ARG G 114 23.66 3.73 41.12
CA ARG G 114 24.24 2.70 41.98
C ARG G 114 24.46 1.40 41.22
N ALA G 115 23.53 1.02 40.36
CA ALA G 115 23.60 -0.28 39.69
C ALA G 115 24.60 -0.26 38.55
N LEU G 116 24.50 0.71 37.66
CA LEU G 116 25.45 0.88 36.56
C LEU G 116 26.08 2.25 36.67
N LYS G 117 27.31 2.35 36.14
CA LYS G 117 28.08 3.57 36.29
C LYS G 117 27.83 4.60 35.19
N ASN G 118 27.18 4.21 34.08
CA ASN G 118 26.89 5.13 32.98
C ASN G 118 25.42 4.93 32.57
N VAL G 119 24.52 5.64 33.26
CA VAL G 119 23.10 5.68 32.92
C VAL G 119 22.71 7.16 32.80
N THR G 120 22.24 7.55 31.62
CA THR G 120 21.79 8.92 31.39
C THR G 120 20.30 9.02 31.70
N VAL G 121 19.96 9.87 32.66
CA VAL G 121 18.59 10.03 33.14
C VAL G 121 18.13 11.45 32.82
N SER G 122 17.03 11.57 32.07
CA SER G 122 16.47 12.86 31.71
C SER G 122 14.97 12.85 31.90
N PHE G 123 14.43 13.94 32.45
CA PHE G 123 13.02 14.05 32.81
C PHE G 123 12.38 15.21 32.06
N ARG G 124 11.06 15.10 31.86
CA ARG G 124 10.25 16.17 31.29
C ARG G 124 8.83 16.05 31.80
N GLU G 125 8.29 17.14 32.33
CA GLU G 125 6.96 17.17 32.91
C GLU G 125 5.99 17.79 31.90
N THR G 126 4.88 17.09 31.65
CA THR G 126 3.89 17.49 30.65
C THR G 126 2.52 17.75 31.30
N GLU G 127 1.51 17.88 30.46
CA GLU G 127 0.16 18.23 30.87
C GLU G 127 -0.52 17.06 31.59
N GLU G 128 -1.29 17.43 32.64
CA GLU G 128 -1.92 16.54 33.65
C GLU G 128 -0.91 15.66 34.40
N ASN G 129 0.32 16.20 34.58
CA ASN G 129 1.43 15.70 35.40
C ASN G 129 1.86 14.28 35.00
N ALA G 130 2.38 14.18 33.78
CA ALA G 130 2.94 12.94 33.27
C ALA G 130 4.44 13.12 33.11
N VAL G 131 5.21 12.23 33.72
CA VAL G 131 6.67 12.27 33.66
C VAL G 131 7.14 11.37 32.51
N TRP G 132 8.06 11.89 31.71
CA TRP G 132 8.55 11.23 30.51
C TRP G 132 10.05 11.00 30.66
N ILE G 133 10.46 9.73 30.68
CA ILE G 133 11.77 9.32 31.18
C ILE G 133 12.54 8.67 30.04
N ARG G 134 13.74 9.18 29.77
CA ARG G 134 14.68 8.57 28.84
C ARG G 134 15.78 7.88 29.64
N ILE G 135 16.10 6.64 29.26
CA ILE G 135 17.20 5.88 29.85
C ILE G 135 18.14 5.47 28.72
N ALA G 136 19.40 5.87 28.81
CA ALA G 136 20.44 5.43 27.89
C ALA G 136 21.34 4.43 28.60
N TRP G 137 21.41 3.21 28.07
CA TRP G 137 22.08 2.11 28.76
C TRP G 137 23.55 2.03 28.35
N GLY G 138 24.45 2.24 29.32
CA GLY G 138 25.86 1.95 29.15
C GLY G 138 26.25 0.81 30.07
N THR G 139 27.17 -0.03 29.59
CA THR G 139 27.38 -1.30 30.28
C THR G 139 28.47 -1.25 31.34
N GLN G 140 29.74 -1.06 30.94
CA GLN G 140 30.77 -0.82 31.95
C GLN G 140 31.83 0.19 31.51
N TYR G 141 31.96 0.43 30.20
CA TYR G 141 33.09 1.18 29.66
C TYR G 141 32.67 2.39 28.85
N THR G 142 31.72 2.22 27.94
CA THR G 142 31.46 3.20 26.89
C THR G 142 30.46 4.24 27.41
N LYS G 143 30.49 5.43 26.81
CA LYS G 143 29.38 6.35 26.86
C LYS G 143 28.12 5.69 26.30
N PRO G 144 26.94 5.90 26.90
CA PRO G 144 25.81 4.96 26.73
C PRO G 144 25.11 5.03 25.37
N ASN G 145 24.09 4.19 25.22
CA ASN G 145 23.45 3.86 23.95
C ASN G 145 22.60 5.04 23.49
N GLN G 146 23.22 5.89 22.67
CA GLN G 146 22.60 7.13 22.22
C GLN G 146 21.66 6.92 21.04
N TYR G 147 21.99 6.00 20.14
CA TYR G 147 21.17 5.74 18.97
C TYR G 147 19.93 4.93 19.26
N LYS G 148 19.93 4.12 20.33
CA LYS G 148 18.80 3.26 20.68
C LYS G 148 18.38 3.56 22.12
N PRO G 149 17.44 4.53 22.32
CA PRO G 149 17.01 4.86 23.68
C PRO G 149 15.88 3.98 24.19
N THR G 150 15.42 4.24 25.41
CA THR G 150 14.35 3.48 26.04
C THR G 150 13.47 4.45 26.83
N TYR G 151 12.16 4.40 26.57
CA TYR G 151 11.22 5.39 27.08
C TYR G 151 10.25 4.77 28.07
N VAL G 152 10.00 5.47 29.17
CA VAL G 152 9.05 5.07 30.20
C VAL G 152 8.02 6.18 30.35
N VAL G 153 6.74 5.85 30.16
CA VAL G 153 5.65 6.80 30.35
C VAL G 153 4.97 6.48 31.68
N TYR G 154 4.87 7.48 32.56
CA TYR G 154 4.28 7.32 33.88
C TYR G 154 3.46 8.57 34.21
N TYR G 155 2.22 8.35 34.63
CA TYR G 155 1.25 9.44 34.81
C TYR G 155 1.13 9.91 36.25
N SER G 156 2.12 9.57 37.11
CA SER G 156 2.39 10.05 38.47
C SER G 156 1.38 9.65 39.56
N GLN G 157 0.28 8.99 39.20
CA GLN G 157 -0.65 8.42 40.19
C GLN G 157 -1.12 7.02 39.86
N THR G 158 -1.07 6.59 38.60
CA THR G 158 -1.57 5.29 38.19
C THR G 158 -0.57 4.19 38.56
N PRO G 159 -1.06 2.94 38.73
CA PRO G 159 -0.12 1.81 38.82
C PRO G 159 0.19 1.17 37.47
N TYR G 160 -0.24 1.83 36.38
CA TYR G 160 -0.04 1.35 35.02
C TYR G 160 1.01 2.23 34.34
N ALA G 161 1.89 1.60 33.57
CA ALA G 161 2.98 2.31 32.90
C ALA G 161 3.10 1.83 31.46
N PHE G 162 3.59 2.72 30.60
CA PHE G 162 3.76 2.45 29.17
C PHE G 162 5.25 2.51 28.86
N THR G 163 5.90 1.35 28.77
CA THR G 163 7.34 1.28 28.50
C THR G 163 7.60 0.71 27.11
N SER G 164 8.55 1.32 26.41
CA SER G 164 8.88 0.87 25.07
C SER G 164 9.83 -0.33 25.11
N SER G 165 9.88 -1.05 24.00
CA SER G 165 10.73 -2.24 23.90
C SER G 165 12.16 -1.82 23.61
N SER G 166 13.06 -2.12 24.53
CA SER G 166 14.47 -1.87 24.29
C SER G 166 15.09 -3.02 23.49
N MET G 167 16.23 -2.74 22.87
CA MET G 167 16.99 -3.75 22.16
C MET G 167 17.94 -4.51 23.07
N LEU G 168 18.09 -4.06 24.31
CA LEU G 168 18.85 -4.78 25.34
C LEU G 168 17.82 -5.39 26.29
N ARG G 169 17.56 -6.69 26.14
CA ARG G 169 16.54 -7.36 26.94
C ARG G 169 17.04 -7.77 28.31
N ARG G 170 18.35 -7.66 28.57
CA ARG G 170 18.90 -8.13 29.84
C ARG G 170 18.71 -7.10 30.95
N ASN G 171 18.39 -5.85 30.62
CA ASN G 171 18.16 -4.80 31.61
C ASN G 171 16.68 -4.59 31.89
N THR G 172 15.79 -5.39 31.30
CA THR G 172 14.36 -5.30 31.53
C THR G 172 13.82 -5.76 32.90
N PRO G 173 14.42 -6.71 33.65
CA PRO G 173 14.04 -6.76 35.09
C PRO G 173 14.63 -5.63 35.90
N LEU G 174 15.73 -5.02 35.45
CA LEU G 174 16.32 -3.90 36.18
C LEU G 174 15.51 -2.62 36.02
N LEU G 175 14.89 -2.41 34.85
CA LEU G 175 14.08 -1.22 34.63
C LEU G 175 12.71 -1.33 35.31
N GLY G 176 12.19 -2.54 35.48
CA GLY G 176 10.87 -2.72 36.06
C GLY G 176 10.82 -2.55 37.56
N GLN G 177 11.83 -3.06 38.25
CA GLN G 177 11.84 -3.00 39.71
C GLN G 177 12.31 -1.62 40.20
N ALA G 178 13.04 -0.88 39.36
CA ALA G 178 13.44 0.48 39.69
C ALA G 178 12.28 1.46 39.67
N LEU G 179 11.24 1.18 38.87
CA LEU G 179 10.02 1.96 38.91
C LEU G 179 9.13 1.54 40.08
N THR G 180 9.33 0.32 40.59
CA THR G 180 8.49 -0.22 41.64
C THR G 180 8.85 0.38 43.00
N ILE G 181 10.14 0.56 43.27
CA ILE G 181 10.60 1.05 44.57
C ILE G 181 10.36 2.56 44.71
N ALA G 182 10.61 3.32 43.64
CA ALA G 182 10.49 4.77 43.68
C ALA G 182 9.04 5.26 43.66
N SER G 183 8.08 4.41 43.28
CA SER G 183 6.68 4.78 43.26
C SER G 183 5.87 4.13 44.37
N LYS G 184 6.56 3.53 45.37
CA LYS G 184 6.01 2.90 46.59
C LYS G 184 5.05 1.75 46.28
N HIS G 185 5.56 0.75 45.56
CA HIS G 185 4.83 -0.47 45.29
C HIS G 185 5.71 -1.66 45.63
N HIS G 186 5.12 -2.86 45.61
CA HIS G 186 5.81 -4.06 46.06
C HIS G 186 5.79 -5.20 45.04
N GLN G 187 5.12 -5.05 43.91
CA GLN G 187 5.04 -6.13 42.94
C GLN G 187 4.91 -5.54 41.54
N ILE G 188 5.73 -6.04 40.62
CA ILE G 188 5.67 -5.64 39.21
C ILE G 188 5.25 -6.83 38.37
N VAL G 189 4.20 -6.64 37.57
CA VAL G 189 3.65 -7.69 36.70
C VAL G 189 3.69 -7.16 35.27
N LYS G 190 4.43 -7.84 34.40
CA LYS G 190 4.48 -7.48 32.98
C LYS G 190 3.22 -8.02 32.32
N MET G 191 2.28 -7.12 31.99
CA MET G 191 1.04 -7.49 31.32
C MET G 191 1.29 -7.47 29.82
N ASP G 192 0.72 -8.45 29.12
CA ASP G 192 1.04 -8.69 27.71
C ASP G 192 0.04 -8.00 26.78
N LEU G 193 0.36 -6.74 26.45
CA LEU G 193 -0.41 -5.93 25.50
C LEU G 193 0.52 -4.91 24.87
N ARG G 194 0.50 -4.83 23.54
CA ARG G 194 1.42 -3.94 22.82
C ARG G 194 0.80 -3.48 21.50
N SER G 195 1.10 -2.24 21.14
CA SER G 195 0.68 -1.64 19.88
C SER G 195 1.65 -0.52 19.54
N ARG G 196 1.48 0.04 18.34
CA ARG G 196 2.35 1.12 17.88
C ARG G 196 1.75 2.50 18.10
N TYR G 197 0.52 2.61 18.58
CA TYR G 197 -0.12 3.89 18.84
C TYR G 197 -0.26 4.07 20.35
N LEU G 198 0.45 5.05 20.91
CA LEU G 198 0.39 5.30 22.34
C LEU G 198 -0.91 5.99 22.74
N ASP G 199 -1.53 6.74 21.82
CA ASP G 199 -2.78 7.42 22.12
C ASP G 199 -3.97 6.46 22.11
N SER G 200 -3.83 5.32 21.42
CA SER G 200 -4.89 4.31 21.46
C SER G 200 -4.71 3.34 22.62
N LEU G 201 -3.48 3.16 23.10
CA LEU G 201 -3.26 2.26 24.24
C LEU G 201 -3.64 2.93 25.55
N LYS G 202 -3.69 4.26 25.59
CA LYS G 202 -4.24 4.94 26.76
C LYS G 202 -5.75 5.10 26.68
N ALA G 203 -6.35 4.73 25.54
CA ALA G 203 -7.80 4.76 25.40
C ALA G 203 -8.44 3.42 25.75
N ILE G 204 -7.70 2.32 25.51
CA ILE G 204 -8.27 0.99 25.74
C ILE G 204 -8.05 0.53 27.18
N VAL G 205 -7.10 1.12 27.89
CA VAL G 205 -6.77 0.72 29.25
C VAL G 205 -7.44 1.63 30.28
N PHE G 206 -7.32 2.95 30.09
CA PHE G 206 -7.85 3.91 31.06
C PHE G 206 -9.36 4.11 30.93
N LYS G 207 -9.95 3.67 29.80
CA LYS G 207 -11.39 3.63 29.44
C LYS G 207 -12.14 4.96 29.65
N GLN G 208 -11.44 6.06 29.38
CA GLN G 208 -12.04 7.39 29.43
C GLN G 208 -12.31 7.99 28.06
N TYR G 209 -11.90 7.31 26.99
CA TYR G 209 -12.07 7.79 25.62
C TYR G 209 -13.06 6.93 24.83
N ASN G 210 -13.45 5.77 25.38
CA ASN G 210 -14.21 4.78 24.63
C ASN G 210 -15.68 5.19 24.49
N GLN G 211 -16.28 5.78 25.52
CA GLN G 211 -17.68 6.17 25.48
C GLN G 211 -17.79 7.67 25.69
N THR G 212 -18.44 8.37 24.74
CA THR G 212 -18.53 9.83 24.76
C THR G 212 -19.96 10.35 24.80
N PHE G 213 -20.93 9.53 25.23
CA PHE G 213 -22.32 9.95 25.19
C PHE G 213 -22.77 10.46 26.56
N GLU G 214 -23.92 11.12 26.57
CA GLU G 214 -24.53 11.65 27.79
C GLU G 214 -25.88 10.99 28.02
N ASP G 234 -40.56 1.10 -1.73
CA ASP G 234 -41.13 0.16 -2.68
C ASP G 234 -41.19 -1.23 -2.06
N SER G 235 -42.17 -2.02 -2.50
CA SER G 235 -42.29 -3.42 -2.13
C SER G 235 -41.71 -4.33 -3.21
N ARG G 236 -40.76 -3.83 -4.00
CA ARG G 236 -40.16 -4.58 -5.09
C ARG G 236 -38.73 -5.01 -4.80
N ILE G 237 -38.15 -4.49 -3.71
CA ILE G 237 -36.81 -4.87 -3.28
C ILE G 237 -36.89 -5.48 -1.89
N ILE G 238 -38.05 -6.08 -1.58
CA ILE G 238 -38.35 -6.58 -0.24
C ILE G 238 -37.63 -7.91 -0.03
N HIS G 239 -37.09 -8.09 1.18
CA HIS G 239 -36.42 -9.32 1.56
C HIS G 239 -37.42 -10.31 2.15
N GLU G 240 -37.10 -11.60 2.00
CA GLU G 240 -37.80 -12.65 2.71
C GLU G 240 -37.09 -13.04 4.01
N ASN G 241 -35.89 -12.53 4.24
CA ASN G 241 -35.13 -12.80 5.45
C ASN G 241 -35.38 -11.72 6.50
N ILE G 242 -36.60 -11.73 7.04
CA ILE G 242 -36.96 -10.78 8.08
C ILE G 242 -36.34 -11.22 9.41
N VAL G 243 -36.27 -12.54 9.66
CA VAL G 243 -35.71 -13.05 10.90
C VAL G 243 -34.18 -13.10 10.87
N GLU G 244 -33.56 -12.89 9.70
CA GLU G 244 -32.12 -13.01 9.56
C GLU G 244 -31.39 -11.67 9.50
N LYS G 245 -32.05 -10.61 8.99
CA LYS G 245 -31.36 -9.38 8.61
C LYS G 245 -31.02 -8.52 9.83
N GLU G 246 -31.97 -8.35 10.77
CA GLU G 246 -31.65 -7.62 11.98
C GLU G 246 -31.21 -8.53 13.12
N ARG G 247 -31.01 -9.82 12.86
CA ARG G 247 -30.43 -10.70 13.86
C ARG G 247 -28.91 -10.67 13.80
N VAL G 248 -28.35 -10.46 12.60
CA VAL G 248 -26.89 -10.46 12.43
C VAL G 248 -26.25 -9.14 12.80
N GLN G 249 -27.05 -8.09 13.03
CA GLN G 249 -26.52 -6.82 13.46
C GLN G 249 -26.87 -6.46 14.89
N ARG G 250 -27.79 -7.19 15.53
CA ARG G 250 -28.18 -6.86 16.90
C ARG G 250 -27.15 -7.32 17.93
N ILE G 251 -26.27 -8.25 17.57
CA ILE G 251 -25.19 -8.66 18.46
C ILE G 251 -24.07 -7.63 18.43
N THR G 252 -23.81 -7.06 17.25
CA THR G 252 -22.76 -6.06 17.11
C THR G 252 -23.15 -4.69 17.64
N GLN G 253 -24.44 -4.42 17.84
CA GLN G 253 -24.84 -3.15 18.45
C GLN G 253 -24.85 -3.23 19.96
N GLU G 254 -25.12 -4.40 20.53
CA GLU G 254 -25.11 -4.56 21.97
C GLU G 254 -23.72 -4.87 22.52
N THR G 255 -22.73 -5.09 21.66
CA THR G 255 -21.36 -5.31 22.08
C THR G 255 -20.43 -4.20 21.58
N PHE G 256 -20.41 -3.95 20.27
CA PHE G 256 -19.53 -2.96 19.68
C PHE G 256 -20.25 -1.64 19.40
N GLY G 257 -21.32 -1.69 18.60
CA GLY G 257 -22.06 -0.50 18.24
C GLY G 257 -21.36 0.33 17.18
N ASP G 258 -21.94 1.50 16.93
CA ASP G 258 -21.38 2.49 16.01
C ASP G 258 -20.50 3.51 16.72
N TYR G 259 -20.14 3.26 17.96
CA TYR G 259 -19.34 4.15 18.79
C TYR G 259 -17.88 4.10 18.36
N PRO G 260 -17.10 5.17 18.62
CA PRO G 260 -15.66 5.11 18.34
C PRO G 260 -14.92 4.21 19.33
N GLN G 261 -13.96 3.46 18.78
CA GLN G 261 -13.21 2.43 19.47
C GLN G 261 -11.72 2.73 19.40
N PRO G 262 -10.93 2.25 20.37
CA PRO G 262 -9.47 2.39 20.26
C PRO G 262 -8.88 1.45 19.21
N GLN G 263 -7.64 1.71 18.85
CA GLN G 263 -6.97 0.99 17.76
C GLN G 263 -6.04 -0.05 18.38
N LEU G 264 -6.21 -1.30 17.97
CA LEU G 264 -5.25 -2.37 18.23
C LEU G 264 -5.05 -3.15 16.93
N GLU G 265 -3.79 -3.37 16.56
CA GLU G 265 -3.47 -3.96 15.27
C GLU G 265 -2.82 -5.33 15.37
N PHE G 266 -2.64 -5.86 16.59
CA PHE G 266 -1.94 -7.13 16.74
C PHE G 266 -2.58 -7.94 17.85
N ALA G 267 -2.76 -9.22 17.59
CA ALA G 267 -3.26 -10.18 18.58
C ALA G 267 -2.75 -11.57 18.20
N GLN G 268 -1.88 -12.12 19.05
CA GLN G 268 -1.32 -13.44 18.82
C GLN G 268 -2.09 -14.46 19.66
N TYR G 269 -2.62 -15.48 19.00
CA TYR G 269 -3.51 -16.46 19.63
C TYR G 269 -2.81 -17.80 19.64
N LYS G 270 -2.27 -18.20 20.79
CA LYS G 270 -1.54 -19.46 20.93
C LYS G 270 -2.54 -20.56 21.26
N LEU G 271 -2.82 -21.42 20.28
CA LEU G 271 -3.78 -22.51 20.44
C LEU G 271 -3.05 -23.84 20.58
N GLU G 272 -3.41 -24.60 21.61
CA GLU G 272 -2.96 -25.97 21.78
C GLU G 272 -4.15 -26.94 21.74
N THR G 273 -5.21 -26.53 21.06
CA THR G 273 -6.51 -27.19 21.07
C THR G 273 -6.49 -28.46 20.24
N LYS G 274 -7.57 -29.23 20.35
CA LYS G 274 -7.73 -30.50 19.66
C LYS G 274 -8.75 -30.35 18.53
N PHE G 275 -9.08 -31.47 17.90
CA PHE G 275 -10.04 -31.50 16.79
C PHE G 275 -11.16 -32.47 17.14
N LYS G 276 -12.39 -31.96 17.12
CA LYS G 276 -13.58 -32.78 17.38
C LYS G 276 -14.77 -32.16 16.66
N SER G 277 -15.45 -32.96 15.86
CA SER G 277 -16.60 -32.49 15.09
C SER G 277 -17.56 -33.65 14.85
N GLY G 278 -18.81 -33.30 14.54
CA GLY G 278 -19.83 -34.27 14.26
C GLY G 278 -20.01 -34.64 12.81
N LEU G 279 -19.22 -34.05 11.91
CA LEU G 279 -19.30 -34.36 10.49
C LEU G 279 -18.41 -35.53 10.09
N ASN G 280 -17.17 -35.54 10.56
CA ASN G 280 -16.22 -36.60 10.25
C ASN G 280 -16.15 -37.58 11.40
N GLY G 281 -16.10 -38.88 11.06
CA GLY G 281 -16.01 -39.92 12.06
C GLY G 281 -14.74 -40.74 11.94
N SER G 282 -13.90 -40.40 10.96
CA SER G 282 -12.64 -41.09 10.75
C SER G 282 -11.46 -40.13 10.60
N ILE G 283 -11.67 -38.84 10.83
CA ILE G 283 -10.62 -37.84 10.72
C ILE G 283 -10.25 -37.41 12.13
N LEU G 284 -9.05 -37.83 12.56
CA LEU G 284 -8.46 -37.65 13.91
C LEU G 284 -9.38 -38.19 15.01
N ALA G 285 -9.95 -39.38 14.78
CA ALA G 285 -10.82 -40.00 15.76
C ALA G 285 -10.06 -40.76 16.84
N GLU G 286 -8.76 -41.00 16.64
CA GLU G 286 -7.94 -41.74 17.60
C GLU G 286 -6.79 -40.90 18.15
N ARG G 287 -6.75 -39.61 17.86
CA ARG G 287 -5.63 -38.77 18.29
C ARG G 287 -5.86 -38.27 19.71
N GLU G 288 -4.88 -38.49 20.58
CA GLU G 288 -4.88 -37.91 21.91
C GLU G 288 -3.86 -36.78 22.06
N GLU G 289 -3.02 -36.58 21.04
CA GLU G 289 -1.99 -35.55 21.07
C GLU G 289 -2.58 -34.18 20.71
N PRO G 290 -2.12 -33.10 21.34
CA PRO G 290 -2.66 -31.78 21.00
C PRO G 290 -2.11 -31.22 19.71
N LEU G 291 -2.98 -30.46 19.01
CA LEU G 291 -2.62 -29.78 17.78
C LEU G 291 -2.17 -28.37 18.14
N ARG G 292 -0.85 -28.13 18.13
CA ARG G 292 -0.34 -26.81 18.49
C ARG G 292 -0.46 -25.86 17.31
N CYS G 293 -0.83 -24.61 17.61
CA CYS G 293 -1.03 -23.58 16.62
C CYS G 293 -0.63 -22.23 17.21
N LEU G 294 -0.42 -21.26 16.32
CA LEU G 294 -0.29 -19.87 16.72
C LEU G 294 -0.91 -19.01 15.63
N ILE G 295 -1.85 -18.15 16.01
CA ILE G 295 -2.63 -17.36 15.07
C ILE G 295 -2.40 -15.88 15.38
N LYS G 296 -1.81 -15.15 14.44
CA LYS G 296 -1.54 -13.74 14.60
C LYS G 296 -2.48 -12.96 13.68
N PHE G 297 -2.87 -11.77 14.13
CA PHE G 297 -3.64 -10.84 13.30
C PHE G 297 -2.78 -9.63 12.98
N SER G 298 -2.60 -9.35 11.69
CA SER G 298 -1.78 -8.23 11.23
C SER G 298 -2.62 -7.37 10.28
N SER G 299 -3.42 -6.47 10.86
CA SER G 299 -4.29 -5.57 10.11
C SER G 299 -4.60 -4.37 10.99
N PRO G 300 -4.61 -3.15 10.46
CA PRO G 300 -4.94 -1.99 11.29
C PRO G 300 -6.44 -1.88 11.52
N HIS G 301 -6.79 -1.16 12.61
CA HIS G 301 -8.11 -0.95 13.24
C HIS G 301 -9.01 -2.18 13.27
N LEU G 302 -8.54 -3.23 13.97
CA LEU G 302 -9.15 -4.55 13.97
C LEU G 302 -10.47 -4.62 14.72
N LEU G 303 -10.73 -3.68 15.64
CA LEU G 303 -11.93 -3.74 16.46
C LEU G 303 -13.18 -3.30 15.68
N GLU G 304 -13.03 -2.36 14.75
CA GLU G 304 -14.14 -2.08 13.84
C GLU G 304 -13.94 -2.70 12.46
N ALA G 305 -12.95 -3.58 12.30
CA ALA G 305 -12.82 -4.34 11.06
C ALA G 305 -13.58 -5.65 11.12
N LEU G 306 -13.72 -6.24 12.30
CA LEU G 306 -14.43 -7.51 12.46
C LEU G 306 -15.94 -7.34 12.61
N LYS G 307 -16.42 -6.11 12.79
CA LYS G 307 -17.86 -5.87 12.91
C LYS G 307 -18.58 -5.84 11.56
N SER G 308 -17.85 -5.75 10.45
CA SER G 308 -18.45 -5.71 9.14
C SER G 308 -18.62 -7.09 8.51
N LEU G 309 -18.07 -8.14 9.13
CA LEU G 309 -18.21 -9.49 8.60
C LEU G 309 -19.58 -10.08 8.88
N ALA G 310 -20.21 -9.68 9.99
CA ALA G 310 -21.53 -10.18 10.35
C ALA G 310 -22.71 -9.64 9.50
N PRO G 311 -22.77 -8.37 9.03
CA PRO G 311 -23.77 -8.09 7.97
C PRO G 311 -23.35 -8.52 6.58
N ALA G 312 -22.08 -8.92 6.38
CA ALA G 312 -21.66 -9.45 5.10
C ALA G 312 -22.12 -10.88 4.85
N GLY G 313 -22.49 -11.61 5.90
CA GLY G 313 -22.95 -12.98 5.77
C GLY G 313 -21.87 -14.02 5.75
N ILE G 314 -20.60 -13.63 5.91
CA ILE G 314 -19.49 -14.57 5.90
C ILE G 314 -19.08 -14.97 7.31
N ALA G 315 -19.83 -14.56 8.32
CA ALA G 315 -19.56 -14.92 9.70
C ALA G 315 -20.89 -15.18 10.40
N ASP G 316 -20.82 -15.95 11.48
CA ASP G 316 -22.02 -16.30 12.22
C ASP G 316 -22.42 -15.18 13.18
N ALA G 317 -23.74 -15.02 13.34
CA ALA G 317 -24.30 -14.02 14.24
C ALA G 317 -24.08 -14.31 15.73
N PRO G 318 -24.02 -15.60 16.23
CA PRO G 318 -23.33 -15.80 17.52
C PRO G 318 -21.81 -15.72 17.39
N LEU G 319 -21.29 -14.50 17.47
CA LEU G 319 -19.85 -14.26 17.40
C LEU G 319 -19.16 -14.78 18.66
N SER G 320 -17.92 -15.22 18.49
CA SER G 320 -17.12 -15.79 19.58
C SER G 320 -16.71 -14.70 20.57
N PRO G 321 -16.68 -15.02 21.88
CA PRO G 321 -16.31 -14.00 22.87
C PRO G 321 -14.82 -13.70 22.98
N LEU G 322 -13.96 -14.42 22.24
CA LEU G 322 -12.53 -14.14 22.25
C LEU G 322 -12.20 -12.87 21.49
N LEU G 323 -13.02 -12.51 20.50
CA LEU G 323 -12.80 -11.30 19.72
C LEU G 323 -13.52 -10.09 20.29
N THR G 324 -14.36 -10.27 21.30
CA THR G 324 -15.11 -9.17 21.90
C THR G 324 -14.64 -8.79 23.30
N CYS G 325 -13.77 -9.60 23.91
CA CYS G 325 -13.23 -9.31 25.24
C CYS G 325 -11.90 -8.57 25.17
N ILE G 326 -11.55 -8.02 24.01
CA ILE G 326 -10.24 -7.38 23.79
C ILE G 326 -10.18 -5.98 24.43
N PRO G 327 -11.19 -5.07 24.38
CA PRO G 327 -11.13 -3.93 25.32
C PRO G 327 -11.51 -4.27 26.75
N ASN G 328 -12.12 -5.43 27.00
CA ASN G 328 -12.62 -5.77 28.32
C ASN G 328 -11.55 -6.42 29.20
N LYS G 329 -10.95 -7.53 28.74
CA LYS G 329 -10.01 -8.27 29.56
C LYS G 329 -8.60 -7.71 29.53
N ARG G 330 -8.34 -6.73 28.65
CA ARG G 330 -7.18 -5.81 28.66
C ARG G 330 -5.86 -6.56 28.35
N MET G 331 -5.94 -7.54 27.45
CA MET G 331 -4.76 -8.11 26.79
C MET G 331 -5.18 -8.63 25.42
N ASN G 332 -4.18 -8.90 24.57
CA ASN G 332 -4.41 -9.54 23.28
C ASN G 332 -3.71 -10.88 23.11
N TYR G 333 -2.75 -11.20 23.98
CA TYR G 333 -2.12 -12.52 23.98
C TYR G 333 -3.01 -13.49 24.75
N PHE G 334 -3.63 -14.43 24.05
CA PHE G 334 -4.54 -15.40 24.65
C PHE G 334 -4.03 -16.81 24.42
N LYS G 335 -4.33 -17.69 25.37
CA LYS G 335 -3.94 -19.09 25.32
C LYS G 335 -5.20 -19.95 25.46
N ILE G 336 -5.48 -20.75 24.44
CA ILE G 336 -6.79 -21.38 24.29
C ILE G 336 -6.64 -22.89 24.47
N ARG G 337 -7.49 -23.44 25.34
CA ARG G 337 -7.55 -24.88 25.57
C ARG G 337 -8.93 -25.39 25.19
N ASP G 338 -8.95 -26.44 24.36
CA ASP G 338 -10.20 -27.05 23.92
C ASP G 338 -9.95 -28.52 23.64
N LYS G 339 -10.98 -29.33 23.83
CA LYS G 339 -10.90 -30.76 23.54
C LYS G 339 -11.38 -31.06 22.12
N GLN H 91 -55.24 14.92 25.78
CA GLN H 91 -53.86 15.20 25.37
C GLN H 91 -53.22 16.27 26.25
N GLU H 92 -54.01 17.25 26.71
CA GLU H 92 -53.45 18.29 27.57
C GLU H 92 -53.25 17.79 29.00
N ALA H 93 -53.95 16.73 29.40
CA ALA H 93 -53.73 16.14 30.72
C ALA H 93 -52.46 15.30 30.74
N LEU H 94 -52.15 14.65 29.62
CA LEU H 94 -50.94 13.81 29.58
C LEU H 94 -49.68 14.65 29.37
N GLU H 95 -49.79 15.76 28.64
CA GLU H 95 -48.63 16.63 28.44
C GLU H 95 -48.34 17.48 29.66
N GLU H 96 -49.36 17.72 30.51
CA GLU H 96 -49.11 18.36 31.80
C GLU H 96 -48.42 17.39 32.75
N LYS H 97 -48.81 16.11 32.70
CA LYS H 97 -48.13 15.09 33.51
C LYS H 97 -46.77 14.71 32.94
N LEU H 98 -46.55 14.95 31.64
CA LEU H 98 -45.22 14.72 31.07
C LEU H 98 -44.23 15.77 31.53
N GLU H 99 -44.66 17.04 31.63
CA GLU H 99 -43.77 18.10 32.07
C GLU H 99 -43.57 18.07 33.59
N ASN H 100 -44.47 17.42 34.33
CA ASN H 100 -44.26 17.24 35.76
C ASN H 100 -43.20 16.17 36.03
N VAL H 101 -43.06 15.20 35.12
CA VAL H 101 -41.95 14.26 35.20
C VAL H 101 -40.65 14.95 34.80
N LYS H 102 -40.72 15.86 33.80
CA LYS H 102 -39.55 16.56 33.30
C LYS H 102 -39.04 17.62 34.27
N ALA H 103 -39.88 18.09 35.19
CA ALA H 103 -39.40 19.01 36.22
C ALA H 103 -38.71 18.26 37.35
N ILE H 104 -39.14 17.03 37.64
CA ILE H 104 -38.52 16.24 38.69
C ILE H 104 -37.19 15.63 38.20
N LEU H 105 -37.16 15.21 36.93
CA LEU H 105 -35.92 14.67 36.34
C LEU H 105 -34.89 15.76 36.06
N GLN H 106 -35.32 17.02 35.94
CA GLN H 106 -34.37 18.13 35.97
C GLN H 106 -33.82 18.32 37.37
N ALA H 107 -34.64 18.10 38.40
CA ALA H 107 -34.21 18.27 39.78
C ALA H 107 -33.36 17.13 40.30
N TYR H 108 -33.37 15.97 39.61
CA TYR H 108 -32.51 14.86 40.00
C TYR H 108 -31.04 15.09 39.63
N HIS H 109 -30.75 15.99 38.70
CA HIS H 109 -29.38 16.44 38.52
C HIS H 109 -28.97 17.41 39.63
N PHE H 110 -29.93 18.13 40.20
CA PHE H 110 -29.68 19.10 41.25
C PHE H 110 -29.54 18.48 42.64
N THR H 111 -29.88 17.20 42.80
CA THR H 111 -29.69 16.53 44.08
C THR H 111 -28.41 15.70 44.15
N GLY H 112 -27.68 15.59 43.05
CA GLY H 112 -26.38 14.93 43.07
C GLY H 112 -26.24 13.73 42.15
N LEU H 113 -27.26 12.87 42.09
CA LEU H 113 -27.20 11.66 41.29
C LEU H 113 -28.44 11.59 40.40
N SER H 114 -28.23 11.55 39.10
CA SER H 114 -29.28 11.37 38.11
C SER H 114 -28.88 10.28 37.11
N GLY H 115 -29.88 9.72 36.45
CA GLY H 115 -29.62 8.68 35.47
C GLY H 115 -30.87 8.08 34.86
N LYS H 116 -30.74 7.61 33.62
CA LYS H 116 -31.83 6.95 32.91
C LYS H 116 -31.52 5.47 32.75
N LEU H 117 -32.56 4.68 32.48
CA LEU H 117 -32.38 3.25 32.27
C LEU H 117 -31.98 2.96 30.84
N THR H 118 -31.20 1.90 30.67
CA THR H 118 -30.61 1.51 29.39
C THR H 118 -30.81 -0.01 29.29
N SER H 119 -30.70 -0.55 28.06
CA SER H 119 -30.64 -2.00 27.91
C SER H 119 -29.32 -2.56 28.41
N ARG H 120 -28.24 -1.76 28.32
CA ARG H 120 -26.92 -2.14 28.82
C ARG H 120 -26.71 -1.67 30.26
N GLY H 121 -27.60 -2.02 31.16
CA GLY H 121 -27.45 -1.68 32.57
C GLY H 121 -28.06 -0.31 32.88
N VAL H 122 -27.41 0.44 33.76
CA VAL H 122 -27.88 1.77 34.12
C VAL H 122 -26.66 2.68 34.26
N CYS H 123 -26.79 3.91 33.77
CA CYS H 123 -25.70 4.87 33.75
C CYS H 123 -26.07 6.06 34.64
N VAL H 124 -25.28 6.30 35.68
CA VAL H 124 -25.57 7.30 36.70
C VAL H 124 -24.53 8.40 36.61
N CYS H 125 -24.98 9.64 36.40
CA CYS H 125 -24.12 10.81 36.42
C CYS H 125 -24.07 11.39 37.83
N ILE H 126 -22.88 11.74 38.28
CA ILE H 126 -22.65 12.25 39.63
C ILE H 126 -22.09 13.67 39.52
N SER H 127 -22.83 14.63 40.07
CA SER H 127 -22.42 16.03 40.06
C SER H 127 -21.95 16.44 41.45
N THR H 128 -20.78 17.07 41.52
CA THR H 128 -20.17 17.48 42.77
C THR H 128 -20.09 18.99 42.84
N ALA H 129 -19.94 19.51 44.07
CA ALA H 129 -19.85 20.94 44.30
C ALA H 129 -19.07 21.19 45.58
N PHE H 130 -18.55 22.40 45.71
CA PHE H 130 -17.82 22.81 46.91
C PHE H 130 -18.04 24.30 47.13
N GLU H 131 -18.62 24.64 48.29
CA GLU H 131 -18.94 26.00 48.77
C GLU H 131 -19.85 26.76 47.80
N GLY H 132 -20.86 26.06 47.30
CA GLY H 132 -21.82 26.67 46.40
C GLY H 132 -21.35 26.86 44.99
N ASN H 133 -20.33 26.13 44.56
CA ASN H 133 -19.81 26.22 43.20
C ASN H 133 -19.71 24.82 42.62
N LEU H 134 -20.54 24.53 41.63
CA LEU H 134 -20.57 23.21 41.01
C LEU H 134 -19.86 23.23 39.65
N LEU H 135 -19.73 22.04 39.07
CA LEU H 135 -18.96 21.85 37.85
C LEU H 135 -19.62 20.72 37.05
N ASP H 136 -18.90 20.19 36.07
CA ASP H 136 -19.41 19.12 35.21
C ASP H 136 -19.53 17.79 35.96
N SER H 137 -20.36 16.91 35.42
CA SER H 137 -20.67 15.63 36.03
C SER H 137 -19.92 14.50 35.31
N TYR H 138 -19.72 13.41 36.05
CA TYR H 138 -19.04 12.22 35.54
C TYR H 138 -20.00 11.05 35.55
N PHE H 139 -20.03 10.29 34.45
CA PHE H 139 -20.98 9.21 34.27
C PHE H 139 -20.32 7.87 34.59
N VAL H 140 -21.04 7.04 35.35
CA VAL H 140 -20.60 5.69 35.73
C VAL H 140 -21.67 4.71 35.28
N ASP H 141 -21.28 3.78 34.42
CA ASP H 141 -22.18 2.75 33.90
C ASP H 141 -22.10 1.52 34.81
N LEU H 142 -23.27 0.99 35.18
CA LEU H 142 -23.36 -0.16 36.07
C LEU H 142 -24.40 -1.13 35.52
N VAL H 143 -24.04 -2.41 35.48
CA VAL H 143 -24.93 -3.41 34.87
C VAL H 143 -25.98 -3.86 35.89
N ILE H 144 -27.06 -4.44 35.38
CA ILE H 144 -28.13 -4.99 36.22
C ILE H 144 -27.88 -6.47 36.56
N GLN H 145 -27.28 -7.23 35.64
CA GLN H 145 -27.14 -8.68 35.73
C GLN H 145 -26.12 -9.10 36.79
N LYS H 146 -26.26 -10.35 37.23
CA LYS H 146 -25.46 -10.90 38.31
C LYS H 146 -24.28 -11.68 37.74
N PRO H 147 -23.03 -11.45 38.18
CA PRO H 147 -22.56 -10.48 39.18
C PRO H 147 -22.35 -9.08 38.61
N LEU H 148 -22.18 -8.11 39.50
CA LEU H 148 -22.03 -6.72 39.08
C LEU H 148 -20.63 -6.46 38.55
N ARG H 149 -20.54 -6.13 37.26
CA ARG H 149 -19.28 -5.85 36.61
C ARG H 149 -19.25 -4.40 36.14
N ILE H 150 -18.04 -3.89 35.93
CA ILE H 150 -17.84 -2.52 35.48
C ILE H 150 -17.52 -2.55 33.98
N HIS H 151 -18.16 -1.66 33.21
CA HIS H 151 -17.88 -1.56 31.78
C HIS H 151 -16.97 -0.38 31.49
N HIS H 152 -17.41 0.82 31.84
CA HIS H 152 -16.68 2.04 31.54
C HIS H 152 -17.07 3.12 32.54
N HIS H 153 -16.14 4.06 32.74
CA HIS H 153 -16.37 5.18 33.64
C HIS H 153 -15.52 6.36 33.18
N SER H 154 -16.07 7.56 33.30
CA SER H 154 -15.34 8.79 33.01
C SER H 154 -14.61 9.34 34.23
N VAL H 155 -14.68 8.64 35.36
CA VAL H 155 -13.83 8.93 36.53
C VAL H 155 -12.39 8.57 36.17
N PRO H 156 -11.41 9.44 36.46
CA PRO H 156 -10.01 9.08 36.23
C PRO H 156 -9.52 7.99 37.18
N VAL H 157 -8.42 7.35 36.78
CA VAL H 157 -7.88 6.19 37.47
C VAL H 157 -6.73 6.59 38.39
N PHE H 158 -6.68 7.87 38.76
CA PHE H 158 -5.66 8.36 39.68
C PHE H 158 -5.93 7.88 41.10
N ILE H 159 -7.20 7.71 41.44
CA ILE H 159 -7.60 7.02 42.67
C ILE H 159 -7.86 5.56 42.27
N PRO H 160 -7.49 4.56 43.09
CA PRO H 160 -7.79 3.17 42.72
C PRO H 160 -9.26 2.79 42.91
N LEU H 161 -9.94 2.54 41.79
CA LEU H 161 -11.34 2.12 41.82
C LEU H 161 -11.49 0.60 41.90
N GLU H 162 -10.40 -0.16 41.89
CA GLU H 162 -10.50 -1.61 41.87
C GLU H 162 -10.77 -2.17 43.26
N GLU H 163 -10.10 -1.61 44.28
CA GLU H 163 -10.27 -2.12 45.64
C GLU H 163 -11.56 -1.61 46.28
N ILE H 164 -12.11 -0.51 45.77
CA ILE H 164 -13.38 -0.02 46.28
C ILE H 164 -14.53 -0.87 45.72
N ALA H 165 -14.43 -1.25 44.43
CA ALA H 165 -15.47 -2.05 43.80
C ALA H 165 -15.42 -3.52 44.19
N ALA H 166 -14.33 -3.98 44.80
CA ALA H 166 -14.30 -5.34 45.31
C ALA H 166 -14.89 -5.45 46.71
N LYS H 167 -15.03 -4.32 47.41
CA LYS H 167 -15.51 -4.31 48.79
C LYS H 167 -16.92 -3.73 48.92
N TYR H 168 -17.14 -2.53 48.39
CA TYR H 168 -18.38 -1.81 48.64
C TYR H 168 -19.49 -2.17 47.64
N LEU H 169 -19.13 -2.61 46.44
CA LEU H 169 -20.13 -2.93 45.42
C LEU H 169 -20.80 -4.28 45.65
N GLN H 170 -20.15 -5.17 46.42
CA GLN H 170 -20.66 -6.54 46.56
C GLN H 170 -21.84 -6.62 47.53
N THR H 171 -21.73 -6.00 48.71
CA THR H 171 -22.78 -6.15 49.71
C THR H 171 -23.86 -5.08 49.63
N ASN H 172 -23.62 -3.98 48.91
CA ASN H 172 -24.58 -2.89 48.81
C ASN H 172 -24.52 -2.29 47.42
N ILE H 173 -25.53 -1.47 47.12
CA ILE H 173 -25.64 -0.79 45.84
C ILE H 173 -25.61 0.72 46.00
N GLN H 174 -26.46 1.26 46.88
CA GLN H 174 -26.53 2.71 47.07
C GLN H 174 -25.42 3.22 47.97
N HIS H 175 -24.76 2.34 48.73
CA HIS H 175 -23.62 2.77 49.54
C HIS H 175 -22.38 2.94 48.68
N PHE H 176 -22.30 2.20 47.57
CA PHE H 176 -21.17 2.34 46.65
C PHE H 176 -21.25 3.61 45.84
N LEU H 177 -22.47 4.03 45.47
CA LEU H 177 -22.63 5.23 44.67
C LEU H 177 -22.50 6.49 45.53
N PHE H 178 -22.90 6.41 46.80
CA PHE H 178 -22.80 7.57 47.67
C PHE H 178 -21.42 7.71 48.29
N SER H 179 -20.62 6.64 48.27
CA SER H 179 -19.22 6.78 48.65
C SER H 179 -18.42 7.47 47.55
N LEU H 180 -18.66 7.07 46.28
CA LEU H 180 -17.94 7.66 45.15
C LEU H 180 -18.43 9.07 44.83
N CYS H 181 -19.62 9.44 45.31
CA CYS H 181 -20.02 10.84 45.29
C CYS H 181 -19.24 11.66 46.32
N GLU H 182 -18.79 11.01 47.41
CA GLU H 182 -17.94 11.69 48.38
C GLU H 182 -16.47 11.62 48.02
N TYR H 183 -16.06 10.64 47.20
CA TYR H 183 -14.68 10.64 46.72
C TYR H 183 -14.46 11.70 45.64
N LEU H 184 -15.41 11.85 44.72
CA LEU H 184 -15.26 12.82 43.65
C LEU H 184 -15.52 14.25 44.11
N ASN H 185 -16.25 14.44 45.20
CA ASN H 185 -16.37 15.77 45.78
C ASN H 185 -15.09 16.13 46.53
N ALA H 186 -14.40 15.14 47.07
CA ALA H 186 -13.07 15.37 47.62
C ALA H 186 -12.04 15.50 46.51
N TYR H 187 -12.31 14.89 45.35
CA TYR H 187 -11.39 15.03 44.22
C TYR H 187 -11.56 16.37 43.53
N SER H 188 -12.79 16.85 43.39
CA SER H 188 -13.02 18.16 42.80
C SER H 188 -12.86 19.27 43.82
N GLY H 189 -12.87 18.94 45.12
CA GLY H 189 -12.60 19.94 46.13
C GLY H 189 -11.13 20.31 46.21
N ARG H 190 -10.26 19.37 45.86
CA ARG H 190 -8.83 19.68 45.83
C ARG H 190 -8.45 20.37 44.52
N LYS H 191 -9.20 20.09 43.44
CA LYS H 191 -8.93 20.75 42.17
C LYS H 191 -9.51 22.17 42.13
N TYR H 192 -10.49 22.46 42.98
CA TYR H 192 -11.01 23.82 43.08
C TYR H 192 -10.02 24.73 43.79
N GLN H 193 -9.23 24.16 44.71
CA GLN H 193 -8.24 24.96 45.42
C GLN H 193 -6.97 25.13 44.60
N ALA H 194 -6.76 24.28 43.60
CA ALA H 194 -5.58 24.42 42.76
C ALA H 194 -5.82 25.43 41.63
N ASP H 195 -7.08 25.58 41.21
CA ASP H 195 -7.40 26.53 40.15
C ASP H 195 -7.41 27.96 40.68
N ARG H 196 -7.82 28.14 41.93
CA ARG H 196 -7.83 29.46 42.56
C ARG H 196 -6.42 29.93 42.90
N LEU H 197 -5.51 28.99 43.20
CA LEU H 197 -4.14 29.32 43.58
C LEU H 197 -3.31 29.77 42.38
N GLN H 198 -3.68 29.34 41.18
CA GLN H 198 -2.95 29.71 39.98
C GLN H 198 -3.59 30.87 39.23
N SER H 199 -4.74 31.37 39.70
CA SER H 199 -5.46 32.45 39.03
C SER H 199 -5.27 33.79 39.72
N ASP H 200 -5.60 33.87 41.02
CA ASP H 200 -5.58 35.14 41.75
C ASP H 200 -4.37 35.27 42.65
N PHE H 201 -4.00 34.21 43.36
CA PHE H 201 -2.97 34.27 44.39
C PHE H 201 -1.66 33.65 43.91
N ALA H 202 -1.39 33.75 42.61
CA ALA H 202 -0.12 33.32 42.05
C ALA H 202 0.90 34.45 41.99
N ALA H 203 0.47 35.68 42.25
CA ALA H 203 1.41 36.80 42.30
C ALA H 203 2.01 36.97 43.68
N LEU H 204 1.44 36.32 44.69
CA LEU H 204 1.98 36.35 46.04
C LEU H 204 3.05 35.28 46.27
N LEU H 205 3.00 34.20 45.49
CA LEU H 205 3.97 33.12 45.64
C LEU H 205 5.16 33.34 44.72
N THR H 206 6.33 32.89 45.18
CA THR H 206 7.55 32.94 44.40
C THR H 206 8.07 31.52 44.18
N GLY H 207 8.69 31.31 43.02
CA GLY H 207 9.24 30.02 42.68
C GLY H 207 8.23 29.12 41.98
N PRO H 208 8.68 27.98 41.46
CA PRO H 208 7.75 27.07 40.78
C PRO H 208 6.94 26.25 41.77
N LEU H 209 5.86 25.65 41.25
CA LEU H 209 4.95 24.83 42.03
C LEU H 209 5.05 23.39 41.57
N GLN H 210 4.89 22.46 42.52
CA GLN H 210 4.98 21.03 42.25
C GLN H 210 3.68 20.39 42.71
N ARG H 211 2.86 19.97 41.75
CA ARG H 211 1.53 19.47 42.03
C ARG H 211 1.35 18.06 41.49
N ASN H 212 0.86 17.18 42.32
CA ASN H 212 0.34 15.85 42.07
C ASN H 212 -1.17 15.90 41.82
N PRO H 213 -1.71 15.04 40.93
CA PRO H 213 -3.15 15.14 40.63
C PRO H 213 -4.07 14.59 41.71
N LEU H 214 -3.55 13.76 42.63
CA LEU H 214 -4.36 13.34 43.77
C LEU H 214 -4.43 14.43 44.83
N CYS H 215 -3.43 15.32 44.86
CA CYS H 215 -3.25 16.44 45.81
C CYS H 215 -3.21 15.96 47.26
N ASN H 216 -2.55 14.82 47.50
CA ASN H 216 -2.35 14.33 48.85
C ASN H 216 -1.18 15.01 49.55
N LEU H 217 -0.26 15.61 48.80
CA LEU H 217 0.88 16.34 49.36
C LEU H 217 1.12 17.57 48.51
N LEU H 218 0.96 18.74 49.12
CA LEU H 218 1.08 20.02 48.44
C LEU H 218 2.34 20.74 48.93
N SER H 219 2.86 21.63 48.08
CA SER H 219 4.06 22.40 48.42
C SER H 219 4.03 23.71 47.66
N PHE H 220 4.08 24.83 48.40
CA PHE H 220 4.10 26.15 47.80
C PHE H 220 4.82 27.11 48.75
N THR H 221 5.54 28.06 48.17
CA THR H 221 6.32 29.05 48.92
C THR H 221 5.80 30.44 48.62
N TYR H 222 5.34 31.15 49.65
CA TYR H 222 4.73 32.46 49.52
C TYR H 222 5.48 33.48 50.35
N LYS H 223 5.14 34.75 50.17
CA LYS H 223 5.73 35.85 50.91
C LYS H 223 4.63 36.75 51.45
N LEU H 224 4.84 37.25 52.67
CA LEU H 224 3.92 38.19 53.30
C LEU H 224 4.71 39.36 53.88
N ASP H 225 4.00 40.45 54.14
CA ASP H 225 4.59 41.64 54.75
C ASP H 225 3.81 41.98 56.02
N PRO H 226 4.18 41.40 57.17
CA PRO H 226 3.48 41.76 58.42
C PRO H 226 3.98 43.05 59.06
N GLY H 227 5.23 43.44 58.83
CA GLY H 227 5.77 44.64 59.43
C GLY H 227 6.73 45.39 58.52
N GLY H 228 6.68 45.10 57.23
CA GLY H 228 7.54 45.76 56.26
C GLY H 228 8.70 44.92 55.76
N GLN H 229 8.85 43.69 56.23
CA GLN H 229 9.92 42.81 55.82
C GLN H 229 9.32 41.57 55.15
N SER H 230 9.87 41.19 54.00
CA SER H 230 9.38 40.03 53.26
C SER H 230 9.81 38.75 53.94
N PHE H 231 8.83 37.91 54.29
CA PHE H 231 9.09 36.63 54.96
C PHE H 231 8.74 35.49 54.03
N PRO H 232 9.73 34.78 53.45
CA PRO H 232 9.43 33.59 52.63
C PRO H 232 9.00 32.40 53.47
N PHE H 233 7.72 32.05 53.37
CA PHE H 233 7.13 30.96 54.13
C PHE H 233 6.86 29.78 53.20
N CYS H 234 7.47 28.65 53.50
CA CYS H 234 7.28 27.42 52.73
C CYS H 234 6.37 26.49 53.53
N ALA H 235 5.18 26.23 53.00
CA ALA H 235 4.18 25.41 53.67
C ALA H 235 3.98 24.11 52.92
N ARG H 236 4.05 23.00 53.63
CA ARG H 236 3.80 21.67 53.08
C ARG H 236 2.53 21.11 53.70
N LEU H 237 1.58 20.74 52.85
CA LEU H 237 0.25 20.31 53.29
C LEU H 237 0.09 18.83 52.96
N LEU H 238 0.24 17.99 53.98
CA LEU H 238 0.09 16.55 53.85
C LEU H 238 -1.29 16.18 54.39
N TYR H 239 -1.95 15.24 53.73
CA TYR H 239 -3.31 14.84 54.09
C TYR H 239 -3.31 13.43 54.67
N LYS H 240 -4.06 13.24 55.75
CA LYS H 240 -4.16 11.94 56.42
C LYS H 240 -5.46 11.20 56.13
N ASP H 241 -6.53 11.91 55.82
CA ASP H 241 -7.83 11.30 55.53
C ASP H 241 -8.14 11.57 54.06
N LEU H 242 -8.31 10.50 53.27
CA LEU H 242 -8.53 10.63 51.83
C LEU H 242 -9.95 11.01 51.48
N THR H 243 -10.90 10.89 52.41
CA THR H 243 -12.30 11.19 52.15
C THR H 243 -12.69 12.60 52.55
N ALA H 244 -11.74 13.43 52.95
CA ALA H 244 -12.02 14.76 53.45
C ALA H 244 -11.36 15.82 52.59
N THR H 245 -11.70 17.08 52.87
CA THR H 245 -11.15 18.24 52.19
C THR H 245 -10.17 19.00 53.07
N LEU H 246 -10.44 19.06 54.38
CA LEU H 246 -9.63 19.86 55.30
C LEU H 246 -8.32 19.16 55.62
N PRO H 247 -7.23 19.91 55.81
CA PRO H 247 -5.93 19.28 56.13
C PRO H 247 -5.86 18.75 57.56
N THR H 248 -4.91 17.84 57.74
CA THR H 248 -4.58 17.28 59.05
C THR H 248 -3.14 17.56 59.44
N ASP H 249 -2.19 17.26 58.56
CA ASP H 249 -0.76 17.44 58.84
C ASP H 249 -0.32 18.74 58.17
N VAL H 250 -0.01 19.75 58.99
CA VAL H 250 0.43 21.05 58.51
C VAL H 250 1.84 21.31 59.02
N THR H 251 2.80 21.37 58.11
CA THR H 251 4.19 21.70 58.43
C THR H 251 4.58 22.96 57.65
N VAL H 252 4.78 24.06 58.36
CA VAL H 252 5.12 25.34 57.76
C VAL H 252 6.53 25.72 58.20
N THR H 253 7.43 25.87 57.24
CA THR H 253 8.81 26.25 57.49
C THR H 253 9.10 27.61 56.85
N CYS H 254 10.27 28.15 57.16
CA CYS H 254 10.71 29.43 56.63
C CYS H 254 12.00 29.23 55.85
N GLN H 255 12.06 29.80 54.65
CA GLN H 255 13.23 29.64 53.80
C GLN H 255 14.30 30.67 54.12
N GLY H 256 13.90 31.89 54.50
CA GLY H 256 14.85 32.95 54.74
C GLY H 256 15.44 32.96 56.13
N VAL H 257 15.49 34.13 56.75
CA VAL H 257 16.08 34.28 58.08
C VAL H 257 15.10 33.81 59.15
N GLU H 258 15.65 33.38 60.30
CA GLU H 258 14.82 32.95 61.42
C GLU H 258 15.36 33.42 62.76
N VAL H 259 16.43 34.22 62.78
CA VAL H 259 17.00 34.75 64.03
C VAL H 259 16.38 36.12 64.28
N LEU H 260 15.22 36.12 64.96
CA LEU H 260 14.42 37.31 65.19
C LEU H 260 13.74 37.25 66.55
N SER H 261 12.73 38.10 66.75
CA SER H 261 11.92 38.14 67.96
C SER H 261 10.82 37.07 67.96
N THR H 262 9.82 37.23 68.83
CA THR H 262 8.72 36.29 68.97
C THR H 262 7.57 36.53 67.99
N SER H 263 7.78 37.33 66.94
CA SER H 263 6.71 37.62 65.99
C SER H 263 6.49 36.48 65.00
N TRP H 264 7.57 35.84 64.53
CA TRP H 264 7.42 34.77 63.55
C TRP H 264 6.98 33.45 64.18
N GLU H 265 7.28 33.26 65.47
CA GLU H 265 6.79 32.08 66.18
C GLU H 265 5.30 32.22 66.47
N GLU H 266 4.84 33.44 66.71
CA GLU H 266 3.41 33.72 66.82
C GLU H 266 2.74 33.66 65.45
N GLN H 267 3.48 33.95 64.38
CA GLN H 267 2.94 33.86 63.03
C GLN H 267 2.82 32.40 62.58
N ARG H 268 3.82 31.57 62.92
CA ARG H 268 3.81 30.15 62.54
C ARG H 268 2.78 29.38 63.36
N ALA H 269 2.50 29.83 64.59
CA ALA H 269 1.37 29.30 65.34
C ALA H 269 0.04 29.79 64.79
N SER H 270 0.03 30.93 64.10
CA SER H 270 -1.21 31.43 63.51
C SER H 270 -1.52 30.74 62.18
N HIS H 271 -0.50 30.31 61.44
CA HIS H 271 -0.76 29.63 60.17
C HIS H 271 -1.18 28.18 60.39
N GLU H 272 -0.72 27.55 61.48
CA GLU H 272 -1.07 26.15 61.71
C GLU H 272 -2.48 26.00 62.26
N THR H 273 -3.02 27.05 62.89
CA THR H 273 -4.41 27.00 63.33
C THR H 273 -5.37 27.42 62.22
N LEU H 274 -4.93 28.31 61.33
CA LEU H 274 -5.79 28.76 60.24
C LEU H 274 -5.67 27.91 58.98
N PHE H 275 -4.89 26.84 59.01
CA PHE H 275 -4.90 25.85 57.93
C PHE H 275 -5.70 24.60 58.27
N CYS H 276 -5.93 24.33 59.56
CA CYS H 276 -6.68 23.14 59.94
C CYS H 276 -8.18 23.42 60.05
N THR H 277 -8.56 24.59 60.54
CA THR H 277 -9.96 24.91 60.79
C THR H 277 -10.56 25.88 59.78
N LYS H 278 -9.83 26.23 58.74
CA LYS H 278 -10.29 27.15 57.71
C LYS H 278 -9.90 26.53 56.37
N PRO H 279 -10.77 26.58 55.36
CA PRO H 279 -10.37 26.10 54.03
C PRO H 279 -9.42 27.06 53.34
N LEU H 280 -8.85 26.58 52.23
CA LEU H 280 -7.68 27.21 51.64
C LEU H 280 -8.04 28.43 50.80
N HIS H 281 -9.28 28.50 50.30
CA HIS H 281 -9.68 29.68 49.54
C HIS H 281 -10.10 30.83 50.44
N GLN H 282 -10.55 30.53 51.66
CA GLN H 282 -10.95 31.57 52.59
C GLN H 282 -9.77 32.12 53.38
N VAL H 283 -8.69 31.35 53.51
CA VAL H 283 -7.54 31.84 54.25
C VAL H 283 -6.62 32.66 53.34
N PHE H 284 -6.74 32.50 52.02
CA PHE H 284 -6.00 33.38 51.11
C PHE H 284 -6.66 34.74 50.99
N ALA H 285 -7.98 34.81 51.13
CA ALA H 285 -8.67 36.10 51.17
C ALA H 285 -8.45 36.81 52.50
N SER H 286 -8.17 36.06 53.55
CA SER H 286 -7.79 36.66 54.83
C SER H 286 -6.35 37.15 54.82
N PHE H 287 -5.52 36.63 53.91
CA PHE H 287 -4.14 37.11 53.79
C PHE H 287 -4.07 38.48 53.15
N THR H 288 -5.04 38.83 52.31
CA THR H 288 -5.13 40.18 51.78
C THR H 288 -5.74 41.15 52.79
N ARG H 289 -6.44 40.62 53.78
CA ARG H 289 -6.97 41.42 54.89
C ARG H 289 -5.89 41.78 55.90
N LEU I 56 -48.44 8.08 24.20
CA LEU I 56 -48.06 8.92 25.33
C LEU I 56 -48.41 8.28 26.67
N LYS I 57 -49.26 7.24 26.67
CA LYS I 57 -49.39 6.42 27.86
C LYS I 57 -48.23 5.44 28.00
N ASN I 58 -47.63 5.04 26.87
CA ASN I 58 -46.48 4.15 26.91
C ASN I 58 -45.18 4.92 27.16
N GLN I 59 -45.09 6.16 26.67
CA GLN I 59 -43.89 6.96 26.91
C GLN I 59 -43.88 7.53 28.33
N LEU I 60 -45.06 7.65 28.96
CA LEU I 60 -45.10 7.93 30.39
C LEU I 60 -44.88 6.65 31.20
N GLY I 61 -45.12 5.50 30.59
CA GLY I 61 -45.10 4.25 31.34
C GLY I 61 -43.71 3.72 31.62
N HIS I 62 -42.71 4.16 30.85
CA HIS I 62 -41.34 3.80 31.20
C HIS I 62 -40.64 4.91 31.97
N LEU I 63 -41.16 6.14 31.92
CA LEU I 63 -40.62 7.20 32.76
C LEU I 63 -41.04 7.05 34.21
N GLU I 64 -42.22 6.45 34.45
CA GLU I 64 -42.62 6.15 35.82
C GLU I 64 -41.87 4.96 36.40
N SER I 65 -41.35 4.08 35.54
CA SER I 65 -40.41 3.07 36.00
C SER I 65 -39.05 3.68 36.34
N GLU I 66 -38.68 4.77 35.66
CA GLU I 66 -37.46 5.50 36.04
C GLU I 66 -37.67 6.32 37.31
N LEU I 67 -38.90 6.75 37.58
CA LEU I 67 -39.20 7.39 38.85
C LEU I 67 -39.28 6.36 39.98
N SER I 68 -39.64 5.11 39.66
CA SER I 68 -39.70 4.08 40.68
C SER I 68 -38.32 3.50 40.96
N PHE I 69 -37.41 3.58 39.97
CA PHE I 69 -36.07 3.05 40.17
C PHE I 69 -35.21 4.03 40.97
N LEU I 70 -35.32 5.33 40.69
CA LEU I 70 -34.50 6.31 41.38
C LEU I 70 -35.03 6.64 42.77
N SER I 71 -36.28 6.28 43.07
CA SER I 71 -36.79 6.40 44.43
C SER I 71 -36.26 5.28 45.32
N THR I 72 -35.88 4.15 44.73
CA THR I 72 -35.27 3.07 45.48
C THR I 72 -33.74 3.11 45.45
N LEU I 73 -33.15 3.78 44.45
CA LEU I 73 -31.71 3.89 44.36
C LEU I 73 -31.19 5.05 45.20
N THR I 74 -31.66 6.26 44.93
CA THR I 74 -31.24 7.44 45.68
C THR I 74 -31.99 7.61 46.99
N GLY I 75 -33.11 6.92 47.18
CA GLY I 75 -33.87 6.99 48.41
C GLY I 75 -34.69 8.26 48.62
N ILE I 76 -34.81 9.11 47.59
CA ILE I 76 -35.47 10.40 47.70
C ILE I 76 -36.60 10.45 46.68
N ASN I 77 -37.83 10.61 47.16
CA ASN I 77 -39.00 10.75 46.30
C ASN I 77 -39.42 12.22 46.31
N ILE I 78 -39.44 12.83 45.13
CA ILE I 78 -39.83 14.23 44.99
C ILE I 78 -41.30 14.29 44.59
N ARG I 79 -42.11 14.92 45.42
CA ARG I 79 -43.55 15.00 45.20
C ARG I 79 -43.93 16.08 44.19
N ASN I 80 -43.38 17.29 44.34
CA ASN I 80 -43.75 18.40 43.49
C ASN I 80 -42.52 19.27 43.25
N HIS I 81 -42.47 19.90 42.08
CA HIS I 81 -41.36 20.75 41.69
C HIS I 81 -41.88 21.87 40.80
N SER I 82 -41.37 23.08 41.01
CA SER I 82 -41.76 24.25 40.23
C SER I 82 -40.54 24.83 39.52
N LYS I 83 -40.77 25.38 38.33
CA LYS I 83 -39.71 25.93 37.50
C LYS I 83 -39.97 27.42 37.28
N GLN I 84 -39.02 28.25 37.67
CA GLN I 84 -39.13 29.70 37.54
C GLN I 84 -37.86 30.24 36.92
N THR I 85 -38.02 31.11 35.91
CA THR I 85 -36.90 31.68 35.18
C THR I 85 -36.93 33.19 35.33
N GLU I 86 -35.87 33.76 35.92
CA GLU I 86 -35.70 35.19 36.03
C GLU I 86 -34.38 35.59 35.38
N ASP I 87 -34.39 36.72 34.68
CA ASP I 87 -33.24 37.20 33.93
C ASP I 87 -32.60 38.38 34.65
N LEU I 88 -31.28 38.33 34.81
CA LEU I 88 -30.54 39.42 35.44
C LEU I 88 -29.48 39.96 34.49
N THR I 89 -29.86 40.18 33.23
CA THR I 89 -28.94 40.69 32.23
C THR I 89 -28.70 42.18 32.43
N SER I 90 -27.43 42.56 32.58
CA SER I 90 -27.06 43.94 32.80
C SER I 90 -27.20 44.76 31.52
N THR I 91 -27.47 46.06 31.70
CA THR I 91 -27.71 46.97 30.59
C THR I 91 -26.49 47.81 30.25
N GLU I 92 -25.29 47.25 30.38
CA GLU I 92 -24.05 47.94 30.06
C GLU I 92 -23.37 47.25 28.88
N MET I 93 -22.89 48.06 27.94
CA MET I 93 -22.28 47.53 26.72
C MET I 93 -20.80 47.23 26.93
N THR I 94 -20.43 45.97 26.70
CA THR I 94 -19.04 45.55 26.79
C THR I 94 -18.82 44.39 25.82
N GLU I 95 -17.55 44.07 25.58
CA GLU I 95 -17.21 42.92 24.74
C GLU I 95 -17.32 41.64 25.56
N LYS I 96 -17.75 40.56 24.87
CA LYS I 96 -18.04 39.22 25.39
C LYS I 96 -19.07 39.28 26.54
N SER I 97 -20.29 39.66 26.14
CA SER I 97 -21.36 39.95 27.09
C SER I 97 -21.88 38.69 27.76
N ILE I 98 -22.23 38.81 29.04
CA ILE I 98 -22.49 37.69 29.93
C ILE I 98 -23.98 37.62 30.21
N ARG I 99 -24.58 36.48 29.89
CA ARG I 99 -25.97 36.19 30.21
C ARG I 99 -26.06 35.63 31.62
N LYS I 100 -26.85 36.27 32.47
CA LYS I 100 -27.04 35.85 33.86
C LYS I 100 -28.36 35.09 33.94
N VAL I 101 -28.27 33.82 34.32
CA VAL I 101 -29.43 32.94 34.38
C VAL I 101 -29.72 32.66 35.86
N LEU I 102 -30.86 33.15 36.34
CA LEU I 102 -31.30 32.92 37.71
C LEU I 102 -32.47 31.94 37.70
N GLN I 103 -32.28 30.80 38.36
CA GLN I 103 -33.28 29.74 38.40
C GLN I 103 -33.69 29.47 39.84
N ARG I 104 -34.94 29.77 40.16
CA ARG I 104 -35.50 29.51 41.48
C ARG I 104 -36.30 28.22 41.44
N HIS I 105 -36.05 27.34 42.41
CA HIS I 105 -36.66 26.01 42.44
C HIS I 105 -37.25 25.74 43.81
N ARG I 106 -38.35 25.00 43.85
CA ARG I 106 -38.99 24.56 45.08
C ARG I 106 -39.00 23.04 45.10
N LEU I 107 -38.30 22.46 46.07
CA LEU I 107 -38.18 21.01 46.19
C LEU I 107 -38.98 20.56 47.41
N SER I 108 -40.19 20.07 47.19
CA SER I 108 -41.03 19.50 48.23
C SER I 108 -41.06 17.99 48.07
N GLY I 109 -40.21 17.30 48.81
CA GLY I 109 -40.11 15.86 48.73
C GLY I 109 -39.95 15.27 50.11
N ASN I 110 -39.76 13.95 50.16
CA ASN I 110 -39.60 13.24 51.41
C ASN I 110 -38.49 12.21 51.34
N CYS I 111 -38.01 11.80 52.50
CA CYS I 111 -37.14 10.64 52.67
C CYS I 111 -38.00 9.41 52.95
N HIS I 112 -37.37 8.35 53.49
CA HIS I 112 -38.11 7.14 53.83
C HIS I 112 -39.06 7.35 55.01
N MET I 113 -38.73 8.28 55.93
CA MET I 113 -39.69 8.56 57.02
C MET I 113 -39.87 10.06 57.25
N VAL I 114 -38.91 10.91 56.92
CA VAL I 114 -39.01 12.34 57.19
C VAL I 114 -39.19 13.11 55.89
N THR I 115 -39.70 14.33 56.01
CA THR I 115 -39.92 15.20 54.87
C THR I 115 -38.97 16.40 54.92
N PHE I 116 -38.89 17.13 53.82
CA PHE I 116 -38.00 18.28 53.70
C PHE I 116 -38.58 19.29 52.72
N GLN I 117 -38.14 20.53 52.85
CA GLN I 117 -38.54 21.62 51.96
C GLN I 117 -37.33 22.48 51.64
N LEU I 118 -37.10 22.72 50.35
CA LEU I 118 -35.94 23.49 49.89
C LEU I 118 -36.37 24.74 49.16
N GLU I 119 -35.58 25.80 49.30
CA GLU I 119 -35.77 27.07 48.60
C GLU I 119 -34.38 27.63 48.30
N PHE I 120 -33.94 27.50 47.05
CA PHE I 120 -32.61 27.94 46.64
C PHE I 120 -32.67 28.49 45.23
N GLN I 121 -31.83 29.50 44.97
CA GLN I 121 -31.68 30.07 43.63
C GLN I 121 -30.23 29.92 43.19
N ILE I 122 -30.03 29.71 41.89
CA ILE I 122 -28.71 29.51 41.30
C ILE I 122 -28.49 30.56 40.23
N LEU I 123 -27.46 31.40 40.41
CA LEU I 123 -27.08 32.39 39.43
C LEU I 123 -26.01 31.79 38.52
N GLU I 124 -26.36 31.53 37.27
CA GLU I 124 -25.46 30.92 36.30
C GLU I 124 -24.76 32.01 35.51
N ILE I 125 -23.45 31.83 35.29
CA ILE I 125 -22.63 32.79 34.56
C ILE I 125 -22.31 32.17 33.20
N GLN I 126 -22.97 32.64 32.16
CA GLN I 126 -22.76 32.17 30.81
C GLN I 126 -21.83 33.14 30.08
N ASN I 127 -20.61 32.68 29.78
CA ASN I 127 -19.61 33.52 29.14
C ASN I 127 -18.88 32.66 28.11
N LYS I 128 -18.30 33.34 27.11
CA LYS I 128 -17.68 32.67 25.97
C LYS I 128 -16.27 32.15 26.28
N GLU I 129 -15.69 32.50 27.42
CA GLU I 129 -14.35 32.06 27.77
C GLU I 129 -14.33 30.99 28.85
N ARG I 130 -15.19 31.10 29.86
CA ARG I 130 -15.23 30.12 30.94
C ARG I 130 -16.69 29.83 31.27
N LEU I 131 -16.91 28.70 31.94
CA LEU I 131 -18.24 28.22 32.30
C LEU I 131 -18.27 27.97 33.80
N SER I 132 -19.01 28.81 34.53
CA SER I 132 -19.16 28.67 35.96
C SER I 132 -20.59 29.02 36.36
N SER I 133 -21.01 28.50 37.52
CA SER I 133 -22.34 28.76 38.05
C SER I 133 -22.27 28.67 39.57
N ALA I 134 -22.78 29.68 40.26
CA ALA I 134 -22.67 29.80 41.70
C ALA I 134 -24.05 29.68 42.34
N VAL I 135 -24.13 28.92 43.43
CA VAL I 135 -25.35 28.79 44.21
C VAL I 135 -25.32 29.89 45.27
N THR I 136 -26.25 30.85 45.16
CA THR I 136 -26.17 32.09 45.95
C THR I 136 -26.89 31.97 47.29
N ASP I 137 -28.17 31.62 47.27
CA ASP I 137 -29.03 31.68 48.46
C ASP I 137 -29.54 30.29 48.82
N LEU I 138 -29.59 30.01 50.13
CA LEU I 138 -30.15 28.79 50.67
C LEU I 138 -31.21 29.13 51.71
N ASN I 139 -32.23 28.28 51.80
CA ASN I 139 -33.29 28.44 52.78
C ASN I 139 -33.86 27.06 53.09
N ILE I 140 -33.93 26.73 54.38
CA ILE I 140 -34.45 25.44 54.84
C ILE I 140 -35.73 25.71 55.61
N ILE I 141 -36.85 25.15 55.15
CA ILE I 141 -38.13 25.22 55.83
C ILE I 141 -38.32 23.89 56.54
N MET I 142 -38.18 23.89 57.87
CA MET I 142 -38.20 22.68 58.67
C MET I 142 -39.47 22.59 59.51
N GLU I 143 -39.91 21.37 59.77
CA GLU I 143 -41.02 21.03 60.63
C GLU I 143 -40.49 20.34 61.90
N PRO I 144 -41.25 20.34 63.00
CA PRO I 144 -40.87 19.52 64.15
C PRO I 144 -41.04 18.03 63.86
N THR I 145 -39.96 17.28 64.06
CA THR I 145 -39.93 15.86 63.73
C THR I 145 -39.67 15.08 65.02
N GLU I 146 -39.42 13.77 64.87
CA GLU I 146 -39.13 12.87 65.98
C GLU I 146 -37.66 12.85 66.37
N CYS I 147 -36.82 13.66 65.71
CA CYS I 147 -35.44 13.86 66.11
C CYS I 147 -35.19 15.35 66.23
N SER I 148 -34.37 15.74 67.21
CA SER I 148 -34.12 17.15 67.48
C SER I 148 -32.64 17.52 67.47
N GLU I 149 -31.75 16.59 67.16
CA GLU I 149 -30.32 16.86 67.13
C GLU I 149 -29.81 17.26 65.74
N LEU I 150 -30.67 17.21 64.73
CA LEU I 150 -30.27 17.59 63.37
C LEU I 150 -30.55 19.06 63.07
N SER I 151 -31.02 19.83 64.05
CA SER I 151 -31.32 21.25 63.82
C SER I 151 -30.06 22.11 63.84
N GLU I 152 -28.97 21.59 64.42
CA GLU I 152 -27.71 22.33 64.40
C GLU I 152 -27.03 22.24 63.05
N PHE I 153 -27.33 21.19 62.28
CA PHE I 153 -26.82 21.06 60.92
C PHE I 153 -27.53 22.00 59.94
N VAL I 154 -28.74 22.45 60.29
CA VAL I 154 -29.52 23.39 59.48
C VAL I 154 -28.85 24.77 59.48
N SER I 155 -28.34 25.20 60.64
CA SER I 155 -27.66 26.49 60.72
C SER I 155 -26.25 26.42 60.13
N ARG I 156 -25.65 25.23 60.11
CA ARG I 156 -24.33 25.08 59.52
C ARG I 156 -24.40 25.01 57.99
N ALA I 157 -25.46 24.39 57.44
CA ALA I 157 -25.59 24.31 55.99
C ALA I 157 -26.04 25.63 55.37
N GLU I 158 -26.66 26.51 56.16
CA GLU I 158 -27.05 27.82 55.67
C GLU I 158 -25.85 28.75 55.56
N GLU I 159 -24.84 28.56 56.41
CA GLU I 159 -23.64 29.39 56.37
C GLU I 159 -22.65 28.88 55.31
N ARG I 160 -22.47 27.56 55.25
CA ARG I 160 -21.55 26.92 54.31
C ARG I 160 -22.06 26.97 52.88
N LYS I 161 -23.40 26.96 52.71
CA LYS I 161 -24.15 27.05 51.43
C LYS I 161 -23.78 25.93 50.47
N ASP I 162 -23.77 24.70 50.98
CA ASP I 162 -23.51 23.51 50.16
C ASP I 162 -24.69 22.57 50.40
N LEU I 163 -25.66 22.57 49.47
CA LEU I 163 -26.85 21.75 49.61
C LEU I 163 -26.61 20.29 49.25
N PHE I 164 -25.49 19.97 48.61
CA PHE I 164 -25.16 18.58 48.32
C PHE I 164 -24.65 17.86 49.57
N MET I 165 -24.08 18.63 50.51
CA MET I 165 -23.80 18.08 51.83
C MET I 165 -25.07 17.86 52.64
N PHE I 166 -26.11 18.67 52.38
CA PHE I 166 -27.38 18.52 53.10
C PHE I 166 -28.15 17.31 52.60
N PHE I 167 -27.95 16.90 51.36
CA PHE I 167 -28.73 15.81 50.78
C PHE I 167 -28.12 14.45 51.11
N ARG I 168 -26.80 14.36 51.21
CA ARG I 168 -26.18 13.05 51.38
C ARG I 168 -26.01 12.69 52.85
N SER I 169 -26.09 13.68 53.75
CA SER I 169 -25.88 13.39 55.16
C SER I 169 -27.20 13.12 55.86
N LEU I 170 -28.29 13.74 55.40
CA LEU I 170 -29.59 13.44 55.97
C LEU I 170 -30.15 12.11 55.48
N HIS I 171 -29.67 11.60 54.33
CA HIS I 171 -30.02 10.23 53.97
C HIS I 171 -29.18 9.25 54.77
N PHE I 172 -27.96 9.64 55.14
CA PHE I 172 -27.16 8.83 56.07
C PHE I 172 -27.66 8.96 57.50
N PHE I 173 -28.39 10.03 57.82
CA PHE I 173 -29.01 10.16 59.14
C PHE I 173 -30.17 9.20 59.31
N VAL I 174 -30.94 8.98 58.23
CA VAL I 174 -32.05 8.02 58.26
C VAL I 174 -31.51 6.58 58.15
N GLU I 175 -30.32 6.42 57.55
CA GLU I 175 -29.70 5.10 57.36
C GLU I 175 -29.23 4.51 58.69
N TRP I 176 -28.81 5.36 59.62
CA TRP I 176 -28.60 4.89 60.99
C TRP I 176 -29.92 4.84 61.76
N PHE I 177 -30.93 5.63 61.35
CA PHE I 177 -32.20 5.65 62.06
C PHE I 177 -33.09 4.48 61.63
N GLU I 178 -32.96 4.02 60.38
CA GLU I 178 -33.69 2.81 59.98
C GLU I 178 -33.00 1.56 60.50
N TYR I 179 -31.72 1.65 60.88
CA TYR I 179 -31.11 0.61 61.69
C TYR I 179 -31.69 0.60 63.11
N ARG I 180 -32.07 1.78 63.62
CA ARG I 180 -32.59 1.89 64.98
C ARG I 180 -34.02 1.35 65.06
N LYS I 181 -34.78 1.44 63.96
CA LYS I 181 -36.14 0.93 63.94
C LYS I 181 -36.17 -0.58 63.80
N ARG I 182 -35.10 -1.18 63.27
CA ARG I 182 -35.03 -2.63 63.19
C ARG I 182 -34.40 -3.22 64.44
N THR I 183 -33.60 -2.43 65.15
CA THR I 183 -32.97 -2.93 66.38
C THR I 183 -33.93 -2.85 67.56
N PHE I 184 -34.65 -1.74 67.71
CA PHE I 184 -35.54 -1.58 68.85
C PHE I 184 -36.87 -2.31 68.65
N LYS I 185 -37.19 -2.74 67.42
CA LYS I 185 -38.26 -3.71 67.25
C LYS I 185 -37.83 -5.08 67.76
N HIS I 186 -36.55 -5.42 67.60
CA HIS I 186 -36.03 -6.70 68.07
C HIS I 186 -35.82 -6.71 69.58
N LEU I 187 -35.46 -5.56 70.18
CA LEU I 187 -35.18 -5.54 71.61
C LEU I 187 -36.45 -5.41 72.46
N LYS I 188 -37.54 -4.90 71.88
CA LYS I 188 -38.77 -4.75 72.65
C LYS I 188 -39.62 -6.01 72.62
N GLU I 189 -39.74 -6.63 71.44
CA GLU I 189 -40.62 -7.79 71.27
C GLU I 189 -40.02 -9.06 71.84
N LYS I 190 -38.69 -9.13 71.97
CA LYS I 190 -38.08 -10.29 72.60
C LYS I 190 -38.15 -10.21 74.11
N TYR I 191 -37.89 -9.03 74.68
CA TYR I 191 -37.94 -8.79 76.12
C TYR I 191 -38.96 -7.69 76.40
N PRO I 192 -40.24 -8.04 76.56
CA PRO I 192 -41.25 -7.00 76.84
C PRO I 192 -41.36 -6.60 78.30
N ASP I 193 -40.78 -7.37 79.21
CA ASP I 193 -40.92 -7.13 80.65
C ASP I 193 -39.70 -6.45 81.26
N ALA I 194 -38.61 -6.31 80.54
CA ALA I 194 -37.39 -5.69 81.06
C ALA I 194 -36.93 -4.48 80.29
N VAL I 195 -37.10 -4.46 78.97
CA VAL I 195 -36.65 -3.36 78.13
C VAL I 195 -37.83 -2.44 77.89
N TYR I 196 -37.79 -1.25 78.48
CA TYR I 196 -38.84 -0.24 78.36
C TYR I 196 -38.28 0.99 77.67
N LEU I 197 -39.09 1.59 76.79
CA LEU I 197 -38.66 2.73 75.99
C LEU I 197 -39.61 3.88 76.26
N SER I 198 -39.06 5.02 76.69
CA SER I 198 -39.88 6.13 77.18
C SER I 198 -40.55 6.92 76.07
N GLU I 199 -39.86 7.17 74.96
CA GLU I 199 -40.46 7.87 73.82
C GLU I 199 -40.72 6.95 72.64
N GLY I 200 -40.75 5.64 72.87
CA GLY I 200 -40.88 4.69 71.79
C GLY I 200 -39.55 4.48 71.09
N PRO I 201 -39.56 3.89 69.89
CA PRO I 201 -38.29 3.64 69.18
C PRO I 201 -37.69 4.85 68.48
N SER I 202 -38.37 6.00 68.49
CA SER I 202 -37.85 7.25 67.95
C SER I 202 -37.39 8.17 69.08
N SER I 203 -36.78 7.58 70.11
CA SER I 203 -36.41 8.28 71.32
C SER I 203 -35.06 8.98 71.17
N CYS I 204 -34.52 9.44 72.30
CA CYS I 204 -33.15 9.91 72.39
C CYS I 204 -32.23 8.94 73.11
N SER I 205 -32.76 8.18 74.06
CA SER I 205 -32.00 7.16 74.79
C SER I 205 -32.97 6.09 75.26
N MET I 206 -32.41 4.91 75.56
CA MET I 206 -33.19 3.77 76.03
C MET I 206 -32.60 3.28 77.35
N GLY I 207 -33.42 2.58 78.12
CA GLY I 207 -32.97 2.03 79.39
C GLY I 207 -33.61 0.67 79.65
N ILE I 208 -32.95 -0.10 80.52
CA ILE I 208 -33.46 -1.39 80.96
C ILE I 208 -33.80 -1.28 82.45
N ARG I 209 -34.96 -1.84 82.83
CA ARG I 209 -35.46 -1.79 84.20
C ARG I 209 -35.98 -3.15 84.58
N SER I 210 -35.55 -3.66 85.73
CA SER I 210 -36.05 -4.93 86.23
C SER I 210 -37.46 -4.76 86.79
N ALA I 211 -38.23 -5.85 86.76
CA ALA I 211 -39.63 -5.77 87.15
C ALA I 211 -39.79 -5.76 88.67
N SER I 212 -39.13 -6.68 89.37
CA SER I 212 -39.25 -6.75 90.81
C SER I 212 -38.11 -6.05 91.54
N ARG I 213 -37.12 -5.53 90.82
CA ARG I 213 -35.99 -4.83 91.44
C ARG I 213 -36.05 -3.37 91.00
N PRO I 214 -36.65 -2.48 91.78
CA PRO I 214 -36.90 -1.11 91.28
C PRO I 214 -35.77 -0.12 91.43
N GLY I 215 -34.56 -0.54 91.81
CA GLY I 215 -33.50 0.40 92.05
C GLY I 215 -32.28 0.28 91.15
N PHE I 216 -32.17 -0.83 90.43
CA PHE I 216 -31.02 -1.06 89.54
C PHE I 216 -31.48 -0.84 88.11
N GLU I 217 -30.95 0.19 87.46
CA GLU I 217 -31.26 0.51 86.08
C GLU I 217 -29.97 0.78 85.32
N LEU I 218 -30.05 0.61 83.99
CA LEU I 218 -28.92 0.89 83.10
C LEU I 218 -29.48 1.56 81.85
N VAL I 219 -29.05 2.79 81.57
CA VAL I 219 -29.51 3.53 80.41
C VAL I 219 -28.41 3.58 79.36
N ILE I 220 -28.82 3.57 78.09
CA ILE I 220 -27.90 3.56 76.95
C ILE I 220 -28.27 4.73 76.05
N VAL I 221 -27.33 5.63 75.84
CA VAL I 221 -27.55 6.85 75.05
C VAL I 221 -26.89 6.65 73.70
N TRP I 222 -27.66 6.82 72.63
CA TRP I 222 -27.19 6.64 71.26
C TRP I 222 -27.42 7.95 70.50
N ARG I 223 -26.38 8.78 70.45
CA ARG I 223 -26.46 10.06 69.75
C ARG I 223 -25.85 9.96 68.35
N ILE I 224 -26.17 10.94 67.51
CA ILE I 224 -25.67 11.03 66.14
C ILE I 224 -24.99 12.38 65.99
N GLN I 225 -23.68 12.36 65.69
CA GLN I 225 -22.93 13.57 65.44
C GLN I 225 -22.35 13.55 64.04
N ILE I 226 -22.37 14.72 63.40
CA ILE I 226 -21.89 14.90 62.03
C ILE I 226 -20.75 15.90 62.06
N ASP I 227 -19.57 15.48 61.63
CA ASP I 227 -18.41 16.36 61.54
C ASP I 227 -18.35 17.05 60.18
N GLU I 228 -17.27 17.79 59.97
CA GLU I 228 -17.07 18.55 58.75
C GLU I 228 -16.34 17.78 57.66
N ASP I 229 -16.11 16.47 57.85
CA ASP I 229 -15.46 15.64 56.87
C ASP I 229 -16.45 14.93 55.93
N GLY I 230 -17.74 15.22 56.06
CA GLY I 230 -18.74 14.59 55.23
C GLY I 230 -19.22 13.24 55.70
N LYS I 231 -18.81 12.81 56.89
CA LYS I 231 -19.20 11.52 57.44
C LYS I 231 -20.26 11.69 58.51
N VAL I 232 -21.02 10.62 58.75
CA VAL I 232 -22.01 10.55 59.82
C VAL I 232 -21.60 9.41 60.74
N PHE I 233 -21.33 9.74 62.01
CA PHE I 233 -20.85 8.73 62.95
C PHE I 233 -21.74 8.71 64.19
N PRO I 234 -22.11 7.51 64.67
CA PRO I 234 -22.80 7.43 65.96
C PRO I 234 -21.83 7.54 67.13
N LYS I 235 -22.41 7.57 68.33
CA LYS I 235 -21.64 7.61 69.57
C LYS I 235 -22.42 6.84 70.64
N LEU I 236 -21.91 5.66 71.00
CA LEU I 236 -22.55 4.80 71.98
C LEU I 236 -21.90 5.02 73.34
N ASP I 237 -22.66 5.54 74.29
CA ASP I 237 -22.16 5.78 75.63
C ASP I 237 -23.12 5.17 76.65
N LEU I 238 -22.55 4.70 77.75
CA LEU I 238 -23.28 4.01 78.80
C LEU I 238 -23.32 4.87 80.06
N LEU I 239 -24.47 4.92 80.71
CA LEU I 239 -24.60 5.52 82.04
C LEU I 239 -25.31 4.52 82.94
N THR I 240 -24.83 4.40 84.17
CA THR I 240 -25.34 3.43 85.12
C THR I 240 -26.20 4.15 86.15
N LYS I 241 -27.17 3.42 86.73
CA LYS I 241 -28.04 3.97 87.77
C LYS I 241 -27.98 3.02 88.96
N VAL I 242 -26.98 3.24 89.80
CA VAL I 242 -26.73 2.44 91.00
C VAL I 242 -26.79 3.37 92.20
N PRO I 243 -27.62 3.09 93.21
CA PRO I 243 -27.65 3.93 94.42
C PRO I 243 -26.44 3.71 95.32
N GLN I 244 -26.42 4.46 96.42
CA GLN I 244 -25.25 4.51 97.30
C GLN I 244 -25.14 3.31 98.24
N ARG I 245 -26.14 2.42 98.29
CA ARG I 245 -26.03 1.25 99.16
C ARG I 245 -25.15 0.19 98.54
N ALA I 246 -25.07 0.15 97.21
CA ALA I 246 -24.21 -0.82 96.53
C ALA I 246 -22.84 -0.25 96.20
N LEU I 247 -22.52 0.95 96.71
CA LEU I 247 -21.19 1.52 96.47
C LEU I 247 -20.14 0.86 97.35
N GLU I 248 -20.48 0.57 98.61
CA GLU I 248 -19.58 -0.14 99.49
C GLU I 248 -19.63 -1.65 99.28
N LEU I 249 -20.62 -2.14 98.56
CA LEU I 249 -20.70 -3.56 98.22
C LEU I 249 -19.86 -3.91 97.00
N ASP I 250 -19.36 -2.92 96.27
CA ASP I 250 -18.49 -3.13 95.11
C ASP I 250 -17.11 -2.58 95.43
N LYS I 251 -16.10 -3.45 95.33
CA LYS I 251 -14.72 -3.06 95.59
C LYS I 251 -13.79 -3.24 94.41
N ASN I 252 -14.29 -3.75 93.28
CA ASN I 252 -13.47 -3.94 92.09
C ASN I 252 -13.42 -2.71 91.20
N ARG I 253 -14.29 -1.72 91.47
CA ARG I 253 -14.37 -0.40 90.82
C ARG I 253 -14.62 -0.50 89.30
N ALA I 254 -15.56 -1.36 88.93
CA ALA I 254 -15.89 -1.53 87.52
C ALA I 254 -16.88 -0.47 87.04
N ILE I 255 -17.57 0.21 87.96
CA ILE I 255 -18.56 1.20 87.56
C ILE I 255 -17.92 2.54 87.21
N GLU I 256 -16.66 2.76 87.60
CA GLU I 256 -15.94 3.95 87.16
C GLU I 256 -15.45 3.80 85.72
N THR I 257 -14.97 2.61 85.37
CA THR I 257 -14.47 2.32 84.03
C THR I 257 -15.52 1.60 83.19
N ALA I 258 -16.79 1.87 83.46
CA ALA I 258 -17.93 1.26 82.76
C ALA I 258 -18.27 1.81 81.35
N PRO I 259 -18.17 3.12 81.01
CA PRO I 259 -18.37 3.46 79.58
C PRO I 259 -17.19 3.10 78.70
N LEU I 260 -15.97 3.02 79.23
CA LEU I 260 -14.82 2.71 78.39
C LEU I 260 -14.76 1.22 78.07
N SER I 261 -15.29 0.38 78.96
CA SER I 261 -15.37 -1.04 78.65
C SER I 261 -16.56 -1.36 77.75
N PHE I 262 -17.56 -0.47 77.72
CA PHE I 262 -18.73 -0.68 76.88
C PHE I 262 -18.43 -0.36 75.42
N ARG I 263 -17.53 0.60 75.17
CA ARG I 263 -17.19 0.95 73.79
C ARG I 263 -16.22 -0.05 73.18
N THR I 264 -15.51 -0.83 73.99
CA THR I 264 -14.67 -1.90 73.46
C THR I 264 -15.51 -3.09 73.02
N LEU I 265 -16.71 -3.25 73.56
CA LEU I 265 -17.63 -4.28 73.08
C LEU I 265 -18.27 -3.88 71.75
N VAL I 266 -18.31 -2.59 71.45
CA VAL I 266 -18.85 -2.12 70.17
C VAL I 266 -17.87 -2.38 69.04
N GLY I 267 -16.59 -2.06 69.26
CA GLY I 267 -15.59 -2.19 68.21
C GLY I 267 -15.12 -3.62 67.98
N LEU I 268 -15.42 -4.54 68.89
CA LEU I 268 -15.00 -5.94 68.75
C LEU I 268 -16.17 -6.84 68.36
N LEU I 269 -17.27 -6.78 69.11
CA LEU I 269 -18.40 -7.67 68.89
C LEU I 269 -19.46 -7.09 67.97
N GLY I 270 -19.60 -5.76 67.93
CA GLY I 270 -20.62 -5.12 67.11
C GLY I 270 -21.52 -4.23 67.94
N ILE I 271 -22.44 -3.57 67.24
CA ILE I 271 -23.38 -2.65 67.89
C ILE I 271 -24.51 -3.43 68.54
N GLU I 272 -25.17 -4.30 67.76
CA GLU I 272 -26.31 -5.07 68.27
C GLU I 272 -25.86 -6.21 69.17
N ALA I 273 -24.65 -6.73 68.96
CA ALA I 273 -24.16 -7.83 69.78
C ALA I 273 -23.71 -7.37 71.16
N ALA I 274 -23.37 -6.08 71.29
CA ALA I 274 -23.06 -5.54 72.60
C ALA I 274 -24.32 -5.17 73.37
N LEU I 275 -25.40 -4.85 72.66
CA LEU I 275 -26.64 -4.49 73.33
C LEU I 275 -27.38 -5.73 73.84
N GLU I 276 -27.31 -6.83 73.09
CA GLU I 276 -27.97 -8.06 73.53
C GLU I 276 -27.15 -8.81 74.58
N SER I 277 -25.87 -8.48 74.73
CA SER I 277 -25.06 -9.13 75.76
C SER I 277 -25.32 -8.53 77.14
N LEU I 278 -25.73 -7.25 77.19
CA LEU I 278 -26.00 -6.61 78.47
C LEU I 278 -27.42 -6.89 78.95
N ILE I 279 -28.28 -7.43 78.08
CA ILE I 279 -29.64 -7.75 78.50
C ILE I 279 -29.73 -9.20 78.96
N LYS I 280 -29.13 -10.12 78.19
CA LYS I 280 -29.27 -11.55 78.46
C LYS I 280 -28.40 -12.01 79.62
N SER I 281 -27.16 -11.53 79.73
CA SER I 281 -26.27 -11.94 80.82
C SER I 281 -26.61 -11.28 82.14
N LEU I 282 -27.37 -10.17 82.12
CA LEU I 282 -27.88 -9.58 83.36
C LEU I 282 -29.01 -10.42 83.94
N CYS I 283 -29.75 -11.12 83.07
CA CYS I 283 -30.88 -11.94 83.46
C CYS I 283 -30.44 -13.35 83.87
N ALA I 284 -31.41 -14.28 83.92
CA ALA I 284 -31.33 -15.71 84.20
C ALA I 284 -30.77 -16.03 85.59
N GLU I 285 -30.97 -15.15 86.57
CA GLU I 285 -30.75 -15.51 87.98
C GLU I 285 -32.10 -15.95 88.54
N GLU I 286 -32.33 -17.26 88.46
CA GLU I 286 -33.61 -17.84 88.82
C GLU I 286 -33.60 -18.56 90.17
N ASN I 287 -32.66 -18.22 91.05
CA ASN I 287 -32.65 -18.81 92.39
C ASN I 287 -33.68 -18.15 93.29
N ASN I 288 -34.04 -16.90 93.02
CA ASN I 288 -35.05 -16.20 93.80
C ASN I 288 -35.75 -15.20 92.88
N ASP J 233 62.34 -27.27 4.70
CA ASP J 233 61.79 -25.99 5.18
C ASP J 233 61.99 -25.84 6.70
N ILE J 234 63.25 -25.70 7.08
CA ILE J 234 63.67 -25.78 8.48
C ILE J 234 63.99 -24.38 9.04
N VAL J 235 63.32 -23.35 8.53
CA VAL J 235 63.43 -22.01 9.09
C VAL J 235 62.70 -21.97 10.44
N HIS J 236 63.30 -21.29 11.40
CA HIS J 236 62.89 -21.38 12.81
C HIS J 236 62.03 -20.20 13.23
N ILE J 237 61.19 -20.45 14.23
CA ILE J 237 60.38 -19.44 14.91
C ILE J 237 60.56 -19.65 16.40
N TRP J 238 61.10 -18.64 17.08
CA TRP J 238 61.43 -18.73 18.50
C TRP J 238 60.33 -18.06 19.31
N CYS J 239 59.62 -18.87 20.10
CA CYS J 239 58.51 -18.41 20.94
C CYS J 239 58.78 -18.77 22.39
N PRO J 240 58.27 -17.98 23.34
CA PRO J 240 58.32 -18.39 24.75
C PRO J 240 57.39 -19.56 25.05
N GLU J 241 57.68 -20.23 26.17
CA GLU J 241 56.96 -21.44 26.54
C GLU J 241 55.60 -21.09 27.14
N GLY J 242 54.55 -21.76 26.66
CA GLY J 242 53.19 -21.55 27.13
C GLY J 242 52.24 -21.03 26.08
N MET J 243 52.67 -20.86 24.84
CA MET J 243 51.84 -20.31 23.79
C MET J 243 51.10 -21.42 23.05
N LYS J 244 50.22 -21.00 22.13
CA LYS J 244 49.40 -21.91 21.34
C LYS J 244 49.58 -21.62 19.85
N THR J 245 48.73 -22.24 19.04
CA THR J 245 48.80 -22.05 17.59
C THR J 245 48.20 -20.70 17.20
N SER J 246 47.11 -20.30 17.86
CA SER J 246 46.38 -19.09 17.51
C SER J 246 46.95 -17.83 18.16
N ASP J 247 48.05 -17.93 18.89
CA ASP J 247 48.68 -16.78 19.54
C ASP J 247 49.97 -16.34 18.86
N ILE J 248 50.28 -16.89 17.69
CA ILE J 248 51.56 -16.62 17.03
C ILE J 248 51.51 -15.25 16.36
N LYS J 249 52.42 -14.36 16.76
CA LYS J 249 52.47 -12.99 16.30
C LYS J 249 53.50 -12.84 15.19
N GLU J 250 53.77 -11.59 14.81
CA GLU J 250 54.62 -11.29 13.66
C GLU J 250 56.08 -11.11 14.05
N LEU J 251 56.37 -10.81 15.31
CA LEU J 251 57.74 -10.51 15.74
C LEU J 251 58.56 -11.76 16.02
N ASN J 252 57.94 -12.94 16.05
CA ASN J 252 58.66 -14.17 16.33
C ASN J 252 59.32 -14.79 15.10
N ILE J 253 59.12 -14.21 13.92
CA ILE J 253 59.78 -14.65 12.71
C ILE J 253 60.93 -13.71 12.31
N VAL J 254 60.80 -12.41 12.62
CA VAL J 254 61.81 -11.40 12.31
C VAL J 254 63.04 -11.58 13.20
N LEU J 255 62.84 -12.09 14.42
CA LEU J 255 63.96 -12.29 15.34
C LEU J 255 64.92 -13.44 14.99
N PRO J 256 64.50 -14.60 14.41
CA PRO J 256 65.53 -15.45 13.77
C PRO J 256 66.08 -14.87 12.47
N GLU J 257 65.36 -13.97 11.80
CA GLU J 257 65.92 -13.29 10.64
C GLU J 257 66.87 -12.17 11.04
N PHE J 258 66.78 -11.70 12.29
CA PHE J 258 67.70 -10.70 12.80
C PHE J 258 69.10 -11.29 13.03
N GLU J 259 69.18 -12.57 13.41
CA GLU J 259 70.48 -13.17 13.71
C GLU J 259 71.09 -13.85 12.50
N LYS J 260 70.30 -14.12 11.45
CA LYS J 260 70.84 -14.78 10.27
C LYS J 260 71.64 -13.80 9.41
N THR J 261 71.16 -12.56 9.29
CA THR J 261 71.88 -11.52 8.58
C THR J 261 72.90 -10.80 9.46
N HIS J 262 72.95 -11.12 10.75
CA HIS J 262 73.93 -10.52 11.65
C HIS J 262 75.32 -11.11 11.43
N LEU J 263 75.40 -12.42 11.19
CA LEU J 263 76.69 -13.06 10.96
C LEU J 263 77.22 -12.83 9.56
N GLU J 264 76.37 -12.46 8.60
CA GLU J 264 76.83 -12.17 7.24
C GLU J 264 77.43 -10.78 7.11
N HIS J 265 77.18 -9.90 8.07
CA HIS J 265 77.78 -8.57 8.09
C HIS J 265 79.14 -8.56 8.80
N GLN J 266 79.34 -9.46 9.77
CA GLN J 266 80.55 -9.51 10.57
C GLN J 266 81.74 -10.06 9.80
N GLN J 267 81.51 -10.94 8.82
CA GLN J 267 82.58 -11.60 8.08
C GLN J 267 83.28 -10.70 7.07
N ARG J 268 82.65 -9.60 6.67
CA ARG J 268 83.27 -8.67 5.73
C ARG J 268 84.08 -7.58 6.42
N ILE J 269 84.14 -7.57 7.75
CA ILE J 269 84.81 -6.54 8.51
C ILE J 269 85.95 -7.18 9.30
N GLU J 270 87.17 -6.69 9.07
CA GLU J 270 88.36 -7.23 9.71
C GLU J 270 88.83 -6.42 10.90
N SER J 271 88.22 -5.26 11.16
CA SER J 271 88.63 -4.42 12.27
C SER J 271 88.07 -4.95 13.58
N LYS J 272 88.92 -5.03 14.61
CA LYS J 272 88.52 -5.59 15.89
C LYS J 272 87.68 -4.61 16.70
N VAL J 273 87.89 -3.31 16.50
CA VAL J 273 87.11 -2.32 17.24
C VAL J 273 85.76 -2.09 16.55
N CYS J 274 85.64 -2.46 15.28
CA CYS J 274 84.36 -2.33 14.58
C CYS J 274 83.46 -3.54 14.86
N LYS J 275 84.07 -4.72 15.04
CA LYS J 275 83.28 -5.90 15.36
C LYS J 275 82.84 -5.92 16.82
N ALA J 276 83.53 -5.19 17.68
CA ALA J 276 83.11 -5.10 19.08
C ALA J 276 81.90 -4.18 19.25
N ALA J 277 81.73 -3.21 18.34
CA ALA J 277 80.54 -2.37 18.38
C ALA J 277 79.31 -3.11 17.85
N ILE J 278 79.53 -4.03 16.91
CA ILE J 278 78.45 -4.90 16.45
C ILE J 278 78.15 -5.97 17.51
N ALA J 279 79.18 -6.35 18.28
CA ALA J 279 78.95 -7.21 19.45
C ALA J 279 78.29 -6.43 20.58
N THR J 280 78.50 -5.11 20.64
CA THR J 280 77.71 -4.26 21.52
C THR J 280 76.29 -4.10 20.99
N PHE J 281 76.15 -4.11 19.66
CA PHE J 281 74.83 -4.07 19.01
C PHE J 281 74.11 -5.41 19.15
N TYR J 282 74.85 -6.50 19.33
CA TYR J 282 74.24 -7.82 19.46
C TYR J 282 73.69 -8.04 20.87
N VAL J 283 74.26 -7.37 21.86
CA VAL J 283 73.80 -7.59 23.24
C VAL J 283 72.60 -6.72 23.58
N ASN J 284 72.70 -5.41 23.30
CA ASN J 284 71.75 -4.45 23.87
C ASN J 284 70.44 -4.41 23.08
N VAL J 285 70.50 -4.69 21.77
CA VAL J 285 69.29 -4.64 20.95
C VAL J 285 68.47 -5.91 21.12
N LYS J 286 69.15 -7.06 21.31
CA LYS J 286 68.48 -8.33 21.60
C LYS J 286 67.88 -8.32 23.02
N GLU J 287 68.48 -7.54 23.93
CA GLU J 287 67.86 -7.23 25.22
C GLU J 287 66.57 -6.43 25.05
N GLN J 288 66.51 -5.54 24.06
CA GLN J 288 65.26 -4.84 23.77
C GLN J 288 64.28 -5.73 23.01
N PHE J 289 64.77 -6.75 22.30
CA PHE J 289 63.84 -7.72 21.71
C PHE J 289 63.23 -8.63 22.76
N ILE J 290 63.95 -8.92 23.85
CA ILE J 290 63.36 -9.62 24.99
C ILE J 290 62.40 -8.70 25.72
N LYS J 291 62.72 -7.39 25.78
CA LYS J 291 61.91 -6.41 26.49
C LYS J 291 60.61 -6.11 25.74
N MET J 292 60.63 -6.12 24.41
CA MET J 292 59.40 -5.86 23.67
C MET J 292 58.50 -7.10 23.59
N LEU J 293 59.04 -8.29 23.90
CA LEU J 293 58.20 -9.48 23.95
C LEU J 293 57.66 -9.71 25.36
N LYS J 294 58.40 -9.27 26.38
CA LYS J 294 57.88 -9.37 27.75
C LYS J 294 56.81 -8.32 28.01
N GLU J 295 56.87 -7.18 27.33
CA GLU J 295 55.77 -6.21 27.43
C GLU J 295 54.57 -6.65 26.61
N SER J 296 54.79 -7.42 25.53
CA SER J 296 53.69 -7.84 24.69
C SER J 296 52.90 -9.00 25.31
N GLN J 297 53.56 -9.83 26.14
CA GLN J 297 52.83 -10.89 26.82
C GLN J 297 52.04 -10.34 28.00
N MET J 298 52.48 -9.21 28.57
CA MET J 298 51.70 -8.57 29.63
C MET J 298 50.53 -7.77 29.08
N LEU J 299 50.60 -7.40 27.79
CA LEU J 299 49.42 -6.84 27.14
C LEU J 299 48.36 -7.90 26.90
N THR J 300 48.79 -9.14 26.62
CA THR J 300 47.83 -10.23 26.46
C THR J 300 47.41 -10.82 27.79
N ASN J 301 48.18 -10.56 28.86
CA ASN J 301 47.81 -11.06 30.17
C ASN J 301 46.68 -10.23 30.78
N LEU J 302 46.74 -8.91 30.62
CA LEU J 302 45.69 -8.05 31.16
C LEU J 302 44.49 -7.97 30.23
N LYS J 303 44.64 -8.39 28.97
CA LYS J 303 43.48 -8.49 28.08
C LYS J 303 42.66 -9.73 28.42
N ARG J 304 43.33 -10.83 28.76
CA ARG J 304 42.62 -12.02 29.23
C ARG J 304 42.15 -11.86 30.67
N LYS J 305 42.77 -10.96 31.44
CA LYS J 305 42.26 -10.61 32.76
C LYS J 305 40.99 -9.77 32.64
N ASN J 306 40.89 -8.95 31.60
CA ASN J 306 39.69 -8.16 31.36
C ASN J 306 38.57 -9.02 30.80
N ALA J 307 38.90 -10.14 30.17
CA ALA J 307 37.88 -11.07 29.68
C ALA J 307 37.42 -12.05 30.76
N LYS J 308 38.26 -12.31 31.76
CA LYS J 308 37.89 -13.20 32.85
C LYS J 308 37.08 -12.49 33.94
N MET J 309 37.41 -11.23 34.23
CA MET J 309 36.73 -10.47 35.26
C MET J 309 35.33 -10.03 34.85
N ILE J 310 35.05 -9.95 33.54
CA ILE J 310 33.74 -9.51 33.07
C ILE J 310 32.70 -10.65 33.20
N SER J 311 33.14 -11.90 33.37
CA SER J 311 32.23 -12.95 33.79
C SER J 311 31.99 -12.90 35.30
N ASP J 312 32.91 -12.26 36.05
CA ASP J 312 32.79 -12.20 37.49
C ASP J 312 32.00 -10.96 37.94
N ILE J 313 32.01 -9.91 37.13
CA ILE J 313 31.19 -8.74 37.42
C ILE J 313 29.72 -9.01 37.10
N GLU J 314 29.47 -9.75 36.00
CA GLU J 314 28.12 -9.98 35.50
C GLU J 314 27.33 -10.95 36.40
N LYS J 315 28.02 -11.86 37.08
CA LYS J 315 27.36 -12.69 38.08
C LYS J 315 27.08 -11.96 39.38
N LYS J 316 27.73 -10.80 39.61
CA LYS J 316 27.40 -10.00 40.78
C LYS J 316 26.18 -9.11 40.54
N ARG J 317 25.96 -8.69 39.28
CA ARG J 317 24.72 -7.97 38.97
C ARG J 317 23.53 -8.91 38.94
N GLN J 318 23.75 -10.18 38.61
CA GLN J 318 22.69 -11.17 38.76
C GLN J 318 22.48 -11.54 40.23
N ARG J 319 23.52 -11.41 41.05
CA ARG J 319 23.37 -11.59 42.49
C ARG J 319 22.65 -10.41 43.12
N MET J 320 22.90 -9.19 42.63
CA MET J 320 22.30 -7.99 43.21
C MET J 320 20.83 -7.87 42.85
N ILE J 321 20.44 -8.40 41.68
CA ILE J 321 19.06 -8.26 41.24
C ILE J 321 18.16 -9.33 41.89
N GLU J 322 18.75 -10.38 42.48
CA GLU J 322 17.91 -11.43 43.08
C GLU J 322 17.76 -11.25 44.58
N VAL J 323 18.73 -10.62 45.25
CA VAL J 323 18.55 -10.27 46.67
C VAL J 323 17.58 -9.10 46.79
N GLN J 324 17.59 -8.19 45.79
CA GLN J 324 16.59 -7.14 45.68
C GLN J 324 15.22 -7.71 45.32
N ASP J 325 15.20 -8.81 44.56
CA ASP J 325 13.96 -9.56 44.35
C ASP J 325 13.53 -10.28 45.62
N GLU J 326 14.49 -10.74 46.42
CA GLU J 326 14.17 -11.32 47.73
C GLU J 326 13.93 -10.23 48.77
N LEU J 327 14.31 -8.98 48.50
CA LEU J 327 13.97 -7.89 49.41
C LEU J 327 12.48 -7.55 49.32
N LEU J 328 11.93 -7.55 48.11
CA LEU J 328 10.51 -7.27 47.93
C LEU J 328 9.66 -8.51 48.17
N ARG J 329 10.28 -9.69 48.21
CA ARG J 329 9.62 -10.93 48.60
C ARG J 329 9.42 -11.02 50.11
N LEU J 330 10.24 -10.32 50.90
CA LEU J 330 10.16 -10.40 52.35
C LEU J 330 9.52 -9.18 53.02
N GLU J 331 9.20 -8.13 52.27
CA GLU J 331 8.56 -6.96 52.90
C GLU J 331 7.09 -7.11 53.31
N PRO J 332 6.11 -7.50 52.44
CA PRO J 332 4.70 -7.27 52.85
C PRO J 332 4.13 -8.29 53.82
N GLN J 333 4.66 -9.51 53.89
CA GLN J 333 4.04 -10.50 54.77
C GLN J 333 4.50 -10.37 56.22
N LEU J 334 5.62 -9.70 56.49
CA LEU J 334 5.88 -9.28 57.86
C LEU J 334 5.32 -7.89 58.16
N LYS J 335 4.83 -7.19 57.14
CA LYS J 335 4.09 -5.96 57.37
C LYS J 335 2.66 -6.25 57.77
N GLN J 336 2.02 -7.21 57.10
CA GLN J 336 0.63 -7.54 57.44
C GLN J 336 0.54 -8.42 58.68
N LEU J 337 1.62 -9.13 59.03
CA LEU J 337 1.61 -9.87 60.30
C LEU J 337 2.15 -9.01 61.44
N GLN J 338 2.61 -7.80 61.15
CA GLN J 338 2.80 -6.82 62.22
C GLN J 338 1.49 -6.18 62.60
N THR J 339 0.62 -5.93 61.61
CA THR J 339 -0.70 -5.36 61.88
C THR J 339 -1.64 -6.40 62.48
N LYS J 340 -1.46 -7.68 62.12
CA LYS J 340 -2.25 -8.72 62.75
C LYS J 340 -1.76 -9.04 64.16
N TYR J 341 -0.48 -8.79 64.45
CA TYR J 341 0.00 -8.91 65.81
C TYR J 341 -0.45 -7.71 66.65
N ASP J 342 -0.60 -6.54 66.00
CA ASP J 342 -1.10 -5.36 66.69
C ASP J 342 -2.61 -5.48 66.93
N GLU J 343 -3.31 -6.21 66.04
CA GLU J 343 -4.74 -6.39 66.23
C GLU J 343 -5.04 -7.45 67.29
N LEU J 344 -4.22 -8.51 67.34
CA LEU J 344 -4.48 -9.62 68.25
C LEU J 344 -4.08 -9.26 69.68
N LYS J 345 -3.08 -8.38 69.83
CA LYS J 345 -2.77 -7.84 71.14
C LYS J 345 -3.84 -6.86 71.60
N GLU J 346 -4.46 -6.14 70.65
CA GLU J 346 -5.60 -5.29 70.97
C GLU J 346 -6.85 -6.11 71.21
N ARG J 347 -6.95 -7.30 70.61
CA ARG J 347 -8.11 -8.17 70.83
C ARG J 347 -8.05 -8.85 72.19
N LYS J 348 -6.86 -9.28 72.61
CA LYS J 348 -6.72 -10.01 73.88
C LYS J 348 -6.79 -9.05 75.06
N SER J 349 -6.31 -7.82 74.88
CA SER J 349 -6.40 -6.82 75.96
C SER J 349 -7.81 -6.27 76.09
N SER J 350 -8.61 -6.34 75.02
CA SER J 350 -10.02 -5.97 75.13
C SER J 350 -10.86 -7.10 75.69
N LEU J 351 -10.50 -8.35 75.39
CA LEU J 351 -11.32 -9.48 75.84
C LEU J 351 -11.08 -9.79 77.31
N ARG J 352 -9.84 -9.57 77.79
CA ARG J 352 -9.54 -9.79 79.20
C ARG J 352 -10.12 -8.67 80.07
N ASN J 353 -10.18 -7.45 79.52
CA ASN J 353 -10.80 -6.35 80.25
C ASN J 353 -12.32 -6.42 80.20
N ALA J 354 -12.89 -7.12 79.21
CA ALA J 354 -14.34 -7.33 79.19
C ALA J 354 -14.74 -8.53 80.03
N ALA J 355 -13.86 -9.53 80.15
CA ALA J 355 -14.15 -10.65 81.04
C ALA J 355 -13.98 -10.25 82.50
N TYR J 356 -13.12 -9.27 82.77
CA TYR J 356 -13.03 -8.68 84.10
C TYR J 356 -14.22 -7.77 84.39
N PHE J 357 -14.79 -7.16 83.34
CA PHE J 357 -15.92 -6.25 83.54
C PHE J 357 -17.23 -7.02 83.71
N LEU J 358 -17.42 -8.09 82.93
CA LEU J 358 -18.68 -8.83 82.99
C LEU J 358 -18.76 -9.74 84.21
N SER J 359 -17.61 -10.16 84.75
CA SER J 359 -17.64 -10.96 85.98
C SER J 359 -17.88 -10.09 87.19
N ASN J 360 -17.41 -8.84 87.17
CA ASN J 360 -17.62 -7.95 88.31
C ASN J 360 -19.03 -7.36 88.31
N LEU J 361 -19.70 -7.35 87.15
CA LEU J 361 -21.08 -6.86 87.12
C LEU J 361 -22.09 -7.95 87.42
N LYS J 362 -21.72 -9.23 87.24
CA LYS J 362 -22.64 -10.29 87.68
C LYS J 362 -22.47 -10.59 89.16
N GLN J 363 -21.28 -10.38 89.73
CA GLN J 363 -21.11 -10.54 91.17
C GLN J 363 -21.64 -9.33 91.92
N LEU J 364 -21.75 -8.18 91.26
CA LEU J 364 -22.51 -7.07 91.81
C LEU J 364 -24.01 -7.36 91.76
N TYR J 365 -24.45 -8.14 90.77
CA TYR J 365 -25.87 -8.44 90.62
C TYR J 365 -26.34 -9.47 91.64
N GLN J 366 -25.46 -10.39 92.04
CA GLN J 366 -25.82 -11.31 93.11
C GLN J 366 -25.68 -10.65 94.49
N ASP J 367 -24.81 -9.64 94.61
CA ASP J 367 -24.76 -8.88 95.86
C ASP J 367 -25.92 -7.89 95.94
N TYR J 368 -26.47 -7.48 94.80
CA TYR J 368 -27.70 -6.69 94.81
C TYR J 368 -28.91 -7.57 95.12
N SER J 369 -28.87 -8.84 94.72
CA SER J 369 -29.99 -9.75 94.99
C SER J 369 -30.02 -10.20 96.43
N ASP J 370 -28.88 -10.18 97.12
CA ASP J 370 -28.83 -10.59 98.52
C ASP J 370 -29.14 -9.43 99.47
N VAL J 371 -29.25 -8.21 98.95
CA VAL J 371 -29.45 -7.05 99.82
C VAL J 371 -30.85 -6.50 99.59
N GLN J 372 -31.51 -6.95 98.50
CA GLN J 372 -32.86 -6.52 98.19
C GLN J 372 -33.90 -7.60 98.42
N ALA J 373 -33.49 -8.80 98.85
CA ALA J 373 -34.46 -9.82 99.19
C ALA J 373 -35.04 -9.60 100.59
N GLN J 374 -34.34 -8.85 101.44
CA GLN J 374 -34.77 -8.58 102.80
C GLN J 374 -35.10 -7.11 103.02
N GLU J 375 -34.91 -6.25 102.02
CA GLU J 375 -35.16 -4.81 102.15
C GLU J 375 -36.17 -4.37 101.09
N PRO J 376 -37.49 -4.49 101.37
CA PRO J 376 -38.48 -4.16 100.33
C PRO J 376 -38.86 -2.68 100.26
N ASN J 377 -38.71 -1.94 101.36
CA ASN J 377 -39.27 -0.60 101.47
C ASN J 377 -38.27 0.37 102.09
N VAL J 378 -37.05 0.38 101.57
CA VAL J 378 -36.00 1.30 102.00
C VAL J 378 -35.93 2.44 100.98
N LYS J 379 -35.97 3.69 101.49
CA LYS J 379 -35.92 4.87 100.64
C LYS J 379 -34.52 5.02 100.03
N GLU J 380 -34.46 5.21 98.72
CA GLU J 380 -33.21 5.14 97.98
C GLU J 380 -32.46 6.46 98.06
N THR J 381 -31.15 6.38 98.26
CA THR J 381 -30.25 7.53 98.22
C THR J 381 -29.29 7.34 97.05
N TYR J 382 -29.29 8.29 96.12
CA TYR J 382 -28.62 8.15 94.84
C TYR J 382 -27.23 8.79 94.87
N ASP J 383 -26.43 8.43 93.88
CA ASP J 383 -25.01 8.77 93.82
C ASP J 383 -24.77 9.77 92.70
N SER J 384 -23.66 10.51 92.79
CA SER J 384 -23.27 11.50 91.78
C SER J 384 -22.77 10.86 90.48
N SER J 385 -22.39 9.59 90.49
CA SER J 385 -22.07 8.91 89.24
C SER J 385 -23.32 8.57 88.45
N SER J 386 -24.46 8.41 89.13
CA SER J 386 -25.74 8.17 88.51
C SER J 386 -26.50 9.46 88.21
N LEU J 387 -25.94 10.61 88.56
CA LEU J 387 -26.54 11.93 88.34
C LEU J 387 -26.70 12.37 86.87
N PRO J 388 -25.80 12.05 85.90
CA PRO J 388 -26.22 12.23 84.49
C PRO J 388 -27.27 11.23 84.01
N ALA J 389 -27.40 10.07 84.67
CA ALA J 389 -28.49 9.16 84.32
C ALA J 389 -29.81 9.63 84.91
N LEU J 390 -29.75 10.41 85.99
CA LEU J 390 -30.97 10.97 86.57
C LEU J 390 -31.48 12.17 85.76
N LEU J 391 -30.59 12.89 85.07
CA LEU J 391 -31.02 14.02 84.26
C LEU J 391 -31.65 13.54 82.96
N PHE J 392 -31.20 12.40 82.44
CA PHE J 392 -31.83 11.81 81.26
C PHE J 392 -33.15 11.12 81.60
N LYS J 393 -33.33 10.69 82.85
CA LYS J 393 -34.64 10.24 83.29
C LYS J 393 -35.59 11.41 83.47
N ALA J 394 -35.07 12.54 83.96
CA ALA J 394 -35.84 13.76 84.15
C ALA J 394 -35.89 14.65 82.91
N ARG J 395 -35.44 14.16 81.74
CA ARG J 395 -35.56 14.92 80.50
C ARG J 395 -37.01 14.97 80.04
N THR J 396 -37.79 13.93 80.36
CA THR J 396 -39.23 13.96 80.11
C THR J 396 -39.95 14.88 81.09
N LEU J 397 -39.38 15.11 82.28
CA LEU J 397 -40.05 15.91 83.29
C LEU J 397 -39.91 17.41 83.03
N LEU J 398 -38.77 17.84 82.48
CA LEU J 398 -38.56 19.26 82.19
C LEU J 398 -38.90 19.62 80.75
N GLY J 399 -38.63 18.76 79.79
CA GLY J 399 -38.89 19.05 78.40
C GLY J 399 -40.17 18.41 77.91
N ALA J 400 -41.21 18.44 78.74
CA ALA J 400 -42.48 17.83 78.37
C ALA J 400 -43.25 18.69 77.36
N GLU J 401 -42.98 20.00 77.34
CA GLU J 401 -43.68 20.89 76.42
C GLU J 401 -43.13 20.77 75.01
N SER J 402 -41.90 20.26 74.85
CA SER J 402 -41.39 19.95 73.53
C SER J 402 -41.74 18.53 73.12
N HIS J 403 -42.06 17.67 74.09
CA HIS J 403 -42.46 16.31 73.78
C HIS J 403 -43.90 16.24 73.30
N LEU J 404 -44.79 17.07 73.86
CA LEU J 404 -46.19 17.06 73.46
C LEU J 404 -46.41 17.73 72.11
N ARG J 405 -45.51 18.63 71.70
CA ARG J 405 -45.60 19.20 70.35
C ARG J 405 -45.07 18.20 69.31
N ASN J 406 -44.23 17.26 69.74
CA ASN J 406 -43.85 16.15 68.87
C ASN J 406 -45.00 15.17 68.72
N ILE J 407 -45.82 15.01 69.76
CA ILE J 407 -47.02 14.18 69.67
C ILE J 407 -48.08 14.86 68.81
N ASN J 408 -48.25 16.19 68.96
CA ASN J 408 -49.27 16.92 68.22
C ASN J 408 -48.88 17.16 66.76
N HIS J 409 -47.59 17.01 66.41
CA HIS J 409 -47.22 17.10 65.01
C HIS J 409 -47.55 15.82 64.25
N GLN J 410 -47.35 14.66 64.89
CA GLN J 410 -47.69 13.41 64.22
C GLN J 410 -49.18 13.12 64.27
N LEU J 411 -49.92 13.73 65.20
CA LEU J 411 -51.37 13.64 65.14
C LEU J 411 -51.94 14.54 64.06
N GLU J 412 -51.22 15.59 63.67
CA GLU J 412 -51.58 16.36 62.49
C GLU J 412 -51.31 15.57 61.21
N LYS J 413 -50.26 14.74 61.23
CA LYS J 413 -49.92 13.94 60.06
C LYS J 413 -50.84 12.73 59.90
N LEU J 414 -51.48 12.27 60.98
CA LEU J 414 -52.49 11.23 60.85
C LEU J 414 -53.81 11.78 60.33
N LEU J 415 -54.06 13.07 60.55
CA LEU J 415 -55.24 13.69 59.95
C LEU J 415 -55.04 13.98 58.47
N ASP J 416 -53.79 14.21 58.06
CA ASP J 416 -53.50 14.41 56.64
C ASP J 416 -53.48 13.10 55.86
N GLN J 417 -52.96 12.03 56.46
CA GLN J 417 -52.94 10.73 55.81
C GLN J 417 -54.25 9.97 55.97
N GLY J 418 -55.09 10.36 56.91
CA GLY J 418 -56.36 9.70 57.13
C GLY J 418 -56.35 8.73 58.30
N LEU K 60 63.19 -21.15 24.10
CA LEU K 60 62.72 -20.90 22.74
C LEU K 60 62.73 -22.22 21.97
N LYS K 61 61.63 -22.52 21.30
CA LYS K 61 61.46 -23.79 20.61
C LYS K 61 61.62 -23.60 19.10
N HIS K 62 61.41 -24.68 18.34
CA HIS K 62 61.77 -24.72 16.94
C HIS K 62 60.64 -24.19 16.05
N GLY K 63 60.90 -24.17 14.74
CA GLY K 63 59.98 -23.66 13.75
C GLY K 63 59.39 -24.71 12.83
N LYS K 64 60.02 -24.88 11.65
CA LYS K 64 59.73 -25.87 10.62
C LYS K 64 58.30 -25.79 10.06
N THR K 65 58.04 -24.72 9.30
CA THR K 65 56.74 -24.36 8.75
C THR K 65 56.23 -25.39 7.73
N ALA K 66 54.93 -25.26 7.44
CA ALA K 66 54.24 -26.10 6.47
C ALA K 66 54.34 -25.51 5.07
N ALA K 67 53.94 -26.30 4.09
CA ALA K 67 53.83 -25.83 2.71
C ALA K 67 52.44 -25.31 2.38
N SER K 68 51.48 -25.47 3.29
CA SER K 68 50.13 -24.93 3.09
C SER K 68 49.92 -23.59 3.79
N LYS K 69 50.83 -23.19 4.68
CA LYS K 69 50.71 -21.91 5.37
C LYS K 69 51.10 -20.73 4.50
N ARG K 70 51.84 -20.96 3.42
CA ARG K 70 52.37 -19.89 2.56
C ARG K 70 51.43 -19.48 1.43
N LYS K 71 50.15 -19.25 1.77
CA LYS K 71 49.16 -18.80 0.79
C LYS K 71 48.36 -17.59 1.24
N THR K 72 48.18 -17.37 2.55
CA THR K 72 47.46 -16.21 3.07
C THR K 72 48.39 -15.23 3.78
N TRP K 73 49.69 -15.29 3.47
CA TRP K 73 50.66 -14.42 4.13
C TRP K 73 50.62 -13.02 3.54
N GLN K 74 51.01 -12.05 4.37
CA GLN K 74 51.02 -10.63 4.08
C GLN K 74 52.39 -10.07 4.40
N PRO K 75 52.75 -8.91 3.83
CA PRO K 75 53.94 -8.21 4.30
C PRO K 75 53.74 -7.55 5.66
N LEU K 76 54.85 -7.07 6.22
CA LEU K 76 54.85 -6.46 7.54
C LEU K 76 54.25 -5.06 7.50
N SER K 77 53.57 -4.68 8.57
CA SER K 77 52.82 -3.44 8.63
C SER K 77 53.74 -2.24 8.81
N LYS K 78 53.17 -1.04 8.64
CA LYS K 78 53.94 0.20 8.65
C LYS K 78 54.29 0.65 10.08
N SER K 79 53.37 0.45 11.03
CA SER K 79 53.58 0.95 12.39
C SER K 79 54.56 0.08 13.18
N THR K 80 54.76 -1.16 12.75
CA THR K 80 55.85 -1.97 13.32
C THR K 80 57.19 -1.46 12.82
N ARG K 81 57.28 -1.10 11.54
CA ARG K 81 58.53 -0.66 10.95
C ARG K 81 58.89 0.77 11.34
N ASP K 82 57.89 1.58 11.73
CA ASP K 82 58.18 2.94 12.15
C ASP K 82 58.75 2.98 13.57
N HIS K 83 58.39 2.02 14.40
CA HIS K 83 59.00 1.91 15.72
C HIS K 83 60.40 1.32 15.65
N LEU K 84 60.63 0.42 14.69
CA LEU K 84 61.96 -0.16 14.51
C LEU K 84 62.91 0.84 13.84
N GLN K 85 62.37 1.80 13.10
CA GLN K 85 63.19 2.90 12.60
C GLN K 85 63.48 3.90 13.71
N THR K 86 62.56 4.02 14.68
CA THR K 86 62.72 4.97 15.78
C THR K 86 63.75 4.48 16.79
N MET K 87 63.70 3.18 17.14
CA MET K 87 64.66 2.64 18.09
C MET K 87 66.03 2.38 17.46
N MET K 88 66.12 2.34 16.13
CA MET K 88 67.42 2.32 15.48
C MET K 88 68.09 3.69 15.56
N GLU K 89 67.32 4.76 15.45
CA GLU K 89 67.88 6.10 15.60
C GLU K 89 68.17 6.45 17.05
N SER K 90 67.51 5.78 17.99
CA SER K 90 67.84 5.97 19.40
C SER K 90 69.11 5.22 19.79
N VAL K 91 69.41 4.10 19.11
CA VAL K 91 70.58 3.31 19.47
C VAL K 91 71.80 3.74 18.67
N ILE K 92 71.62 4.50 17.59
CA ILE K 92 72.75 5.19 16.94
C ILE K 92 73.25 6.33 17.83
N MET K 93 72.33 7.07 18.46
CA MET K 93 72.70 8.12 19.39
C MET K 93 73.19 7.57 20.74
N THR K 94 72.88 6.30 21.04
CA THR K 94 73.39 5.68 22.26
C THR K 94 74.87 5.31 22.11
N ILE K 95 75.24 4.78 20.93
CA ILE K 95 76.61 4.35 20.69
C ILE K 95 77.54 5.55 20.47
N LEU K 96 77.05 6.58 19.77
CA LEU K 96 77.86 7.77 19.48
C LEU K 96 78.04 8.66 20.72
N SER K 97 77.16 8.54 21.72
CA SER K 97 77.41 9.18 23.01
C SER K 97 78.38 8.35 23.85
N ASN K 98 78.54 7.07 23.55
CA ASN K 98 79.44 6.19 24.30
C ASN K 98 80.76 5.94 23.59
N SER K 99 80.91 6.37 22.34
CA SER K 99 82.14 6.17 21.60
C SER K 99 83.08 7.36 21.80
N ILE K 100 84.36 7.14 21.55
CA ILE K 100 85.40 8.15 21.70
C ILE K 100 86.00 8.52 20.35
N LYS K 101 86.56 7.56 19.63
CA LYS K 101 87.20 7.79 18.36
C LYS K 101 86.59 6.87 17.30
N GLU K 102 86.98 7.14 16.04
CA GLU K 102 86.54 6.46 14.81
C GLU K 102 85.01 6.47 14.65
N LYS K 103 84.41 7.64 14.80
CA LYS K 103 82.96 7.77 14.78
C LYS K 103 82.36 7.77 13.37
N GLU K 104 83.19 7.82 12.32
CA GLU K 104 82.66 7.97 10.98
C GLU K 104 82.37 6.62 10.32
N GLU K 105 83.32 5.69 10.38
CA GLU K 105 83.14 4.44 9.63
C GLU K 105 82.32 3.42 10.41
N ILE K 106 82.25 3.55 11.74
CA ILE K 106 81.37 2.70 12.54
C ILE K 106 79.91 3.11 12.32
N GLN K 107 79.69 4.40 12.05
CA GLN K 107 78.40 4.89 11.56
C GLN K 107 78.08 4.36 10.16
N TYR K 108 79.12 4.17 9.33
CA TYR K 108 78.91 3.69 7.96
C TYR K 108 78.57 2.20 7.93
N HIS K 109 79.07 1.44 8.91
CA HIS K 109 78.69 0.03 8.98
C HIS K 109 77.32 -0.15 9.62
N LEU K 110 76.83 0.87 10.35
CA LEU K 110 75.48 0.77 10.90
C LEU K 110 74.43 1.28 9.94
N ASN K 111 74.77 2.22 9.04
CA ASN K 111 73.84 2.63 8.00
C ASN K 111 73.76 1.59 6.89
N PHE K 112 74.81 0.78 6.73
CA PHE K 112 74.73 -0.35 5.82
C PHE K 112 73.94 -1.49 6.45
N LEU K 113 73.95 -1.59 7.78
CA LEU K 113 73.22 -2.67 8.45
C LEU K 113 71.74 -2.36 8.54
N LYS K 114 71.37 -1.09 8.76
CA LYS K 114 69.95 -0.74 8.83
C LYS K 114 69.33 -0.63 7.44
N LYS K 115 70.14 -0.52 6.40
CA LYS K 115 69.64 -0.68 5.04
C LYS K 115 69.34 -2.15 4.76
N ARG K 116 70.13 -3.05 5.34
CA ARG K 116 69.94 -4.49 5.11
C ARG K 116 68.80 -5.04 5.95
N LEU K 117 68.66 -4.57 7.20
CA LEU K 117 67.64 -5.12 8.10
C LEU K 117 66.25 -4.62 7.75
N LEU K 118 66.13 -3.45 7.14
CA LEU K 118 64.83 -3.01 6.64
C LEU K 118 64.52 -3.63 5.29
N GLN K 119 65.54 -4.13 4.59
CA GLN K 119 65.31 -4.83 3.33
C GLN K 119 64.77 -6.24 3.58
N GLN K 120 65.26 -6.90 4.64
CA GLN K 120 64.83 -8.26 4.93
C GLN K 120 63.44 -8.31 5.55
N CYS K 121 62.99 -7.21 6.16
CA CYS K 121 61.61 -7.15 6.65
C CYS K 121 60.62 -6.97 5.51
N GLU K 122 61.05 -6.36 4.40
CA GLU K 122 60.18 -6.22 3.24
C GLU K 122 60.05 -7.54 2.47
N THR K 123 61.04 -8.41 2.56
CA THR K 123 61.00 -9.70 1.89
C THR K 123 60.38 -10.80 2.75
N LEU K 124 60.33 -10.62 4.07
CA LEU K 124 59.75 -11.62 4.96
C LEU K 124 58.24 -11.44 5.03
N LYS K 125 57.51 -12.54 4.89
CA LYS K 125 56.06 -12.54 4.91
C LYS K 125 55.56 -12.93 6.30
N VAL K 126 54.63 -12.16 6.83
CA VAL K 126 54.14 -12.33 8.19
C VAL K 126 52.69 -12.84 8.10
N PRO K 127 52.19 -13.50 9.15
CA PRO K 127 50.75 -13.78 9.20
C PRO K 127 49.95 -12.52 9.40
N PRO K 128 48.68 -12.48 8.90
CA PRO K 128 47.90 -11.23 8.97
C PRO K 128 47.15 -10.97 10.28
N LYS K 129 47.54 -11.63 11.36
CA LYS K 129 46.88 -11.47 12.65
C LYS K 129 47.20 -10.10 13.26
N LYS K 130 46.21 -9.55 13.98
CA LYS K 130 46.29 -8.19 14.47
C LYS K 130 47.15 -8.10 15.72
N MET K 131 47.96 -7.04 15.79
CA MET K 131 48.80 -6.75 16.93
C MET K 131 48.60 -5.31 17.38
N GLU K 132 49.14 -4.98 18.55
CA GLU K 132 49.09 -3.63 19.05
C GLU K 132 50.18 -2.78 18.39
N ASP K 133 50.03 -1.46 18.53
CA ASP K 133 51.00 -0.53 17.95
C ASP K 133 52.23 -0.44 18.84
N LEU K 134 53.40 -0.67 18.24
CA LEU K 134 54.65 -0.65 18.99
C LEU K 134 55.20 0.75 19.19
N THR K 135 54.67 1.74 18.47
CA THR K 135 55.18 3.11 18.57
C THR K 135 54.74 3.79 19.86
N ASN K 136 53.49 3.59 20.26
CA ASN K 136 52.94 4.19 21.47
C ASN K 136 52.88 3.20 22.62
N VAL K 137 53.91 2.36 22.76
CA VAL K 137 53.88 1.20 23.65
C VAL K 137 53.99 1.58 25.13
N SER K 138 54.44 2.79 25.45
CA SER K 138 54.42 3.28 26.81
C SER K 138 53.06 3.87 27.19
N SER K 139 52.34 4.40 26.20
CA SER K 139 51.05 5.03 26.48
C SER K 139 49.90 4.05 26.28
N LEU K 140 50.08 3.04 25.42
CA LEU K 140 49.04 2.03 25.24
C LEU K 140 49.04 1.03 26.39
N LEU K 141 50.16 0.90 27.10
CA LEU K 141 50.23 0.03 28.27
C LEU K 141 49.47 0.60 29.46
N ASN K 142 49.41 1.91 29.60
CA ASN K 142 48.82 2.55 30.77
C ASN K 142 47.30 2.63 30.69
N MET K 143 46.72 2.52 29.50
CA MET K 143 45.30 2.82 29.36
C MET K 143 44.41 1.62 29.70
N GLU K 144 44.97 0.40 29.77
CA GLU K 144 44.17 -0.67 30.35
C GLU K 144 44.37 -0.74 31.86
N ARG K 145 45.41 -0.07 32.37
CA ARG K 145 45.59 0.02 33.82
C ARG K 145 44.65 1.04 34.43
N ALA K 146 44.18 2.00 33.64
CA ALA K 146 43.13 2.90 34.11
C ALA K 146 41.75 2.26 34.04
N ARG K 147 41.60 1.19 33.27
CA ARG K 147 40.34 0.47 33.15
C ARG K 147 40.27 -0.75 34.07
N ASP K 148 41.42 -1.37 34.36
CA ASP K 148 41.45 -2.47 35.33
C ASP K 148 41.29 -1.92 36.75
N LYS K 149 41.76 -0.69 36.98
CA LYS K 149 41.50 -0.02 38.26
C LYS K 149 40.06 0.47 38.32
N ALA K 150 39.44 0.72 37.17
CA ALA K 150 38.03 1.09 37.11
C ALA K 150 37.13 -0.10 37.42
N ASN K 151 37.58 -1.32 37.13
CA ASN K 151 36.80 -2.50 37.50
C ASN K 151 37.06 -2.91 38.95
N GLU K 152 38.15 -2.43 39.55
CA GLU K 152 38.37 -2.67 40.98
C GLU K 152 37.49 -1.76 41.83
N GLU K 153 37.38 -0.48 41.45
CA GLU K 153 36.40 0.39 42.10
C GLU K 153 34.99 0.12 41.61
N GLY K 154 34.84 -0.47 40.43
CA GLY K 154 33.54 -0.97 40.01
C GLY K 154 33.10 -2.19 40.78
N LEU K 155 34.06 -3.01 41.23
CA LEU K 155 33.74 -4.08 42.17
C LEU K 155 33.46 -3.52 43.56
N ALA K 156 34.10 -2.40 43.90
CA ALA K 156 33.89 -1.77 45.21
C ALA K 156 32.54 -1.05 45.29
N LEU K 157 31.96 -0.70 44.15
CA LEU K 157 30.56 -0.27 44.11
C LEU K 157 29.59 -1.43 44.13
N LEU K 158 30.06 -2.66 43.90
CA LEU K 158 29.21 -3.85 43.85
C LEU K 158 29.36 -4.75 45.07
N GLN K 159 30.59 -5.05 45.49
CA GLN K 159 30.81 -6.05 46.55
C GLN K 159 30.48 -5.48 47.93
N GLU K 160 30.70 -4.18 48.11
CA GLU K 160 30.39 -3.55 49.40
C GLU K 160 28.89 -3.27 49.53
N GLU K 161 28.16 -3.25 48.40
CA GLU K 161 26.73 -2.99 48.46
C GLU K 161 25.94 -4.29 48.61
N ILE K 162 26.46 -5.40 48.08
CA ILE K 162 25.86 -6.72 48.30
C ILE K 162 26.05 -7.15 49.76
N ASP K 163 27.19 -6.78 50.35
CA ASP K 163 27.45 -7.05 51.77
C ASP K 163 26.62 -6.14 52.68
N LYS K 164 26.19 -4.98 52.17
CA LYS K 164 25.15 -4.22 52.85
C LYS K 164 23.80 -4.92 52.77
N MET K 165 23.53 -5.62 51.66
CA MET K 165 22.24 -6.27 51.50
C MET K 165 22.21 -7.66 52.16
N VAL K 166 23.35 -8.17 52.61
CA VAL K 166 23.35 -9.29 53.54
C VAL K 166 22.80 -8.83 54.90
N GLU K 167 23.20 -7.63 55.32
CA GLU K 167 22.78 -7.05 56.60
C GLU K 167 21.34 -6.56 56.62
N THR K 168 20.64 -6.48 55.47
CA THR K 168 19.25 -6.07 55.45
C THR K 168 18.29 -7.21 55.13
N THR K 169 18.79 -8.37 54.73
CA THR K 169 17.95 -9.50 54.38
C THR K 169 17.90 -10.53 55.51
N GLU K 170 19.03 -10.71 56.21
CA GLU K 170 19.13 -11.77 57.21
C GLU K 170 18.44 -11.42 58.52
N LEU K 171 18.15 -10.13 58.75
CA LEU K 171 17.28 -9.79 59.88
C LEU K 171 15.81 -9.95 59.50
N MET K 172 15.47 -9.85 58.21
CA MET K 172 14.12 -10.11 57.78
C MET K 172 13.77 -11.60 57.78
N THR K 173 14.76 -12.46 57.57
CA THR K 173 14.55 -13.90 57.71
C THR K 173 14.49 -14.33 59.17
N GLY K 174 15.10 -13.56 60.07
CA GLY K 174 15.00 -13.79 61.49
C GLY K 174 13.78 -13.16 62.14
N ASN K 175 13.05 -12.32 61.41
CA ASN K 175 11.81 -11.73 61.90
C ASN K 175 10.59 -12.30 61.18
N ILE K 176 10.71 -13.50 60.63
CA ILE K 176 9.58 -14.19 60.02
C ILE K 176 9.39 -15.61 60.56
N GLN K 177 10.41 -16.25 61.13
CA GLN K 177 10.25 -17.59 61.68
C GLN K 177 9.81 -17.53 63.14
N SER K 178 10.45 -16.67 63.94
CA SER K 178 10.09 -16.56 65.35
C SER K 178 8.80 -15.78 65.54
N LEU K 179 8.41 -14.94 64.58
CA LEU K 179 7.09 -14.31 64.61
C LEU K 179 6.01 -15.30 64.21
N LYS K 180 6.35 -16.35 63.48
CA LYS K 180 5.38 -17.38 63.12
C LYS K 180 5.07 -18.29 64.32
N ASN K 181 6.06 -18.53 65.18
CA ASN K 181 5.86 -19.45 66.31
C ASN K 181 5.07 -18.81 67.43
N LYS K 182 5.13 -17.48 67.57
CA LYS K 182 4.35 -16.84 68.63
C LYS K 182 3.03 -16.27 68.12
N ILE K 183 2.74 -16.39 66.83
CA ILE K 183 1.41 -16.02 66.35
C ILE K 183 0.50 -17.26 66.34
N GLN K 184 1.07 -18.46 66.55
CA GLN K 184 0.25 -19.66 66.65
C GLN K 184 0.05 -20.09 68.10
N ILE K 185 0.75 -19.44 69.04
CA ILE K 185 0.48 -19.67 70.45
C ILE K 185 -0.56 -18.69 70.97
N LEU K 186 -0.40 -17.40 70.63
CA LEU K 186 -1.26 -16.36 71.20
C LEU K 186 -2.62 -16.30 70.53
N ALA K 187 -2.75 -16.83 69.30
CA ALA K 187 -4.06 -16.92 68.68
C ALA K 187 -4.81 -18.17 69.13
N SER K 188 -4.08 -19.27 69.35
CA SER K 188 -4.72 -20.49 69.82
C SER K 188 -5.07 -20.43 71.30
N GLU K 189 -4.42 -19.53 72.05
CA GLU K 189 -4.85 -19.23 73.41
C GLU K 189 -6.15 -18.43 73.41
N VAL K 190 -6.25 -17.42 72.56
CA VAL K 190 -7.37 -16.50 72.63
C VAL K 190 -8.60 -17.08 71.90
N GLU K 191 -8.42 -18.10 71.05
CA GLU K 191 -9.56 -18.85 70.55
C GLU K 191 -10.09 -19.80 71.61
N GLU K 192 -9.24 -20.24 72.53
CA GLU K 192 -9.69 -21.05 73.65
C GLU K 192 -10.37 -20.21 74.72
N GLU K 193 -9.85 -19.00 74.99
CA GLU K 193 -10.36 -18.19 76.08
C GLU K 193 -11.67 -17.50 75.73
N GLU K 194 -11.96 -17.32 74.44
CA GLU K 194 -13.26 -16.79 74.07
C GLU K 194 -14.33 -17.88 74.05
N GLU K 195 -13.92 -19.15 74.02
CA GLU K 195 -14.89 -20.23 74.20
C GLU K 195 -15.22 -20.43 75.67
N ARG K 196 -14.33 -20.03 76.57
CA ARG K 196 -14.60 -20.15 77.99
C ARG K 196 -15.51 -19.05 78.51
N VAL K 197 -15.65 -17.95 77.77
CA VAL K 197 -16.55 -16.86 78.14
C VAL K 197 -17.92 -17.04 77.51
N LYS K 198 -17.97 -17.31 76.21
CA LYS K 198 -19.24 -17.33 75.48
C LYS K 198 -20.04 -18.61 75.69
N GLN K 199 -19.44 -19.66 76.26
CA GLN K 199 -20.23 -20.81 76.70
C GLN K 199 -20.79 -20.63 78.10
N MET K 200 -20.35 -19.61 78.83
CA MET K 200 -20.93 -19.26 80.12
C MET K 200 -22.06 -18.26 79.97
N HIS K 201 -21.90 -17.29 79.07
CA HIS K 201 -22.91 -16.26 78.84
C HIS K 201 -23.97 -16.65 77.82
N GLN K 202 -23.70 -17.71 77.03
CA GLN K 202 -24.51 -18.22 75.91
C GLN K 202 -24.80 -17.14 74.86
N ILE K 203 -23.76 -16.40 74.49
CA ILE K 203 -23.85 -15.33 73.50
C ILE K 203 -23.19 -15.82 72.22
N ASN K 204 -23.96 -15.87 71.14
CA ASN K 204 -23.46 -16.29 69.84
C ASN K 204 -23.73 -15.21 68.81
N SER K 205 -23.06 -15.31 67.67
CA SER K 205 -23.20 -14.32 66.60
C SER K 205 -24.49 -14.53 65.83
N SER K 206 -25.58 -13.92 66.30
CA SER K 206 -26.86 -14.03 65.60
C SER K 206 -26.90 -13.06 64.44
N GLY K 207 -26.82 -13.58 63.22
CA GLY K 207 -26.83 -12.76 62.02
C GLY K 207 -28.23 -12.40 61.55
N VAL K 208 -28.88 -11.46 62.24
CA VAL K 208 -30.23 -11.07 61.86
C VAL K 208 -30.18 -10.10 60.67
N LEU K 209 -29.13 -9.28 60.58
CA LEU K 209 -28.89 -8.41 59.43
C LEU K 209 -27.39 -8.16 59.36
N SER K 210 -26.97 -7.51 58.27
CA SER K 210 -25.57 -7.14 58.11
C SER K 210 -25.25 -5.92 58.98
N LEU K 211 -24.02 -5.86 59.46
CA LEU K 211 -23.59 -4.81 60.39
C LEU K 211 -22.18 -4.34 60.04
N PRO K 212 -22.02 -3.16 59.46
CA PRO K 212 -20.69 -2.56 59.34
C PRO K 212 -20.21 -2.06 60.70
N GLU K 213 -18.89 -1.98 60.83
CA GLU K 213 -18.26 -1.55 62.07
C GLU K 213 -18.07 -0.02 62.06
N LEU K 214 -17.36 0.48 63.06
CA LEU K 214 -17.09 1.92 63.19
C LEU K 214 -15.61 2.19 63.02
N SER K 215 -15.27 3.46 62.82
CA SER K 215 -13.89 3.85 62.62
C SER K 215 -13.19 4.03 63.97
N GLN K 216 -11.87 4.27 63.90
CA GLN K 216 -11.06 4.44 65.09
C GLN K 216 -11.05 5.88 65.60
N LYS K 217 -11.64 6.82 64.86
CA LYS K 217 -11.71 8.19 65.34
C LYS K 217 -12.81 8.37 66.38
N THR K 218 -13.82 7.50 66.36
CA THR K 218 -14.89 7.57 67.35
C THR K 218 -14.51 6.91 68.67
N LEU K 219 -13.59 5.94 68.63
CA LEU K 219 -13.21 5.22 69.83
C LEU K 219 -12.27 6.03 70.72
N LYS K 220 -11.54 6.98 70.15
CA LYS K 220 -10.65 7.85 70.92
C LYS K 220 -11.33 9.13 71.39
N ALA K 221 -12.63 9.29 71.11
CA ALA K 221 -13.36 10.46 71.55
C ALA K 221 -13.69 10.36 73.05
N PRO K 222 -13.73 11.49 73.75
CA PRO K 222 -14.18 11.46 75.15
C PRO K 222 -15.68 11.25 75.27
N THR K 223 -16.08 10.67 76.40
CA THR K 223 -17.47 10.36 76.63
C THR K 223 -18.23 11.59 77.13
N LEU K 224 -19.55 11.44 77.26
CA LEU K 224 -20.40 12.59 77.54
C LEU K 224 -20.48 12.95 79.02
N GLN K 225 -20.14 12.04 79.94
CA GLN K 225 -20.29 12.35 81.36
C GLN K 225 -19.08 13.13 81.89
N LYS K 226 -17.98 13.16 81.14
CA LYS K 226 -16.79 13.86 81.63
C LYS K 226 -16.78 15.32 81.17
N GLU K 227 -17.44 15.62 80.05
CA GLU K 227 -17.53 16.99 79.58
C GLU K 227 -18.64 17.78 80.27
N ILE K 228 -19.52 17.12 81.01
CA ILE K 228 -20.54 17.81 81.79
C ILE K 228 -20.24 17.81 83.28
N LEU K 229 -19.31 16.98 83.75
CA LEU K 229 -18.94 17.01 85.16
C LEU K 229 -18.02 18.20 85.46
N ALA K 230 -17.22 18.61 84.48
CA ALA K 230 -16.45 19.85 84.65
C ALA K 230 -17.28 21.07 84.34
N LEU K 231 -18.39 20.90 83.60
CA LEU K 231 -19.26 22.03 83.30
C LEU K 231 -20.19 22.34 84.47
N ILE K 232 -20.67 21.33 85.17
CA ILE K 232 -21.44 21.52 86.41
C ILE K 232 -20.44 21.81 87.53
N PRO K 233 -20.46 23.00 88.13
CA PRO K 233 -19.32 23.45 88.95
C PRO K 233 -19.35 23.01 90.41
N ASN K 234 -20.19 22.05 90.81
CA ASN K 234 -20.28 21.68 92.22
C ASN K 234 -20.49 20.17 92.36
N GLN K 235 -20.78 19.76 93.58
CA GLN K 235 -21.01 18.37 93.95
C GLN K 235 -22.50 18.05 93.81
N ASN K 236 -22.95 16.96 94.44
CA ASN K 236 -24.31 16.44 94.29
C ASN K 236 -25.28 16.98 95.35
N ALA K 237 -25.13 18.25 95.74
CA ALA K 237 -26.12 18.88 96.62
C ALA K 237 -27.40 19.23 95.87
N LEU K 238 -27.33 19.35 94.54
CA LEU K 238 -28.53 19.55 93.72
C LEU K 238 -29.23 18.24 93.37
N LEU K 239 -28.66 17.09 93.77
CA LEU K 239 -29.32 15.81 93.59
C LEU K 239 -30.51 15.67 94.55
N LYS K 240 -30.45 16.31 95.72
CA LYS K 240 -31.58 16.28 96.65
C LYS K 240 -32.73 17.15 96.17
N ASP K 241 -32.43 18.17 95.37
CA ASP K 241 -33.49 18.94 94.71
C ASP K 241 -34.08 18.13 93.55
N LEU K 242 -33.26 17.28 92.93
CA LEU K 242 -33.74 16.45 91.83
C LEU K 242 -34.48 15.22 92.35
N ASP K 243 -34.17 14.78 93.57
CA ASP K 243 -34.83 13.60 94.15
C ASP K 243 -36.24 13.92 94.62
N ILE K 244 -36.48 15.16 95.08
CA ILE K 244 -37.80 15.53 95.57
C ILE K 244 -38.75 15.82 94.39
N LEU K 245 -38.21 16.12 93.20
CA LEU K 245 -39.05 16.21 92.02
C LEU K 245 -39.37 14.83 91.45
N HIS K 246 -38.52 13.83 91.74
CA HIS K 246 -38.80 12.47 91.32
C HIS K 246 -39.78 11.76 92.25
N ASN K 247 -39.89 12.22 93.51
CA ASN K 247 -40.76 11.59 94.49
C ASN K 247 -42.16 12.19 94.52
N SER K 248 -42.46 13.14 93.65
CA SER K 248 -43.78 13.75 93.61
C SER K 248 -44.76 12.80 92.91
N SER K 249 -46.03 12.86 93.33
CA SER K 249 -47.02 11.92 92.82
C SER K 249 -47.51 12.31 91.44
N GLN K 250 -47.69 13.61 91.19
CA GLN K 250 -48.17 14.05 89.89
C GLN K 250 -47.08 14.13 88.85
N MET K 251 -45.80 14.09 89.27
CA MET K 251 -44.71 14.09 88.30
C MET K 251 -44.45 12.70 87.75
N LYS K 252 -44.60 11.67 88.59
CA LYS K 252 -44.47 10.29 88.09
C LYS K 252 -45.74 9.83 87.41
N SER K 253 -46.88 10.49 87.67
CA SER K 253 -48.08 10.24 86.88
C SER K 253 -48.01 10.98 85.55
N MET K 254 -47.21 12.03 85.46
CA MET K 254 -46.97 12.70 84.19
C MET K 254 -46.08 11.86 83.30
N SER K 255 -45.06 11.21 83.87
CA SER K 255 -44.17 10.36 83.09
C SER K 255 -44.82 9.04 82.69
N THR K 256 -45.83 8.61 83.44
CA THR K 256 -46.69 7.52 83.00
C THR K 256 -47.56 7.95 81.83
N PHE K 257 -47.99 9.22 81.83
CA PHE K 257 -48.82 9.77 80.77
C PHE K 257 -48.00 10.03 79.49
N ILE K 258 -46.71 10.32 79.64
CA ILE K 258 -45.83 10.48 78.47
C ILE K 258 -45.54 9.13 77.83
N GLU K 259 -45.29 8.10 78.65
CA GLU K 259 -44.93 6.77 78.16
C GLU K 259 -46.13 6.05 77.54
N GLU K 260 -47.34 6.38 77.99
CA GLU K 260 -48.54 5.80 77.38
C GLU K 260 -48.88 6.51 76.07
N ALA K 261 -48.48 7.78 75.93
CA ALA K 261 -48.82 8.55 74.74
C ALA K 261 -47.97 8.15 73.54
N TYR K 262 -46.71 7.78 73.77
CA TYR K 262 -45.89 7.27 72.68
C TYR K 262 -46.20 5.81 72.36
N LYS K 263 -46.87 5.11 73.29
CA LYS K 263 -47.38 3.78 73.00
C LYS K 263 -48.56 3.84 72.04
N LYS K 264 -49.37 4.90 72.10
CA LYS K 264 -50.51 5.04 71.19
C LYS K 264 -50.05 5.45 69.80
N LEU K 265 -48.96 6.20 69.69
CA LEU K 265 -48.40 6.51 68.38
C LEU K 265 -47.67 5.32 67.77
N ASP K 266 -47.17 4.40 68.59
CA ASP K 266 -46.61 3.16 68.05
C ASP K 266 -47.68 2.18 67.62
N ALA K 267 -48.87 2.25 68.23
CA ALA K 267 -49.96 1.36 67.85
C ALA K 267 -50.74 1.89 66.65
N SER K 268 -50.77 3.20 66.45
CA SER K 268 -51.47 3.79 65.32
C SER K 268 -50.52 4.03 64.16
N PHE L 86 -58.58 7.80 79.41
CA PHE L 86 -57.67 8.92 79.62
C PHE L 86 -58.31 10.26 79.30
N MET L 87 -59.65 10.33 79.24
CA MET L 87 -60.32 11.58 78.89
C MET L 87 -60.35 12.53 80.08
N MET L 88 -60.66 12.02 81.28
CA MET L 88 -60.58 12.85 82.48
C MET L 88 -59.18 12.90 83.04
N LEU L 89 -58.28 12.04 82.54
CA LEU L 89 -56.86 12.18 82.88
C LEU L 89 -56.19 13.24 82.01
N LEU L 90 -56.81 13.61 80.89
CA LEU L 90 -56.50 14.89 80.25
C LEU L 90 -56.99 16.06 81.09
N SER L 91 -58.12 15.87 81.80
CA SER L 91 -58.61 16.91 82.71
C SER L 91 -57.86 16.89 84.03
N LYS L 92 -57.18 15.79 84.36
CA LYS L 92 -56.38 15.74 85.57
C LYS L 92 -55.09 16.53 85.41
N VAL L 93 -54.49 16.52 84.21
CA VAL L 93 -53.28 17.30 83.98
C VAL L 93 -53.61 18.72 83.52
N GLU L 94 -54.88 19.02 83.25
CA GLU L 94 -55.27 20.38 82.92
C GLU L 94 -55.62 21.20 84.16
N LYS L 95 -56.36 20.60 85.10
CA LYS L 95 -56.70 21.29 86.35
C LYS L 95 -55.51 21.39 87.29
N LEU L 96 -54.60 20.42 87.24
CA LEU L 96 -53.38 20.48 88.05
C LEU L 96 -52.19 21.02 87.26
N SER L 97 -52.43 21.78 86.18
CA SER L 97 -51.34 22.35 85.40
C SER L 97 -50.71 23.55 86.12
N GLU L 98 -51.45 24.18 87.03
CA GLU L 98 -50.87 25.23 87.85
C GLU L 98 -49.94 24.68 88.92
N GLU L 99 -50.13 23.41 89.32
CA GLU L 99 -49.22 22.77 90.26
C GLU L 99 -47.93 22.32 89.56
N ILE L 100 -47.96 22.15 88.24
CA ILE L 100 -46.75 21.87 87.49
C ILE L 100 -45.90 23.14 87.37
N MET L 101 -46.54 24.29 87.19
CA MET L 101 -45.82 25.52 86.91
C MET L 101 -45.21 26.13 88.18
N GLU L 102 -45.82 25.88 89.34
CA GLU L 102 -45.28 26.43 90.58
C GLU L 102 -44.11 25.61 91.11
N ILE L 103 -44.00 24.33 90.72
CA ILE L 103 -42.89 23.52 91.19
C ILE L 103 -41.67 23.69 90.29
N MET L 104 -41.83 24.31 89.12
CA MET L 104 -40.71 24.63 88.25
C MET L 104 -40.16 26.04 88.51
N GLN L 105 -40.78 26.81 89.39
CA GLN L 105 -40.33 28.16 89.69
C GLN L 105 -39.76 28.29 91.09
N ASN L 106 -40.15 27.42 92.02
CA ASN L 106 -39.71 27.52 93.41
C ASN L 106 -38.31 26.97 93.66
N LEU L 107 -37.73 26.25 92.70
CA LEU L 107 -36.40 25.69 92.86
C LEU L 107 -35.38 26.55 92.14
N SER L 108 -34.11 26.31 92.45
CA SER L 108 -33.02 27.10 91.88
C SER L 108 -31.93 26.27 91.21
N SER L 109 -32.05 24.94 91.19
CA SER L 109 -31.00 24.11 90.62
C SER L 109 -31.20 23.90 89.12
N ILE L 110 -32.38 23.41 88.73
CA ILE L 110 -32.66 23.13 87.33
C ILE L 110 -32.95 24.42 86.56
N GLN L 111 -33.46 25.45 87.25
CA GLN L 111 -33.76 26.74 86.61
C GLN L 111 -32.48 27.52 86.30
N ALA L 112 -31.41 27.30 87.07
CA ALA L 112 -30.13 27.94 86.77
C ALA L 112 -29.40 27.28 85.61
N LEU L 113 -29.78 26.05 85.24
CA LEU L 113 -29.19 25.39 84.08
C LEU L 113 -29.69 25.98 82.76
N GLU L 114 -30.88 26.59 82.76
CA GLU L 114 -31.42 27.22 81.57
C GLU L 114 -30.72 28.57 81.36
N GLY L 115 -30.23 28.80 80.13
CA GLY L 115 -29.53 30.02 79.82
C GLY L 115 -28.13 29.75 79.31
N SER L 116 -27.63 28.54 79.57
CA SER L 116 -26.31 28.10 79.12
C SER L 116 -26.49 27.36 77.80
N ARG L 117 -25.95 27.94 76.72
CA ARG L 117 -26.18 27.41 75.39
C ARG L 117 -25.24 26.27 75.04
N GLU L 118 -24.15 26.08 75.81
CA GLU L 118 -23.25 24.98 75.53
C GLU L 118 -23.67 23.70 76.25
N LEU L 119 -24.57 23.83 77.24
CA LEU L 119 -25.04 22.65 77.96
C LEU L 119 -26.22 22.00 77.25
N GLU L 120 -27.07 22.81 76.61
CA GLU L 120 -28.23 22.29 75.91
C GLU L 120 -27.89 21.76 74.51
N ASN L 121 -26.70 22.07 74.00
CA ASN L 121 -26.27 21.48 72.74
C ASN L 121 -25.86 20.03 72.93
N LEU L 122 -25.29 19.71 74.10
CA LEU L 122 -24.83 18.36 74.37
C LEU L 122 -25.90 17.49 75.02
N ILE L 123 -26.90 18.10 75.66
CA ILE L 123 -27.91 17.35 76.39
C ILE L 123 -29.26 17.48 75.70
N GLY L 124 -29.77 18.71 75.59
CA GLY L 124 -31.08 18.93 75.00
C GLY L 124 -32.10 19.44 75.99
N ILE L 125 -31.64 20.18 77.00
CA ILE L 125 -32.52 20.76 78.00
C ILE L 125 -33.21 21.99 77.42
N SER L 126 -34.54 21.97 77.42
CA SER L 126 -35.36 23.10 76.98
C SER L 126 -36.46 23.30 78.01
N CYS L 127 -36.20 24.15 79.01
CA CYS L 127 -37.14 24.42 80.09
C CYS L 127 -38.00 25.65 79.83
N ALA L 128 -38.17 26.05 78.57
CA ALA L 128 -39.01 27.20 78.24
C ALA L 128 -40.47 26.76 78.30
N SER L 129 -41.11 27.00 79.45
CA SER L 129 -42.49 26.58 79.66
C SER L 129 -43.24 27.73 80.31
N HIS L 130 -44.03 28.45 79.51
CA HIS L 130 -44.81 29.57 80.01
C HIS L 130 -46.25 29.57 79.54
N PHE L 131 -46.60 28.81 78.50
CA PHE L 131 -47.95 28.79 77.96
C PHE L 131 -48.39 27.35 77.75
N LEU L 132 -48.18 26.51 78.77
CA LEU L 132 -48.55 25.10 78.69
C LEU L 132 -50.02 24.85 79.03
N LYS L 133 -50.73 25.87 79.53
CA LYS L 133 -52.15 25.70 79.84
C LYS L 133 -53.00 25.68 78.57
N ARG L 134 -52.62 26.50 77.58
CA ARG L 134 -53.29 26.43 76.29
C ARG L 134 -52.76 25.27 75.45
N GLU L 135 -51.61 24.71 75.80
CA GLU L 135 -51.14 23.48 75.17
C GLU L 135 -51.87 22.26 75.69
N MET L 136 -52.48 22.36 76.88
CA MET L 136 -53.36 21.30 77.37
C MET L 136 -54.67 21.26 76.59
N GLN L 137 -55.11 22.41 76.06
CA GLN L 137 -56.33 22.44 75.26
C GLN L 137 -56.09 21.88 73.87
N LYS L 138 -54.88 22.09 73.32
CA LYS L 138 -54.57 21.60 71.98
C LYS L 138 -54.29 20.10 71.97
N THR L 139 -53.82 19.55 73.08
CA THR L 139 -53.67 18.10 73.16
C THR L 139 -54.94 17.42 73.65
N LYS L 140 -55.94 18.19 74.07
CA LYS L 140 -57.24 17.60 74.39
C LYS L 140 -58.09 17.44 73.13
N GLU L 141 -58.02 18.42 72.23
CA GLU L 141 -58.85 18.41 71.03
C GLU L 141 -58.34 17.43 69.99
N LEU L 142 -57.01 17.31 69.88
CA LEU L 142 -56.42 16.38 68.91
C LEU L 142 -56.52 14.94 69.39
N MET L 143 -56.60 14.72 70.70
CA MET L 143 -56.88 13.37 71.20
C MET L 143 -58.38 13.09 71.22
N THR L 144 -59.21 14.14 71.13
CA THR L 144 -60.64 13.91 70.93
C THR L 144 -60.93 13.51 69.49
N LYS L 145 -60.23 14.12 68.53
CA LYS L 145 -60.50 13.94 67.11
C LYS L 145 -60.04 12.56 66.62
N VAL L 146 -58.98 12.02 67.22
CA VAL L 146 -58.54 10.68 66.84
C VAL L 146 -59.33 9.61 67.58
N ASN L 147 -60.09 9.99 68.62
CA ASN L 147 -60.89 9.00 69.33
C ASN L 147 -62.33 8.98 68.84
N LYS L 148 -62.81 10.06 68.23
CA LYS L 148 -64.14 10.04 67.62
C LYS L 148 -64.13 9.29 66.29
N GLN L 149 -63.00 9.32 65.58
CA GLN L 149 -62.95 8.66 64.28
C GLN L 149 -62.69 7.17 64.41
N ASP M 454 40.71 40.84 -6.47
CA ASP M 454 42.06 41.28 -6.75
C ASP M 454 42.59 40.53 -7.97
N PRO M 455 43.39 41.17 -8.84
CA PRO M 455 43.90 40.47 -10.03
C PRO M 455 44.97 39.42 -9.75
N HIS M 456 45.62 39.46 -8.59
CA HIS M 456 46.48 38.35 -8.20
C HIS M 456 45.65 37.15 -7.75
N LYS M 457 44.48 37.41 -7.16
CA LYS M 457 43.61 36.32 -6.72
C LYS M 457 42.87 35.68 -7.89
N ALA M 458 42.44 36.48 -8.87
CA ALA M 458 41.74 35.94 -10.03
C ALA M 458 42.70 35.28 -11.01
N GLY M 459 43.97 35.70 -11.01
CA GLY M 459 44.94 35.04 -11.88
C GLY M 459 45.42 33.72 -11.34
N LEU M 460 45.46 33.57 -10.00
CA LEU M 460 45.76 32.28 -9.40
C LEU M 460 44.55 31.36 -9.34
N SER M 461 43.34 31.89 -9.58
CA SER M 461 42.13 31.07 -9.54
C SER M 461 41.97 30.19 -10.78
N HIS M 462 42.71 30.47 -11.85
CA HIS M 462 42.78 29.55 -12.98
C HIS M 462 43.54 28.27 -12.60
N TYR M 463 44.52 28.39 -11.72
CA TYR M 463 45.25 27.21 -11.27
C TYR M 463 44.57 26.56 -10.07
N VAL M 464 43.61 27.25 -9.45
CA VAL M 464 42.72 26.61 -8.49
C VAL M 464 41.77 25.65 -9.21
N LYS M 465 41.25 26.07 -10.37
CA LYS M 465 40.36 25.23 -11.16
C LYS M 465 41.12 24.11 -11.87
N LEU M 466 42.43 24.29 -12.11
CA LEU M 466 43.25 23.17 -12.56
C LEU M 466 43.56 22.22 -11.42
N PHE M 467 43.58 22.71 -10.18
CA PHE M 467 43.79 21.84 -9.03
C PHE M 467 42.53 21.03 -8.71
N SER M 468 41.35 21.59 -8.98
CA SER M 468 40.12 20.83 -8.80
C SER M 468 39.90 19.84 -9.95
N PHE M 469 40.48 20.11 -11.12
CA PHE M 469 40.33 19.22 -12.25
C PHE M 469 41.27 18.02 -12.15
N TYR M 470 42.48 18.22 -11.60
CA TYR M 470 43.46 17.16 -11.53
C TYR M 470 43.18 16.17 -10.40
N ALA M 471 42.68 16.65 -9.27
CA ALA M 471 42.40 15.76 -8.15
C ALA M 471 41.05 15.07 -8.30
N LYS M 472 40.15 15.65 -9.12
CA LYS M 472 38.79 15.17 -9.44
C LYS M 472 37.90 15.02 -8.21
N MET M 473 38.09 15.88 -7.21
CA MET M 473 37.33 15.86 -5.96
C MET M 473 36.95 17.29 -5.62
N PRO M 474 35.82 17.51 -4.94
CA PRO M 474 35.54 18.84 -4.40
C PRO M 474 36.43 19.15 -3.21
N MET M 475 36.88 20.40 -3.14
CA MET M 475 37.89 20.81 -2.18
C MET M 475 37.34 21.94 -1.31
N GLU M 476 37.71 21.93 -0.03
CA GLU M 476 37.27 22.91 0.94
C GLU M 476 37.97 24.25 0.69
N ARG M 477 37.32 25.34 1.14
CA ARG M 477 37.72 26.70 0.79
C ARG M 477 39.01 27.14 1.49
N LYS M 478 39.21 26.76 2.76
CA LYS M 478 40.46 27.07 3.43
C LYS M 478 41.58 26.12 3.00
N ALA M 479 41.22 24.96 2.44
CA ALA M 479 42.22 24.10 1.82
C ALA M 479 42.70 24.68 0.50
N LEU M 480 41.84 25.42 -0.21
CA LEU M 480 42.28 26.10 -1.42
C LEU M 480 43.07 27.38 -1.11
N GLU M 481 42.92 27.91 0.11
CA GLU M 481 43.76 29.03 0.54
C GLU M 481 45.17 28.55 0.88
N MET M 482 45.33 27.28 1.23
CA MET M 482 46.65 26.70 1.42
C MET M 482 47.37 26.52 0.08
N VAL M 483 46.62 26.23 -0.99
CA VAL M 483 47.19 26.08 -2.32
C VAL M 483 47.61 27.43 -2.89
N GLU M 484 46.84 28.48 -2.60
CA GLU M 484 47.17 29.82 -3.07
C GLU M 484 48.33 30.43 -2.28
N LYS M 485 48.57 29.95 -1.06
CA LYS M 485 49.80 30.30 -0.35
C LYS M 485 50.95 29.39 -0.79
N CYS M 486 50.65 28.21 -1.31
CA CYS M 486 51.71 27.34 -1.83
C CYS M 486 52.19 27.82 -3.19
N LEU M 487 51.28 28.35 -4.01
CA LEU M 487 51.69 28.87 -5.32
C LEU M 487 52.30 30.26 -5.21
N ASP M 488 52.06 30.96 -4.10
CA ASP M 488 52.71 32.25 -3.88
C ASP M 488 54.17 32.06 -3.49
N LYS M 489 54.48 31.02 -2.72
CA LYS M 489 55.87 30.77 -2.35
C LYS M 489 56.60 29.93 -3.39
N TYR M 490 55.87 29.24 -4.28
CA TYR M 490 56.54 28.55 -5.38
C TYR M 490 56.96 29.53 -6.47
N PHE M 491 56.15 30.57 -6.70
CA PHE M 491 56.52 31.61 -7.65
C PHE M 491 57.59 32.53 -7.09
N GLN M 492 57.69 32.63 -5.76
CA GLN M 492 58.84 33.29 -5.14
C GLN M 492 60.10 32.44 -5.30
N HIS M 493 59.97 31.11 -5.16
CA HIS M 493 61.10 30.22 -5.34
C HIS M 493 61.43 30.00 -6.82
N LEU M 494 60.48 30.29 -7.72
CA LEU M 494 60.78 30.27 -9.15
C LEU M 494 61.65 31.47 -9.53
N CYS M 495 61.39 32.63 -8.92
CA CYS M 495 62.21 33.80 -9.18
C CYS M 495 63.55 33.74 -8.46
N ASP M 496 63.63 32.97 -7.37
CA ASP M 496 64.89 32.82 -6.67
C ASP M 496 65.82 31.85 -7.40
N ASP M 497 65.26 30.86 -8.10
CA ASP M 497 66.09 29.89 -8.81
C ASP M 497 66.60 30.45 -10.13
N LEU M 498 65.87 31.40 -10.72
CA LEU M 498 66.31 31.98 -11.99
C LEU M 498 67.39 33.04 -11.78
N GLU M 499 67.41 33.71 -10.62
CA GLU M 499 68.43 34.72 -10.38
C GLU M 499 69.76 34.10 -9.99
N VAL M 500 69.75 32.86 -9.50
CA VAL M 500 70.99 32.11 -9.37
C VAL M 500 71.49 31.70 -10.76
N PHE M 501 70.56 31.31 -11.64
CA PHE M 501 70.90 30.88 -13.00
C PHE M 501 71.31 32.05 -13.90
N ALA M 502 70.88 33.28 -13.60
CA ALA M 502 71.23 34.42 -14.43
C ALA M 502 72.51 35.11 -13.96
N ALA M 503 72.80 35.09 -12.66
CA ALA M 503 74.03 35.67 -12.16
C ALA M 503 75.24 34.74 -12.34
N HIS M 504 75.00 33.46 -12.63
CA HIS M 504 76.10 32.55 -12.97
C HIS M 504 76.65 32.86 -14.34
N ALA M 505 75.80 33.34 -15.26
CA ALA M 505 76.22 33.75 -16.59
C ALA M 505 76.49 35.25 -16.69
N GLY M 506 76.03 36.04 -15.73
CA GLY M 506 76.28 37.47 -15.75
C GLY M 506 75.35 38.24 -16.66
N ARG M 507 74.05 38.07 -16.47
CA ARG M 507 73.05 38.74 -17.29
C ARG M 507 71.78 38.92 -16.49
N LYS M 508 70.90 39.80 -16.99
CA LYS M 508 69.64 40.10 -16.34
C LYS M 508 68.44 39.80 -17.24
N THR M 509 68.63 39.04 -18.31
CA THR M 509 67.57 38.70 -19.24
C THR M 509 67.47 37.18 -19.34
N VAL M 510 66.28 36.65 -19.09
CA VAL M 510 66.06 35.20 -19.02
C VAL M 510 66.03 34.61 -20.43
N LYS M 511 66.97 33.69 -20.70
CA LYS M 511 67.22 32.78 -21.81
C LYS M 511 66.57 31.43 -21.55
N PRO M 512 66.12 30.70 -22.57
CA PRO M 512 65.40 29.43 -22.31
C PRO M 512 66.27 28.25 -21.90
N GLU M 513 67.60 28.35 -21.96
CA GLU M 513 68.43 27.21 -21.58
C GLU M 513 68.58 27.07 -20.06
N ASP M 514 68.32 28.14 -19.31
CA ASP M 514 68.22 27.99 -17.86
C ASP M 514 66.87 27.42 -17.46
N LEU M 515 65.85 27.61 -18.31
CA LEU M 515 64.58 26.91 -18.11
C LEU M 515 64.71 25.44 -18.50
N GLU M 516 65.62 25.10 -19.41
CA GLU M 516 65.89 23.72 -19.73
C GLU M 516 66.68 23.04 -18.61
N LEU M 517 67.52 23.82 -17.92
CA LEU M 517 68.33 23.28 -16.83
C LEU M 517 67.51 23.08 -15.55
N LEU M 518 66.39 23.81 -15.42
CA LEU M 518 65.60 23.76 -14.20
C LEU M 518 64.75 22.49 -14.11
N MET M 519 64.24 22.00 -15.25
CA MET M 519 63.49 20.74 -15.23
C MET M 519 64.41 19.52 -15.14
N ARG M 520 65.69 19.66 -15.49
CA ARG M 520 66.62 18.55 -15.34
C ARG M 520 67.04 18.36 -13.89
N ARG M 521 66.97 19.42 -13.07
CA ARG M 521 67.29 19.29 -11.65
C ARG M 521 66.06 18.96 -10.81
N GLN M 522 64.86 19.11 -11.37
CA GLN M 522 63.63 18.72 -10.68
C GLN M 522 63.13 17.35 -11.12
N GLY M 523 63.74 16.74 -12.12
CA GLY M 523 63.35 15.42 -12.59
C GLY M 523 62.27 15.39 -13.64
N LEU M 524 61.88 16.55 -14.18
CA LEU M 524 60.84 16.56 -15.21
C LEU M 524 61.41 16.22 -16.59
N VAL M 525 62.63 16.65 -16.87
CA VAL M 525 63.32 16.31 -18.11
C VAL M 525 64.51 15.43 -17.75
N THR M 526 64.53 14.22 -18.31
CA THR M 526 65.57 13.22 -18.05
C THR M 526 66.24 12.81 -19.35
N ASP M 527 67.02 11.73 -19.32
CA ASP M 527 67.65 11.22 -20.52
C ASP M 527 66.68 10.54 -21.47
N GLN M 528 65.53 10.08 -20.99
CA GLN M 528 64.52 9.45 -21.83
C GLN M 528 63.32 10.33 -22.12
N VAL M 529 63.03 11.31 -21.27
CA VAL M 529 61.95 12.27 -21.50
C VAL M 529 62.58 13.65 -21.65
N SER M 530 62.41 14.26 -22.82
CA SER M 530 63.01 15.55 -23.11
C SER M 530 61.99 16.67 -22.91
N LEU M 531 62.42 17.89 -23.22
CA LEU M 531 61.55 19.06 -23.11
C LEU M 531 60.52 19.11 -24.23
N HIS M 532 60.84 18.54 -25.39
CA HIS M 532 59.93 18.59 -26.53
C HIS M 532 58.81 17.55 -26.43
N VAL M 533 58.95 16.59 -25.51
CA VAL M 533 57.86 15.65 -25.23
C VAL M 533 56.73 16.37 -24.50
N LEU M 534 57.08 17.27 -23.59
CA LEU M 534 56.08 17.90 -22.70
C LEU M 534 55.29 19.00 -23.42
N VAL M 535 55.85 19.58 -24.47
CA VAL M 535 55.14 20.64 -25.20
C VAL M 535 54.08 20.04 -26.12
N GLU M 536 54.41 18.94 -26.79
CA GLU M 536 53.50 18.34 -27.76
C GLU M 536 52.37 17.52 -27.14
N ARG M 537 52.41 17.26 -25.83
CA ARG M 537 51.37 16.49 -25.16
C ARG M 537 50.53 17.31 -24.20
N HIS M 538 51.03 18.44 -23.69
CA HIS M 538 50.34 19.22 -22.69
C HIS M 538 49.99 20.64 -23.13
N LEU M 539 50.43 21.06 -24.32
CA LEU M 539 50.16 22.41 -24.81
C LEU M 539 49.50 22.34 -26.19
N PRO M 540 48.64 23.33 -26.54
CA PRO M 540 47.97 23.30 -27.86
C PRO M 540 48.86 23.63 -29.06
N LEU M 541 48.22 23.76 -30.23
CA LEU M 541 48.91 23.87 -31.51
C LEU M 541 49.58 25.23 -31.70
N GLU M 542 49.04 26.30 -31.09
CA GLU M 542 49.65 27.62 -31.20
C GLU M 542 50.93 27.71 -30.37
N TYR M 543 50.99 26.96 -29.27
CA TYR M 543 52.17 27.00 -28.42
C TYR M 543 53.20 25.96 -28.88
N ARG M 544 52.77 24.97 -29.66
CA ARG M 544 53.69 24.00 -30.23
C ARG M 544 54.46 24.59 -31.40
N GLN M 545 53.85 25.55 -32.12
CA GLN M 545 54.48 26.19 -33.26
C GLN M 545 55.59 27.17 -32.85
N LEU M 546 55.36 27.96 -31.80
CA LEU M 546 56.30 28.99 -31.41
C LEU M 546 57.50 28.46 -30.64
N LEU M 547 57.37 27.30 -30.00
CA LEU M 547 58.45 26.76 -29.17
C LEU M 547 59.32 25.77 -29.92
N ILE M 548 58.74 24.70 -30.44
CA ILE M 548 59.50 23.62 -31.07
C ILE M 548 59.84 24.04 -32.50
N PRO M 549 61.10 23.88 -32.95
CA PRO M 549 61.41 24.13 -34.36
C PRO M 549 60.84 23.04 -35.27
N CYS M 550 60.22 23.47 -36.36
CA CYS M 550 59.63 22.57 -37.33
C CYS M 550 60.29 22.76 -38.69
N ALA M 551 60.20 21.73 -39.52
CA ALA M 551 60.79 21.73 -40.85
C ALA M 551 59.75 22.03 -41.90
N TYR M 552 60.08 22.92 -42.84
CA TYR M 552 59.18 23.30 -43.91
C TYR M 552 59.92 23.32 -45.24
N SER M 553 59.33 23.91 -46.27
CA SER M 553 59.89 23.88 -47.62
C SER M 553 61.08 24.81 -47.76
N GLY M 554 62.11 24.33 -48.44
CA GLY M 554 63.35 25.08 -48.55
C GLY M 554 64.23 25.02 -47.33
N ASN M 555 64.00 24.02 -46.46
CA ASN M 555 64.62 23.83 -45.12
C ASN M 555 64.48 25.08 -44.24
N SER M 556 63.28 25.66 -44.25
CA SER M 556 63.01 26.88 -43.51
C SER M 556 62.34 26.55 -42.18
N VAL M 557 62.82 27.19 -41.12
CA VAL M 557 62.27 27.04 -39.77
C VAL M 557 61.67 28.37 -39.36
N PHE M 558 60.37 28.36 -39.05
CA PHE M 558 59.69 29.60 -38.67
C PHE M 558 60.04 30.08 -37.26
N PRO M 559 60.27 29.19 -36.22
CA PRO M 559 61.08 29.74 -35.10
C PRO M 559 62.58 29.57 -35.33
N ALA M 560 63.15 30.47 -36.14
CA ALA M 560 64.54 30.37 -36.55
C ALA M 560 65.49 30.82 -35.44
N GLN M 561 66.47 29.97 -35.15
CA GLN M 561 67.45 30.23 -34.10
C GLN M 561 68.79 30.64 -34.70
N ALA N 17 47.88 29.66 -21.80
CA ALA N 17 48.67 30.23 -20.73
C ALA N 17 48.23 31.66 -20.44
N PRO N 18 48.05 32.05 -19.16
CA PRO N 18 47.80 33.47 -18.85
C PRO N 18 49.07 34.30 -18.98
N ARG N 19 49.37 34.73 -20.21
CA ARG N 19 50.62 35.43 -20.49
C ARG N 19 50.58 36.88 -20.01
N GLY N 20 49.37 37.44 -19.87
CA GLY N 20 49.25 38.76 -19.27
C GLY N 20 49.40 38.73 -17.77
N PHE N 21 49.06 37.60 -17.13
CA PHE N 21 49.18 37.50 -15.68
C PHE N 21 50.61 37.21 -15.25
N LEU N 22 51.37 36.47 -16.07
CA LEU N 22 52.73 36.08 -15.70
C LEU N 22 53.73 37.22 -15.85
N LYS N 23 53.37 38.28 -16.59
CA LYS N 23 54.18 39.49 -16.59
C LYS N 23 53.91 40.33 -15.34
N ARG N 24 52.75 40.13 -14.70
CA ARG N 24 52.43 40.88 -13.49
C ARG N 24 53.05 40.22 -12.27
N VAL N 25 53.31 38.91 -12.34
CA VAL N 25 53.94 38.20 -11.22
C VAL N 25 55.44 38.49 -11.19
N PHE N 26 56.09 38.48 -12.36
CA PHE N 26 57.55 38.58 -12.44
C PHE N 26 58.07 40.00 -12.22
N LYS N 27 57.21 41.01 -12.25
CA LYS N 27 57.67 42.39 -12.06
C LYS N 27 57.41 42.90 -10.66
N ARG N 28 56.33 42.46 -10.01
CA ARG N 28 56.04 42.88 -8.65
C ARG N 28 56.92 42.18 -7.62
N LYS N 29 57.30 40.92 -7.87
CA LYS N 29 58.17 40.20 -6.94
C LYS N 29 59.61 40.67 -7.07
N LYS N 30 60.19 40.52 -8.26
CA LYS N 30 61.57 40.91 -8.52
C LYS N 30 61.60 41.96 -9.63
N PRO N 31 61.66 43.26 -9.30
CA PRO N 31 61.63 44.29 -10.35
C PRO N 31 62.97 44.64 -10.98
N GLN N 32 63.77 43.62 -11.35
CA GLN N 32 65.01 43.85 -12.05
C GLN N 32 65.28 42.81 -13.14
N LEU N 33 64.40 41.83 -13.32
CA LEU N 33 64.62 40.72 -14.22
C LEU N 33 63.66 40.79 -15.39
N ARG N 34 64.17 40.52 -16.59
CA ARG N 34 63.41 40.62 -17.83
C ARG N 34 63.18 39.24 -18.42
N LEU N 35 62.10 39.11 -19.18
CA LEU N 35 61.72 37.86 -19.82
C LEU N 35 61.50 38.08 -21.31
N GLU N 36 61.98 37.14 -22.12
CA GLU N 36 61.90 37.25 -23.57
C GLU N 36 60.57 36.73 -24.09
N LYS N 37 60.48 36.62 -25.42
CA LYS N 37 59.29 36.09 -26.06
C LYS N 37 59.25 34.57 -25.92
N SER N 38 58.05 34.07 -25.55
CA SER N 38 57.71 32.66 -25.29
C SER N 38 58.57 32.01 -24.22
N GLY N 39 59.00 32.77 -23.21
CA GLY N 39 59.71 32.21 -22.08
C GLY N 39 58.75 31.87 -20.96
N ASP N 40 57.56 32.48 -21.00
CA ASP N 40 56.52 32.21 -20.02
C ASP N 40 55.71 30.96 -20.35
N LEU N 41 55.90 30.39 -21.54
CA LEU N 41 55.22 29.13 -21.87
C LEU N 41 55.86 27.95 -21.17
N LEU N 42 57.17 28.04 -20.90
CA LEU N 42 57.84 27.03 -20.08
C LEU N 42 57.58 27.27 -18.60
N VAL N 43 57.22 28.49 -18.22
CA VAL N 43 56.74 28.77 -16.88
C VAL N 43 55.36 28.14 -16.67
N HIS N 44 54.51 28.21 -17.70
CA HIS N 44 53.21 27.53 -17.65
C HIS N 44 53.34 26.03 -17.78
N LEU N 45 54.37 25.54 -18.49
CA LEU N 45 54.61 24.10 -18.56
C LEU N 45 55.19 23.58 -17.26
N ASN N 46 55.90 24.43 -16.51
CA ASN N 46 56.29 24.12 -15.15
C ASN N 46 55.06 24.07 -14.22
N CYS N 47 54.13 25.02 -14.39
CA CYS N 47 53.05 25.14 -13.44
C CYS N 47 51.92 24.14 -13.72
N LEU N 48 51.85 23.61 -14.95
CA LEU N 48 50.95 22.49 -15.21
C LEU N 48 51.49 21.20 -14.60
N LEU N 49 52.81 21.06 -14.52
CA LEU N 49 53.39 19.85 -13.95
C LEU N 49 53.60 19.96 -12.44
N PHE N 50 53.60 21.18 -11.90
CA PHE N 50 53.75 21.35 -10.46
C PHE N 50 52.46 21.02 -9.72
N VAL N 51 51.31 21.39 -10.30
CA VAL N 51 50.02 21.07 -9.70
C VAL N 51 49.70 19.58 -9.88
N HIS N 52 50.16 19.00 -11.01
CA HIS N 52 49.93 17.58 -11.30
C HIS N 52 50.80 16.68 -10.41
N ARG N 53 51.97 17.15 -10.01
CA ARG N 53 52.75 16.42 -9.01
C ARG N 53 52.25 16.72 -7.60
N LEU N 54 51.55 17.84 -7.41
CA LEU N 54 50.94 18.11 -6.11
C LEU N 54 49.66 17.30 -5.93
N ALA N 55 48.88 17.13 -6.99
CA ALA N 55 47.63 16.39 -6.90
C ALA N 55 47.86 14.89 -6.90
N GLU N 56 49.02 14.43 -7.37
CA GLU N 56 49.31 13.00 -7.34
C GLU N 56 49.71 12.55 -5.93
N GLU N 57 50.47 13.39 -5.23
CA GLU N 57 50.85 13.08 -3.85
C GLU N 57 49.68 13.27 -2.89
N SER N 58 48.78 14.21 -3.20
CA SER N 58 47.58 14.40 -2.39
C SER N 58 46.57 13.28 -2.61
N ARG N 59 46.58 12.65 -3.79
CA ARG N 59 45.78 11.45 -4.01
C ARG N 59 46.43 10.25 -3.34
N THR N 60 47.78 10.25 -3.24
CA THR N 60 48.49 9.15 -2.60
C THR N 60 48.35 9.21 -1.09
N ASN N 61 48.35 10.42 -0.52
CA ASN N 61 48.21 10.57 0.93
C ASN N 61 46.77 10.38 1.39
N ALA N 62 45.80 10.54 0.48
CA ALA N 62 44.41 10.31 0.85
C ALA N 62 44.05 8.83 0.82
N CYS N 63 44.58 8.09 -0.17
CA CYS N 63 44.28 6.67 -0.30
C CYS N 63 45.07 5.80 0.67
N ALA N 64 46.18 6.31 1.22
CA ALA N 64 46.95 5.54 2.17
C ALA N 64 46.40 5.67 3.59
N SER N 65 45.81 6.82 3.92
CA SER N 65 45.25 7.07 5.23
C SER N 65 43.76 6.74 5.32
N LYS N 66 43.19 6.21 4.22
CA LYS N 66 41.80 5.76 4.06
C LYS N 66 40.78 6.87 4.34
N CYS N 67 41.09 8.07 3.87
CA CYS N 67 40.21 9.23 4.01
C CYS N 67 39.96 9.81 2.64
N ARG N 68 38.67 9.96 2.28
CA ARG N 68 38.33 10.37 0.92
C ARG N 68 38.48 11.88 0.74
N VAL N 69 38.15 12.65 1.75
CA VAL N 69 38.27 14.10 1.70
C VAL N 69 39.72 14.48 2.01
N ILE N 70 40.34 15.24 1.10
CA ILE N 70 41.73 15.66 1.28
C ILE N 70 41.79 16.76 2.32
N ASN N 71 42.52 16.50 3.41
CA ASN N 71 42.57 17.40 4.56
C ASN N 71 43.70 18.41 4.32
N LYS N 72 43.93 19.32 5.28
CA LYS N 72 44.99 20.31 5.16
C LYS N 72 46.36 19.70 5.40
N GLU N 73 46.42 18.59 6.15
CA GLU N 73 47.70 17.95 6.41
C GLU N 73 48.14 17.07 5.25
N HIS N 74 47.22 16.68 4.37
CA HIS N 74 47.59 15.96 3.16
C HIS N 74 48.23 16.90 2.15
N VAL N 75 47.80 18.17 2.16
CA VAL N 75 48.42 19.19 1.33
C VAL N 75 49.77 19.60 1.90
N LEU N 76 49.87 19.63 3.24
CA LEU N 76 51.09 20.10 3.91
C LEU N 76 52.20 19.05 3.85
N ALA N 77 51.83 17.77 3.88
CA ALA N 77 52.81 16.70 3.68
C ALA N 77 53.24 16.61 2.22
N ALA N 78 52.37 17.03 1.29
CA ALA N 78 52.78 17.15 -0.11
C ALA N 78 53.59 18.42 -0.33
N ALA N 79 53.44 19.41 0.56
CA ALA N 79 54.23 20.64 0.44
C ALA N 79 55.65 20.47 0.99
N LYS N 80 55.90 19.40 1.75
CA LYS N 80 57.24 19.15 2.26
C LYS N 80 58.06 18.28 1.33
N VAL N 81 57.44 17.68 0.31
CA VAL N 81 58.12 16.78 -0.60
C VAL N 81 58.32 17.41 -1.97
N ILE N 82 57.26 18.00 -2.54
CA ILE N 82 57.30 18.53 -3.90
C ILE N 82 58.04 19.87 -3.93
N LEU N 83 57.87 20.70 -2.90
CA LEU N 83 58.62 21.95 -2.82
C LEU N 83 60.09 21.73 -2.44
N LYS N 84 60.41 20.59 -1.81
CA LYS N 84 61.80 20.28 -1.48
C LYS N 84 62.58 19.90 -2.74
N LYS N 85 61.92 19.26 -3.71
CA LYS N 85 62.57 18.94 -4.98
C LYS N 85 62.67 20.13 -5.92
N SER N 86 61.95 21.22 -5.66
CA SER N 86 62.00 22.38 -6.51
C SER N 86 63.24 23.23 -6.30
N ARG N 87 63.79 23.25 -5.08
CA ARG N 87 65.02 23.97 -4.78
C ARG N 87 66.19 23.17 -5.32
N GLY N 88 66.56 23.42 -6.57
CA GLY N 88 67.66 22.71 -7.19
C GLY N 88 67.28 21.31 -7.64
N UNK O 1 -34.26 0.94 -20.83
CA UNK O 1 -33.93 2.36 -20.78
C UNK O 1 -33.94 2.97 -22.18
N UNK O 2 -34.31 4.25 -22.28
CA UNK O 2 -34.34 4.93 -23.57
C UNK O 2 -32.94 5.32 -24.02
N UNK O 3 -32.03 5.57 -23.07
CA UNK O 3 -30.66 5.93 -23.43
C UNK O 3 -29.86 4.70 -23.86
N UNK O 4 -30.20 3.53 -23.32
CA UNK O 4 -29.51 2.30 -23.71
C UNK O 4 -29.98 1.81 -25.08
N UNK O 5 -31.25 2.07 -25.42
CA UNK O 5 -31.75 1.69 -26.74
C UNK O 5 -31.26 2.66 -27.82
N UNK O 6 -31.01 3.91 -27.45
CA UNK O 6 -30.47 4.87 -28.41
C UNK O 6 -28.98 4.64 -28.64
N UNK O 7 -28.28 4.14 -27.61
CA UNK O 7 -26.87 3.81 -27.79
C UNK O 7 -26.70 2.50 -28.55
N UNK O 8 -27.68 1.59 -28.45
CA UNK O 8 -27.63 0.37 -29.25
C UNK O 8 -28.01 0.64 -30.70
N UNK O 9 -28.84 1.67 -30.94
CA UNK O 9 -29.19 2.03 -32.31
C UNK O 9 -28.05 2.79 -33.00
N UNK O 10 -27.25 3.53 -32.23
CA UNK O 10 -26.11 4.22 -32.81
C UNK O 10 -24.95 3.28 -33.08
N UNK O 11 -24.81 2.21 -32.28
CA UNK O 11 -23.76 1.22 -32.53
C UNK O 11 -24.13 0.25 -33.64
N UNK O 12 -25.41 0.14 -33.99
CA UNK O 12 -25.84 -0.74 -35.07
C UNK O 12 -25.81 -0.06 -36.43
N UNK O 13 -25.43 1.21 -36.51
CA UNK O 13 -25.30 1.89 -37.80
C UNK O 13 -24.05 1.43 -38.54
N UNK O 14 -22.91 1.42 -37.85
CA UNK O 14 -21.70 0.85 -38.43
C UNK O 14 -21.69 -0.66 -38.29
N UNK O 15 -21.73 -1.15 -37.04
CA UNK O 15 -21.83 -2.55 -36.59
C UNK O 15 -20.77 -3.50 -37.15
#